data_9JDM
#
_entry.id   9JDM
#
_cell.length_a   1.00
_cell.length_b   1.00
_cell.length_c   1.00
_cell.angle_alpha   90.00
_cell.angle_beta   90.00
_cell.angle_gamma   90.00
#
_symmetry.space_group_name_H-M   'P 1'
#
loop_
_entity.id
_entity.type
_entity.pdbx_description
1 polymer 'Transient receptor potential cation channel subfamily V member 3'
2 non-polymer '(2S)-3-(hexadecanoyloxy)-2-[(9Z)-octadec-9-enoyloxy]propyl 2-(trimethylammonio)ethyl phosphate'
#
_entity_poly.entity_id   1
_entity_poly.type   'polypeptide(L)'
_entity_poly.pdbx_seq_one_letter_code
;MKAHPKEMVPLMGKRVAAPSGNPAVLPEKRPAEITPTKKSAHFFLEIEGFEPNPTVAKTSPPVFSKPMDSNIRQCISGNC
DDMDSPQSPQDDVTETPSNPNSPSAQLAKEEQRRKKRRLKKRIFAAVSEGCVEELVELLVELQELCRRRHDEDVPDFLMH
KLTASDTGKTCLMKALLNINPNTKEIVRILLAFAEENDILGRFINAEYTEEAYEGQTALNIAIERRQGDIAALLIAAGAD
VNAHAKGAFFNPKYQHEGFYFGETPLALAACTNQPEIVQLLMEHEQTDITSRDSRGNNILHALVTVAEDFKTQNDFVKRM
YDMILLRSGNWELETTRNNDGLTPLQLAAKMGKAEILKYILSREIKEKRLRSLSRKFTDWAYGPVSSSLYDLTNVDTTTD
NSVLEITVYNTNIDNRHEMLTLEPLHTLLHMKWKKFAKHMFFLSFCFYFFYNITLTLVSYYRPREEEAIPHPLALTHKMG
WLQLLGRMFVLIWAMCISVKEGIAIFLLRPSDLQSILSDAWFHFVFFIQAVLVILSVFLYLFAYKEYLACLVLAMALGWA
NMLYYTRGFQSMGMYSVMIQKVILHDVLKFLFVYIVFLLGFGVALASLIEKCPKDNKDCSSYGSFSDAVLELFKLTIGLG
DLNIQQNSKYPILFLFLLITYVILTFVLLLNMLIALMGETVENVSKESERIWRLQRARTILEFEKMLPEWLRSRFRMGEL
CKVAEDDFRLCLRINEVKWTEWKTHVSFLNEDPGPVRRTDFNKIQDSSRNNSKTTLNAFEEVEEFPETSVSNSLEVLFQ
;
_entity_poly.pdbx_strand_id   A,D,B,C
#
loop_
_chem_comp.id
_chem_comp.type
_chem_comp.name
_chem_comp.formula
POV non-polymer '(2S)-3-(hexadecanoyloxy)-2-[(9Z)-octadec-9-enoyloxy]propyl 2-(trimethylammonio)ethyl phosphate' 'C42 H82 N O8 P'
#
# COMPACT_ATOMS: atom_id res chain seq x y z
N LEU A 119 65.69 -23.88 9.81
CA LEU A 119 65.87 -23.37 8.46
C LEU A 119 64.55 -23.35 7.69
N LYS A 120 63.76 -24.41 7.87
CA LYS A 120 62.46 -24.49 7.21
C LYS A 120 61.51 -23.43 7.74
N LYS A 121 61.48 -23.24 9.06
CA LYS A 121 60.59 -22.24 9.65
C LYS A 121 61.01 -20.83 9.26
N ARG A 122 62.31 -20.58 9.12
CA ARG A 122 62.77 -19.25 8.74
C ARG A 122 62.32 -18.89 7.32
N ILE A 123 62.35 -19.86 6.41
CA ILE A 123 61.93 -19.58 5.04
C ILE A 123 60.41 -19.69 4.87
N PHE A 124 59.72 -20.31 5.84
CA PHE A 124 58.26 -20.40 5.77
C PHE A 124 57.57 -19.21 6.41
N ALA A 125 58.17 -18.60 7.43
CA ALA A 125 57.60 -17.43 8.07
C ALA A 125 57.99 -16.11 7.38
N ALA A 126 58.91 -16.16 6.41
CA ALA A 126 59.34 -14.96 5.71
C ALA A 126 58.54 -14.69 4.45
N VAL A 127 57.96 -15.71 3.84
CA VAL A 127 57.19 -15.51 2.61
C VAL A 127 55.86 -14.83 2.89
N SER A 128 55.36 -14.90 4.12
CA SER A 128 54.09 -14.26 4.44
C SER A 128 54.22 -12.74 4.45
N GLU A 129 55.35 -12.23 4.95
CA GLU A 129 55.57 -10.79 5.01
C GLU A 129 56.00 -10.22 3.67
N GLY A 130 56.45 -11.05 2.74
CA GLY A 130 56.84 -10.59 1.42
C GLY A 130 58.15 -9.81 1.40
N CYS A 131 59.25 -10.49 1.75
CA CYS A 131 60.58 -9.88 1.74
C CYS A 131 61.30 -10.27 0.47
N VAL A 132 61.75 -9.27 -0.29
CA VAL A 132 62.42 -9.52 -1.56
C VAL A 132 63.93 -9.70 -1.42
N GLU A 133 64.53 -9.18 -0.35
CA GLU A 133 65.97 -9.28 -0.16
C GLU A 133 66.37 -10.36 0.84
N GLU A 134 65.52 -10.67 1.83
CA GLU A 134 65.85 -11.72 2.78
C GLU A 134 65.65 -13.11 2.18
N LEU A 135 64.77 -13.23 1.18
CA LEU A 135 64.50 -14.54 0.58
C LEU A 135 65.73 -15.08 -0.15
N VAL A 136 66.43 -14.23 -0.90
CA VAL A 136 67.61 -14.67 -1.64
C VAL A 136 68.72 -15.08 -0.68
N GLU A 137 68.92 -14.31 0.39
CA GLU A 137 69.94 -14.65 1.38
C GLU A 137 69.59 -15.95 2.10
N LEU A 138 68.31 -16.15 2.40
CA LEU A 138 67.89 -17.39 3.05
C LEU A 138 67.88 -18.57 2.08
N LEU A 139 67.91 -18.31 0.78
CA LEU A 139 67.86 -19.38 -0.22
C LEU A 139 69.24 -19.85 -0.66
N VAL A 140 70.23 -18.96 -0.70
CA VAL A 140 71.56 -19.36 -1.17
C VAL A 140 72.20 -20.35 -0.20
N GLU A 141 72.10 -20.09 1.10
CA GLU A 141 72.65 -21.02 2.09
C GLU A 141 71.83 -22.31 2.15
N LEU A 142 70.51 -22.22 1.91
CA LEU A 142 69.68 -23.42 1.87
C LEU A 142 70.07 -24.32 0.70
N GLN A 143 70.35 -23.71 -0.46
CA GLN A 143 70.78 -24.50 -1.61
C GLN A 143 72.18 -25.07 -1.40
N GLU A 144 73.07 -24.30 -0.79
CA GLU A 144 74.43 -24.76 -0.53
C GLU A 144 74.52 -25.73 0.64
N LEU A 145 73.45 -25.90 1.42
CA LEU A 145 73.48 -26.85 2.53
C LEU A 145 73.60 -28.29 2.02
N CYS A 146 72.88 -28.62 0.95
CA CYS A 146 72.93 -29.96 0.39
C CYS A 146 73.93 -30.03 -0.76
N MET A 159 63.91 -32.81 -3.35
CA MET A 159 64.97 -32.98 -2.37
C MET A 159 64.42 -32.93 -0.94
N HIS A 160 63.11 -32.65 -0.84
CA HIS A 160 62.39 -32.58 0.44
C HIS A 160 63.04 -31.53 1.36
N LYS A 161 63.00 -30.29 0.90
CA LYS A 161 63.48 -29.16 1.68
C LYS A 161 62.39 -28.13 1.96
N LEU A 162 61.70 -27.66 0.93
CA LEU A 162 60.65 -26.66 1.09
C LEU A 162 59.27 -27.31 1.02
N THR A 163 58.98 -28.16 2.00
CA THR A 163 57.71 -28.87 2.05
C THR A 163 57.36 -29.16 3.50
N ALA A 164 56.18 -28.71 3.92
CA ALA A 164 55.71 -29.00 5.27
C ALA A 164 55.39 -30.48 5.40
N SER A 165 55.68 -31.04 6.58
CA SER A 165 55.54 -32.47 6.82
C SER A 165 54.19 -32.85 7.42
N ASP A 166 53.33 -31.86 7.71
CA ASP A 166 52.02 -32.15 8.29
C ASP A 166 50.90 -32.11 7.25
N THR A 167 50.75 -30.99 6.54
CA THR A 167 49.72 -30.84 5.53
C THR A 167 50.27 -30.76 4.11
N GLY A 168 51.59 -30.90 3.93
CA GLY A 168 52.15 -30.80 2.61
C GLY A 168 52.14 -29.41 2.00
N LYS A 169 52.05 -28.38 2.84
CA LYS A 169 51.99 -27.00 2.36
C LYS A 169 53.36 -26.59 1.83
N THR A 170 53.51 -26.59 0.51
CA THR A 170 54.76 -26.22 -0.11
C THR A 170 54.99 -24.72 0.01
N CYS A 171 56.27 -24.32 0.05
CA CYS A 171 56.62 -22.91 0.24
C CYS A 171 56.13 -22.03 -0.90
N LEU A 172 55.94 -22.61 -2.10
CA LEU A 172 55.44 -21.82 -3.22
C LEU A 172 54.00 -21.37 -2.98
N MET A 173 53.13 -22.31 -2.63
CA MET A 173 51.75 -21.98 -2.33
C MET A 173 51.56 -21.42 -0.93
N LYS A 174 52.58 -21.53 -0.07
CA LYS A 174 52.50 -20.94 1.27
C LYS A 174 52.37 -19.41 1.19
N ALA A 175 53.06 -18.78 0.24
CA ALA A 175 53.02 -17.34 0.10
C ALA A 175 51.77 -16.84 -0.62
N LEU A 176 50.97 -17.73 -1.20
CA LEU A 176 49.80 -17.29 -1.95
C LEU A 176 48.66 -16.84 -1.05
N LEU A 177 48.48 -17.47 0.11
CA LEU A 177 47.39 -17.08 1.00
C LEU A 177 47.66 -15.72 1.65
N ASN A 178 48.92 -15.45 1.99
CA ASN A 178 49.31 -14.16 2.56
C ASN A 178 49.68 -13.24 1.39
N ILE A 179 48.73 -12.42 0.97
CA ILE A 179 48.91 -11.55 -0.18
C ILE A 179 49.58 -10.26 0.28
N ASN A 180 50.72 -9.96 -0.32
CA ASN A 180 51.48 -8.75 -0.08
C ASN A 180 51.90 -8.16 -1.41
N PRO A 181 52.23 -6.87 -1.47
CA PRO A 181 52.65 -6.27 -2.74
C PRO A 181 53.91 -6.89 -3.34
N ASN A 182 54.69 -7.61 -2.56
CA ASN A 182 55.90 -8.28 -3.04
C ASN A 182 55.69 -9.77 -3.29
N THR A 183 54.44 -10.23 -3.35
CA THR A 183 54.19 -11.66 -3.55
C THR A 183 54.65 -12.12 -4.93
N LYS A 184 54.43 -11.28 -5.96
CA LYS A 184 54.80 -11.66 -7.32
C LYS A 184 56.30 -11.84 -7.45
N GLU A 185 57.08 -10.96 -6.82
CA GLU A 185 58.53 -11.04 -6.92
C GLU A 185 59.06 -12.32 -6.28
N ILE A 186 58.64 -12.61 -5.04
CA ILE A 186 59.14 -13.80 -4.36
C ILE A 186 58.63 -15.07 -5.03
N VAL A 187 57.46 -15.01 -5.66
CA VAL A 187 56.99 -16.16 -6.44
C VAL A 187 57.90 -16.38 -7.64
N ARG A 188 58.31 -15.30 -8.31
CA ARG A 188 59.21 -15.42 -9.46
C ARG A 188 60.57 -15.95 -9.04
N ILE A 189 61.08 -15.51 -7.88
CA ILE A 189 62.36 -16.02 -7.39
C ILE A 189 62.25 -17.51 -7.05
N LEU A 190 61.13 -17.92 -6.43
CA LEU A 190 60.95 -19.33 -6.11
C LEU A 190 60.88 -20.18 -7.38
N LEU A 191 60.17 -19.70 -8.41
CA LEU A 191 60.09 -20.45 -9.67
C LEU A 191 61.43 -20.49 -10.38
N ALA A 192 62.18 -19.38 -10.34
CA ALA A 192 63.50 -19.37 -10.97
C ALA A 192 64.46 -20.31 -10.25
N PHE A 193 64.41 -20.35 -8.92
CA PHE A 193 65.25 -21.28 -8.17
C PHE A 193 64.86 -22.72 -8.47
N ALA A 194 63.57 -22.99 -8.64
CA ALA A 194 63.14 -24.33 -9.02
C ALA A 194 63.58 -24.68 -10.43
N GLU A 195 63.68 -23.70 -11.32
CA GLU A 195 64.14 -23.95 -12.68
C GLU A 195 65.65 -24.16 -12.74
N GLU A 196 66.39 -23.56 -11.81
CA GLU A 196 67.85 -23.61 -11.85
C GLU A 196 68.44 -24.86 -11.18
N ASN A 197 67.63 -25.63 -10.45
CA ASN A 197 68.11 -26.85 -9.81
C ASN A 197 67.42 -28.10 -10.36
N ASP A 198 66.73 -27.97 -11.49
CA ASP A 198 66.18 -29.11 -12.25
C ASP A 198 65.15 -29.90 -11.45
N ILE A 199 64.28 -29.19 -10.72
CA ILE A 199 63.11 -29.80 -10.09
C ILE A 199 61.98 -28.79 -10.12
N LEU A 200 60.97 -29.05 -10.93
CA LEU A 200 59.82 -28.15 -11.06
C LEU A 200 58.51 -28.92 -11.02
N GLY A 201 58.56 -30.21 -11.39
CA GLY A 201 57.34 -31.00 -11.42
C GLY A 201 56.74 -31.21 -10.04
N ARG A 202 57.58 -31.56 -9.07
CA ARG A 202 57.11 -31.76 -7.70
C ARG A 202 56.89 -30.45 -6.95
N PHE A 203 57.37 -29.32 -7.50
CA PHE A 203 57.25 -28.05 -6.80
C PHE A 203 55.91 -27.39 -7.08
N ILE A 204 55.55 -27.27 -8.36
CA ILE A 204 54.33 -26.56 -8.73
C ILE A 204 53.10 -27.49 -8.76
N ASN A 205 53.30 -28.78 -9.00
CA ASN A 205 52.21 -29.76 -8.92
C ASN A 205 52.25 -30.50 -7.59
N ALA A 206 52.17 -29.73 -6.51
CA ALA A 206 52.21 -30.25 -5.15
C ALA A 206 50.83 -30.10 -4.52
N GLU A 207 50.23 -31.22 -4.12
CA GLU A 207 48.90 -31.21 -3.51
C GLU A 207 49.04 -31.03 -2.00
N TYR A 208 47.93 -31.20 -1.28
CA TYR A 208 47.94 -31.13 0.17
C TYR A 208 48.09 -32.53 0.74
N THR A 209 47.96 -32.66 2.07
CA THR A 209 48.01 -33.95 2.74
C THR A 209 46.91 -34.15 3.78
N GLU A 210 46.28 -33.08 4.26
CA GLU A 210 45.26 -33.20 5.28
C GLU A 210 44.00 -33.90 4.75
N GLU A 211 43.15 -34.31 5.69
CA GLU A 211 41.89 -34.93 5.31
C GLU A 211 40.92 -33.91 4.73
N ALA A 212 40.90 -32.70 5.29
CA ALA A 212 39.98 -31.68 4.82
C ALA A 212 40.37 -31.14 3.45
N TYR A 213 41.66 -31.19 3.15
CA TYR A 213 42.16 -30.75 1.84
C TYR A 213 42.92 -31.86 1.19
N GLU A 214 42.33 -32.48 0.17
CA GLU A 214 42.96 -33.61 -0.50
C GLU A 214 43.53 -33.26 -1.87
N GLY A 215 43.17 -32.11 -2.42
CA GLY A 215 43.65 -31.75 -3.75
C GLY A 215 43.93 -30.28 -3.96
N GLN A 216 43.94 -29.50 -2.88
CA GLN A 216 44.20 -28.08 -2.99
C GLN A 216 45.65 -27.84 -3.41
N THR A 217 45.84 -26.98 -4.42
CA THR A 217 47.18 -26.73 -4.96
C THR A 217 47.49 -25.25 -4.98
N ALA A 218 48.62 -24.88 -5.59
CA ALA A 218 48.98 -23.48 -5.72
C ALA A 218 48.04 -22.76 -6.68
N LEU A 219 47.64 -23.43 -7.76
CA LEU A 219 46.78 -22.79 -8.76
C LEU A 219 45.40 -22.48 -8.18
N ASN A 220 44.87 -23.37 -7.33
CA ASN A 220 43.56 -23.16 -6.73
C ASN A 220 43.53 -21.90 -5.87
N ILE A 221 44.48 -21.77 -4.95
CA ILE A 221 44.51 -20.63 -4.05
C ILE A 221 44.92 -19.37 -4.80
N ALA A 222 45.71 -19.49 -5.87
CA ALA A 222 46.09 -18.31 -6.64
C ALA A 222 44.91 -17.76 -7.44
N ILE A 223 44.08 -18.65 -7.98
CA ILE A 223 42.89 -18.20 -8.71
C ILE A 223 41.90 -17.54 -7.77
N GLU A 224 41.75 -18.09 -6.56
CA GLU A 224 40.80 -17.53 -5.60
C GLU A 224 41.23 -16.15 -5.12
N ARG A 225 42.54 -15.93 -4.99
CA ARG A 225 43.06 -14.64 -4.53
C ARG A 225 42.98 -13.55 -5.59
N ARG A 226 42.35 -13.83 -6.73
CA ARG A 226 42.13 -12.86 -7.80
C ARG A 226 43.45 -12.36 -8.38
N GLN A 227 44.45 -13.25 -8.39
CA GLN A 227 45.78 -12.98 -8.91
C GLN A 227 45.87 -13.61 -10.29
N GLY A 228 45.33 -12.92 -11.30
CA GLY A 228 45.37 -13.45 -12.64
C GLY A 228 46.77 -13.55 -13.19
N ASP A 229 47.64 -12.58 -12.86
CA ASP A 229 49.02 -12.64 -13.30
C ASP A 229 49.78 -13.79 -12.64
N ILE A 230 49.56 -14.00 -11.35
CA ILE A 230 50.22 -15.10 -10.66
C ILE A 230 49.71 -16.45 -11.18
N ALA A 231 48.40 -16.55 -11.42
CA ALA A 231 47.84 -17.77 -11.97
C ALA A 231 48.37 -18.04 -13.38
N ALA A 232 48.53 -16.98 -14.17
CA ALA A 232 49.10 -17.14 -15.51
C ALA A 232 50.56 -17.58 -15.43
N LEU A 233 51.31 -17.05 -14.47
CA LEU A 233 52.70 -17.46 -14.30
C LEU A 233 52.80 -18.93 -13.88
N LEU A 234 51.90 -19.37 -12.99
CA LEU A 234 51.91 -20.77 -12.57
C LEU A 234 51.50 -21.69 -13.71
N ILE A 235 50.47 -21.31 -14.48
CA ILE A 235 50.00 -22.14 -15.58
C ILE A 235 51.06 -22.24 -16.67
N ALA A 236 51.70 -21.13 -17.00
CA ALA A 236 52.76 -21.14 -18.01
C ALA A 236 53.98 -21.94 -17.56
N ALA A 237 54.14 -22.15 -16.26
CA ALA A 237 55.25 -22.93 -15.73
C ALA A 237 54.94 -24.42 -15.61
N GLY A 238 53.70 -24.83 -15.88
CA GLY A 238 53.35 -26.23 -15.84
C GLY A 238 52.50 -26.64 -14.66
N ALA A 239 51.54 -25.79 -14.28
CA ALA A 239 50.65 -26.12 -13.19
C ALA A 239 49.64 -27.19 -13.61
N ASP A 240 49.11 -27.89 -12.62
CA ASP A 240 48.13 -28.95 -12.85
C ASP A 240 46.76 -28.31 -13.06
N VAL A 241 46.35 -28.17 -14.31
CA VAL A 241 45.04 -27.58 -14.61
C VAL A 241 43.92 -28.53 -14.21
N ASN A 242 44.08 -29.82 -14.50
CA ASN A 242 43.05 -30.82 -14.21
C ASN A 242 43.15 -31.37 -12.78
N ALA A 243 43.81 -30.66 -11.88
CA ALA A 243 43.87 -31.09 -10.50
C ALA A 243 42.49 -30.94 -9.84
N HIS A 244 42.13 -31.94 -9.03
CA HIS A 244 40.83 -31.98 -8.38
C HIS A 244 41.01 -31.73 -6.88
N ALA A 245 40.38 -30.68 -6.38
CA ALA A 245 40.39 -30.38 -4.94
C ALA A 245 39.24 -31.15 -4.29
N LYS A 246 39.48 -32.45 -4.08
CA LYS A 246 38.48 -33.36 -3.56
C LYS A 246 38.41 -33.40 -2.04
N GLY A 247 38.87 -32.35 -1.36
CA GLY A 247 38.86 -32.34 0.08
C GLY A 247 37.45 -32.25 0.66
N ALA A 248 37.35 -32.56 1.96
CA ALA A 248 36.06 -32.55 2.62
C ALA A 248 35.53 -31.13 2.81
N PHE A 249 36.43 -30.16 3.00
CA PHE A 249 36.01 -28.76 3.09
C PHE A 249 35.44 -28.29 1.76
N PHE A 250 35.96 -28.82 0.66
CA PHE A 250 35.54 -28.43 -0.68
C PHE A 250 34.19 -29.02 -1.08
N ASN A 251 33.74 -30.07 -0.41
CA ASN A 251 32.47 -30.73 -0.71
C ASN A 251 31.64 -30.75 0.57
N PRO A 252 30.98 -29.65 0.89
CA PRO A 252 30.28 -29.55 2.17
C PRO A 252 28.94 -30.28 2.15
N LYS A 253 28.41 -30.50 3.34
CA LYS A 253 27.14 -31.17 3.54
C LYS A 253 26.07 -30.29 4.16
N TYR A 254 26.45 -29.26 4.92
CA TYR A 254 25.51 -28.35 5.56
C TYR A 254 25.51 -26.96 4.95
N GLN A 255 26.39 -26.70 3.98
CA GLN A 255 26.51 -25.40 3.31
C GLN A 255 26.77 -24.27 4.30
N HIS A 256 27.49 -24.56 5.38
CA HIS A 256 27.82 -23.55 6.38
C HIS A 256 29.30 -23.60 6.72
N GLU A 257 29.92 -24.77 6.55
CA GLU A 257 31.33 -24.96 6.87
C GLU A 257 32.20 -25.15 5.64
N GLY A 258 31.63 -25.01 4.44
CA GLY A 258 32.39 -25.21 3.22
C GLY A 258 31.85 -24.40 2.07
N PHE A 259 32.57 -24.46 0.95
CA PHE A 259 32.19 -23.75 -0.27
C PHE A 259 32.43 -24.69 -1.45
N TYR A 260 31.35 -25.11 -2.09
CA TYR A 260 31.42 -25.99 -3.24
C TYR A 260 31.45 -25.17 -4.52
N PHE A 261 32.49 -25.40 -5.35
CA PHE A 261 32.63 -24.69 -6.61
C PHE A 261 32.80 -25.60 -7.82
N GLY A 262 33.01 -26.89 -7.62
CA GLY A 262 33.20 -27.80 -8.74
C GLY A 262 34.46 -28.64 -8.63
N GLU A 263 35.25 -28.35 -7.60
CA GLU A 263 36.50 -29.08 -7.32
C GLU A 263 37.45 -29.03 -8.52
N THR A 264 37.51 -27.89 -9.20
CA THR A 264 38.35 -27.68 -10.36
C THR A 264 38.78 -26.22 -10.39
N PRO A 265 40.05 -25.93 -10.71
CA PRO A 265 40.45 -24.52 -10.86
C PRO A 265 39.64 -23.76 -11.90
N LEU A 266 39.30 -24.42 -13.01
CA LEU A 266 38.44 -23.79 -14.01
C LEU A 266 37.04 -23.55 -13.45
N ALA A 267 36.50 -24.51 -12.70
CA ALA A 267 35.18 -24.32 -12.10
C ALA A 267 35.22 -23.25 -11.02
N LEU A 268 36.33 -23.17 -10.27
CA LEU A 268 36.47 -22.13 -9.27
C LEU A 268 36.54 -20.75 -9.90
N ALA A 269 37.28 -20.63 -11.01
CA ALA A 269 37.35 -19.35 -11.72
C ALA A 269 36.00 -18.96 -12.31
N ALA A 270 35.23 -19.95 -12.76
CA ALA A 270 33.90 -19.65 -13.30
C ALA A 270 32.94 -19.23 -12.19
N CYS A 271 33.03 -19.85 -11.02
CA CYS A 271 32.09 -19.58 -9.94
C CYS A 271 32.40 -18.31 -9.17
N THR A 272 33.64 -17.81 -9.24
CA THR A 272 34.05 -16.63 -8.49
C THR A 272 34.05 -15.36 -9.32
N ASN A 273 33.40 -15.38 -10.48
CA ASN A 273 33.30 -14.22 -11.37
C ASN A 273 34.68 -13.71 -11.78
N GLN A 274 35.46 -14.60 -12.40
CA GLN A 274 36.79 -14.28 -12.90
C GLN A 274 36.87 -14.69 -14.37
N PRO A 275 36.23 -13.91 -15.25
CA PRO A 275 36.16 -14.32 -16.67
C PRO A 275 37.51 -14.44 -17.35
N GLU A 276 38.45 -13.56 -17.01
CA GLU A 276 39.76 -13.59 -17.68
C GLU A 276 40.51 -14.86 -17.35
N ILE A 277 40.38 -15.37 -16.12
CA ILE A 277 41.03 -16.63 -15.76
C ILE A 277 40.38 -17.79 -16.50
N VAL A 278 39.06 -17.75 -16.67
CA VAL A 278 38.37 -18.82 -17.39
C VAL A 278 38.84 -18.88 -18.83
N GLN A 279 38.83 -17.73 -19.52
CA GLN A 279 39.28 -17.71 -20.92
C GLN A 279 40.76 -18.08 -21.03
N LEU A 280 41.57 -17.71 -20.04
CA LEU A 280 42.97 -18.13 -20.05
C LEU A 280 43.10 -19.64 -19.84
N LEU A 281 42.11 -20.28 -19.22
CA LEU A 281 42.19 -21.69 -18.92
C LEU A 281 41.62 -22.59 -20.01
N MET A 282 40.62 -22.11 -20.77
CA MET A 282 39.98 -22.98 -21.76
C MET A 282 40.93 -23.31 -22.91
N GLU A 283 41.57 -22.31 -23.50
CA GLU A 283 42.52 -22.55 -24.58
C GLU A 283 43.86 -22.96 -23.97
N HIS A 284 44.03 -24.27 -23.78
CA HIS A 284 45.27 -24.83 -23.26
C HIS A 284 45.39 -26.26 -23.76
N GLU A 285 46.62 -26.79 -23.69
CA GLU A 285 46.91 -28.08 -24.32
C GLU A 285 46.48 -29.27 -23.48
N GLN A 286 46.11 -29.07 -22.21
CA GLN A 286 45.72 -30.21 -21.37
C GLN A 286 44.50 -29.93 -20.50
N THR A 287 43.84 -28.79 -20.66
CA THR A 287 42.64 -28.52 -19.88
C THR A 287 41.49 -29.42 -20.35
N ASP A 288 40.84 -30.07 -19.38
CA ASP A 288 39.71 -30.96 -19.65
C ASP A 288 38.44 -30.27 -19.18
N ILE A 289 37.67 -29.73 -20.14
CA ILE A 289 36.44 -29.04 -19.79
C ILE A 289 35.40 -30.03 -19.29
N THR A 290 35.39 -31.24 -19.84
CA THR A 290 34.42 -32.26 -19.49
C THR A 290 34.83 -33.09 -18.28
N SER A 291 35.69 -32.54 -17.42
CA SER A 291 36.09 -33.25 -16.21
C SER A 291 34.93 -33.36 -15.23
N ARG A 292 34.84 -34.50 -14.56
CA ARG A 292 33.80 -34.76 -13.58
C ARG A 292 34.44 -35.00 -12.22
N ASP A 293 33.96 -34.29 -11.20
CA ASP A 293 34.51 -34.39 -9.87
C ASP A 293 33.91 -35.60 -9.14
N SER A 294 34.12 -35.67 -7.82
CA SER A 294 33.68 -36.83 -7.05
C SER A 294 32.16 -36.93 -7.00
N ARG A 295 31.45 -35.83 -7.16
CA ARG A 295 30.00 -35.82 -7.19
C ARG A 295 29.43 -36.12 -8.57
N GLY A 296 30.30 -36.35 -9.56
CA GLY A 296 29.86 -36.52 -10.94
C GLY A 296 29.56 -35.23 -11.66
N ASN A 297 29.59 -34.10 -10.97
CA ASN A 297 29.27 -32.81 -11.56
C ASN A 297 30.38 -32.36 -12.52
N ASN A 298 30.00 -31.51 -13.47
CA ASN A 298 30.94 -30.84 -14.35
C ASN A 298 30.85 -29.33 -14.12
N ILE A 299 31.49 -28.56 -15.00
CA ILE A 299 31.53 -27.11 -14.82
C ILE A 299 30.13 -26.51 -14.97
N LEU A 300 29.31 -27.07 -15.87
CA LEU A 300 27.95 -26.58 -16.02
C LEU A 300 27.09 -26.98 -14.83
N HIS A 301 27.30 -28.19 -14.30
CA HIS A 301 26.61 -28.60 -13.08
C HIS A 301 26.99 -27.70 -11.92
N ALA A 302 28.28 -27.40 -11.78
CA ALA A 302 28.74 -26.54 -10.68
C ALA A 302 28.19 -25.13 -10.81
N LEU A 303 28.16 -24.60 -12.03
CA LEU A 303 27.58 -23.28 -12.26
C LEU A 303 26.09 -23.27 -11.95
N VAL A 304 25.39 -24.39 -12.19
CA VAL A 304 23.99 -24.49 -11.84
C VAL A 304 23.82 -24.50 -10.31
N THR A 305 24.66 -25.25 -9.61
CA THR A 305 24.52 -25.36 -8.16
C THR A 305 24.83 -24.03 -7.47
N VAL A 306 25.87 -23.33 -7.91
CA VAL A 306 26.24 -22.05 -7.28
C VAL A 306 25.38 -20.89 -7.76
N ALA A 307 24.47 -21.13 -8.70
CA ALA A 307 23.61 -20.05 -9.18
C ALA A 307 22.60 -19.64 -8.13
N GLU A 308 22.15 -18.38 -8.22
CA GLU A 308 21.19 -17.82 -7.28
C GLU A 308 20.42 -16.71 -7.97
N ASP A 309 19.49 -16.11 -7.23
CA ASP A 309 18.66 -15.05 -7.78
C ASP A 309 19.46 -13.76 -7.94
N PHE A 310 18.83 -12.76 -8.55
CA PHE A 310 19.48 -11.49 -8.81
C PHE A 310 19.72 -10.69 -7.53
N LYS A 311 18.95 -10.95 -6.48
CA LYS A 311 19.11 -10.19 -5.24
C LYS A 311 20.41 -10.53 -4.53
N THR A 312 20.70 -11.83 -4.37
CA THR A 312 21.89 -12.24 -3.63
C THR A 312 23.16 -12.04 -4.46
N GLN A 313 23.11 -12.37 -5.75
CA GLN A 313 24.27 -12.28 -6.61
C GLN A 313 23.85 -11.78 -7.98
N ASN A 314 24.84 -11.42 -8.80
CA ASN A 314 24.57 -10.88 -10.12
C ASN A 314 24.29 -12.03 -11.11
N ASP A 315 24.20 -11.68 -12.39
CA ASP A 315 23.89 -12.62 -13.45
C ASP A 315 25.14 -13.22 -14.10
N PHE A 316 26.30 -13.08 -13.45
CA PHE A 316 27.55 -13.54 -14.02
C PHE A 316 27.58 -15.05 -14.27
N VAL A 317 26.83 -15.82 -13.48
CA VAL A 317 26.81 -17.27 -13.66
C VAL A 317 26.18 -17.63 -15.00
N LYS A 318 25.07 -16.98 -15.35
CA LYS A 318 24.45 -17.20 -16.66
C LYS A 318 25.38 -16.78 -17.79
N ARG A 319 26.08 -15.65 -17.61
CA ARG A 319 27.07 -15.23 -18.61
C ARG A 319 28.23 -16.21 -18.69
N MET A 320 28.69 -16.71 -17.54
CA MET A 320 29.76 -17.71 -17.53
C MET A 320 29.28 -19.02 -18.17
N TYR A 321 28.04 -19.42 -17.88
CA TYR A 321 27.48 -20.61 -18.50
C TYR A 321 27.45 -20.48 -20.01
N ASP A 322 27.01 -19.31 -20.50
CA ASP A 322 26.93 -19.08 -21.94
C ASP A 322 28.32 -19.07 -22.56
N MET A 323 29.28 -18.39 -21.92
CA MET A 323 30.62 -18.29 -22.47
C MET A 323 31.32 -19.66 -22.53
N ILE A 324 31.20 -20.44 -21.46
CA ILE A 324 31.87 -21.74 -21.41
C ILE A 324 31.21 -22.71 -22.40
N LEU A 325 29.88 -22.69 -22.48
CA LEU A 325 29.18 -23.57 -23.42
C LEU A 325 29.51 -23.22 -24.86
N LEU A 326 29.60 -21.93 -25.18
CA LEU A 326 29.93 -21.52 -26.54
C LEU A 326 31.39 -21.84 -26.88
N ARG A 327 32.30 -21.66 -25.91
CA ARG A 327 33.71 -21.96 -26.16
C ARG A 327 33.92 -23.46 -26.35
N SER A 328 33.21 -24.28 -25.57
CA SER A 328 33.31 -25.72 -25.75
C SER A 328 32.77 -26.16 -27.11
N GLY A 329 31.62 -25.63 -27.50
CA GLY A 329 31.06 -25.90 -28.81
C GLY A 329 30.65 -27.34 -29.04
N ASN A 330 30.00 -27.95 -28.05
CA ASN A 330 29.57 -29.34 -28.16
C ASN A 330 28.42 -29.58 -27.21
N TRP A 331 27.67 -30.66 -27.48
CA TRP A 331 26.51 -31.04 -26.67
C TRP A 331 26.85 -32.04 -25.58
N GLU A 332 28.12 -32.45 -25.47
CA GLU A 332 28.48 -33.43 -24.44
C GLU A 332 28.49 -32.83 -23.04
N LEU A 333 28.57 -31.49 -22.94
CA LEU A 333 28.57 -30.86 -21.63
C LEU A 333 27.18 -30.87 -21.01
N GLU A 334 26.15 -30.64 -21.81
CA GLU A 334 24.78 -30.59 -21.32
C GLU A 334 24.06 -31.93 -21.34
N THR A 335 24.68 -32.96 -21.93
CA THR A 335 24.10 -34.29 -21.96
C THR A 335 24.80 -35.25 -21.02
N THR A 336 25.69 -34.75 -20.17
CA THR A 336 26.43 -35.59 -19.22
C THR A 336 25.68 -35.61 -17.89
N ARG A 337 25.36 -36.83 -17.43
CA ARG A 337 24.65 -37.00 -16.16
C ARG A 337 25.66 -37.16 -15.03
N ASN A 338 25.38 -36.50 -13.91
CA ASN A 338 26.21 -36.59 -12.72
C ASN A 338 25.88 -37.88 -11.97
N ASN A 339 26.33 -37.98 -10.72
CA ASN A 339 26.00 -39.14 -9.91
C ASN A 339 24.62 -38.96 -9.25
N ASP A 340 23.64 -38.54 -10.04
CA ASP A 340 22.26 -38.46 -9.60
C ASP A 340 21.26 -38.71 -10.72
N GLY A 341 21.73 -39.06 -11.92
CA GLY A 341 20.84 -39.18 -13.07
C GLY A 341 20.24 -37.87 -13.51
N LEU A 342 21.03 -36.80 -13.52
CA LEU A 342 20.53 -35.46 -13.83
C LEU A 342 21.48 -34.76 -14.78
N THR A 343 20.91 -34.14 -15.82
CA THR A 343 21.65 -33.23 -16.68
C THR A 343 21.69 -31.84 -16.04
N PRO A 344 22.58 -30.96 -16.50
CA PRO A 344 22.58 -29.59 -15.94
C PRO A 344 21.25 -28.87 -16.14
N LEU A 345 20.53 -29.17 -17.21
CA LEU A 345 19.18 -28.64 -17.38
C LEU A 345 18.23 -29.22 -16.33
N GLN A 346 18.30 -30.54 -16.13
CA GLN A 346 17.47 -31.17 -15.10
C GLN A 346 17.92 -30.74 -13.70
N LEU A 347 19.23 -30.54 -13.50
CA LEU A 347 19.71 -30.06 -12.22
C LEU A 347 19.23 -28.65 -11.94
N ALA A 348 19.18 -27.81 -12.97
CA ALA A 348 18.64 -26.46 -12.81
C ALA A 348 17.16 -26.49 -12.50
N ALA A 349 16.44 -27.46 -13.07
CA ALA A 349 15.01 -27.59 -12.76
C ALA A 349 14.81 -28.09 -11.34
N LYS A 350 15.65 -29.01 -10.87
CA LYS A 350 15.48 -29.59 -9.55
C LYS A 350 15.90 -28.62 -8.45
N MET A 351 17.03 -27.93 -8.63
CA MET A 351 17.55 -27.05 -7.60
C MET A 351 16.78 -25.74 -7.45
N GLY A 352 15.85 -25.47 -8.36
CA GLY A 352 15.05 -24.26 -8.27
C GLY A 352 15.64 -23.04 -8.97
N LYS A 353 16.71 -23.21 -9.73
CA LYS A 353 17.32 -22.09 -10.43
C LYS A 353 16.46 -21.66 -11.61
N ALA A 354 15.60 -20.66 -11.39
CA ALA A 354 14.68 -20.24 -12.44
C ALA A 354 15.37 -19.43 -13.53
N GLU A 355 16.39 -18.64 -13.16
CA GLU A 355 17.07 -17.82 -14.16
C GLU A 355 17.87 -18.66 -15.13
N ILE A 356 18.62 -19.65 -14.63
CA ILE A 356 19.41 -20.51 -15.49
C ILE A 356 18.49 -21.37 -16.38
N LEU A 357 17.39 -21.86 -15.80
CA LEU A 357 16.44 -22.63 -16.60
C LEU A 357 15.79 -21.77 -17.67
N LYS A 358 15.50 -20.51 -17.34
CA LYS A 358 14.93 -19.59 -18.34
C LYS A 358 15.92 -19.34 -19.47
N TYR A 359 17.21 -19.25 -19.14
CA TYR A 359 18.21 -19.05 -20.19
C TYR A 359 18.35 -20.28 -21.07
N ILE A 360 18.39 -21.48 -20.47
CA ILE A 360 18.63 -22.69 -21.24
C ILE A 360 17.41 -23.03 -22.11
N LEU A 361 16.21 -22.90 -21.55
CA LEU A 361 15.00 -23.27 -22.29
C LEU A 361 14.79 -22.38 -23.51
N SER A 362 15.10 -21.09 -23.39
CA SER A 362 14.93 -20.12 -24.47
C SER A 362 16.27 -19.66 -25.01
N ARG A 363 17.22 -20.58 -25.14
CA ARG A 363 18.57 -20.24 -25.62
C ARG A 363 18.56 -20.18 -27.14
N GLU A 364 18.76 -18.99 -27.69
CA GLU A 364 18.85 -18.78 -29.13
C GLU A 364 20.22 -18.22 -29.46
N ILE A 365 20.89 -18.83 -30.43
CA ILE A 365 22.24 -18.43 -30.85
C ILE A 365 22.15 -17.91 -32.28
N LYS A 366 22.62 -16.67 -32.48
CA LYS A 366 22.45 -16.02 -33.77
C LYS A 366 23.44 -16.56 -34.81
N GLU A 367 24.68 -16.83 -34.39
CA GLU A 367 25.70 -17.25 -35.34
C GLU A 367 25.40 -18.65 -35.87
N LYS A 368 25.80 -18.87 -37.13
CA LYS A 368 25.54 -20.13 -37.82
C LYS A 368 26.64 -21.17 -37.61
N ARG A 369 27.77 -20.79 -37.01
CA ARG A 369 28.85 -21.75 -36.82
C ARG A 369 28.48 -22.82 -35.81
N LEU A 370 27.74 -22.44 -34.76
CA LEU A 370 27.18 -23.40 -33.81
C LEU A 370 25.75 -22.96 -33.49
N ARG A 371 24.80 -23.50 -34.26
CA ARG A 371 23.39 -23.25 -34.00
C ARG A 371 22.64 -24.47 -33.50
N SER A 372 23.25 -25.66 -33.55
CA SER A 372 22.64 -26.84 -32.97
C SER A 372 22.62 -26.78 -31.45
N LEU A 373 23.46 -25.94 -30.84
CA LEU A 373 23.44 -25.75 -29.40
C LEU A 373 22.25 -24.95 -28.91
N SER A 374 21.49 -24.34 -29.83
CA SER A 374 20.31 -23.58 -29.44
C SER A 374 19.15 -24.51 -29.11
N ARG A 375 18.27 -24.02 -28.24
CA ARG A 375 17.04 -24.74 -27.90
C ARG A 375 15.79 -24.06 -28.43
N LYS A 376 15.86 -22.78 -28.78
CA LYS A 376 14.76 -22.05 -29.39
C LYS A 376 15.18 -21.58 -30.77
N PHE A 377 14.33 -21.82 -31.76
CA PHE A 377 14.61 -21.42 -33.14
C PHE A 377 13.43 -20.61 -33.66
N THR A 378 13.73 -19.43 -34.21
CA THR A 378 12.71 -18.57 -34.79
C THR A 378 12.41 -19.05 -36.20
N ASP A 379 11.26 -19.70 -36.38
CA ASP A 379 10.87 -20.18 -37.71
C ASP A 379 10.70 -19.02 -38.67
N TRP A 380 9.92 -18.00 -38.28
CA TRP A 380 9.76 -16.81 -39.10
C TRP A 380 9.38 -15.66 -38.17
N ALA A 381 9.54 -14.44 -38.69
CA ALA A 381 9.18 -13.24 -37.95
C ALA A 381 8.74 -12.19 -38.98
N TYR A 382 7.43 -11.96 -39.07
CA TYR A 382 6.85 -11.01 -40.00
C TYR A 382 6.32 -9.82 -39.20
N GLY A 383 6.98 -8.68 -39.32
CA GLY A 383 6.63 -7.52 -38.53
C GLY A 383 6.77 -7.80 -37.05
N PRO A 384 5.86 -7.25 -36.26
CA PRO A 384 5.87 -7.55 -34.81
C PRO A 384 5.16 -8.86 -34.48
N VAL A 385 5.36 -9.88 -35.31
CA VAL A 385 4.80 -11.22 -35.08
C VAL A 385 5.87 -12.24 -35.45
N SER A 386 6.28 -13.05 -34.49
CA SER A 386 7.34 -14.02 -34.68
C SER A 386 6.91 -15.38 -34.15
N SER A 387 7.19 -16.43 -34.91
CA SER A 387 6.89 -17.81 -34.52
C SER A 387 8.20 -18.52 -34.20
N SER A 388 8.34 -18.98 -32.97
CA SER A 388 9.54 -19.62 -32.49
C SER A 388 9.28 -21.09 -32.17
N LEU A 389 10.24 -21.94 -32.47
CA LEU A 389 10.16 -23.37 -32.18
C LEU A 389 11.03 -23.69 -30.98
N TYR A 390 10.44 -24.30 -29.96
CA TYR A 390 11.12 -24.65 -28.73
C TYR A 390 11.41 -26.14 -28.71
N ASP A 391 12.66 -26.49 -28.41
CA ASP A 391 13.05 -27.89 -28.34
C ASP A 391 12.44 -28.54 -27.10
N LEU A 392 12.03 -29.79 -27.24
CA LEU A 392 11.35 -30.54 -26.18
C LEU A 392 11.99 -31.92 -26.03
N THR A 393 13.31 -31.96 -25.95
CA THR A 393 14.01 -33.24 -25.81
C THR A 393 13.78 -33.83 -24.42
N ASN A 394 14.21 -33.13 -23.38
CA ASN A 394 14.04 -33.58 -22.01
C ASN A 394 13.06 -32.71 -21.24
N VAL A 395 12.24 -31.93 -21.94
CA VAL A 395 11.28 -31.03 -21.31
C VAL A 395 9.91 -31.67 -21.21
N ASP A 396 9.41 -32.21 -22.32
CA ASP A 396 8.12 -32.88 -22.31
C ASP A 396 8.20 -34.17 -21.52
N THR A 397 7.10 -34.51 -20.84
CA THR A 397 7.03 -35.69 -19.99
C THR A 397 6.92 -36.95 -20.85
N THR A 398 8.03 -37.26 -21.53
CA THR A 398 8.10 -38.46 -22.35
C THR A 398 9.48 -39.12 -22.31
N THR A 399 10.36 -38.67 -21.42
CA THR A 399 11.73 -39.18 -21.31
C THR A 399 12.06 -39.47 -19.84
N ASP A 400 11.16 -40.18 -19.17
CA ASP A 400 11.30 -40.54 -17.75
C ASP A 400 11.39 -39.28 -16.89
N ASN A 401 12.59 -38.94 -16.45
CA ASN A 401 12.80 -37.74 -15.65
C ASN A 401 12.92 -36.54 -16.59
N SER A 402 11.85 -35.76 -16.69
CA SER A 402 11.78 -34.62 -17.58
C SER A 402 11.75 -33.33 -16.77
N VAL A 403 11.97 -32.21 -17.46
CA VAL A 403 12.00 -30.92 -16.80
C VAL A 403 10.62 -30.55 -16.27
N LEU A 404 9.57 -30.86 -17.03
CA LEU A 404 8.22 -30.55 -16.58
C LEU A 404 7.84 -31.34 -15.34
N GLU A 405 8.12 -32.65 -15.35
CA GLU A 405 7.80 -33.49 -14.21
C GLU A 405 8.63 -33.11 -12.98
N ILE A 406 9.91 -32.79 -13.18
CA ILE A 406 10.77 -32.38 -12.08
C ILE A 406 10.28 -31.05 -11.49
N THR A 407 9.91 -30.11 -12.37
CA THR A 407 9.45 -28.80 -11.89
C THR A 407 8.15 -28.92 -11.12
N VAL A 408 7.23 -29.78 -11.57
CA VAL A 408 5.91 -29.84 -10.95
C VAL A 408 5.93 -30.72 -9.71
N TYR A 409 6.46 -31.94 -9.81
CA TYR A 409 6.27 -32.95 -8.78
C TYR A 409 7.15 -32.71 -7.55
N ASN A 410 8.35 -32.16 -7.73
CA ASN A 410 9.22 -31.94 -6.58
C ASN A 410 8.65 -30.85 -5.68
N THR A 411 9.07 -30.87 -4.41
CA THR A 411 8.47 -30.00 -3.41
C THR A 411 9.47 -29.20 -2.58
N ASN A 412 10.76 -29.53 -2.61
CA ASN A 412 11.73 -28.85 -1.75
C ASN A 412 12.31 -27.60 -2.41
N ILE A 413 11.43 -26.72 -2.91
CA ILE A 413 11.81 -25.43 -3.43
C ILE A 413 10.73 -24.41 -3.07
N ASP A 414 11.11 -23.13 -3.08
CA ASP A 414 10.17 -22.05 -2.82
C ASP A 414 9.77 -21.30 -4.09
N ASN A 415 10.60 -21.31 -5.13
CA ASN A 415 10.30 -20.63 -6.37
C ASN A 415 9.67 -21.56 -7.41
N ARG A 416 8.86 -22.52 -6.95
CA ARG A 416 8.21 -23.45 -7.87
C ARG A 416 7.21 -22.76 -8.77
N HIS A 417 6.55 -21.70 -8.27
CA HIS A 417 5.52 -21.03 -9.04
C HIS A 417 6.10 -20.29 -10.25
N GLU A 418 7.23 -19.62 -10.07
CA GLU A 418 7.81 -18.83 -11.15
C GLU A 418 8.53 -19.68 -12.19
N MET A 419 8.88 -20.92 -11.85
CA MET A 419 9.54 -21.80 -12.81
C MET A 419 8.58 -22.35 -13.86
N LEU A 420 7.29 -22.46 -13.53
CA LEU A 420 6.30 -22.97 -14.46
C LEU A 420 5.80 -21.90 -15.42
N THR A 421 6.22 -20.65 -15.26
CA THR A 421 5.80 -19.56 -16.13
C THR A 421 6.69 -19.39 -17.35
N LEU A 422 7.66 -20.28 -17.54
CA LEU A 422 8.56 -20.18 -18.68
C LEU A 422 7.81 -20.52 -19.97
N GLU A 423 8.46 -20.24 -21.10
CA GLU A 423 7.80 -20.36 -22.40
C GLU A 423 7.36 -21.78 -22.74
N PRO A 424 8.23 -22.82 -22.68
CA PRO A 424 7.77 -24.15 -23.13
C PRO A 424 6.86 -24.83 -22.14
N LEU A 425 7.15 -24.69 -20.83
CA LEU A 425 6.41 -25.42 -19.81
C LEU A 425 4.97 -24.95 -19.71
N HIS A 426 4.77 -23.65 -19.69
CA HIS A 426 3.41 -23.12 -19.61
C HIS A 426 2.60 -23.61 -20.80
N THR A 427 3.12 -23.37 -22.01
CA THR A 427 2.39 -23.75 -23.21
C THR A 427 2.10 -25.25 -23.23
N LEU A 428 3.07 -26.07 -22.82
CA LEU A 428 2.86 -27.51 -22.79
C LEU A 428 1.75 -27.90 -21.82
N LEU A 429 1.71 -27.27 -20.65
CA LEU A 429 0.65 -27.54 -19.70
C LEU A 429 -0.71 -27.10 -20.25
N HIS A 430 -0.73 -25.97 -20.93
CA HIS A 430 -1.97 -25.49 -21.52
C HIS A 430 -2.50 -26.50 -22.51
N MET A 431 -1.67 -26.90 -23.47
CA MET A 431 -2.12 -27.81 -24.52
C MET A 431 -2.51 -29.17 -23.95
N LYS A 432 -1.78 -29.64 -22.93
CA LYS A 432 -2.15 -30.90 -22.29
C LYS A 432 -3.52 -30.80 -21.63
N TRP A 433 -3.79 -29.69 -20.94
CA TRP A 433 -5.08 -29.49 -20.31
C TRP A 433 -6.20 -29.39 -21.34
N LYS A 434 -5.94 -28.68 -22.45
CA LYS A 434 -6.95 -28.51 -23.48
C LYS A 434 -7.09 -29.73 -24.38
N LYS A 435 -6.22 -30.72 -24.26
CA LYS A 435 -6.28 -31.92 -25.09
C LYS A 435 -6.94 -33.08 -24.35
N PHE A 436 -6.42 -33.48 -23.20
CA PHE A 436 -6.91 -34.70 -22.58
C PHE A 436 -7.21 -34.54 -21.08
N ALA A 437 -6.58 -33.56 -20.43
CA ALA A 437 -6.75 -33.42 -18.99
C ALA A 437 -8.11 -32.84 -18.64
N LYS A 438 -8.70 -32.02 -19.51
CA LYS A 438 -10.00 -31.44 -19.24
C LYS A 438 -11.09 -32.52 -19.22
N HIS A 439 -11.08 -33.40 -20.22
CA HIS A 439 -12.08 -34.46 -20.28
C HIS A 439 -11.88 -35.47 -19.14
N MET A 440 -10.62 -35.76 -18.81
CA MET A 440 -10.34 -36.69 -17.71
C MET A 440 -10.81 -36.12 -16.38
N PHE A 441 -10.56 -34.83 -16.14
CA PHE A 441 -11.01 -34.21 -14.89
C PHE A 441 -12.53 -34.15 -14.82
N PHE A 442 -13.18 -33.84 -15.95
CA PHE A 442 -14.64 -33.81 -15.96
C PHE A 442 -15.23 -35.19 -15.73
N LEU A 443 -14.62 -36.23 -16.31
CA LEU A 443 -15.09 -37.59 -16.10
C LEU A 443 -14.91 -38.01 -14.65
N SER A 444 -13.78 -37.67 -14.04
CA SER A 444 -13.56 -38.00 -12.63
C SER A 444 -14.55 -37.27 -11.74
N PHE A 445 -14.83 -36.01 -12.05
CA PHE A 445 -15.82 -35.25 -11.28
C PHE A 445 -17.20 -35.88 -11.40
N CYS A 446 -17.60 -36.24 -12.62
CA CYS A 446 -18.92 -36.82 -12.82
C CYS A 446 -19.06 -38.17 -12.13
N PHE A 447 -18.01 -39.00 -12.22
CA PHE A 447 -18.06 -40.33 -11.60
C PHE A 447 -18.10 -40.23 -10.08
N TYR A 448 -17.30 -39.32 -9.50
CA TYR A 448 -17.32 -39.17 -8.04
C TYR A 448 -18.63 -38.55 -7.58
N PHE A 449 -19.18 -37.63 -8.36
CA PHE A 449 -20.47 -37.01 -8.00
C PHE A 449 -21.59 -38.05 -8.03
N PHE A 450 -21.62 -38.89 -9.07
CA PHE A 450 -22.64 -39.94 -9.14
C PHE A 450 -22.43 -40.99 -8.06
N TYR A 451 -21.17 -41.32 -7.75
CA TYR A 451 -20.89 -42.28 -6.68
C TYR A 451 -21.36 -41.74 -5.33
N ASN A 452 -21.09 -40.47 -5.06
CA ASN A 452 -21.55 -39.87 -3.80
C ASN A 452 -23.07 -39.78 -3.76
N ILE A 453 -23.70 -39.47 -4.90
CA ILE A 453 -25.15 -39.35 -4.94
C ILE A 453 -25.80 -40.70 -4.66
N THR A 454 -25.32 -41.75 -5.31
CA THR A 454 -25.94 -43.07 -5.12
C THR A 454 -25.60 -43.65 -3.75
N LEU A 455 -24.43 -43.33 -3.19
CA LEU A 455 -24.12 -43.74 -1.83
C LEU A 455 -25.06 -43.07 -0.84
N THR A 456 -25.29 -41.76 -1.02
CA THR A 456 -26.24 -41.05 -0.17
C THR A 456 -27.65 -41.61 -0.30
N LEU A 457 -28.06 -41.95 -1.53
CA LEU A 457 -29.42 -42.44 -1.74
C LEU A 457 -29.61 -43.82 -1.12
N VAL A 458 -28.64 -44.72 -1.26
CA VAL A 458 -28.80 -46.05 -0.69
C VAL A 458 -28.57 -46.06 0.82
N SER A 459 -27.95 -45.03 1.38
CA SER A 459 -27.76 -44.98 2.82
C SER A 459 -28.90 -44.26 3.53
N TYR A 460 -29.47 -43.21 2.91
CA TYR A 460 -30.58 -42.51 3.52
C TYR A 460 -31.89 -43.27 3.38
N TYR A 461 -32.05 -44.01 2.28
CA TYR A 461 -33.25 -44.81 2.04
C TYR A 461 -33.06 -46.27 2.44
N ARG A 462 -32.34 -46.51 3.53
CA ARG A 462 -32.16 -47.85 4.04
C ARG A 462 -33.48 -48.42 4.53
N PRO A 463 -33.61 -49.75 4.57
CA PRO A 463 -34.86 -50.35 5.08
C PRO A 463 -35.20 -49.93 6.50
N ARG A 464 -34.18 -49.77 7.35
CA ARG A 464 -34.35 -49.25 8.72
C ARG A 464 -35.34 -50.06 9.54
N GLY A 480 -35.14 -55.41 -3.89
CA GLY A 480 -34.70 -54.33 -4.77
C GLY A 480 -33.70 -54.79 -5.81
N TRP A 481 -34.19 -55.51 -6.83
CA TRP A 481 -33.32 -55.98 -7.90
C TRP A 481 -32.81 -54.83 -8.76
N LEU A 482 -33.68 -53.87 -9.06
CA LEU A 482 -33.26 -52.74 -9.89
C LEU A 482 -32.41 -51.75 -9.10
N GLN A 483 -32.54 -51.73 -7.78
CA GLN A 483 -31.77 -50.84 -6.93
C GLN A 483 -30.50 -51.48 -6.41
N LEU A 484 -30.23 -52.74 -6.74
CA LEU A 484 -29.00 -53.39 -6.31
C LEU A 484 -27.79 -52.87 -7.08
N LEU A 485 -28.02 -52.34 -8.29
CA LEU A 485 -26.91 -51.80 -9.09
C LEU A 485 -26.25 -50.61 -8.41
N GLY A 486 -27.04 -49.80 -7.68
CA GLY A 486 -26.47 -48.64 -7.02
C GLY A 486 -25.49 -49.02 -5.92
N ARG A 487 -25.86 -49.98 -5.07
CA ARG A 487 -24.96 -50.38 -3.99
C ARG A 487 -23.78 -51.20 -4.50
N MET A 488 -23.99 -52.00 -5.57
CA MET A 488 -22.87 -52.71 -6.17
C MET A 488 -21.88 -51.73 -6.79
N PHE A 489 -22.38 -50.67 -7.43
CA PHE A 489 -21.49 -49.64 -7.96
C PHE A 489 -20.79 -48.88 -6.84
N VAL A 490 -21.47 -48.69 -5.71
CA VAL A 490 -20.82 -48.07 -4.55
C VAL A 490 -19.65 -48.91 -4.08
N LEU A 491 -19.85 -50.23 -3.96
CA LEU A 491 -18.78 -51.11 -3.52
C LEU A 491 -17.64 -51.15 -4.53
N ILE A 492 -17.96 -51.24 -5.82
CA ILE A 492 -16.92 -51.35 -6.85
C ILE A 492 -16.09 -50.07 -6.91
N TRP A 493 -16.76 -48.91 -6.89
CA TRP A 493 -16.04 -47.65 -6.99
C TRP A 493 -15.28 -47.32 -5.70
N ALA A 494 -15.80 -47.75 -4.55
CA ALA A 494 -15.05 -47.58 -3.31
C ALA A 494 -13.78 -48.42 -3.31
N MET A 495 -13.86 -49.65 -3.83
CA MET A 495 -12.67 -50.49 -3.95
C MET A 495 -11.67 -49.88 -4.93
N CYS A 496 -12.17 -49.32 -6.03
CA CYS A 496 -11.29 -48.69 -7.02
C CYS A 496 -10.56 -47.49 -6.42
N ILE A 497 -11.28 -46.64 -5.68
CA ILE A 497 -10.65 -45.50 -5.04
C ILE A 497 -9.65 -45.97 -3.98
N SER A 498 -10.00 -47.03 -3.24
CA SER A 498 -9.13 -47.52 -2.19
C SER A 498 -7.81 -48.02 -2.75
N VAL A 499 -7.86 -48.80 -3.83
CA VAL A 499 -6.62 -49.32 -4.40
C VAL A 499 -5.84 -48.21 -5.10
N LYS A 500 -6.53 -47.25 -5.72
CA LYS A 500 -5.83 -46.15 -6.36
C LYS A 500 -5.09 -45.27 -5.36
N GLU A 501 -5.76 -44.94 -4.25
CA GLU A 501 -5.10 -44.16 -3.20
C GLU A 501 -4.03 -44.99 -2.50
N GLY A 502 -4.21 -46.30 -2.39
CA GLY A 502 -3.20 -47.14 -1.78
C GLY A 502 -1.91 -47.16 -2.58
N ILE A 503 -2.02 -47.33 -3.90
CA ILE A 503 -0.82 -47.31 -4.73
C ILE A 503 -0.27 -45.90 -4.91
N ALA A 504 -1.09 -44.87 -4.69
CA ALA A 504 -0.60 -43.50 -4.73
C ALA A 504 -0.01 -43.04 -3.40
N ILE A 505 -0.22 -43.79 -2.32
CA ILE A 505 0.33 -43.46 -1.01
C ILE A 505 1.60 -44.30 -0.81
N PHE A 506 1.61 -45.51 -1.36
CA PHE A 506 2.75 -46.41 -1.20
C PHE A 506 4.02 -45.81 -1.78
N LEU A 507 3.93 -45.19 -2.95
CA LEU A 507 5.08 -44.54 -3.57
C LEU A 507 5.17 -43.06 -3.22
N LEU A 508 4.31 -42.56 -2.34
CA LEU A 508 4.34 -41.16 -1.95
C LEU A 508 5.57 -40.87 -1.10
N ARG A 509 6.29 -39.81 -1.46
CA ARG A 509 7.49 -39.43 -0.74
C ARG A 509 7.13 -38.83 0.62
N PRO A 510 8.06 -38.82 1.57
CA PRO A 510 7.85 -38.07 2.81
C PRO A 510 8.26 -36.60 2.74
N SER A 511 8.64 -36.11 1.57
CA SER A 511 9.00 -34.71 1.40
C SER A 511 7.79 -33.84 1.07
N ASP A 512 6.88 -34.33 0.24
CA ASP A 512 5.64 -33.61 -0.02
C ASP A 512 4.66 -33.68 1.15
N LEU A 513 4.89 -34.59 2.11
CA LEU A 513 4.11 -34.59 3.34
C LEU A 513 4.50 -33.46 4.29
N GLN A 514 5.56 -32.72 3.97
CA GLN A 514 5.99 -31.58 4.77
C GLN A 514 5.11 -30.37 4.44
N SER A 515 5.54 -29.20 4.88
CA SER A 515 4.74 -27.96 4.86
C SER A 515 3.49 -28.26 5.70
N ILE A 516 2.30 -27.84 5.25
CA ILE A 516 1.05 -28.15 5.96
C ILE A 516 0.07 -28.71 4.93
N LEU A 517 0.16 -30.02 4.71
CA LEU A 517 -0.82 -30.83 3.97
C LEU A 517 -1.41 -30.15 2.74
N SER A 518 -0.59 -29.44 1.98
CA SER A 518 -1.05 -28.67 0.83
C SER A 518 -1.00 -29.45 -0.47
N ASP A 519 -0.48 -30.67 -0.46
CA ASP A 519 -0.39 -31.45 -1.69
C ASP A 519 -0.69 -32.93 -1.50
N ALA A 520 -1.07 -33.38 -0.30
CA ALA A 520 -1.39 -34.79 -0.08
C ALA A 520 -2.58 -35.01 0.84
N TRP A 521 -3.24 -33.96 1.32
CA TRP A 521 -4.36 -34.14 2.24
C TRP A 521 -5.54 -34.81 1.56
N PHE A 522 -5.81 -34.47 0.30
CA PHE A 522 -6.95 -35.06 -0.39
C PHE A 522 -6.73 -36.54 -0.68
N HIS A 523 -5.48 -36.96 -0.85
CA HIS A 523 -5.19 -38.40 -0.98
C HIS A 523 -5.62 -39.15 0.27
N PHE A 524 -5.29 -38.61 1.45
CA PHE A 524 -5.65 -39.28 2.70
C PHE A 524 -7.15 -39.32 2.91
N VAL A 525 -7.85 -38.22 2.62
CA VAL A 525 -9.29 -38.21 2.88
C VAL A 525 -10.04 -39.08 1.87
N PHE A 526 -9.57 -39.15 0.62
CA PHE A 526 -10.18 -40.06 -0.34
C PHE A 526 -9.96 -41.52 0.07
N PHE A 527 -8.76 -41.85 0.55
CA PHE A 527 -8.50 -43.20 1.03
C PHE A 527 -9.35 -43.52 2.26
N ILE A 528 -9.49 -42.55 3.16
CA ILE A 528 -10.28 -42.76 4.37
C ILE A 528 -11.75 -42.98 4.03
N GLN A 529 -12.29 -42.19 3.10
CA GLN A 529 -13.67 -42.38 2.66
C GLN A 529 -13.86 -43.74 2.01
N ALA A 530 -12.90 -44.17 1.20
CA ALA A 530 -13.01 -45.47 0.53
C ALA A 530 -13.00 -46.61 1.55
N VAL A 531 -12.06 -46.59 2.49
CA VAL A 531 -12.01 -47.65 3.48
C VAL A 531 -13.17 -47.56 4.47
N LEU A 532 -13.76 -46.37 4.64
CA LEU A 532 -14.96 -46.26 5.46
C LEU A 532 -16.14 -46.96 4.81
N VAL A 533 -16.31 -46.79 3.49
CA VAL A 533 -17.36 -47.51 2.78
C VAL A 533 -17.09 -49.01 2.81
N ILE A 534 -15.82 -49.40 2.65
CA ILE A 534 -15.46 -50.81 2.66
C ILE A 534 -15.78 -51.42 4.02
N LEU A 535 -15.40 -50.73 5.10
CA LEU A 535 -15.68 -51.24 6.44
C LEU A 535 -17.17 -51.21 6.75
N SER A 536 -17.91 -50.26 6.17
CA SER A 536 -19.35 -50.20 6.40
C SER A 536 -20.03 -51.42 5.81
N VAL A 537 -19.70 -51.78 4.57
CA VAL A 537 -20.30 -52.98 3.98
C VAL A 537 -19.73 -54.23 4.62
N PHE A 538 -18.51 -54.16 5.15
CA PHE A 538 -17.91 -55.31 5.83
C PHE A 538 -18.68 -55.64 7.10
N LEU A 539 -19.05 -54.63 7.87
CA LEU A 539 -19.86 -54.84 9.07
C LEU A 539 -21.33 -55.03 8.75
N TYR A 540 -21.79 -54.58 7.57
CA TYR A 540 -23.18 -54.80 7.19
C TYR A 540 -23.41 -56.24 6.76
N LEU A 541 -22.38 -56.91 6.22
CA LEU A 541 -22.53 -58.30 5.81
C LEU A 541 -22.81 -59.21 7.00
N PHE A 542 -22.16 -58.95 8.12
CA PHE A 542 -22.39 -59.71 9.34
C PHE A 542 -23.36 -58.95 10.25
N ALA A 543 -23.59 -59.49 11.45
CA ALA A 543 -24.52 -58.89 12.40
C ALA A 543 -23.77 -57.95 13.34
N TYR A 544 -23.33 -56.83 12.78
CA TYR A 544 -22.63 -55.79 13.51
C TYR A 544 -23.50 -54.54 13.52
N LYS A 545 -23.87 -54.07 14.73
CA LYS A 545 -24.70 -52.89 14.85
C LYS A 545 -23.94 -51.60 14.62
N GLU A 546 -22.61 -51.62 14.74
CA GLU A 546 -21.81 -50.41 14.55
C GLU A 546 -21.35 -50.27 13.10
N TYR A 547 -22.30 -50.36 12.17
CA TYR A 547 -22.01 -50.20 10.75
C TYR A 547 -22.54 -48.90 10.17
N LEU A 548 -23.60 -48.34 10.75
CA LEU A 548 -24.15 -47.09 10.23
C LEU A 548 -23.26 -45.89 10.54
N ALA A 549 -22.44 -45.97 11.58
CA ALA A 549 -21.54 -44.86 11.90
C ALA A 549 -20.51 -44.65 10.80
N CYS A 550 -19.90 -45.74 10.32
CA CYS A 550 -18.95 -45.63 9.23
C CYS A 550 -19.61 -45.16 7.95
N LEU A 551 -20.83 -45.62 7.68
CA LEU A 551 -21.54 -45.22 6.47
C LEU A 551 -21.90 -43.73 6.51
N VAL A 552 -22.40 -43.25 7.65
CA VAL A 552 -22.76 -41.84 7.77
C VAL A 552 -21.51 -40.97 7.69
N LEU A 553 -20.42 -41.39 8.34
CA LEU A 553 -19.16 -40.68 8.23
C LEU A 553 -18.66 -40.66 6.79
N ALA A 554 -18.89 -41.75 6.06
CA ALA A 554 -18.50 -41.80 4.65
C ALA A 554 -19.32 -40.82 3.82
N MET A 555 -20.61 -40.69 4.11
CA MET A 555 -21.44 -39.73 3.39
C MET A 555 -20.95 -38.31 3.65
N ALA A 556 -20.70 -37.96 4.92
CA ALA A 556 -20.27 -36.61 5.26
C ALA A 556 -18.90 -36.30 4.65
N LEU A 557 -17.96 -37.25 4.75
CA LEU A 557 -16.64 -37.03 4.18
C LEU A 557 -16.69 -36.98 2.66
N GLY A 558 -17.51 -37.83 2.04
CA GLY A 558 -17.61 -37.83 0.60
C GLY A 558 -18.19 -36.54 0.04
N TRP A 559 -19.20 -36.00 0.71
CA TRP A 559 -19.73 -34.70 0.29
C TRP A 559 -18.78 -33.56 0.65
N ALA A 560 -17.92 -33.77 1.66
CA ALA A 560 -16.87 -32.79 1.93
C ALA A 560 -15.72 -32.91 0.93
N ASN A 561 -15.41 -34.12 0.47
CA ASN A 561 -14.33 -34.33 -0.48
C ASN A 561 -14.68 -33.84 -1.88
N MET A 562 -15.94 -33.53 -2.16
CA MET A 562 -16.32 -33.06 -3.49
C MET A 562 -15.80 -31.66 -3.78
N LEU A 563 -15.36 -30.92 -2.76
CA LEU A 563 -14.78 -29.61 -2.97
C LEU A 563 -13.39 -29.67 -3.59
N TYR A 564 -12.80 -30.86 -3.69
CA TYR A 564 -11.51 -31.00 -4.37
C TYR A 564 -11.63 -30.64 -5.85
N TYR A 565 -12.75 -31.00 -6.47
CA TYR A 565 -12.92 -30.80 -7.90
C TYR A 565 -13.20 -29.35 -8.28
N THR A 566 -13.29 -28.44 -7.29
CA THR A 566 -13.46 -27.03 -7.59
C THR A 566 -12.23 -26.41 -8.23
N ARG A 567 -11.09 -27.11 -8.24
CA ARG A 567 -9.87 -26.61 -8.87
C ARG A 567 -9.95 -26.61 -10.39
N GLY A 568 -10.95 -27.27 -10.98
CA GLY A 568 -11.10 -27.23 -12.42
C GLY A 568 -11.42 -25.84 -12.94
N PHE A 569 -12.29 -25.12 -12.24
CA PHE A 569 -12.56 -23.73 -12.56
C PHE A 569 -11.60 -22.83 -11.81
N GLN A 570 -11.37 -21.63 -12.36
CA GLN A 570 -10.39 -20.73 -11.79
C GLN A 570 -10.84 -20.18 -10.44
N SER A 571 -11.98 -19.48 -10.43
CA SER A 571 -12.42 -18.77 -9.23
C SER A 571 -12.67 -19.73 -8.07
N MET A 572 -13.32 -20.86 -8.34
CA MET A 572 -13.52 -21.86 -7.29
C MET A 572 -12.19 -22.46 -6.84
N GLY A 573 -11.20 -22.51 -7.74
CA GLY A 573 -9.87 -22.95 -7.33
C GLY A 573 -9.22 -22.00 -6.34
N MET A 574 -9.31 -20.70 -6.60
CA MET A 574 -8.82 -19.72 -5.62
C MET A 574 -9.55 -19.85 -4.30
N TYR A 575 -10.88 -20.05 -4.36
CA TYR A 575 -11.67 -20.22 -3.14
C TYR A 575 -11.21 -21.43 -2.34
N SER A 576 -10.89 -22.53 -3.03
CA SER A 576 -10.48 -23.75 -2.34
C SER A 576 -9.11 -23.60 -1.68
N VAL A 577 -8.12 -23.04 -2.40
CA VAL A 577 -6.80 -22.90 -1.80
C VAL A 577 -6.82 -21.86 -0.68
N MET A 578 -7.70 -20.86 -0.77
CA MET A 578 -7.82 -19.91 0.34
C MET A 578 -8.52 -20.53 1.53
N ILE A 579 -9.46 -21.45 1.30
CA ILE A 579 -9.99 -22.28 2.38
C ILE A 579 -8.86 -23.02 3.07
N GLN A 580 -7.93 -23.57 2.28
CA GLN A 580 -6.82 -24.35 2.80
C GLN A 580 -5.94 -23.51 3.71
N LYS A 581 -5.45 -22.37 3.20
CA LYS A 581 -4.58 -21.50 4.00
C LYS A 581 -5.29 -20.98 5.25
N VAL A 582 -6.55 -20.58 5.12
CA VAL A 582 -7.27 -20.01 6.26
C VAL A 582 -7.45 -21.07 7.35
N ILE A 583 -7.93 -22.25 6.97
CA ILE A 583 -8.28 -23.28 7.95
C ILE A 583 -7.04 -23.85 8.63
N LEU A 584 -5.85 -23.69 8.05
CA LEU A 584 -4.64 -24.13 8.73
C LEU A 584 -3.90 -23.00 9.43
N HIS A 585 -4.03 -21.76 8.96
CA HIS A 585 -3.25 -20.68 9.56
C HIS A 585 -3.89 -20.18 10.85
N ASP A 586 -5.11 -19.63 10.76
CA ASP A 586 -5.69 -18.94 11.90
C ASP A 586 -6.96 -19.57 12.46
N VAL A 587 -7.57 -20.52 11.75
CA VAL A 587 -8.69 -21.26 12.33
C VAL A 587 -8.17 -22.19 13.43
N LEU A 588 -7.01 -22.81 13.22
CA LEU A 588 -6.46 -23.73 14.20
C LEU A 588 -6.02 -23.00 15.47
N LYS A 589 -5.39 -21.83 15.31
CA LYS A 589 -4.99 -21.05 16.49
C LYS A 589 -6.20 -20.60 17.28
N PHE A 590 -7.24 -20.12 16.59
CA PHE A 590 -8.45 -19.70 17.28
C PHE A 590 -9.11 -20.88 17.98
N LEU A 591 -9.15 -22.04 17.34
CA LEU A 591 -9.72 -23.23 17.96
C LEU A 591 -8.95 -23.63 19.20
N PHE A 592 -7.61 -23.55 19.14
CA PHE A 592 -6.78 -23.94 20.27
C PHE A 592 -7.02 -23.02 21.47
N VAL A 593 -7.00 -21.70 21.23
CA VAL A 593 -7.22 -20.75 22.31
C VAL A 593 -8.64 -20.84 22.83
N TYR A 594 -9.62 -20.98 21.93
CA TYR A 594 -11.02 -21.07 22.35
C TYR A 594 -11.28 -22.32 23.18
N ILE A 595 -10.67 -23.45 22.80
CA ILE A 595 -10.88 -24.69 23.55
C ILE A 595 -10.24 -24.57 24.94
N VAL A 596 -9.08 -23.91 25.03
CA VAL A 596 -8.46 -23.68 26.34
C VAL A 596 -9.37 -22.85 27.23
N PHE A 597 -9.90 -21.75 26.69
CA PHE A 597 -10.82 -20.91 27.47
C PHE A 597 -12.11 -21.63 27.78
N LEU A 598 -12.65 -22.39 26.82
CA LEU A 598 -13.92 -23.07 27.01
C LEU A 598 -13.82 -24.13 28.10
N LEU A 599 -12.77 -24.95 28.07
CA LEU A 599 -12.63 -26.00 29.07
C LEU A 599 -12.30 -25.42 30.44
N GLY A 600 -11.45 -24.38 30.48
CA GLY A 600 -11.14 -23.76 31.75
C GLY A 600 -12.34 -23.13 32.42
N PHE A 601 -13.11 -22.36 31.64
CA PHE A 601 -14.30 -21.72 32.19
C PHE A 601 -15.41 -22.73 32.46
N GLY A 602 -15.49 -23.80 31.67
CA GLY A 602 -16.48 -24.83 31.91
C GLY A 602 -16.23 -25.59 33.20
N VAL A 603 -14.96 -25.89 33.48
CA VAL A 603 -14.64 -26.57 34.73
C VAL A 603 -14.62 -25.60 35.92
N ALA A 604 -14.48 -24.31 35.67
CA ALA A 604 -14.59 -23.33 36.75
C ALA A 604 -16.05 -23.07 37.12
N LEU A 605 -16.94 -23.05 36.14
CA LEU A 605 -18.35 -22.80 36.42
C LEU A 605 -19.03 -24.03 37.02
N ALA A 606 -18.63 -25.23 36.60
CA ALA A 606 -19.24 -26.45 37.12
C ALA A 606 -18.92 -26.70 38.58
N SER A 607 -17.87 -26.08 39.10
CA SER A 607 -17.49 -26.24 40.51
C SER A 607 -18.19 -25.25 41.43
N LEU A 608 -18.91 -24.27 40.89
CA LEU A 608 -19.59 -23.27 41.70
C LEU A 608 -21.04 -23.62 42.01
N ILE A 609 -21.52 -24.79 41.57
CA ILE A 609 -22.90 -25.20 41.74
C ILE A 609 -22.94 -26.45 42.60
N GLU A 610 -23.73 -26.41 43.67
CA GLU A 610 -23.88 -27.53 44.57
C GLU A 610 -24.84 -28.56 43.99
N LYS A 611 -25.02 -29.66 44.72
CA LYS A 611 -25.92 -30.72 44.27
C LYS A 611 -27.37 -30.28 44.33
N CYS A 612 -28.19 -30.88 43.48
CA CYS A 612 -29.61 -30.54 43.44
C CYS A 612 -30.32 -31.08 44.68
N PRO A 613 -31.35 -30.36 45.16
CA PRO A 613 -32.11 -30.86 46.32
C PRO A 613 -32.97 -32.06 45.98
N LYS A 614 -33.73 -32.54 46.96
CA LYS A 614 -34.59 -33.70 46.75
C LYS A 614 -35.73 -33.36 45.81
N ASP A 615 -36.10 -34.33 44.97
CA ASP A 615 -37.20 -34.20 44.00
C ASP A 615 -36.95 -33.02 43.06
N ASN A 616 -35.71 -32.84 42.63
CA ASN A 616 -35.35 -31.77 41.72
C ASN A 616 -34.11 -32.18 40.93
N LYS A 617 -34.17 -32.02 39.61
CA LYS A 617 -33.04 -32.35 38.74
C LYS A 617 -32.69 -31.28 37.73
N ASP A 618 -33.58 -30.31 37.47
CA ASP A 618 -33.33 -29.23 36.52
C ASP A 618 -33.00 -27.93 37.23
N CYS A 619 -32.24 -27.99 38.32
CA CYS A 619 -31.93 -26.79 39.09
C CYS A 619 -31.01 -25.86 38.31
N SER A 620 -30.01 -26.41 37.63
CA SER A 620 -29.04 -25.60 36.89
C SER A 620 -28.62 -26.36 35.63
N SER A 621 -28.45 -25.61 34.54
CA SER A 621 -27.97 -26.18 33.29
C SER A 621 -26.48 -26.50 33.34
N TYR A 622 -25.73 -25.84 34.20
CA TYR A 622 -24.30 -26.09 34.36
C TYR A 622 -24.03 -27.14 35.42
N GLY A 623 -24.69 -28.30 35.29
CA GLY A 623 -24.59 -29.35 36.29
C GLY A 623 -23.24 -30.01 36.36
N SER A 624 -22.85 -30.71 35.30
CA SER A 624 -21.57 -31.39 35.23
C SER A 624 -20.59 -30.58 34.39
N PHE A 625 -19.38 -31.13 34.22
CA PHE A 625 -18.38 -30.48 33.38
C PHE A 625 -18.81 -30.47 31.92
N SER A 626 -19.36 -31.59 31.43
CA SER A 626 -19.85 -31.64 30.06
C SER A 626 -21.04 -30.71 29.86
N ASP A 627 -21.92 -30.63 30.86
CA ASP A 627 -23.07 -29.73 30.75
C ASP A 627 -22.62 -28.27 30.71
N ALA A 628 -21.65 -27.90 31.55
CA ALA A 628 -21.15 -26.52 31.54
C ALA A 628 -20.44 -26.20 30.23
N VAL A 629 -19.66 -27.15 29.71
CA VAL A 629 -18.99 -26.93 28.43
C VAL A 629 -20.01 -26.78 27.30
N LEU A 630 -21.05 -27.61 27.32
CA LEU A 630 -22.10 -27.52 26.31
C LEU A 630 -22.86 -26.20 26.41
N GLU A 631 -23.10 -25.73 27.63
CA GLU A 631 -23.78 -24.45 27.82
C GLU A 631 -22.93 -23.29 27.32
N LEU A 632 -21.62 -23.33 27.56
CA LEU A 632 -20.74 -22.27 27.05
C LEU A 632 -20.65 -22.33 25.54
N PHE A 633 -20.64 -23.53 24.96
CA PHE A 633 -20.62 -23.67 23.50
C PHE A 633 -21.92 -23.16 22.89
N LYS A 634 -23.05 -23.44 23.53
CA LYS A 634 -24.33 -22.92 23.05
C LYS A 634 -24.39 -21.40 23.17
N LEU A 635 -23.79 -20.86 24.23
CA LEU A 635 -23.74 -19.40 24.40
C LEU A 635 -22.85 -18.75 23.34
N THR A 636 -21.77 -19.43 22.95
CA THR A 636 -20.85 -18.85 21.98
C THR A 636 -21.50 -18.73 20.60
N ILE A 637 -22.28 -19.74 20.20
CA ILE A 637 -22.91 -19.73 18.88
C ILE A 637 -24.22 -18.94 18.86
N GLY A 638 -24.63 -18.37 19.98
CA GLY A 638 -25.82 -17.54 20.00
C GLY A 638 -27.13 -18.29 20.15
N LEU A 639 -27.08 -19.55 20.56
CA LEU A 639 -28.29 -20.35 20.73
C LEU A 639 -28.67 -20.43 22.21
N GLY A 640 -29.96 -20.65 22.45
CA GLY A 640 -30.47 -20.79 23.79
C GLY A 640 -30.80 -19.46 24.44
N ASP A 641 -31.13 -19.54 25.72
CA ASP A 641 -31.48 -18.39 26.54
C ASP A 641 -30.57 -18.31 27.75
N LEU A 642 -30.09 -17.10 28.06
CA LEU A 642 -29.20 -16.89 29.17
C LEU A 642 -30.00 -16.90 30.47
N ASN A 643 -29.74 -17.89 31.33
CA ASN A 643 -30.36 -18.00 32.63
C ASN A 643 -29.28 -17.85 33.69
N ILE A 644 -29.46 -16.90 34.60
CA ILE A 644 -28.50 -16.62 35.66
C ILE A 644 -28.97 -17.11 37.01
N GLN A 645 -30.18 -17.66 37.11
CA GLN A 645 -30.73 -18.15 38.37
C GLN A 645 -30.42 -19.64 38.56
N GLN A 646 -29.13 -19.98 38.46
CA GLN A 646 -28.70 -21.36 38.67
C GLN A 646 -28.54 -21.63 40.17
N ASN A 647 -28.20 -22.88 40.51
CA ASN A 647 -28.04 -23.29 41.90
C ASN A 647 -26.59 -23.07 42.36
N SER A 648 -26.11 -21.85 42.15
CA SER A 648 -24.75 -21.47 42.52
C SER A 648 -24.76 -20.77 43.87
N LYS A 649 -23.87 -21.20 44.76
CA LYS A 649 -23.75 -20.56 46.07
C LYS A 649 -23.15 -19.16 45.97
N TYR A 650 -22.45 -18.86 44.87
CA TYR A 650 -21.88 -17.54 44.63
C TYR A 650 -22.37 -17.06 43.26
N PRO A 651 -23.60 -16.56 43.19
CA PRO A 651 -24.12 -16.12 41.88
C PRO A 651 -23.38 -14.94 41.28
N ILE A 652 -22.80 -14.08 42.12
CA ILE A 652 -22.06 -12.94 41.62
C ILE A 652 -20.79 -13.40 40.90
N LEU A 653 -20.07 -14.34 41.49
CA LEU A 653 -18.88 -14.90 40.83
C LEU A 653 -19.26 -15.67 39.58
N PHE A 654 -20.40 -16.37 39.61
CA PHE A 654 -20.87 -17.09 38.44
C PHE A 654 -21.14 -16.13 37.28
N LEU A 655 -21.81 -15.01 37.56
CA LEU A 655 -22.08 -14.02 36.53
C LEU A 655 -20.81 -13.35 36.06
N PHE A 656 -19.86 -13.11 36.98
CA PHE A 656 -18.59 -12.50 36.59
C PHE A 656 -17.81 -13.40 35.64
N LEU A 657 -17.74 -14.71 35.94
CA LEU A 657 -17.06 -15.64 35.06
C LEU A 657 -17.78 -15.76 33.72
N LEU A 658 -19.12 -15.74 33.74
CA LEU A 658 -19.89 -15.82 32.50
C LEU A 658 -19.62 -14.62 31.62
N ILE A 659 -19.63 -13.41 32.20
CA ILE A 659 -19.39 -12.20 31.41
C ILE A 659 -17.94 -12.15 30.92
N THR A 660 -17.00 -12.65 31.73
CA THR A 660 -15.61 -12.72 31.28
C THR A 660 -15.47 -13.65 30.08
N TYR A 661 -16.15 -14.80 30.11
CA TYR A 661 -16.14 -15.70 28.97
C TYR A 661 -16.79 -15.05 27.75
N VAL A 662 -17.87 -14.29 27.96
CA VAL A 662 -18.55 -13.60 26.87
C VAL A 662 -17.60 -12.62 26.20
N ILE A 663 -16.89 -11.81 26.99
CA ILE A 663 -15.97 -10.83 26.43
C ILE A 663 -14.83 -11.52 25.70
N LEU A 664 -14.19 -12.50 26.36
CA LEU A 664 -13.00 -13.13 25.81
C LEU A 664 -13.29 -13.85 24.49
N THR A 665 -14.48 -14.44 24.36
CA THR A 665 -14.80 -15.20 23.14
C THR A 665 -15.54 -14.34 22.11
N PHE A 666 -16.70 -13.80 22.49
CA PHE A 666 -17.54 -13.10 21.52
C PHE A 666 -16.95 -11.77 21.11
N VAL A 667 -16.32 -11.05 22.05
CA VAL A 667 -15.79 -9.72 21.74
C VAL A 667 -14.36 -9.80 21.23
N LEU A 668 -13.52 -10.62 21.86
CA LEU A 668 -12.10 -10.63 21.53
C LEU A 668 -11.76 -11.69 20.49
N LEU A 669 -11.97 -12.97 20.81
CA LEU A 669 -11.42 -14.06 20.01
C LEU A 669 -12.06 -14.14 18.63
N LEU A 670 -13.39 -14.17 18.58
CA LEU A 670 -14.07 -14.35 17.29
C LEU A 670 -13.88 -13.15 16.37
N ASN A 671 -14.00 -11.93 16.92
CA ASN A 671 -13.84 -10.74 16.10
C ASN A 671 -12.39 -10.57 15.65
N MET A 672 -11.42 -10.93 16.49
CA MET A 672 -10.03 -10.90 16.06
C MET A 672 -9.77 -11.95 14.99
N LEU A 673 -10.45 -13.09 15.06
CA LEU A 673 -10.35 -14.08 13.98
C LEU A 673 -10.85 -13.51 12.67
N ILE A 674 -12.00 -12.83 12.69
CA ILE A 674 -12.51 -12.18 11.48
C ILE A 674 -11.52 -11.14 10.97
N ALA A 675 -10.87 -10.42 11.89
CA ALA A 675 -9.88 -9.42 11.49
C ALA A 675 -8.62 -10.06 10.94
N LEU A 676 -8.26 -11.25 11.45
CA LEU A 676 -7.01 -11.87 11.05
C LEU A 676 -7.11 -12.51 9.66
N MET A 677 -8.19 -13.24 9.41
CA MET A 677 -8.33 -13.86 8.09
C MET A 677 -8.56 -12.84 6.98
N GLY A 678 -8.85 -11.58 7.32
CA GLY A 678 -8.77 -10.52 6.33
C GLY A 678 -7.34 -10.28 5.88
N GLU A 679 -6.39 -10.26 6.82
CA GLU A 679 -4.99 -10.17 6.47
C GLU A 679 -4.54 -11.38 5.67
N THR A 680 -5.06 -12.57 6.04
CA THR A 680 -4.71 -13.79 5.33
C THR A 680 -5.16 -13.73 3.88
N VAL A 681 -6.44 -13.42 3.64
CA VAL A 681 -6.94 -13.33 2.27
C VAL A 681 -6.34 -12.13 1.55
N GLU A 682 -5.75 -11.17 2.27
CA GLU A 682 -5.04 -10.09 1.61
C GLU A 682 -3.70 -10.58 1.06
N ASN A 683 -2.97 -11.39 1.85
CA ASN A 683 -1.68 -11.90 1.39
C ASN A 683 -1.87 -12.95 0.30
N VAL A 684 -2.81 -13.87 0.48
CA VAL A 684 -3.06 -14.92 -0.52
C VAL A 684 -3.92 -14.42 -1.67
N SER A 685 -4.30 -13.14 -1.69
CA SER A 685 -5.02 -12.60 -2.83
C SER A 685 -4.17 -12.66 -4.09
N LYS A 686 -2.90 -12.28 -4.00
CA LYS A 686 -1.99 -12.38 -5.13
C LYS A 686 -1.33 -13.73 -5.23
N GLU A 687 -1.20 -14.45 -4.11
CA GLU A 687 -0.61 -15.79 -4.12
C GLU A 687 -1.71 -16.85 -4.22
N SER A 688 -2.55 -16.69 -5.25
CA SER A 688 -3.60 -17.66 -5.56
C SER A 688 -3.68 -18.02 -7.03
N GLU A 689 -3.20 -17.19 -7.94
CA GLU A 689 -3.13 -17.53 -9.35
C GLU A 689 -2.00 -18.49 -9.67
N ARG A 690 -1.15 -18.77 -8.69
CA ARG A 690 -0.02 -19.67 -8.92
C ARG A 690 -0.25 -21.01 -8.26
N ILE A 691 -0.54 -21.00 -6.96
CA ILE A 691 -0.71 -22.26 -6.26
C ILE A 691 -1.82 -23.09 -6.89
N TRP A 692 -2.89 -22.44 -7.32
CA TRP A 692 -3.96 -23.16 -8.03
C TRP A 692 -3.44 -23.74 -9.34
N ARG A 693 -2.59 -23.00 -10.05
CA ARG A 693 -1.99 -23.53 -11.27
C ARG A 693 -1.00 -24.65 -10.98
N LEU A 694 -0.36 -24.61 -9.80
CA LEU A 694 0.48 -25.73 -9.40
C LEU A 694 -0.36 -26.99 -9.17
N GLN A 695 -1.51 -26.84 -8.52
CA GLN A 695 -2.42 -27.97 -8.33
C GLN A 695 -2.95 -28.46 -9.67
N ARG A 696 -3.25 -27.54 -10.59
CA ARG A 696 -3.73 -27.92 -11.91
C ARG A 696 -2.66 -28.67 -12.69
N ALA A 697 -1.41 -28.22 -12.60
CA ALA A 697 -0.32 -28.91 -13.27
C ALA A 697 -0.10 -30.31 -12.69
N ARG A 698 -0.24 -30.44 -11.36
CA ARG A 698 -0.13 -31.75 -10.73
C ARG A 698 -1.23 -32.69 -11.23
N THR A 699 -2.46 -32.17 -11.35
CA THR A 699 -3.56 -33.01 -11.85
C THR A 699 -3.35 -33.38 -13.31
N ILE A 700 -2.81 -32.45 -14.11
CA ILE A 700 -2.55 -32.76 -15.52
C ILE A 700 -1.51 -33.86 -15.65
N LEU A 701 -0.43 -33.77 -14.89
CA LEU A 701 0.63 -34.76 -14.97
C LEU A 701 0.16 -36.12 -14.43
N GLU A 702 -0.64 -36.09 -13.36
CA GLU A 702 -1.18 -37.34 -12.83
C GLU A 702 -2.14 -37.99 -13.82
N PHE A 703 -2.96 -37.19 -14.49
CA PHE A 703 -3.89 -37.74 -15.49
C PHE A 703 -3.13 -38.28 -16.69
N GLU A 704 -2.03 -37.64 -17.07
CA GLU A 704 -1.23 -38.15 -18.19
C GLU A 704 -0.53 -39.45 -17.80
N LYS A 705 -0.07 -39.56 -16.55
CA LYS A 705 0.50 -40.82 -16.09
C LYS A 705 -0.55 -41.91 -16.00
N MET A 706 -1.82 -41.55 -15.80
CA MET A 706 -2.89 -42.54 -15.77
C MET A 706 -3.14 -43.17 -17.13
N LEU A 707 -2.73 -42.51 -18.21
CA LEU A 707 -2.93 -43.05 -19.54
C LEU A 707 -2.05 -44.27 -19.76
N PRO A 708 -2.51 -45.25 -20.54
CA PRO A 708 -1.72 -46.46 -20.78
C PRO A 708 -0.55 -46.23 -21.74
N GLU A 709 0.12 -47.31 -22.15
CA GLU A 709 1.23 -47.16 -23.08
C GLU A 709 0.76 -46.66 -24.44
N TRP A 710 -0.45 -47.04 -24.85
CA TRP A 710 -1.08 -46.45 -26.02
C TRP A 710 -1.91 -45.25 -25.57
N LEU A 711 -2.50 -44.54 -26.56
CA LEU A 711 -3.40 -43.40 -26.36
C LEU A 711 -2.61 -42.19 -25.86
N ARG A 712 -1.33 -42.38 -25.56
CA ARG A 712 -0.45 -41.29 -25.18
C ARG A 712 0.22 -40.65 -26.39
N SER A 713 -0.11 -41.08 -27.60
CA SER A 713 0.45 -40.51 -28.82
C SER A 713 -0.26 -39.19 -29.17
N ARG A 714 -0.15 -38.24 -28.26
CA ARG A 714 -0.71 -36.90 -28.40
C ARG A 714 0.37 -35.86 -28.09
N PHE A 715 1.53 -36.02 -28.73
CA PHE A 715 2.68 -35.17 -28.48
C PHE A 715 2.39 -33.72 -28.86
N ARG A 716 3.31 -32.83 -28.48
CA ARG A 716 3.07 -31.39 -28.54
C ARG A 716 2.81 -30.87 -29.94
N MET A 717 3.83 -30.89 -30.80
CA MET A 717 3.72 -30.25 -32.11
C MET A 717 4.82 -30.75 -33.03
N GLY A 718 4.42 -31.33 -34.16
CA GLY A 718 5.32 -31.60 -35.28
C GLY A 718 6.56 -32.42 -35.01
N GLU A 719 7.47 -32.46 -35.97
CA GLU A 719 8.75 -33.12 -35.84
C GLU A 719 9.93 -32.24 -36.23
N LEU A 720 9.79 -31.43 -37.27
CA LEU A 720 10.89 -30.58 -37.74
C LEU A 720 11.15 -29.46 -36.74
N CYS A 721 12.39 -29.38 -36.25
CA CYS A 721 12.75 -28.39 -35.24
C CYS A 721 13.86 -27.46 -35.71
N LYS A 722 14.95 -27.99 -36.24
CA LYS A 722 16.11 -27.18 -36.62
C LYS A 722 16.68 -27.69 -37.93
N VAL A 723 17.84 -27.15 -38.31
CA VAL A 723 18.47 -27.49 -39.59
C VAL A 723 19.26 -28.78 -39.53
N ALA A 724 19.33 -29.44 -38.37
CA ALA A 724 20.08 -30.68 -38.24
C ALA A 724 19.51 -31.76 -39.16
N GLU A 725 20.39 -32.44 -39.87
CA GLU A 725 19.95 -33.40 -40.89
C GLU A 725 19.35 -34.67 -40.29
N ASP A 726 19.68 -35.00 -39.06
CA ASP A 726 19.18 -36.21 -38.43
C ASP A 726 18.70 -35.91 -37.02
N ASP A 727 17.68 -36.66 -36.58
CA ASP A 727 17.12 -36.57 -35.24
C ASP A 727 16.61 -35.15 -34.94
N PHE A 728 15.56 -34.78 -35.67
CA PHE A 728 14.93 -33.48 -35.49
C PHE A 728 14.24 -33.36 -34.12
N ARG A 729 13.94 -34.47 -33.47
CA ARG A 729 13.30 -34.54 -32.14
C ARG A 729 11.95 -33.84 -32.23
N LEU A 730 11.57 -33.05 -31.22
CA LEU A 730 10.27 -32.42 -31.15
C LEU A 730 10.42 -30.90 -31.28
N CYS A 731 9.28 -30.21 -31.26
CA CYS A 731 9.25 -28.75 -31.33
C CYS A 731 7.94 -28.26 -30.74
N LEU A 732 7.86 -26.95 -30.55
CA LEU A 732 6.69 -26.34 -29.93
C LEU A 732 6.57 -24.91 -30.45
N ARG A 733 5.61 -24.68 -31.35
CA ARG A 733 5.44 -23.37 -31.98
C ARG A 733 4.77 -22.41 -31.01
N ILE A 734 5.41 -21.28 -30.75
CA ILE A 734 4.87 -20.23 -29.89
C ILE A 734 5.01 -18.90 -30.64
N ASN A 735 3.91 -18.14 -30.71
CA ASN A 735 3.88 -16.85 -31.38
C ASN A 735 3.92 -15.74 -30.35
N GLU A 736 4.75 -14.72 -30.61
CA GLU A 736 4.93 -13.60 -29.70
C GLU A 736 4.77 -12.30 -30.46
N VAL A 737 4.17 -11.30 -29.82
CA VAL A 737 3.91 -10.00 -30.41
C VAL A 737 4.54 -8.93 -29.52
N LYS A 738 5.37 -8.07 -30.11
CA LYS A 738 6.01 -6.98 -29.39
C LYS A 738 6.35 -5.88 -30.38
N TRP A 739 6.03 -4.63 -30.01
CA TRP A 739 6.19 -3.48 -30.90
C TRP A 739 7.32 -2.55 -30.45
N THR A 740 8.38 -3.11 -29.85
CA THR A 740 9.45 -2.29 -29.30
C THR A 740 10.82 -2.57 -29.91
N GLU A 741 11.06 -3.76 -30.46
CA GLU A 741 12.38 -4.10 -30.98
C GLU A 741 12.69 -3.32 -32.25
N TRP A 742 11.90 -3.54 -33.30
CA TRP A 742 12.07 -2.89 -34.61
C TRP A 742 13.49 -3.12 -35.14
N LYS A 743 13.82 -4.40 -35.37
CA LYS A 743 15.11 -4.79 -35.88
C LYS A 743 14.93 -5.71 -37.08
N THR A 744 15.96 -5.76 -37.93
CA THR A 744 15.93 -6.65 -39.08
C THR A 744 16.10 -8.10 -38.62
N HIS A 745 15.26 -8.98 -39.16
CA HIS A 745 15.22 -10.38 -38.75
C HIS A 745 16.26 -11.16 -39.55
N VAL A 746 17.31 -11.62 -38.87
CA VAL A 746 18.34 -12.42 -39.51
C VAL A 746 18.34 -13.87 -39.04
N SER A 747 18.02 -14.12 -37.77
CA SER A 747 17.97 -15.48 -37.22
C SER A 747 16.71 -16.24 -37.64
N PHE A 748 15.95 -15.73 -38.60
CA PHE A 748 14.78 -16.43 -39.11
C PHE A 748 15.18 -17.73 -39.81
N LEU A 749 14.25 -18.68 -39.81
CA LEU A 749 14.48 -20.01 -40.36
C LEU A 749 13.73 -20.27 -41.66
N ASN A 750 12.48 -19.84 -41.76
CA ASN A 750 11.65 -20.09 -42.93
C ASN A 750 11.27 -18.77 -43.58
N GLU A 751 11.42 -18.70 -44.91
CA GLU A 751 11.15 -17.45 -45.63
C GLU A 751 9.66 -17.15 -45.66
N ASP A 752 8.81 -18.17 -45.74
CA ASP A 752 7.37 -17.96 -45.84
C ASP A 752 6.75 -17.99 -44.45
N PRO A 753 6.19 -16.86 -44.00
CA PRO A 753 5.58 -17.00 -42.67
C PRO A 753 4.31 -17.81 -42.68
N GLY A 754 3.80 -18.13 -41.52
CA GLY A 754 2.54 -18.83 -41.39
C GLY A 754 2.61 -20.25 -41.90
N PRO A 755 1.48 -20.96 -41.85
CA PRO A 755 1.38 -22.35 -42.33
C PRO A 755 1.58 -22.45 -43.85
N LEU B 119 19.76 -24.67 -63.11
CA LEU B 119 20.22 -23.29 -63.29
C LEU B 119 19.43 -22.34 -62.41
N LYS B 120 18.11 -22.56 -62.36
CA LYS B 120 17.25 -21.71 -61.52
C LYS B 120 17.57 -21.89 -60.04
N LYS B 121 17.77 -23.13 -59.60
CA LYS B 121 18.08 -23.38 -58.20
C LYS B 121 19.45 -22.82 -57.81
N ARG B 122 20.41 -22.86 -58.74
CA ARG B 122 21.73 -22.33 -58.45
C ARG B 122 21.70 -20.83 -58.22
N ILE B 123 20.90 -20.10 -59.02
CA ILE B 123 20.81 -18.66 -58.85
C ILE B 123 19.83 -18.27 -57.76
N PHE B 124 18.97 -19.19 -57.32
CA PHE B 124 18.03 -18.90 -56.24
C PHE B 124 18.61 -19.19 -54.86
N ALA B 125 19.50 -20.18 -54.76
CA ALA B 125 20.15 -20.50 -53.49
C ALA B 125 21.40 -19.67 -53.23
N ALA B 126 21.85 -18.90 -54.21
CA ALA B 126 23.06 -18.08 -54.04
C ALA B 126 22.76 -16.67 -53.56
N VAL B 127 21.55 -16.16 -53.82
CA VAL B 127 21.21 -14.81 -53.39
C VAL B 127 20.98 -14.73 -51.89
N SER B 128 20.68 -15.86 -51.23
CA SER B 128 20.48 -15.84 -49.79
C SER B 128 21.78 -15.61 -49.04
N GLU B 129 22.88 -16.20 -49.53
CA GLU B 129 24.17 -16.03 -48.87
C GLU B 129 24.83 -14.70 -49.21
N GLY B 130 24.39 -14.03 -50.26
CA GLY B 130 24.93 -12.73 -50.63
C GLY B 130 26.32 -12.81 -51.22
N CYS B 131 26.44 -13.44 -52.39
CA CYS B 131 27.70 -13.54 -53.10
C CYS B 131 27.76 -12.49 -54.20
N VAL B 132 28.81 -11.67 -54.17
CA VAL B 132 28.94 -10.58 -55.15
C VAL B 132 29.69 -11.01 -56.40
N GLU B 133 30.51 -12.06 -56.33
CA GLU B 133 31.29 -12.50 -57.48
C GLU B 133 30.69 -13.72 -58.17
N GLU B 134 29.98 -14.59 -57.45
CA GLU B 134 29.37 -15.75 -58.06
C GLU B 134 28.11 -15.38 -58.82
N LEU B 135 27.45 -14.28 -58.45
CA LEU B 135 26.20 -13.89 -59.11
C LEU B 135 26.46 -13.48 -60.56
N VAL B 136 27.53 -12.72 -60.81
CA VAL B 136 27.82 -12.28 -62.17
C VAL B 136 28.19 -13.47 -63.05
N GLU B 137 28.98 -14.40 -62.52
CA GLU B 137 29.35 -15.59 -63.29
C GLU B 137 28.13 -16.46 -63.57
N LEU B 138 27.21 -16.57 -62.60
CA LEU B 138 26.00 -17.34 -62.80
C LEU B 138 25.00 -16.61 -63.70
N LEU B 139 25.17 -15.30 -63.89
CA LEU B 139 24.24 -14.52 -64.68
C LEU B 139 24.64 -14.40 -66.14
N VAL B 140 25.94 -14.37 -66.44
CA VAL B 140 26.38 -14.20 -67.83
C VAL B 140 25.99 -15.43 -68.66
N GLU B 141 26.21 -16.63 -68.13
CA GLU B 141 25.81 -17.84 -68.85
C GLU B 141 24.30 -17.98 -68.90
N LEU B 142 23.59 -17.52 -67.88
CA LEU B 142 22.13 -17.55 -67.90
C LEU B 142 21.59 -16.64 -68.98
N GLN B 143 22.19 -15.46 -69.16
CA GLN B 143 21.76 -14.55 -70.21
C GLN B 143 22.12 -15.08 -71.59
N GLU B 144 23.30 -15.70 -71.71
CA GLU B 144 23.73 -16.25 -72.99
C GLU B 144 23.06 -17.57 -73.34
N LEU B 145 22.34 -18.18 -72.39
CA LEU B 145 21.62 -19.42 -72.68
C LEU B 145 20.51 -19.20 -73.71
N CYS B 146 19.77 -18.10 -73.58
CA CYS B 146 18.70 -17.80 -74.51
C CYS B 146 19.16 -16.86 -75.62
N MET B 159 10.93 -13.17 -69.86
CA MET B 159 11.45 -14.33 -70.56
C MET B 159 11.23 -15.60 -69.76
N HIS B 160 10.70 -15.44 -68.55
CA HIS B 160 10.38 -16.54 -67.63
C HIS B 160 11.64 -17.36 -67.33
N LYS B 161 12.61 -16.69 -66.70
CA LYS B 161 13.84 -17.33 -66.27
C LYS B 161 14.05 -17.24 -64.76
N LEU B 162 13.98 -16.04 -64.19
CA LEU B 162 14.17 -15.85 -62.76
C LEU B 162 12.83 -15.66 -62.05
N THR B 163 12.02 -16.72 -62.07
CA THR B 163 10.71 -16.67 -61.45
C THR B 163 10.32 -18.07 -60.99
N ALA B 164 10.02 -18.21 -59.71
CA ALA B 164 9.56 -19.49 -59.18
C ALA B 164 8.18 -19.82 -59.73
N SER B 165 7.95 -21.11 -60.00
CA SER B 165 6.72 -21.56 -60.63
C SER B 165 5.65 -21.98 -59.63
N ASP B 166 5.95 -21.95 -58.32
CA ASP B 166 4.99 -22.35 -57.30
C ASP B 166 4.31 -21.15 -56.65
N THR B 167 5.10 -20.25 -56.08
CA THR B 167 4.56 -19.06 -55.41
C THR B 167 4.90 -17.76 -56.14
N GLY B 168 5.55 -17.84 -57.29
CA GLY B 168 5.90 -16.63 -58.02
C GLY B 168 6.97 -15.80 -57.36
N LYS B 169 7.80 -16.40 -56.51
CA LYS B 169 8.86 -15.69 -55.80
C LYS B 169 9.97 -15.34 -56.79
N THR B 170 10.00 -14.08 -57.21
CA THR B 170 11.02 -13.63 -58.15
C THR B 170 12.37 -13.52 -57.44
N CYS B 171 13.44 -13.70 -58.22
CA CYS B 171 14.80 -13.70 -57.66
C CYS B 171 15.16 -12.35 -57.05
N LEU B 172 14.54 -11.26 -57.51
CA LEU B 172 14.83 -9.96 -56.94
C LEU B 172 14.35 -9.86 -55.50
N MET B 173 13.10 -10.22 -55.24
CA MET B 173 12.57 -10.22 -53.89
C MET B 173 12.97 -11.46 -53.10
N LYS B 174 13.51 -12.49 -53.76
CA LYS B 174 14.02 -13.66 -53.05
C LYS B 174 15.15 -13.30 -52.10
N ALA B 175 16.03 -12.39 -52.52
CA ALA B 175 17.17 -11.99 -51.72
C ALA B 175 16.81 -11.00 -50.61
N LEU B 176 15.59 -10.46 -50.62
CA LEU B 176 15.23 -9.45 -49.62
C LEU B 176 14.96 -10.06 -48.25
N LEU B 177 14.39 -11.27 -48.19
CA LEU B 177 14.11 -11.87 -46.89
C LEU B 177 15.39 -12.31 -46.20
N ASN B 178 16.36 -12.80 -46.95
CA ASN B 178 17.66 -13.19 -46.40
C ASN B 178 18.57 -11.98 -46.45
N ILE B 179 18.65 -11.26 -45.33
CA ILE B 179 19.42 -10.02 -45.26
C ILE B 179 20.87 -10.35 -44.96
N ASN B 180 21.76 -9.91 -45.83
CA ASN B 180 23.20 -10.07 -45.69
C ASN B 180 23.86 -8.72 -46.01
N PRO B 181 25.10 -8.51 -45.56
CA PRO B 181 25.77 -7.24 -45.85
C PRO B 181 25.98 -6.98 -47.33
N ASN B 182 25.89 -8.00 -48.19
CA ASN B 182 26.05 -7.84 -49.63
C ASN B 182 24.71 -7.83 -50.37
N THR B 183 23.60 -7.64 -49.66
CA THR B 183 22.29 -7.64 -50.30
C THR B 183 22.13 -6.46 -51.25
N LYS B 184 22.62 -5.30 -50.85
CA LYS B 184 22.48 -4.10 -51.69
C LYS B 184 23.21 -4.25 -53.01
N GLU B 185 24.40 -4.85 -52.97
CA GLU B 185 25.20 -5.00 -54.20
C GLU B 185 24.51 -5.93 -55.18
N ILE B 186 24.07 -7.11 -54.71
CA ILE B 186 23.44 -8.07 -55.62
C ILE B 186 22.08 -7.56 -56.09
N VAL B 187 21.40 -6.74 -55.28
CA VAL B 187 20.17 -6.10 -55.74
C VAL B 187 20.47 -5.13 -56.87
N ARG B 188 21.56 -4.36 -56.74
CA ARG B 188 21.93 -3.42 -57.79
C ARG B 188 22.33 -4.15 -59.08
N ILE B 189 23.04 -5.28 -58.96
CA ILE B 189 23.39 -6.05 -60.15
C ILE B 189 22.15 -6.62 -60.81
N LEU B 190 21.18 -7.10 -60.01
CA LEU B 190 19.94 -7.63 -60.58
C LEU B 190 19.17 -6.54 -61.32
N LEU B 191 19.09 -5.34 -60.72
CA LEU B 191 18.38 -4.24 -61.37
C LEU B 191 19.12 -3.78 -62.63
N ALA B 192 20.45 -3.74 -62.60
CA ALA B 192 21.21 -3.36 -63.78
C ALA B 192 21.05 -4.38 -64.90
N PHE B 193 21.04 -5.66 -64.56
CA PHE B 193 20.82 -6.69 -65.57
C PHE B 193 19.41 -6.59 -66.16
N ALA B 194 18.42 -6.25 -65.31
CA ALA B 194 17.07 -6.05 -65.83
C ALA B 194 16.98 -4.81 -66.71
N GLU B 195 17.80 -3.79 -66.43
CA GLU B 195 17.80 -2.60 -67.28
C GLU B 195 18.53 -2.83 -68.59
N GLU B 196 19.49 -3.75 -68.62
CA GLU B 196 20.30 -3.97 -69.82
C GLU B 196 19.67 -4.93 -70.82
N ASN B 197 18.60 -5.65 -70.44
CA ASN B 197 17.92 -6.54 -71.37
C ASN B 197 16.49 -6.13 -71.65
N ASP B 198 16.13 -4.88 -71.31
CA ASP B 198 14.86 -4.26 -71.69
C ASP B 198 13.66 -5.01 -71.13
N ILE B 199 13.74 -5.43 -69.88
CA ILE B 199 12.60 -5.97 -69.14
C ILE B 199 12.75 -5.57 -67.68
N LEU B 200 11.90 -4.65 -67.22
CA LEU B 200 11.95 -4.18 -65.84
C LEU B 200 10.56 -4.14 -65.22
N GLY B 201 9.53 -4.01 -66.06
CA GLY B 201 8.16 -3.92 -65.56
C GLY B 201 7.71 -5.18 -64.87
N ARG B 202 7.96 -6.34 -65.51
CA ARG B 202 7.59 -7.62 -64.92
C ARG B 202 8.55 -8.08 -63.83
N PHE B 203 9.71 -7.43 -63.71
CA PHE B 203 10.70 -7.87 -62.73
C PHE B 203 10.44 -7.25 -61.37
N ILE B 204 10.27 -5.93 -61.31
CA ILE B 204 10.10 -5.25 -60.03
C ILE B 204 8.63 -5.17 -59.59
N ASN B 205 7.70 -5.20 -60.54
CA ASN B 205 6.27 -5.26 -60.21
C ASN B 205 5.75 -6.69 -60.34
N ALA B 206 6.38 -7.59 -59.58
CA ALA B 206 6.03 -9.01 -59.58
C ALA B 206 5.38 -9.36 -58.25
N GLU B 207 4.14 -9.85 -58.32
CA GLU B 207 3.39 -10.22 -57.13
C GLU B 207 3.68 -11.67 -56.77
N TYR B 208 2.92 -12.21 -55.82
CA TYR B 208 3.05 -13.61 -55.43
C TYR B 208 2.03 -14.44 -56.20
N THR B 209 1.91 -15.71 -55.86
CA THR B 209 0.92 -16.61 -56.47
C THR B 209 0.16 -17.46 -55.47
N GLU B 210 0.67 -17.64 -54.25
CA GLU B 210 0.03 -18.49 -53.26
C GLU B 210 -1.30 -17.89 -52.80
N GLU B 211 -2.10 -18.72 -52.13
CA GLU B 211 -3.36 -18.25 -51.57
C GLU B 211 -3.13 -17.34 -50.37
N ALA B 212 -2.14 -17.68 -49.53
CA ALA B 212 -1.88 -16.89 -48.34
C ALA B 212 -1.26 -15.54 -48.67
N TYR B 213 -0.56 -15.46 -49.80
CA TYR B 213 0.03 -14.20 -50.24
C TYR B 213 -0.46 -13.89 -51.64
N GLU B 214 -1.35 -12.91 -51.75
CA GLU B 214 -1.91 -12.56 -53.05
C GLU B 214 -1.36 -11.27 -53.63
N GLY B 215 -0.66 -10.46 -52.84
CA GLY B 215 -0.15 -9.20 -53.34
C GLY B 215 1.19 -8.78 -52.77
N GLN B 216 1.87 -9.70 -52.08
CA GLN B 216 3.18 -9.39 -51.51
C GLN B 216 4.20 -9.18 -52.62
N THR B 217 4.95 -8.09 -52.54
CA THR B 217 5.92 -7.74 -53.57
C THR B 217 7.31 -7.51 -52.99
N ALA B 218 8.24 -7.05 -53.83
CA ALA B 218 9.58 -6.73 -53.35
C ALA B 218 9.57 -5.52 -52.43
N LEU B 219 8.75 -4.52 -52.74
CA LEU B 219 8.70 -3.30 -51.94
C LEU B 219 8.18 -3.58 -50.54
N ASN B 220 7.18 -4.47 -50.42
CA ASN B 220 6.61 -4.79 -49.12
C ASN B 220 7.65 -5.40 -48.19
N ILE B 221 8.34 -6.44 -48.66
CA ILE B 221 9.33 -7.10 -47.81
C ILE B 221 10.56 -6.23 -47.60
N ALA B 222 10.88 -5.36 -48.55
CA ALA B 222 12.02 -4.47 -48.37
C ALA B 222 11.73 -3.40 -47.33
N ILE B 223 10.50 -2.88 -47.29
CA ILE B 223 10.14 -1.90 -46.28
C ILE B 223 10.12 -2.53 -44.90
N GLU B 224 9.64 -3.77 -44.80
CA GLU B 224 9.58 -4.44 -43.50
C GLU B 224 10.97 -4.74 -42.95
N ARG B 225 11.93 -5.05 -43.82
CA ARG B 225 13.29 -5.36 -43.40
C ARG B 225 14.09 -4.13 -42.99
N ARG B 226 13.43 -2.96 -42.92
CA ARG B 226 14.04 -1.72 -42.44
C ARG B 226 15.19 -1.30 -43.35
N GLN B 227 15.06 -1.60 -44.65
CA GLN B 227 16.05 -1.28 -45.66
C GLN B 227 15.53 -0.06 -46.42
N GLY B 228 15.72 1.12 -45.84
CA GLY B 228 15.26 2.34 -46.49
C GLY B 228 15.97 2.63 -47.79
N ASP B 229 17.28 2.31 -47.85
CA ASP B 229 18.04 2.51 -49.08
C ASP B 229 17.58 1.54 -50.17
N ILE B 230 17.33 0.28 -49.81
CA ILE B 230 16.85 -0.69 -50.80
C ILE B 230 15.45 -0.33 -51.26
N ALA B 231 14.59 0.10 -50.34
CA ALA B 231 13.24 0.52 -50.73
C ALA B 231 13.28 1.74 -51.62
N ALA B 232 14.20 2.68 -51.34
CA ALA B 232 14.34 3.84 -52.21
C ALA B 232 14.84 3.45 -53.60
N LEU B 233 15.76 2.48 -53.66
CA LEU B 233 16.25 2.00 -54.95
C LEU B 233 15.14 1.33 -55.74
N LEU B 234 14.29 0.55 -55.08
CA LEU B 234 13.19 -0.11 -55.78
C LEU B 234 12.15 0.91 -56.24
N ILE B 235 11.83 1.89 -55.39
CA ILE B 235 10.83 2.90 -55.75
C ILE B 235 11.32 3.76 -56.91
N ALA B 236 12.59 4.16 -56.87
CA ALA B 236 13.15 4.96 -57.96
C ALA B 236 13.25 4.18 -59.26
N ALA B 237 13.23 2.86 -59.19
CA ALA B 237 13.27 2.02 -60.39
C ALA B 237 11.90 1.70 -60.95
N GLY B 238 10.82 2.10 -60.26
CA GLY B 238 9.48 1.88 -60.77
C GLY B 238 8.70 0.80 -60.04
N ALA B 239 8.84 0.74 -58.71
CA ALA B 239 8.11 -0.23 -57.93
C ALA B 239 6.63 0.16 -57.83
N ASP B 240 5.79 -0.83 -57.58
CA ASP B 240 4.34 -0.62 -57.46
C ASP B 240 4.06 -0.09 -56.06
N VAL B 241 3.87 1.22 -55.95
CA VAL B 241 3.56 1.83 -54.65
C VAL B 241 2.16 1.47 -54.21
N ASN B 242 1.19 1.49 -55.12
CA ASN B 242 -0.20 1.21 -54.81
C ASN B 242 -0.53 -0.28 -54.87
N ALA B 243 0.47 -1.15 -54.77
CA ALA B 243 0.22 -2.57 -54.72
C ALA B 243 -0.45 -2.95 -53.41
N HIS B 244 -1.43 -3.85 -53.48
CA HIS B 244 -2.19 -4.28 -52.32
C HIS B 244 -1.83 -5.71 -51.97
N ALA B 245 -1.32 -5.92 -50.75
CA ALA B 245 -1.01 -7.26 -50.26
C ALA B 245 -2.28 -7.84 -49.62
N LYS B 246 -3.17 -8.31 -50.49
CA LYS B 246 -4.49 -8.79 -50.10
C LYS B 246 -4.49 -10.26 -49.71
N GLY B 247 -3.34 -10.81 -49.31
CA GLY B 247 -3.28 -12.21 -48.96
C GLY B 247 -4.01 -12.52 -47.66
N ALA B 248 -4.26 -13.82 -47.44
CA ALA B 248 -4.97 -14.25 -46.25
C ALA B 248 -4.12 -14.10 -44.99
N PHE B 249 -2.81 -14.26 -45.11
CA PHE B 249 -1.92 -14.04 -43.97
C PHE B 249 -1.94 -12.57 -43.56
N PHE B 250 -2.11 -11.68 -44.54
CA PHE B 250 -2.09 -10.25 -44.30
C PHE B 250 -3.39 -9.73 -43.67
N ASN B 251 -4.47 -10.49 -43.74
CA ASN B 251 -5.76 -10.10 -43.18
C ASN B 251 -6.22 -11.20 -42.23
N PRO B 252 -5.69 -11.22 -41.01
CA PRO B 252 -5.98 -12.32 -40.10
C PRO B 252 -7.35 -12.20 -39.45
N LYS B 253 -7.78 -13.32 -38.87
CA LYS B 253 -9.07 -13.41 -38.20
C LYS B 253 -8.96 -13.69 -36.71
N TYR B 254 -7.86 -14.30 -36.25
CA TYR B 254 -7.66 -14.61 -34.85
C TYR B 254 -6.57 -13.77 -34.20
N GLN B 255 -5.88 -12.93 -34.98
CA GLN B 255 -4.79 -12.07 -34.51
C GLN B 255 -3.67 -12.88 -33.84
N HIS B 256 -3.44 -14.10 -34.32
CA HIS B 256 -2.39 -14.95 -33.77
C HIS B 256 -1.54 -15.53 -34.90
N GLU B 257 -2.13 -15.68 -36.09
CA GLU B 257 -1.45 -16.26 -37.23
C GLU B 257 -1.14 -15.24 -38.32
N GLY B 258 -1.40 -13.96 -38.07
CA GLY B 258 -1.18 -12.95 -39.08
C GLY B 258 -0.89 -11.59 -38.46
N PHE B 259 -0.56 -10.64 -39.33
CA PHE B 259 -0.27 -9.27 -38.93
C PHE B 259 -0.94 -8.33 -39.91
N TYR B 260 -1.94 -7.60 -39.45
CA TYR B 260 -2.67 -6.64 -40.29
C TYR B 260 -2.04 -5.26 -40.15
N PHE B 261 -1.65 -4.67 -41.29
CA PHE B 261 -1.05 -3.35 -41.30
C PHE B 261 -1.73 -2.37 -42.23
N GLY B 262 -2.65 -2.81 -43.09
CA GLY B 262 -3.32 -1.92 -44.01
C GLY B 262 -3.25 -2.38 -45.45
N GLU B 263 -2.51 -3.46 -45.68
CA GLU B 263 -2.34 -4.07 -47.01
C GLU B 263 -1.81 -3.05 -48.02
N THR B 264 -0.87 -2.21 -47.58
CA THR B 264 -0.27 -1.19 -48.41
C THR B 264 1.16 -0.97 -47.93
N PRO B 265 2.13 -0.82 -48.85
CA PRO B 265 3.50 -0.51 -48.40
C PRO B 265 3.58 0.77 -47.59
N LEU B 266 2.81 1.79 -47.95
CA LEU B 266 2.77 3.02 -47.16
C LEU B 266 2.17 2.75 -45.78
N ALA B 267 1.11 1.95 -45.72
CA ALA B 267 0.51 1.61 -44.42
C ALA B 267 1.45 0.74 -43.59
N LEU B 268 2.19 -0.15 -44.25
CA LEU B 268 3.16 -0.97 -43.53
C LEU B 268 4.28 -0.11 -42.96
N ALA B 269 4.77 0.85 -43.74
CA ALA B 269 5.82 1.75 -43.25
C ALA B 269 5.31 2.61 -42.10
N ALA B 270 4.04 3.01 -42.15
CA ALA B 270 3.47 3.80 -41.06
C ALA B 270 3.30 2.97 -39.80
N CYS B 271 2.90 1.70 -39.95
CA CYS B 271 2.61 0.86 -38.79
C CYS B 271 3.86 0.28 -38.14
N THR B 272 4.99 0.23 -38.85
CA THR B 272 6.21 -0.37 -38.34
C THR B 272 7.20 0.67 -37.82
N ASN B 273 6.75 1.90 -37.59
CA ASN B 273 7.59 2.99 -37.07
C ASN B 273 8.80 3.24 -37.97
N GLN B 274 8.52 3.56 -39.23
CA GLN B 274 9.53 3.87 -40.24
C GLN B 274 9.18 5.22 -40.86
N PRO B 275 9.41 6.31 -40.14
CA PRO B 275 8.96 7.63 -40.65
C PRO B 275 9.63 8.05 -41.94
N GLU B 276 10.91 7.71 -42.11
CA GLU B 276 11.63 8.13 -43.32
C GLU B 276 11.05 7.47 -44.57
N ILE B 277 10.61 6.21 -44.45
CA ILE B 277 10.00 5.54 -45.58
C ILE B 277 8.65 6.15 -45.90
N VAL B 278 7.89 6.55 -44.87
CA VAL B 278 6.60 7.17 -45.10
C VAL B 278 6.77 8.49 -45.86
N GLN B 279 7.65 9.36 -45.36
CA GLN B 279 7.87 10.64 -46.04
C GLN B 279 8.44 10.44 -47.44
N LEU B 280 9.25 9.41 -47.65
CA LEU B 280 9.74 9.11 -48.99
C LEU B 280 8.61 8.61 -49.89
N LEU B 281 7.54 8.07 -49.32
CA LEU B 281 6.45 7.51 -50.11
C LEU B 281 5.34 8.51 -50.42
N MET B 282 5.11 9.51 -49.54
CA MET B 282 3.99 10.42 -49.77
C MET B 282 4.23 11.32 -50.97
N GLU B 283 5.40 11.96 -51.05
CA GLU B 283 5.71 12.81 -52.20
C GLU B 283 6.19 11.92 -53.35
N HIS B 284 5.24 11.48 -54.17
CA HIS B 284 5.54 10.67 -55.34
C HIS B 284 4.43 10.89 -56.36
N GLU B 285 4.73 10.53 -57.62
CA GLU B 285 3.84 10.86 -58.72
C GLU B 285 2.65 9.91 -58.86
N GLN B 286 2.65 8.78 -58.15
CA GLN B 286 1.55 7.83 -58.29
C GLN B 286 1.09 7.24 -56.96
N THR B 287 1.61 7.69 -55.82
CA THR B 287 1.16 7.18 -54.53
C THR B 287 -0.25 7.67 -54.24
N ASP B 288 -1.13 6.74 -53.88
CA ASP B 288 -2.53 7.04 -53.54
C ASP B 288 -2.69 6.91 -52.04
N ILE B 289 -2.74 8.05 -51.35
CA ILE B 289 -2.90 8.05 -49.90
C ILE B 289 -4.29 7.57 -49.51
N THR B 290 -5.29 7.89 -50.33
CA THR B 290 -6.68 7.53 -50.04
C THR B 290 -7.05 6.14 -50.55
N SER B 291 -6.06 5.25 -50.72
CA SER B 291 -6.35 3.89 -51.15
C SER B 291 -7.08 3.12 -50.06
N ARG B 292 -8.03 2.29 -50.47
CA ARG B 292 -8.80 1.46 -49.56
C ARG B 292 -8.55 -0.01 -49.88
N ASP B 293 -8.23 -0.78 -48.86
CA ASP B 293 -7.92 -2.20 -49.03
C ASP B 293 -9.22 -3.01 -49.06
N SER B 294 -9.09 -4.34 -48.96
CA SER B 294 -10.26 -5.21 -49.08
C SER B 294 -11.23 -5.02 -47.92
N ARG B 295 -10.76 -4.55 -46.77
CA ARG B 295 -11.61 -4.28 -45.63
C ARG B 295 -12.25 -2.90 -45.68
N GLY B 296 -11.97 -2.12 -46.72
CA GLY B 296 -12.42 -0.75 -46.80
C GLY B 296 -11.59 0.23 -46.01
N ASN B 297 -10.62 -0.25 -45.23
CA ASN B 297 -9.80 0.60 -44.40
C ASN B 297 -8.83 1.42 -45.25
N ASN B 298 -8.40 2.55 -44.69
CA ASN B 298 -7.35 3.37 -45.27
C ASN B 298 -6.17 3.43 -44.29
N ILE B 299 -5.21 4.30 -44.57
CA ILE B 299 -4.01 4.38 -43.74
C ILE B 299 -4.36 4.86 -42.34
N LEU B 300 -5.32 5.78 -42.22
CA LEU B 300 -5.74 6.23 -40.90
C LEU B 300 -6.52 5.15 -40.16
N HIS B 301 -7.35 4.40 -40.89
CA HIS B 301 -8.03 3.25 -40.28
C HIS B 301 -7.02 2.21 -39.80
N ALA B 302 -6.02 1.92 -40.62
CA ALA B 302 -5.01 0.93 -40.25
C ALA B 302 -4.20 1.40 -39.03
N LEU B 303 -3.84 2.68 -39.01
CA LEU B 303 -3.13 3.22 -37.85
C LEU B 303 -3.98 3.17 -36.60
N VAL B 304 -5.30 3.33 -36.74
CA VAL B 304 -6.19 3.20 -35.59
C VAL B 304 -6.24 1.76 -35.10
N THR B 305 -6.32 0.80 -36.03
CA THR B 305 -6.42 -0.61 -35.64
C THR B 305 -5.15 -1.10 -34.97
N VAL B 306 -3.98 -0.72 -35.49
CA VAL B 306 -2.71 -1.17 -34.93
C VAL B 306 -2.29 -0.37 -33.70
N ALA B 307 -3.06 0.66 -33.33
CA ALA B 307 -2.71 1.47 -32.16
C ALA B 307 -2.93 0.68 -30.88
N GLU B 308 -2.18 1.07 -29.84
CA GLU B 308 -2.26 0.42 -28.55
C GLU B 308 -1.84 1.41 -27.47
N ASP B 309 -1.86 0.95 -26.22
CA ASP B 309 -1.52 1.80 -25.09
C ASP B 309 -0.01 2.05 -25.05
N PHE B 310 0.39 2.93 -24.12
CA PHE B 310 1.80 3.29 -23.99
C PHE B 310 2.64 2.15 -23.42
N LYS B 311 2.02 1.20 -22.71
CA LYS B 311 2.78 0.11 -22.11
C LYS B 311 3.30 -0.86 -23.18
N THR B 312 2.43 -1.29 -24.09
CA THR B 312 2.83 -2.27 -25.08
C THR B 312 3.70 -1.64 -26.17
N GLN B 313 3.35 -0.46 -26.64
CA GLN B 313 4.06 0.21 -27.70
C GLN B 313 4.16 1.70 -27.41
N ASN B 314 5.00 2.39 -28.18
CA ASN B 314 5.21 3.81 -27.99
C ASN B 314 4.08 4.61 -28.65
N ASP B 315 4.25 5.93 -28.68
CA ASP B 315 3.26 6.86 -29.22
C ASP B 315 3.48 7.17 -30.69
N PHE B 316 4.30 6.37 -31.38
CA PHE B 316 4.65 6.64 -32.77
C PHE B 316 3.44 6.60 -33.69
N VAL B 317 2.41 5.83 -33.35
CA VAL B 317 1.21 5.76 -34.20
C VAL B 317 0.50 7.10 -34.22
N LYS B 318 0.36 7.74 -33.05
CA LYS B 318 -0.25 9.08 -33.01
C LYS B 318 0.60 10.09 -33.78
N ARG B 319 1.93 10.00 -33.65
CA ARG B 319 2.80 10.87 -34.43
C ARG B 319 2.68 10.59 -35.92
N MET B 320 2.60 9.31 -36.28
CA MET B 320 2.42 8.95 -37.69
C MET B 320 1.06 9.41 -38.21
N TYR B 321 0.02 9.27 -37.38
CA TYR B 321 -1.30 9.76 -37.75
C TYR B 321 -1.27 11.26 -38.01
N ASP B 322 -0.62 12.01 -37.12
CA ASP B 322 -0.54 13.45 -37.28
C ASP B 322 0.27 13.83 -38.52
N MET B 323 1.40 13.16 -38.74
CA MET B 323 2.25 13.49 -39.88
C MET B 323 1.55 13.19 -41.21
N ILE B 324 0.90 12.04 -41.31
CA ILE B 324 0.24 11.66 -42.55
C ILE B 324 -0.97 12.55 -42.82
N LEU B 325 -1.74 12.86 -41.77
CA LEU B 325 -2.91 13.73 -41.94
C LEU B 325 -2.49 15.14 -42.35
N LEU B 326 -1.41 15.66 -41.76
CA LEU B 326 -0.94 17.00 -42.12
C LEU B 326 -0.37 17.02 -43.53
N ARG B 327 0.36 15.96 -43.92
CA ARG B 327 0.93 15.92 -45.27
C ARG B 327 -0.16 15.80 -46.32
N SER B 328 -1.20 15.03 -46.04
CA SER B 328 -2.31 14.93 -46.98
C SER B 328 -3.05 16.26 -47.11
N GLY B 329 -3.31 16.93 -46.00
CA GLY B 329 -3.92 18.25 -46.02
C GLY B 329 -5.33 18.28 -46.55
N ASN B 330 -6.16 17.33 -46.15
CA ASN B 330 -7.54 17.27 -46.62
C ASN B 330 -8.38 16.50 -45.62
N TRP B 331 -9.70 16.69 -45.70
CA TRP B 331 -10.64 16.04 -44.81
C TRP B 331 -11.21 14.74 -45.38
N GLU B 332 -10.80 14.35 -46.59
CA GLU B 332 -11.33 13.12 -47.18
C GLU B 332 -10.77 11.87 -46.51
N LEU B 333 -9.64 11.99 -45.80
CA LEU B 333 -9.08 10.83 -45.13
C LEU B 333 -9.87 10.46 -43.89
N GLU B 334 -10.33 11.45 -43.14
CA GLU B 334 -11.07 11.20 -41.91
C GLU B 334 -12.57 11.12 -42.11
N THR B 335 -13.07 11.41 -43.30
CA THR B 335 -14.49 11.30 -43.60
C THR B 335 -14.81 10.10 -44.48
N THR B 336 -13.85 9.21 -44.70
CA THR B 336 -14.05 8.02 -45.52
C THR B 336 -14.46 6.86 -44.64
N ARG B 337 -15.60 6.26 -44.95
CA ARG B 337 -16.10 5.11 -44.20
C ARG B 337 -15.59 3.81 -44.81
N ASN B 338 -15.17 2.90 -43.94
CA ASN B 338 -14.70 1.59 -44.37
C ASN B 338 -15.90 0.68 -44.66
N ASN B 339 -15.66 -0.62 -44.78
CA ASN B 339 -16.76 -1.56 -44.97
C ASN B 339 -17.39 -1.93 -43.64
N ASP B 340 -17.67 -0.92 -42.80
CA ASP B 340 -18.39 -1.12 -41.56
C ASP B 340 -19.24 0.10 -41.18
N GLY B 341 -19.29 1.12 -42.03
CA GLY B 341 -19.97 2.36 -41.68
C GLY B 341 -19.28 3.12 -40.56
N LEU B 342 -17.95 3.18 -40.58
CA LEU B 342 -17.18 3.79 -39.51
C LEU B 342 -16.10 4.69 -40.09
N THR B 343 -15.97 5.89 -39.54
CA THR B 343 -14.85 6.77 -39.81
C THR B 343 -13.67 6.38 -38.91
N PRO B 344 -12.45 6.83 -39.23
CA PRO B 344 -11.32 6.54 -38.32
C PRO B 344 -11.53 7.07 -36.92
N LEU B 345 -12.25 8.19 -36.77
CA LEU B 345 -12.62 8.66 -35.44
C LEU B 345 -13.59 7.71 -34.78
N GLN B 346 -14.61 7.26 -35.51
CA GLN B 346 -15.56 6.29 -34.97
C GLN B 346 -14.90 4.94 -34.76
N LEU B 347 -13.97 4.56 -35.64
CA LEU B 347 -13.22 3.32 -35.44
C LEU B 347 -12.35 3.37 -34.20
N ALA B 348 -11.76 4.54 -33.93
CA ALA B 348 -10.96 4.70 -32.71
C ALA B 348 -11.86 4.64 -31.47
N ALA B 349 -13.09 5.15 -31.58
CA ALA B 349 -14.02 5.05 -30.46
C ALA B 349 -14.48 3.63 -30.24
N LYS B 350 -14.70 2.87 -31.32
CA LYS B 350 -15.21 1.52 -31.19
C LYS B 350 -14.14 0.55 -30.71
N MET B 351 -12.92 0.66 -31.27
CA MET B 351 -11.85 -0.28 -30.94
C MET B 351 -11.26 -0.06 -29.56
N GLY B 352 -11.62 1.02 -28.87
CA GLY B 352 -11.11 1.29 -27.55
C GLY B 352 -9.82 2.07 -27.49
N LYS B 353 -9.35 2.61 -28.62
CA LYS B 353 -8.11 3.37 -28.64
C LYS B 353 -8.33 4.74 -27.99
N ALA B 354 -8.01 4.84 -26.69
CA ALA B 354 -8.27 6.09 -25.98
C ALA B 354 -7.25 7.17 -26.33
N GLU B 355 -6.00 6.78 -26.60
CA GLU B 355 -4.98 7.77 -26.91
C GLU B 355 -5.23 8.44 -28.26
N ILE B 356 -5.57 7.65 -29.28
CA ILE B 356 -5.84 8.22 -30.60
C ILE B 356 -7.11 9.07 -30.57
N LEU B 357 -8.12 8.62 -29.84
CA LEU B 357 -9.34 9.41 -29.70
C LEU B 357 -9.07 10.71 -28.96
N LYS B 358 -8.22 10.66 -27.94
CA LYS B 358 -7.85 11.88 -27.21
C LYS B 358 -7.11 12.86 -28.11
N TYR B 359 -6.27 12.34 -29.01
CA TYR B 359 -5.55 13.22 -29.94
C TYR B 359 -6.52 13.85 -30.95
N ILE B 360 -7.42 13.05 -31.52
CA ILE B 360 -8.30 13.54 -32.58
C ILE B 360 -9.34 14.52 -32.01
N LEU B 361 -9.90 14.20 -30.85
CA LEU B 361 -10.95 15.06 -30.28
C LEU B 361 -10.41 16.43 -29.90
N SER B 362 -9.18 16.49 -29.39
CA SER B 362 -8.55 17.73 -28.97
C SER B 362 -7.40 18.13 -29.90
N ARG B 363 -7.60 17.93 -31.20
CA ARG B 363 -6.56 18.22 -32.18
C ARG B 363 -6.58 19.72 -32.50
N GLU B 364 -5.52 20.42 -32.13
CA GLU B 364 -5.36 21.84 -32.42
C GLU B 364 -4.11 22.03 -33.27
N ILE B 365 -4.25 22.75 -34.38
CA ILE B 365 -3.17 23.00 -35.31
C ILE B 365 -2.86 24.49 -35.29
N LYS B 366 -1.59 24.82 -35.00
CA LYS B 366 -1.22 26.22 -34.82
C LYS B 366 -1.13 26.97 -36.15
N GLU B 367 -0.59 26.31 -37.18
CA GLU B 367 -0.37 26.99 -38.45
C GLU B 367 -1.69 27.31 -39.14
N LYS B 368 -1.70 28.42 -39.87
CA LYS B 368 -2.90 28.92 -40.54
C LYS B 368 -3.08 28.35 -41.95
N ARG B 369 -2.08 27.65 -42.48
CA ARG B 369 -2.21 27.11 -43.84
C ARG B 369 -3.26 26.00 -43.90
N LEU B 370 -3.34 25.18 -42.86
CA LEU B 370 -4.40 24.18 -42.73
C LEU B 370 -4.87 24.19 -41.28
N ARG B 371 -5.90 24.99 -41.00
CA ARG B 371 -6.51 25.03 -39.69
C ARG B 371 -7.92 24.45 -39.67
N SER B 372 -8.52 24.20 -40.83
CA SER B 372 -9.81 23.53 -40.87
C SER B 372 -9.71 22.06 -40.47
N LEU B 373 -8.50 21.48 -40.51
CA LEU B 373 -8.30 20.12 -40.05
C LEU B 373 -8.33 19.99 -38.53
N SER B 374 -8.34 21.10 -37.80
CA SER B 374 -8.40 21.06 -36.35
C SER B 374 -9.81 20.76 -35.88
N ARG B 375 -9.90 20.16 -34.69
CA ARG B 375 -11.18 19.91 -34.05
C ARG B 375 -11.40 20.75 -32.81
N LYS B 376 -10.33 21.30 -32.23
CA LYS B 376 -10.42 22.20 -31.09
C LYS B 376 -9.84 23.56 -31.48
N PHE B 377 -10.58 24.62 -31.18
CA PHE B 377 -10.17 25.98 -31.50
C PHE B 377 -10.22 26.82 -30.24
N THR B 378 -9.12 27.52 -29.93
CA THR B 378 -9.05 28.40 -28.78
C THR B 378 -9.67 29.73 -29.16
N ASP B 379 -10.88 29.99 -28.65
CA ASP B 379 -11.56 31.25 -28.94
C ASP B 379 -10.77 32.43 -28.37
N TRP B 380 -10.38 32.35 -27.10
CA TRP B 380 -9.56 33.37 -26.48
C TRP B 380 -8.80 32.75 -25.32
N ALA B 381 -7.74 33.43 -24.89
CA ALA B 381 -6.95 32.98 -23.74
C ALA B 381 -6.41 34.23 -23.05
N TYR B 382 -7.00 34.58 -21.91
CA TYR B 382 -6.61 35.75 -21.13
C TYR B 382 -5.93 35.27 -19.85
N GLY B 383 -4.63 35.47 -19.75
CA GLY B 383 -3.86 34.97 -18.65
C GLY B 383 -3.94 33.46 -18.56
N PRO B 384 -4.00 32.93 -17.33
CA PRO B 384 -4.17 31.49 -17.18
C PRO B 384 -5.62 31.05 -17.27
N VAL B 385 -6.37 31.64 -18.20
CA VAL B 385 -7.76 31.29 -18.45
C VAL B 385 -7.98 31.29 -19.96
N SER B 386 -8.36 30.14 -20.51
CA SER B 386 -8.53 29.98 -21.95
C SER B 386 -9.85 29.29 -22.24
N SER B 387 -10.57 29.81 -23.24
CA SER B 387 -11.84 29.24 -23.68
C SER B 387 -11.63 28.59 -25.04
N SER B 388 -11.87 27.28 -25.12
CA SER B 388 -11.66 26.51 -26.33
C SER B 388 -12.99 25.99 -26.86
N LEU B 389 -13.12 25.97 -28.19
CA LEU B 389 -14.30 25.46 -28.85
C LEU B 389 -14.00 24.09 -29.43
N TYR B 390 -14.81 23.10 -29.06
CA TYR B 390 -14.63 21.72 -29.51
C TYR B 390 -15.66 21.39 -30.58
N ASP B 391 -15.19 20.83 -31.70
CA ASP B 391 -16.09 20.45 -32.77
C ASP B 391 -16.92 19.24 -32.36
N LEU B 392 -18.18 19.22 -32.77
CA LEU B 392 -19.13 18.18 -32.41
C LEU B 392 -19.88 17.69 -33.65
N THR B 393 -19.12 17.39 -34.71
CA THR B 393 -19.74 16.91 -35.95
C THR B 393 -20.29 15.50 -35.77
N ASN B 394 -19.43 14.54 -35.48
CA ASN B 394 -19.83 13.15 -35.26
C ASN B 394 -19.67 12.72 -33.81
N VAL B 395 -19.54 13.68 -32.89
CA VAL B 395 -19.36 13.38 -31.47
C VAL B 395 -20.68 13.40 -30.72
N ASP B 396 -21.46 14.47 -30.89
CA ASP B 396 -22.77 14.56 -30.24
C ASP B 396 -23.73 13.56 -30.86
N THR B 397 -24.61 13.02 -30.01
CA THR B 397 -25.56 11.99 -30.43
C THR B 397 -26.68 12.64 -31.24
N THR B 398 -26.32 13.05 -32.46
CA THR B 398 -27.28 13.64 -33.39
C THR B 398 -27.00 13.24 -34.83
N THR B 399 -26.08 12.30 -35.07
CA THR B 399 -25.68 11.88 -36.41
C THR B 399 -25.65 10.36 -36.50
N ASP B 400 -26.73 9.72 -36.02
CA ASP B 400 -26.88 8.27 -35.99
C ASP B 400 -25.78 7.63 -35.15
N ASN B 401 -24.77 7.06 -35.81
CA ASN B 401 -23.64 6.47 -35.11
C ASN B 401 -22.65 7.56 -34.75
N SER B 402 -22.65 7.98 -33.49
CA SER B 402 -21.80 9.05 -33.00
C SER B 402 -20.74 8.49 -32.06
N VAL B 403 -19.75 9.33 -31.77
CA VAL B 403 -18.64 8.90 -30.91
C VAL B 403 -19.14 8.68 -29.48
N LEU B 404 -20.05 9.54 -29.00
CA LEU B 404 -20.57 9.39 -27.64
C LEU B 404 -21.38 8.10 -27.50
N GLU B 405 -22.27 7.85 -28.46
CA GLU B 405 -23.09 6.63 -28.42
C GLU B 405 -22.24 5.38 -28.56
N ILE B 406 -21.24 5.42 -29.44
CA ILE B 406 -20.35 4.27 -29.62
C ILE B 406 -19.54 4.02 -28.35
N THR B 407 -19.04 5.09 -27.74
CA THR B 407 -18.23 4.94 -26.53
C THR B 407 -19.05 4.39 -25.37
N VAL B 408 -20.31 4.82 -25.25
CA VAL B 408 -21.11 4.43 -24.09
C VAL B 408 -21.75 3.07 -24.30
N TYR B 409 -22.43 2.88 -25.44
CA TYR B 409 -23.31 1.72 -25.61
C TYR B 409 -22.54 0.43 -25.88
N ASN B 410 -21.41 0.49 -26.56
CA ASN B 410 -20.67 -0.73 -26.86
C ASN B 410 -20.08 -1.32 -25.57
N THR B 411 -19.80 -2.62 -25.61
CA THR B 411 -19.39 -3.34 -24.42
C THR B 411 -18.12 -4.17 -24.55
N ASN B 412 -17.64 -4.42 -25.77
CA ASN B 412 -16.49 -5.30 -25.96
C ASN B 412 -15.16 -4.53 -25.86
N ILE B 413 -14.99 -3.75 -24.79
CA ILE B 413 -13.74 -3.08 -24.48
C ILE B 413 -13.55 -3.06 -22.97
N ASP B 414 -12.30 -2.90 -22.56
CA ASP B 414 -11.96 -2.81 -21.15
C ASP B 414 -11.64 -1.38 -20.70
N ASN B 415 -11.20 -0.51 -21.61
CA ASN B 415 -10.88 0.88 -21.29
C ASN B 415 -12.05 1.82 -21.55
N ARG B 416 -13.28 1.34 -21.36
CA ARG B 416 -14.46 2.17 -21.58
C ARG B 416 -14.53 3.33 -20.61
N HIS B 417 -14.03 3.14 -19.38
CA HIS B 417 -14.14 4.19 -18.36
C HIS B 417 -13.25 5.38 -18.69
N GLU B 418 -12.03 5.14 -19.17
CA GLU B 418 -11.10 6.22 -19.44
C GLU B 418 -11.42 6.96 -20.73
N MET B 419 -12.20 6.37 -21.63
CA MET B 419 -12.56 7.04 -22.87
C MET B 419 -13.62 8.11 -22.68
N LEU B 420 -14.45 7.99 -21.64
CA LEU B 420 -15.48 8.98 -21.36
C LEU B 420 -14.95 10.17 -20.59
N THR B 421 -13.70 10.16 -20.18
CA THR B 421 -13.10 11.27 -19.44
C THR B 421 -12.49 12.33 -20.34
N LEU B 422 -12.64 12.20 -21.66
CA LEU B 422 -12.08 13.18 -22.59
C LEU B 422 -12.86 14.49 -22.49
N GLU B 423 -12.30 15.53 -23.12
CA GLU B 423 -12.84 16.88 -22.96
C GLU B 423 -14.25 17.04 -23.50
N PRO B 424 -14.59 16.65 -24.76
CA PRO B 424 -15.94 16.94 -25.25
C PRO B 424 -17.00 16.00 -24.68
N LEU B 425 -16.64 14.72 -24.51
CA LEU B 425 -17.63 13.72 -24.10
C LEU B 425 -18.10 13.94 -22.67
N HIS B 426 -17.16 14.18 -21.77
CA HIS B 426 -17.52 14.43 -20.39
C HIS B 426 -18.44 15.63 -20.31
N THR B 427 -18.00 16.76 -20.87
CA THR B 427 -18.79 17.98 -20.79
C THR B 427 -20.18 17.78 -21.40
N LEU B 428 -20.25 17.08 -22.54
CA LEU B 428 -21.54 16.84 -23.19
C LEU B 428 -22.47 16.03 -22.28
N LEU B 429 -21.92 15.00 -21.63
CA LEU B 429 -22.72 14.20 -20.70
C LEU B 429 -23.19 15.04 -19.52
N HIS B 430 -22.32 15.91 -19.03
CA HIS B 430 -22.69 16.76 -17.92
C HIS B 430 -23.87 17.65 -18.29
N MET B 431 -23.73 18.37 -19.41
CA MET B 431 -24.79 19.29 -19.81
C MET B 431 -26.08 18.57 -20.13
N LYS B 432 -25.99 17.38 -20.74
CA LYS B 432 -27.21 16.61 -21.00
C LYS B 432 -27.90 16.21 -19.70
N TRP B 433 -27.12 15.78 -18.70
CA TRP B 433 -27.70 15.41 -17.41
C TRP B 433 -28.31 16.63 -16.72
N LYS B 434 -27.63 17.77 -16.79
CA LYS B 434 -28.14 18.97 -16.14
C LYS B 434 -29.25 19.66 -16.93
N LYS B 435 -29.53 19.22 -18.16
CA LYS B 435 -30.58 19.82 -18.97
C LYS B 435 -31.88 19.03 -18.92
N PHE B 436 -31.83 17.74 -19.30
CA PHE B 436 -33.09 17.00 -19.44
C PHE B 436 -33.05 15.64 -18.75
N ALA B 437 -31.87 15.07 -18.55
CA ALA B 437 -31.80 13.73 -17.99
C ALA B 437 -32.11 13.71 -16.50
N LYS B 438 -31.82 14.80 -15.79
CA LYS B 438 -32.12 14.86 -14.36
C LYS B 438 -33.63 14.83 -14.11
N HIS B 439 -34.38 15.65 -14.84
CA HIS B 439 -35.83 15.69 -14.67
C HIS B 439 -36.46 14.38 -15.13
N MET B 440 -35.95 13.79 -16.20
CA MET B 440 -36.48 12.52 -16.69
C MET B 440 -36.25 11.40 -15.68
N PHE B 441 -35.04 11.35 -15.10
CA PHE B 441 -34.76 10.32 -14.10
C PHE B 441 -35.59 10.52 -12.84
N PHE B 442 -35.78 11.77 -12.42
CA PHE B 442 -36.61 12.04 -11.24
C PHE B 442 -38.07 11.68 -11.50
N LEU B 443 -38.57 11.95 -12.71
CA LEU B 443 -39.94 11.59 -13.05
C LEU B 443 -40.11 10.07 -13.09
N SER B 444 -39.14 9.35 -13.65
CA SER B 444 -39.21 7.90 -13.67
C SER B 444 -39.18 7.32 -12.27
N PHE B 445 -38.32 7.89 -11.40
CA PHE B 445 -38.26 7.44 -10.01
C PHE B 445 -39.59 7.68 -9.30
N CYS B 446 -40.17 8.87 -9.47
CA CYS B 446 -41.43 9.19 -8.81
C CYS B 446 -42.56 8.30 -9.31
N PHE B 447 -42.63 8.06 -10.62
CA PHE B 447 -43.70 7.24 -11.17
C PHE B 447 -43.57 5.79 -10.73
N TYR B 448 -42.35 5.25 -10.71
CA TYR B 448 -42.18 3.87 -10.27
C TYR B 448 -42.42 3.74 -8.76
N PHE B 449 -42.04 4.75 -7.99
CA PHE B 449 -42.28 4.73 -6.55
C PHE B 449 -43.77 4.77 -6.25
N PHE B 450 -44.52 5.63 -6.96
CA PHE B 450 -45.96 5.69 -6.75
C PHE B 450 -46.65 4.42 -7.24
N TYR B 451 -46.16 3.86 -8.35
CA TYR B 451 -46.72 2.61 -8.87
C TYR B 451 -46.50 1.46 -7.88
N ASN B 452 -45.31 1.37 -7.30
CA ASN B 452 -45.04 0.34 -6.31
C ASN B 452 -45.86 0.56 -5.04
N ILE B 453 -46.02 1.83 -4.64
CA ILE B 453 -46.79 2.14 -3.42
C ILE B 453 -48.25 1.74 -3.60
N THR B 454 -48.84 2.10 -4.74
CA THR B 454 -50.25 1.80 -4.94
C THR B 454 -50.48 0.31 -5.22
N LEU B 455 -49.50 -0.37 -5.84
CA LEU B 455 -49.60 -1.81 -5.98
C LEU B 455 -49.55 -2.51 -4.62
N THR B 456 -48.65 -2.07 -3.74
CA THR B 456 -48.58 -2.61 -2.40
C THR B 456 -49.87 -2.34 -1.63
N LEU B 457 -50.44 -1.14 -1.78
CA LEU B 457 -51.64 -0.79 -1.04
C LEU B 457 -52.85 -1.60 -1.52
N VAL B 458 -53.01 -1.78 -2.82
CA VAL B 458 -54.15 -2.54 -3.31
C VAL B 458 -53.97 -4.05 -3.14
N SER B 459 -52.74 -4.51 -2.91
CA SER B 459 -52.53 -5.94 -2.69
C SER B 459 -52.59 -6.31 -1.22
N TYR B 460 -52.10 -5.43 -0.33
CA TYR B 460 -52.15 -5.72 1.10
C TYR B 460 -53.55 -5.49 1.66
N TYR B 461 -54.30 -4.53 1.12
CA TYR B 461 -55.66 -4.23 1.56
C TYR B 461 -56.69 -4.90 0.68
N ARG B 462 -56.42 -6.12 0.23
CA ARG B 462 -57.37 -6.89 -0.54
C ARG B 462 -58.60 -7.24 0.30
N PRO B 463 -59.74 -7.48 -0.34
CA PRO B 463 -60.94 -7.88 0.44
C PRO B 463 -60.74 -9.13 1.27
N ARG B 464 -59.97 -10.10 0.77
CA ARG B 464 -59.59 -11.30 1.51
C ARG B 464 -60.80 -12.08 2.04
N GLY B 480 -65.58 0.00 -4.31
CA GLY B 480 -64.50 0.96 -4.27
C GLY B 480 -64.32 1.72 -5.57
N TRP B 481 -65.24 2.67 -5.82
CA TRP B 481 -65.15 3.47 -7.04
C TRP B 481 -63.96 4.42 -6.99
N LEU B 482 -63.71 5.04 -5.83
CA LEU B 482 -62.59 5.97 -5.72
C LEU B 482 -61.26 5.23 -5.67
N GLN B 483 -61.26 3.98 -5.22
CA GLN B 483 -60.04 3.18 -5.14
C GLN B 483 -59.78 2.34 -6.38
N LEU B 484 -60.67 2.41 -7.39
CA LEU B 484 -60.44 1.67 -8.61
C LEU B 484 -59.34 2.30 -9.46
N LEU B 485 -59.10 3.60 -9.28
CA LEU B 485 -58.06 4.28 -10.04
C LEU B 485 -56.68 3.72 -9.72
N GLY B 486 -56.46 3.29 -8.48
CA GLY B 486 -55.16 2.75 -8.11
C GLY B 486 -54.84 1.47 -8.85
N ARG B 487 -55.79 0.52 -8.89
CA ARG B 487 -55.55 -0.74 -9.57
C ARG B 487 -55.54 -0.57 -11.08
N MET B 488 -56.35 0.34 -11.61
CA MET B 488 -56.29 0.63 -13.04
C MET B 488 -54.94 1.23 -13.43
N PHE B 489 -54.40 2.12 -12.59
CA PHE B 489 -53.08 2.67 -12.83
C PHE B 489 -52.00 1.59 -12.71
N VAL B 490 -52.20 0.64 -11.79
CA VAL B 490 -51.26 -0.48 -11.67
C VAL B 490 -51.23 -1.27 -12.98
N LEU B 491 -52.41 -1.59 -13.52
CA LEU B 491 -52.49 -2.35 -14.76
C LEU B 491 -51.88 -1.58 -15.93
N ILE B 492 -52.20 -0.28 -16.03
CA ILE B 492 -51.72 0.51 -17.16
C ILE B 492 -50.20 0.66 -17.10
N TRP B 493 -49.66 0.96 -15.92
CA TRP B 493 -48.22 1.15 -15.80
C TRP B 493 -47.46 -0.16 -15.91
N ALA B 494 -48.05 -1.26 -15.47
CA ALA B 494 -47.42 -2.57 -15.67
C ALA B 494 -47.36 -2.92 -17.16
N MET B 495 -48.42 -2.63 -17.90
CA MET B 495 -48.40 -2.85 -19.35
C MET B 495 -47.37 -1.96 -20.03
N CYS B 496 -47.25 -0.71 -19.58
CA CYS B 496 -46.27 0.20 -20.16
C CYS B 496 -44.85 -0.28 -19.91
N ILE B 497 -44.55 -0.74 -18.69
CA ILE B 497 -43.22 -1.27 -18.40
C ILE B 497 -42.98 -2.54 -19.20
N SER B 498 -44.01 -3.38 -19.34
CA SER B 498 -43.85 -4.64 -20.06
C SER B 498 -43.50 -4.40 -21.53
N VAL B 499 -44.21 -3.48 -22.19
CA VAL B 499 -43.92 -3.22 -23.59
C VAL B 499 -42.60 -2.48 -23.76
N LYS B 500 -42.25 -1.60 -22.80
CA LYS B 500 -40.98 -0.89 -22.89
C LYS B 500 -39.80 -1.84 -22.74
N GLU B 501 -39.87 -2.75 -21.76
CA GLU B 501 -38.81 -3.74 -21.60
C GLU B 501 -38.81 -4.75 -22.75
N GLY B 502 -39.98 -5.04 -23.31
CA GLY B 502 -40.03 -5.96 -24.44
C GLY B 502 -39.33 -5.41 -25.67
N ILE B 503 -39.57 -4.13 -25.99
CA ILE B 503 -38.90 -3.53 -27.12
C ILE B 503 -37.44 -3.19 -26.80
N ALA B 504 -37.09 -3.09 -25.53
CA ALA B 504 -35.69 -2.89 -25.15
C ALA B 504 -34.91 -4.20 -25.04
N ILE B 505 -35.60 -5.34 -25.05
CA ILE B 505 -34.95 -6.64 -24.99
C ILE B 505 -34.87 -7.21 -26.40
N PHE B 506 -35.87 -6.87 -27.23
CA PHE B 506 -35.92 -7.40 -28.60
C PHE B 506 -34.70 -6.93 -29.41
N LEU B 507 -34.32 -5.67 -29.28
CA LEU B 507 -33.14 -5.15 -29.96
C LEU B 507 -31.87 -5.26 -29.12
N LEU B 508 -31.95 -5.87 -27.94
CA LEU B 508 -30.77 -6.00 -27.08
C LEU B 508 -29.78 -6.98 -27.70
N ARG B 509 -28.51 -6.57 -27.75
CA ARG B 509 -27.47 -7.41 -28.31
C ARG B 509 -27.14 -8.56 -27.36
N PRO B 510 -26.56 -9.64 -27.88
CA PRO B 510 -26.01 -10.68 -26.99
C PRO B 510 -24.59 -10.42 -26.50
N SER B 511 -24.01 -9.26 -26.81
CA SER B 511 -22.68 -8.92 -26.35
C SER B 511 -22.70 -8.25 -24.97
N ASP B 512 -23.68 -7.37 -24.73
CA ASP B 512 -23.83 -6.79 -23.40
C ASP B 512 -24.41 -7.77 -22.39
N LEU B 513 -24.97 -8.89 -22.85
CA LEU B 513 -25.38 -9.97 -21.95
C LEU B 513 -24.20 -10.74 -21.39
N GLN B 514 -22.98 -10.48 -21.89
CA GLN B 514 -21.78 -11.13 -21.39
C GLN B 514 -21.33 -10.46 -20.10
N SER B 515 -20.11 -10.75 -19.67
CA SER B 515 -19.58 -10.39 -18.34
C SER B 515 -20.52 -11.04 -17.32
N ILE B 516 -20.90 -10.34 -16.26
CA ILE B 516 -21.85 -10.87 -15.27
C ILE B 516 -22.93 -9.81 -15.05
N LEU B 517 -23.95 -9.82 -15.91
CA LEU B 517 -25.21 -9.10 -15.77
C LEU B 517 -25.07 -7.68 -15.22
N SER B 518 -24.04 -6.95 -15.66
CA SER B 518 -23.73 -5.63 -15.12
C SER B 518 -24.38 -4.50 -15.91
N ASP B 519 -25.08 -4.82 -17.01
CA ASP B 519 -25.71 -3.79 -17.81
C ASP B 519 -27.07 -4.17 -18.38
N ALA B 520 -27.60 -5.35 -18.02
CA ALA B 520 -28.92 -5.75 -18.51
C ALA B 520 -29.76 -6.48 -17.49
N TRP B 521 -29.28 -6.66 -16.25
CA TRP B 521 -30.03 -7.40 -15.24
C TRP B 521 -31.31 -6.66 -14.85
N PHE B 522 -31.24 -5.33 -14.74
CA PHE B 522 -32.41 -4.57 -14.34
C PHE B 522 -33.50 -4.58 -15.41
N HIS B 523 -33.11 -4.71 -16.69
CA HIS B 523 -34.11 -4.88 -17.74
C HIS B 523 -34.91 -6.16 -17.54
N PHE B 524 -34.23 -7.25 -17.21
CA PHE B 524 -34.94 -8.52 -17.02
C PHE B 524 -35.83 -8.48 -15.79
N VAL B 525 -35.37 -7.89 -14.69
CA VAL B 525 -36.19 -7.90 -13.48
C VAL B 525 -37.38 -6.94 -13.62
N PHE B 526 -37.22 -5.83 -14.34
CA PHE B 526 -38.36 -4.96 -14.59
C PHE B 526 -39.39 -5.64 -15.48
N PHE B 527 -38.92 -6.36 -16.51
CA PHE B 527 -39.85 -7.11 -17.36
C PHE B 527 -40.54 -8.21 -16.58
N ILE B 528 -39.81 -8.90 -15.70
CA ILE B 528 -40.39 -9.98 -14.92
C ILE B 528 -41.44 -9.44 -13.95
N GLN B 529 -41.16 -8.30 -13.31
CA GLN B 529 -42.15 -7.69 -12.42
C GLN B 529 -43.39 -7.26 -13.18
N ALA B 530 -43.21 -6.72 -14.39
CA ALA B 530 -44.35 -6.28 -15.19
C ALA B 530 -45.22 -7.45 -15.60
N VAL B 531 -44.61 -8.52 -16.10
CA VAL B 531 -45.39 -9.68 -16.51
C VAL B 531 -45.96 -10.43 -15.31
N LEU B 532 -45.34 -10.28 -14.13
CA LEU B 532 -45.92 -10.86 -12.92
C LEU B 532 -47.21 -10.15 -12.53
N VAL B 533 -47.22 -8.82 -12.62
CA VAL B 533 -48.45 -8.08 -12.36
C VAL B 533 -49.50 -8.41 -13.41
N ILE B 534 -49.09 -8.53 -14.67
CA ILE B 534 -50.01 -8.86 -15.75
C ILE B 534 -50.64 -10.23 -15.52
N LEU B 535 -49.80 -11.22 -15.18
CA LEU B 535 -50.31 -12.56 -14.92
C LEU B 535 -51.17 -12.60 -13.66
N SER B 536 -50.86 -11.76 -12.67
CA SER B 536 -51.64 -11.72 -11.45
C SER B 536 -53.06 -11.25 -11.73
N VAL B 537 -53.21 -10.17 -12.49
CA VAL B 537 -54.55 -9.71 -12.82
C VAL B 537 -55.20 -10.64 -13.83
N PHE B 538 -54.40 -11.34 -14.64
CA PHE B 538 -54.95 -12.31 -15.60
C PHE B 538 -55.61 -13.47 -14.87
N LEU B 539 -54.98 -13.98 -13.81
CA LEU B 539 -55.57 -15.04 -13.02
C LEU B 539 -56.61 -14.52 -12.03
N TYR B 540 -56.56 -13.22 -11.69
CA TYR B 540 -57.58 -12.65 -10.82
C TYR B 540 -58.90 -12.45 -11.55
N LEU B 541 -58.85 -12.22 -12.87
CA LEU B 541 -60.08 -12.03 -13.63
C LEU B 541 -60.92 -13.30 -13.64
N PHE B 542 -60.29 -14.45 -13.73
CA PHE B 542 -60.99 -15.73 -13.70
C PHE B 542 -60.90 -16.31 -12.29
N ALA B 543 -61.42 -17.53 -12.12
CA ALA B 543 -61.44 -18.20 -10.82
C ALA B 543 -60.20 -19.08 -10.66
N TYR B 544 -59.06 -18.41 -10.51
CA TYR B 544 -57.77 -19.06 -10.30
C TYR B 544 -57.27 -18.71 -8.90
N LYS B 545 -57.07 -19.73 -8.07
CA LYS B 545 -56.60 -19.50 -6.71
C LYS B 545 -55.11 -19.18 -6.64
N GLU B 546 -54.34 -19.52 -7.67
CA GLU B 546 -52.90 -19.26 -7.68
C GLU B 546 -52.58 -17.91 -8.30
N TYR B 547 -53.25 -16.86 -7.83
CA TYR B 547 -53.02 -15.50 -8.31
C TYR B 547 -52.31 -14.62 -7.29
N LEU B 548 -52.44 -14.92 -5.99
CA LEU B 548 -51.78 -14.10 -4.97
C LEU B 548 -50.28 -14.34 -4.93
N ALA B 549 -49.81 -15.50 -5.39
CA ALA B 549 -48.38 -15.77 -5.40
C ALA B 549 -47.65 -14.84 -6.35
N CYS B 550 -48.20 -14.66 -7.56
CA CYS B 550 -47.59 -13.75 -8.52
C CYS B 550 -47.65 -12.30 -8.03
N LEU B 551 -48.76 -11.92 -7.38
CA LEU B 551 -48.90 -10.56 -6.88
C LEU B 551 -47.92 -10.28 -5.76
N VAL B 552 -47.76 -11.22 -4.82
CA VAL B 552 -46.84 -11.03 -3.71
C VAL B 552 -45.40 -11.00 -4.22
N LEU B 553 -45.08 -11.89 -5.17
CA LEU B 553 -43.75 -11.88 -5.80
C LEU B 553 -43.51 -10.56 -6.52
N ALA B 554 -44.57 -10.00 -7.14
CA ALA B 554 -44.44 -8.71 -7.80
C ALA B 554 -44.16 -7.60 -6.80
N MET B 555 -44.81 -7.64 -5.63
CA MET B 555 -44.54 -6.64 -4.60
C MET B 555 -43.09 -6.71 -4.13
N ALA B 556 -42.62 -7.93 -3.83
CA ALA B 556 -41.26 -8.09 -3.33
C ALA B 556 -40.23 -7.69 -4.39
N LEU B 557 -40.44 -8.10 -5.64
CA LEU B 557 -39.51 -7.73 -6.69
C LEU B 557 -39.56 -6.24 -6.99
N GLY B 558 -40.76 -5.65 -6.96
CA GLY B 558 -40.89 -4.23 -7.23
C GLY B 558 -40.20 -3.38 -6.18
N TRP B 559 -40.33 -3.76 -4.91
CA TRP B 559 -39.61 -3.03 -3.86
C TRP B 559 -38.12 -3.35 -3.89
N ALA B 560 -37.73 -4.50 -4.44
CA ALA B 560 -36.32 -4.77 -4.67
C ALA B 560 -35.78 -4.02 -5.87
N ASN B 561 -36.60 -3.83 -6.90
CA ASN B 561 -36.18 -3.12 -8.11
C ASN B 561 -36.04 -1.62 -7.89
N MET B 562 -36.55 -1.08 -6.78
CA MET B 562 -36.45 0.36 -6.54
C MET B 562 -35.03 0.79 -6.23
N LEU B 563 -34.12 -0.15 -5.92
CA LEU B 563 -32.73 0.19 -5.69
C LEU B 563 -31.99 0.54 -6.98
N TYR B 564 -32.61 0.33 -8.13
CA TYR B 564 -32.00 0.76 -9.39
C TYR B 564 -31.84 2.27 -9.45
N TYR B 565 -32.81 3.00 -8.91
CA TYR B 565 -32.83 4.46 -9.00
C TYR B 565 -31.83 5.12 -8.06
N THR B 566 -31.10 4.34 -7.25
CA THR B 566 -30.07 4.90 -6.38
C THR B 566 -28.87 5.43 -7.16
N ARG B 567 -28.77 5.12 -8.45
CA ARG B 567 -27.69 5.62 -9.28
C ARG B 567 -27.79 7.10 -9.59
N GLY B 568 -28.94 7.73 -9.30
CA GLY B 568 -29.06 9.16 -9.51
C GLY B 568 -28.15 9.97 -8.60
N PHE B 569 -28.05 9.55 -7.34
CA PHE B 569 -27.11 10.15 -6.41
C PHE B 569 -25.77 9.42 -6.49
N GLN B 570 -24.70 10.12 -6.12
CA GLN B 570 -23.36 9.57 -6.26
C GLN B 570 -23.12 8.42 -5.27
N SER B 571 -23.23 8.72 -3.97
CA SER B 571 -22.87 7.75 -2.94
C SER B 571 -23.74 6.50 -3.00
N MET B 572 -25.04 6.67 -3.19
CA MET B 572 -25.92 5.52 -3.36
C MET B 572 -25.61 4.76 -4.63
N GLY B 573 -25.10 5.45 -5.66
CA GLY B 573 -24.67 4.76 -6.86
C GLY B 573 -23.48 3.85 -6.60
N MET B 574 -22.49 4.35 -5.85
CA MET B 574 -21.36 3.50 -5.46
C MET B 574 -21.84 2.31 -4.64
N TYR B 575 -22.79 2.55 -3.72
CA TYR B 575 -23.32 1.47 -2.90
C TYR B 575 -24.00 0.41 -3.77
N SER B 576 -24.73 0.83 -4.80
CA SER B 576 -25.44 -0.11 -5.65
C SER B 576 -24.49 -0.95 -6.48
N VAL B 577 -23.50 -0.32 -7.12
CA VAL B 577 -22.57 -1.10 -7.95
C VAL B 577 -21.69 -2.01 -7.09
N MET B 578 -21.41 -1.61 -5.84
CA MET B 578 -20.66 -2.50 -4.95
C MET B 578 -21.52 -3.65 -4.46
N ILE B 579 -22.83 -3.42 -4.29
CA ILE B 579 -23.76 -4.53 -4.08
C ILE B 579 -23.66 -5.51 -5.24
N GLN B 580 -23.60 -4.99 -6.47
CA GLN B 580 -23.55 -5.83 -7.65
C GLN B 580 -22.31 -6.71 -7.66
N LYS B 581 -21.13 -6.10 -7.52
CA LYS B 581 -19.89 -6.86 -7.54
C LYS B 581 -19.82 -7.86 -6.38
N VAL B 582 -20.25 -7.46 -5.19
CA VAL B 582 -20.17 -8.35 -4.04
C VAL B 582 -21.07 -9.56 -4.24
N ILE B 583 -22.33 -9.32 -4.60
CA ILE B 583 -23.32 -10.40 -4.68
C ILE B 583 -23.02 -11.36 -5.82
N LEU B 584 -22.22 -10.96 -6.79
CA LEU B 584 -21.83 -11.90 -7.84
C LEU B 584 -20.45 -12.51 -7.63
N HIS B 585 -19.54 -11.82 -6.95
CA HIS B 585 -18.19 -12.33 -6.80
C HIS B 585 -18.11 -13.39 -5.71
N ASP B 586 -18.39 -13.01 -4.46
CA ASP B 586 -18.12 -13.91 -3.34
C ASP B 586 -19.35 -14.34 -2.56
N VAL B 587 -20.52 -13.71 -2.78
CA VAL B 587 -21.74 -14.23 -2.17
C VAL B 587 -22.15 -15.53 -2.84
N LEU B 588 -21.97 -15.62 -4.16
CA LEU B 588 -22.34 -16.84 -4.88
C LEU B 588 -21.44 -18.02 -4.52
N LYS B 589 -20.13 -17.77 -4.40
CA LYS B 589 -19.21 -18.84 -4.00
C LYS B 589 -19.53 -19.33 -2.59
N PHE B 590 -19.78 -18.40 -1.66
CA PHE B 590 -20.12 -18.80 -0.31
C PHE B 590 -21.43 -19.57 -0.28
N LEU B 591 -22.43 -19.14 -1.07
CA LEU B 591 -23.70 -19.85 -1.12
C LEU B 591 -23.51 -21.26 -1.68
N PHE B 592 -22.66 -21.41 -2.70
CA PHE B 592 -22.44 -22.72 -3.30
C PHE B 592 -21.78 -23.66 -2.31
N VAL B 593 -20.72 -23.22 -1.64
CA VAL B 593 -20.02 -24.06 -0.68
C VAL B 593 -20.91 -24.35 0.53
N TYR B 594 -21.65 -23.33 1.00
CA TYR B 594 -22.51 -23.53 2.16
C TYR B 594 -23.64 -24.51 1.86
N ILE B 595 -24.22 -24.43 0.65
CA ILE B 595 -25.30 -25.35 0.30
C ILE B 595 -24.77 -26.78 0.19
N VAL B 596 -23.56 -26.94 -0.33
CA VAL B 596 -22.95 -28.27 -0.40
C VAL B 596 -22.78 -28.84 1.01
N PHE B 597 -22.21 -28.04 1.93
CA PHE B 597 -22.04 -28.50 3.30
C PHE B 597 -23.37 -28.71 4.01
N LEU B 598 -24.34 -27.82 3.77
CA LEU B 598 -25.63 -27.91 4.44
C LEU B 598 -26.39 -29.17 4.02
N LEU B 599 -26.43 -29.46 2.72
CA LEU B 599 -27.16 -30.63 2.25
C LEU B 599 -26.43 -31.91 2.64
N GLY B 600 -25.09 -31.91 2.57
CA GLY B 600 -24.35 -33.10 2.96
C GLY B 600 -24.52 -33.42 4.44
N PHE B 601 -24.38 -32.41 5.30
CA PHE B 601 -24.55 -32.64 6.73
C PHE B 601 -26.00 -32.89 7.10
N GLY B 602 -26.95 -32.29 6.37
CA GLY B 602 -28.34 -32.55 6.64
C GLY B 602 -28.75 -33.97 6.31
N VAL B 603 -28.24 -34.51 5.21
CA VAL B 603 -28.54 -35.90 4.87
C VAL B 603 -27.70 -36.87 5.68
N ALA B 604 -26.58 -36.43 6.25
CA ALA B 604 -25.81 -37.29 7.13
C ALA B 604 -26.44 -37.37 8.52
N LEU B 605 -26.99 -36.26 9.00
CA LEU B 605 -27.61 -36.25 10.32
C LEU B 605 -28.97 -36.94 10.32
N ALA B 606 -29.73 -36.81 9.22
CA ALA B 606 -31.05 -37.41 9.15
C ALA B 606 -31.00 -38.93 9.09
N SER B 607 -29.85 -39.51 8.74
CA SER B 607 -29.70 -40.95 8.69
C SER B 607 -29.28 -41.57 10.01
N LEU B 608 -28.93 -40.75 11.00
CA LEU B 608 -28.48 -41.25 12.30
C LEU B 608 -29.61 -41.36 13.32
N ILE B 609 -30.85 -41.06 12.93
CA ILE B 609 -31.99 -41.07 13.84
C ILE B 609 -32.99 -42.12 13.37
N GLU B 610 -33.37 -43.02 14.28
CA GLU B 610 -34.32 -44.07 13.97
C GLU B 610 -35.75 -43.52 14.02
N LYS B 611 -36.71 -44.38 13.72
CA LYS B 611 -38.11 -43.99 13.72
C LYS B 611 -38.60 -43.72 15.14
N CYS B 612 -39.61 -42.86 15.25
CA CYS B 612 -40.18 -42.53 16.55
C CYS B 612 -40.97 -43.70 17.10
N PRO B 613 -40.98 -43.87 18.44
CA PRO B 613 -41.77 -44.96 19.03
C PRO B 613 -43.26 -44.70 18.96
N LYS B 614 -44.06 -45.60 19.52
CA LYS B 614 -45.51 -45.46 19.49
C LYS B 614 -45.95 -44.29 20.37
N ASP B 615 -46.99 -43.59 19.91
CA ASP B 615 -47.56 -42.44 20.63
C ASP B 615 -46.51 -41.36 20.88
N ASN B 616 -45.65 -41.13 19.88
CA ASN B 616 -44.61 -40.11 19.99
C ASN B 616 -44.25 -39.62 18.59
N LYS B 617 -44.21 -38.30 18.41
CA LYS B 617 -43.86 -37.71 17.13
C LYS B 617 -42.83 -36.60 17.22
N ASP B 618 -42.58 -36.04 18.40
CA ASP B 618 -41.60 -34.96 18.59
C ASP B 618 -40.33 -35.48 19.23
N CYS B 619 -39.88 -36.69 18.85
CA CYS B 619 -38.69 -37.27 19.46
C CYS B 619 -37.44 -36.50 19.07
N SER B 620 -37.32 -36.10 17.81
CA SER B 620 -36.14 -35.40 17.32
C SER B 620 -36.55 -34.39 16.28
N SER B 621 -35.89 -33.22 16.30
CA SER B 621 -36.14 -32.20 15.29
C SER B 621 -35.51 -32.54 13.95
N TYR B 622 -34.50 -33.40 13.93
CA TYR B 622 -33.86 -33.83 12.69
C TYR B 622 -34.51 -35.09 12.14
N GLY B 623 -35.83 -35.05 11.98
CA GLY B 623 -36.57 -36.22 11.56
C GLY B 623 -36.31 -36.63 10.12
N SER B 624 -36.69 -35.78 9.17
CA SER B 624 -36.49 -36.06 7.75
C SER B 624 -35.30 -35.26 7.24
N PHE B 625 -35.04 -35.39 5.93
CA PHE B 625 -33.96 -34.63 5.31
C PHE B 625 -34.27 -33.13 5.30
N SER B 626 -35.52 -32.78 5.00
CA SER B 626 -35.91 -31.37 5.02
C SER B 626 -35.87 -30.82 6.44
N ASP B 627 -36.28 -31.62 7.43
CA ASP B 627 -36.22 -31.17 8.81
C ASP B 627 -34.79 -30.95 9.28
N ALA B 628 -33.88 -31.86 8.91
CA ALA B 628 -32.48 -31.69 9.29
C ALA B 628 -31.85 -30.49 8.61
N VAL B 629 -32.19 -30.27 7.33
CA VAL B 629 -31.67 -29.11 6.60
C VAL B 629 -32.20 -27.82 7.23
N LEU B 630 -33.49 -27.81 7.59
CA LEU B 630 -34.06 -26.62 8.23
C LEU B 630 -33.45 -26.38 9.60
N GLU B 631 -33.15 -27.45 10.35
CA GLU B 631 -32.51 -27.28 11.65
C GLU B 631 -31.10 -26.73 11.52
N LEU B 632 -30.34 -27.20 10.51
CA LEU B 632 -29.00 -26.67 10.30
C LEU B 632 -29.06 -25.22 9.83
N PHE B 633 -30.05 -24.88 9.01
CA PHE B 633 -30.21 -23.49 8.57
C PHE B 633 -30.58 -22.58 9.74
N LYS B 634 -31.45 -23.06 10.64
CA LYS B 634 -31.81 -22.30 11.82
C LYS B 634 -30.60 -22.14 12.74
N LEU B 635 -29.76 -23.17 12.83
CA LEU B 635 -28.56 -23.09 13.65
C LEU B 635 -27.56 -22.11 13.07
N THR B 636 -27.48 -22.03 11.73
CA THR B 636 -26.52 -21.12 11.10
C THR B 636 -26.86 -19.66 11.35
N ILE B 637 -28.15 -19.31 11.30
CA ILE B 637 -28.57 -17.93 11.51
C ILE B 637 -28.71 -17.55 12.96
N GLY B 638 -28.44 -18.47 13.89
CA GLY B 638 -28.47 -18.16 15.30
C GLY B 638 -29.83 -18.21 15.95
N LEU B 639 -30.81 -18.83 15.31
CA LEU B 639 -32.16 -18.94 15.85
C LEU B 639 -32.39 -20.32 16.46
N GLY B 640 -33.30 -20.38 17.41
CA GLY B 640 -33.66 -21.63 18.06
C GLY B 640 -32.75 -21.97 19.22
N ASP B 641 -32.96 -23.17 19.74
CA ASP B 641 -32.19 -23.69 20.87
C ASP B 641 -31.54 -25.01 20.46
N LEU B 642 -30.28 -25.17 20.85
CA LEU B 642 -29.53 -26.38 20.53
C LEU B 642 -29.95 -27.50 21.46
N ASN B 643 -30.56 -28.54 20.90
CA ASN B 643 -30.96 -29.73 21.64
C ASN B 643 -30.16 -30.92 21.12
N ILE B 644 -29.45 -31.59 22.03
CA ILE B 644 -28.62 -32.73 21.67
C ILE B 644 -29.23 -34.05 22.09
N GLN B 645 -30.38 -34.03 22.75
CA GLN B 645 -31.05 -35.26 23.20
C GLN B 645 -32.05 -35.76 22.16
N GLN B 646 -31.59 -35.94 20.93
CA GLN B 646 -32.42 -36.46 19.86
C GLN B 646 -32.49 -37.98 19.94
N ASN B 647 -33.28 -38.58 19.05
CA ASN B 647 -33.45 -40.04 19.02
C ASN B 647 -32.42 -40.68 18.11
N SER B 648 -31.16 -40.34 18.37
CA SER B 648 -30.04 -40.87 17.59
C SER B 648 -29.41 -42.05 18.32
N LYS B 649 -29.19 -43.14 17.58
CA LYS B 649 -28.55 -44.31 18.16
C LYS B 649 -27.07 -44.08 18.45
N TYR B 650 -26.47 -43.08 17.81
CA TYR B 650 -25.08 -42.71 18.04
C TYR B 650 -25.04 -41.22 18.36
N PRO B 651 -25.36 -40.85 19.60
CA PRO B 651 -25.37 -39.41 19.96
C PRO B 651 -24.00 -38.76 19.90
N ILE B 652 -22.93 -39.52 20.12
CA ILE B 652 -21.59 -38.95 20.06
C ILE B 652 -21.25 -38.55 18.63
N LEU B 653 -21.57 -39.41 17.66
CA LEU B 653 -21.34 -39.06 16.26
C LEU B 653 -22.25 -37.92 15.81
N PHE B 654 -23.48 -37.89 16.33
CA PHE B 654 -24.39 -36.79 16.01
C PHE B 654 -23.82 -35.45 16.49
N LEU B 655 -23.30 -35.43 17.73
CA LEU B 655 -22.71 -34.20 18.25
C LEU B 655 -21.44 -33.84 17.51
N PHE B 656 -20.64 -34.84 17.11
CA PHE B 656 -19.43 -34.58 16.35
C PHE B 656 -19.73 -33.95 15.01
N LEU B 657 -20.73 -34.48 14.29
CA LEU B 657 -21.13 -33.89 13.02
C LEU B 657 -21.71 -32.50 13.20
N LEU B 658 -22.47 -32.30 14.28
CA LEU B 658 -23.05 -30.97 14.54
C LEU B 658 -21.96 -29.94 14.81
N ILE B 659 -20.96 -30.30 15.62
CA ILE B 659 -19.88 -29.38 15.93
C ILE B 659 -19.01 -29.12 14.69
N THR B 660 -18.82 -30.15 13.86
CA THR B 660 -18.07 -29.96 12.62
C THR B 660 -18.80 -28.99 11.69
N TYR B 661 -20.13 -29.10 11.61
CA TYR B 661 -20.90 -28.15 10.81
C TYR B 661 -20.80 -26.75 11.41
N VAL B 662 -20.82 -26.64 12.74
CA VAL B 662 -20.71 -25.34 13.40
C VAL B 662 -19.39 -24.68 13.04
N ILE B 663 -18.29 -25.43 13.12
CA ILE B 663 -16.97 -24.88 12.82
C ILE B 663 -16.90 -24.47 11.35
N LEU B 664 -17.29 -25.39 10.45
CA LEU B 664 -17.12 -25.16 9.03
C LEU B 664 -17.93 -23.97 8.53
N THR B 665 -19.11 -23.73 9.10
CA THR B 665 -19.96 -22.63 8.65
C THR B 665 -19.75 -21.37 9.47
N PHE B 666 -19.97 -21.44 10.78
CA PHE B 666 -19.95 -20.24 11.61
C PHE B 666 -18.54 -19.71 11.80
N VAL B 667 -17.55 -20.60 11.92
CA VAL B 667 -16.19 -20.15 12.17
C VAL B 667 -15.42 -19.91 10.88
N LEU B 668 -15.56 -20.80 9.91
CA LEU B 668 -14.75 -20.72 8.69
C LEU B 668 -15.45 -19.95 7.58
N LEU B 669 -16.60 -20.45 7.12
CA LEU B 669 -17.19 -19.97 5.87
C LEU B 669 -17.69 -18.53 6.01
N LEU B 670 -18.49 -18.25 7.03
CA LEU B 670 -19.10 -16.93 7.17
C LEU B 670 -18.06 -15.87 7.46
N ASN B 671 -17.13 -16.16 8.37
CA ASN B 671 -16.10 -15.18 8.72
C ASN B 671 -15.13 -14.95 7.57
N MET B 672 -14.81 -16.00 6.80
CA MET B 672 -13.99 -15.80 5.61
C MET B 672 -14.74 -14.99 4.55
N LEU B 673 -16.07 -15.15 4.47
CA LEU B 673 -16.84 -14.30 3.58
C LEU B 673 -16.73 -12.84 3.98
N ILE B 674 -16.86 -12.55 5.28
CA ILE B 674 -16.69 -11.18 5.76
C ILE B 674 -15.28 -10.66 5.44
N ALA B 675 -14.28 -11.54 5.56
CA ALA B 675 -12.91 -11.14 5.24
C ALA B 675 -12.71 -10.93 3.75
N LEU B 676 -13.44 -11.69 2.93
CA LEU B 676 -13.23 -11.62 1.48
C LEU B 676 -13.86 -10.37 0.87
N MET B 677 -15.10 -10.07 1.24
CA MET B 677 -15.74 -8.88 0.71
C MET B 677 -15.09 -7.58 1.20
N GLY B 678 -14.23 -7.64 2.22
CA GLY B 678 -13.38 -6.51 2.50
C GLY B 678 -12.35 -6.26 1.41
N GLU B 679 -11.75 -7.34 0.90
CA GLU B 679 -10.85 -7.22 -0.25
C GLU B 679 -11.62 -6.73 -1.47
N THR B 680 -12.86 -7.21 -1.64
CA THR B 680 -13.67 -6.79 -2.78
C THR B 680 -13.95 -5.30 -2.73
N VAL B 681 -14.47 -4.81 -1.60
CA VAL B 681 -14.73 -3.37 -1.49
C VAL B 681 -13.46 -2.56 -1.45
N GLU B 682 -12.30 -3.19 -1.20
CA GLU B 682 -11.04 -2.48 -1.32
C GLU B 682 -10.68 -2.26 -2.79
N ASN B 683 -10.86 -3.29 -3.63
CA ASN B 683 -10.54 -3.14 -5.04
C ASN B 683 -11.54 -2.23 -5.75
N VAL B 684 -12.84 -2.41 -5.47
CA VAL B 684 -13.87 -1.59 -6.11
C VAL B 684 -14.03 -0.24 -5.42
N SER B 685 -13.21 0.07 -4.41
CA SER B 685 -13.26 1.39 -3.80
C SER B 685 -12.85 2.46 -4.81
N LYS B 686 -11.80 2.22 -5.58
CA LYS B 686 -11.39 3.15 -6.62
C LYS B 686 -12.11 2.90 -7.94
N GLU B 687 -12.56 1.68 -8.18
CA GLU B 687 -13.30 1.34 -9.40
C GLU B 687 -14.80 1.45 -9.13
N SER B 688 -15.21 2.61 -8.63
CA SER B 688 -16.62 2.92 -8.42
C SER B 688 -17.03 4.29 -8.91
N GLU B 689 -16.10 5.24 -9.04
CA GLU B 689 -16.40 6.55 -9.62
C GLU B 689 -16.53 6.49 -11.13
N ARG B 690 -16.22 5.36 -11.73
CA ARG B 690 -16.29 5.23 -13.18
C ARG B 690 -17.48 4.39 -13.60
N ILE B 691 -17.58 3.19 -13.05
CA ILE B 691 -18.67 2.30 -13.47
C ILE B 691 -20.02 2.96 -13.21
N TRP B 692 -20.16 3.68 -12.09
CA TRP B 692 -21.39 4.41 -11.83
C TRP B 692 -21.60 5.50 -12.88
N ARG B 693 -20.53 6.17 -13.30
CA ARG B 693 -20.66 7.17 -14.35
C ARG B 693 -20.98 6.52 -15.69
N LEU B 694 -20.52 5.29 -15.91
CA LEU B 694 -20.91 4.55 -17.11
C LEU B 694 -22.41 4.25 -17.10
N GLN B 695 -22.94 3.83 -15.95
CA GLN B 695 -24.37 3.62 -15.83
C GLN B 695 -25.14 4.92 -16.00
N ARG B 696 -24.62 6.02 -15.45
CA ARG B 696 -25.26 7.31 -15.61
C ARG B 696 -25.28 7.75 -17.06
N ALA B 697 -24.18 7.54 -17.77
CA ALA B 697 -24.13 7.89 -19.19
C ALA B 697 -25.10 7.04 -20.01
N ARG B 698 -25.22 5.76 -19.66
CA ARG B 698 -26.20 4.90 -20.33
C ARG B 698 -27.62 5.40 -20.11
N THR B 699 -27.94 5.82 -18.87
CA THR B 699 -29.27 6.33 -18.60
C THR B 699 -29.52 7.65 -19.32
N ILE B 700 -28.49 8.51 -19.41
CA ILE B 700 -28.64 9.78 -20.11
C ILE B 700 -28.93 9.54 -21.59
N LEU B 701 -28.17 8.63 -22.22
CA LEU B 701 -28.37 8.36 -23.65
C LEU B 701 -29.70 7.68 -23.90
N GLU B 702 -30.12 6.78 -23.00
CA GLU B 702 -31.43 6.14 -23.14
C GLU B 702 -32.56 7.15 -22.99
N PHE B 703 -32.41 8.08 -22.05
CA PHE B 703 -33.44 9.10 -21.86
C PHE B 703 -33.50 10.04 -23.06
N GLU B 704 -32.35 10.35 -23.65
CA GLU B 704 -32.34 11.20 -24.84
C GLU B 704 -32.96 10.49 -26.03
N LYS B 705 -32.73 9.18 -26.16
CA LYS B 705 -33.38 8.41 -27.21
C LYS B 705 -34.89 8.31 -26.97
N MET B 706 -35.32 8.39 -25.72
CA MET B 706 -36.74 8.37 -25.42
C MET B 706 -37.47 9.62 -25.89
N LEU B 707 -36.73 10.71 -26.11
CA LEU B 707 -37.34 11.94 -26.58
C LEU B 707 -37.83 11.80 -28.02
N PRO B 708 -38.93 12.47 -28.38
CA PRO B 708 -39.45 12.36 -29.75
C PRO B 708 -38.61 13.13 -30.76
N GLU B 709 -39.10 13.22 -32.00
CA GLU B 709 -38.38 13.98 -33.03
C GLU B 709 -38.32 15.46 -32.69
N TRP B 710 -39.35 15.99 -32.03
CA TRP B 710 -39.29 17.33 -31.49
C TRP B 710 -38.80 17.25 -30.04
N LEU B 711 -38.61 18.42 -29.43
CA LEU B 711 -38.21 18.58 -28.02
C LEU B 711 -36.75 18.17 -27.83
N ARG B 712 -36.13 17.63 -28.89
CA ARG B 712 -34.72 17.30 -28.89
C ARG B 712 -33.85 18.48 -29.35
N SER B 713 -34.45 19.64 -29.61
CA SER B 713 -33.71 20.83 -30.02
C SER B 713 -33.08 21.51 -28.81
N ARG B 714 -32.21 20.78 -28.14
CA ARG B 714 -31.46 21.25 -26.97
C ARG B 714 -29.97 20.95 -27.17
N PHE B 715 -29.46 21.35 -28.33
CA PHE B 715 -28.08 21.05 -28.70
C PHE B 715 -27.09 21.73 -27.73
N ARG B 716 -25.82 21.37 -27.88
CA ARG B 716 -24.80 21.70 -26.89
C ARG B 716 -24.59 23.20 -26.74
N MET B 717 -24.05 23.86 -27.75
CA MET B 717 -23.65 25.27 -27.61
C MET B 717 -23.45 25.89 -28.98
N GLY B 718 -24.20 26.95 -29.27
CA GLY B 718 -23.95 27.84 -30.39
C GLY B 718 -23.87 27.21 -31.77
N GLU B 719 -23.40 28.00 -32.74
CA GLU B 719 -23.18 27.53 -34.10
C GLU B 719 -21.79 27.87 -34.63
N LEU B 720 -21.26 29.05 -34.31
CA LEU B 720 -19.96 29.46 -34.81
C LEU B 720 -18.86 28.64 -34.15
N CYS B 721 -18.04 27.99 -34.96
CA CYS B 721 -16.97 27.12 -34.46
C CYS B 721 -15.60 27.54 -34.92
N LYS B 722 -15.40 27.78 -36.22
CA LYS B 722 -14.09 28.10 -36.75
C LYS B 722 -14.22 29.19 -37.81
N VAL B 723 -13.12 29.46 -38.51
CA VAL B 723 -13.08 30.53 -39.52
C VAL B 723 -13.65 30.12 -40.85
N ALA B 724 -14.09 28.87 -41.00
CA ALA B 724 -14.65 28.40 -42.26
C ALA B 724 -15.90 29.20 -42.62
N GLU B 725 -15.97 29.62 -43.89
CA GLU B 725 -17.03 30.52 -44.32
C GLU B 725 -18.38 29.82 -44.41
N ASP B 726 -18.41 28.50 -44.57
CA ASP B 726 -19.66 27.77 -44.71
C ASP B 726 -19.64 26.53 -43.83
N ASP B 727 -20.81 26.15 -43.34
CA ASP B 727 -21.02 24.95 -42.52
C ASP B 727 -20.17 25.00 -41.25
N PHE B 728 -20.52 25.95 -40.38
CA PHE B 728 -19.83 26.09 -39.11
C PHE B 728 -20.06 24.91 -38.17
N ARG B 729 -21.12 24.13 -38.41
CA ARG B 729 -21.48 22.94 -37.63
C ARG B 729 -21.73 23.38 -36.17
N LEU B 730 -21.26 22.60 -35.19
CA LEU B 730 -21.51 22.86 -33.78
C LEU B 730 -20.21 23.23 -33.08
N CYS B 731 -20.31 23.52 -31.78
CA CYS B 731 -19.15 23.84 -30.97
C CYS B 731 -19.50 23.58 -29.51
N LEU B 732 -18.48 23.63 -28.66
CA LEU B 732 -18.65 23.34 -27.23
C LEU B 732 -17.59 24.11 -26.46
N ARG B 733 -18.01 25.18 -25.78
CA ARG B 733 -17.08 26.04 -25.07
C ARG B 733 -16.66 25.38 -23.76
N ILE B 734 -15.35 25.22 -23.58
CA ILE B 734 -14.78 24.67 -22.35
C ILE B 734 -13.67 25.60 -21.88
N ASN B 735 -13.69 25.98 -20.61
CA ASN B 735 -12.70 26.86 -20.02
C ASN B 735 -11.74 26.05 -19.17
N GLU B 736 -10.44 26.34 -19.33
CA GLU B 736 -9.39 25.62 -18.62
C GLU B 736 -8.46 26.62 -17.94
N VAL B 737 -7.99 26.26 -16.75
CA VAL B 737 -7.10 27.11 -15.96
C VAL B 737 -5.84 26.33 -15.64
N LYS B 738 -4.68 26.91 -15.96
CA LYS B 738 -3.39 26.30 -15.67
C LYS B 738 -2.33 27.39 -15.56
N TRP B 739 -1.51 27.31 -14.52
CA TRP B 739 -0.52 28.34 -14.21
C TRP B 739 0.91 27.88 -14.47
N THR B 740 1.11 27.02 -15.47
CA THR B 740 2.43 26.46 -15.74
C THR B 740 2.98 26.76 -17.12
N GLU B 741 2.13 27.05 -18.11
CA GLU B 741 2.62 27.27 -19.47
C GLU B 741 3.37 28.59 -19.58
N TRP B 742 2.68 29.71 -19.33
CA TRP B 742 3.25 31.05 -19.42
C TRP B 742 3.87 31.30 -20.79
N LYS B 743 3.02 31.24 -21.82
CA LYS B 743 3.44 31.46 -23.18
C LYS B 743 2.55 32.50 -23.85
N THR B 744 3.07 33.12 -24.89
CA THR B 744 2.29 34.10 -25.65
C THR B 744 1.24 33.37 -26.48
N HIS B 745 0.01 33.89 -26.44
CA HIS B 745 -1.12 33.25 -27.10
C HIS B 745 -1.18 33.71 -28.56
N VAL B 746 -0.91 32.80 -29.49
CA VAL B 746 -0.97 33.11 -30.91
C VAL B 746 -2.13 32.40 -31.61
N SER B 747 -2.47 31.17 -31.19
CA SER B 747 -3.57 30.41 -31.78
C SER B 747 -4.94 30.90 -31.33
N PHE B 748 -5.01 32.05 -30.66
CA PHE B 748 -6.29 32.62 -30.25
C PHE B 748 -7.14 32.99 -31.46
N LEU B 749 -8.45 32.99 -31.26
CA LEU B 749 -9.41 33.25 -32.33
C LEU B 749 -10.12 34.59 -32.19
N ASN B 750 -10.52 34.98 -30.97
CA ASN B 750 -11.26 36.21 -30.75
C ASN B 750 -10.44 37.13 -29.85
N GLU B 751 -10.35 38.41 -30.25
CA GLU B 751 -9.55 39.36 -29.49
C GLU B 751 -10.17 39.71 -28.15
N ASP B 752 -11.50 39.74 -28.08
CA ASP B 752 -12.18 40.11 -26.85
C ASP B 752 -12.50 38.86 -26.04
N PRO B 753 -11.91 38.72 -24.84
CA PRO B 753 -12.31 37.51 -24.13
C PRO B 753 -13.72 37.60 -23.58
N GLY B 754 -14.23 36.48 -23.08
CA GLY B 754 -15.52 36.45 -22.45
C GLY B 754 -16.66 36.68 -23.42
N PRO B 755 -17.89 36.71 -22.92
CA PRO B 755 -19.09 36.96 -23.74
C PRO B 755 -19.12 38.37 -24.32
N LEU C 119 34.84 54.41 28.40
CA LEU C 119 35.93 53.89 27.58
C LEU C 119 35.76 52.40 27.33
N LYS C 120 35.34 51.67 28.38
CA LYS C 120 35.11 50.23 28.23
C LYS C 120 33.95 49.95 27.28
N LYS C 121 32.85 50.70 27.41
CA LYS C 121 31.69 50.50 26.54
C LYS C 121 32.00 50.86 25.11
N ARG C 122 32.85 51.88 24.88
CA ARG C 122 33.21 52.26 23.52
C ARG C 122 33.99 51.17 22.81
N ILE C 123 34.90 50.50 23.53
CA ILE C 123 35.68 49.44 22.93
C ILE C 123 34.95 48.11 22.93
N PHE C 124 33.88 47.98 23.72
CA PHE C 124 33.09 46.75 23.73
C PHE C 124 31.98 46.75 22.70
N ALA C 125 31.43 47.92 22.38
CA ALA C 125 30.38 48.03 21.36
C ALA C 125 30.94 48.18 19.95
N ALA C 126 32.26 48.37 19.81
CA ALA C 126 32.86 48.54 18.49
C ALA C 126 33.34 47.23 17.89
N VAL C 127 33.65 46.24 18.72
CA VAL C 127 34.15 44.96 18.19
C VAL C 127 33.04 44.16 17.54
N SER C 128 31.77 44.43 17.88
CA SER C 128 30.67 43.70 17.27
C SER C 128 30.48 44.08 15.81
N GLU C 129 30.66 45.37 15.49
CA GLU C 129 30.50 45.82 14.10
C GLU C 129 31.73 45.52 13.25
N GLY C 130 32.86 45.21 13.86
CA GLY C 130 34.06 44.87 13.12
C GLY C 130 34.71 46.05 12.42
N CYS C 131 35.20 47.01 13.21
CA CYS C 131 35.88 48.19 12.67
C CYS C 131 37.39 47.99 12.77
N VAL C 132 38.08 48.10 11.64
CA VAL C 132 39.52 47.88 11.62
C VAL C 132 40.33 49.15 11.89
N GLU C 133 39.74 50.32 11.67
CA GLU C 133 40.45 51.58 11.88
C GLU C 133 40.08 52.28 13.18
N GLU C 134 38.86 52.10 13.67
CA GLU C 134 38.47 52.71 14.94
C GLU C 134 39.05 51.97 16.14
N LEU C 135 39.37 50.68 15.97
CA LEU C 135 39.89 49.90 17.08
C LEU C 135 41.28 50.38 17.50
N VAL C 136 42.14 50.67 16.52
CA VAL C 136 43.50 51.13 16.83
C VAL C 136 43.46 52.50 17.50
N GLU C 137 42.60 53.40 17.01
CA GLU C 137 42.47 54.71 17.63
C GLU C 137 41.91 54.62 19.04
N LEU C 138 40.96 53.71 19.26
CA LEU C 138 40.40 53.52 20.59
C LEU C 138 41.36 52.76 21.51
N LEU C 139 42.38 52.10 20.95
CA LEU C 139 43.31 51.31 21.73
C LEU C 139 44.55 52.09 22.16
N VAL C 140 45.01 53.02 21.33
CA VAL C 140 46.23 53.76 21.66
C VAL C 140 46.01 54.65 22.89
N GLU C 141 44.87 55.35 22.94
CA GLU C 141 44.57 56.18 24.10
C GLU C 141 44.26 55.33 25.32
N LEU C 142 43.65 54.16 25.12
CA LEU C 142 43.39 53.25 26.24
C LEU C 142 44.69 52.74 26.84
N GLN C 143 45.69 52.43 26.00
CA GLN C 143 46.98 51.99 26.51
C GLN C 143 47.73 53.13 27.18
N GLU C 144 47.64 54.34 26.61
CA GLU C 144 48.31 55.50 27.19
C GLU C 144 47.61 56.06 28.41
N LEU C 145 46.38 55.61 28.70
CA LEU C 145 45.68 56.09 29.89
C LEU C 145 46.39 55.65 31.17
N CYS C 146 46.87 54.41 31.21
CA CYS C 146 47.57 53.90 32.38
C CYS C 146 49.09 54.04 32.23
N MET C 159 45.70 44.02 33.86
CA MET C 159 45.58 45.40 34.31
C MET C 159 44.11 45.76 34.57
N HIS C 160 43.22 44.81 34.27
CA HIS C 160 41.78 44.96 34.46
C HIS C 160 41.26 46.17 33.70
N LYS C 161 41.38 46.10 32.38
CA LYS C 161 40.87 47.13 31.48
C LYS C 161 39.82 46.59 30.51
N LEU C 162 40.15 45.54 29.78
CA LEU C 162 39.24 44.94 28.80
C LEU C 162 38.60 43.68 29.35
N THR C 163 37.79 43.85 30.40
CA THR C 163 37.13 42.72 31.04
C THR C 163 35.82 43.20 31.65
N ALA C 164 34.72 42.58 31.26
CA ALA C 164 33.43 42.90 31.85
C ALA C 164 33.38 42.46 33.30
N SER C 165 32.72 43.26 34.14
CA SER C 165 32.69 43.03 35.57
C SER C 165 31.47 42.21 36.02
N ASP C 166 30.58 41.85 35.10
CA ASP C 166 29.38 41.07 35.45
C ASP C 166 29.55 39.59 35.12
N THR C 167 29.84 39.27 33.87
CA THR C 167 30.00 37.89 33.43
C THR C 167 31.43 37.55 33.04
N GLY C 168 32.37 38.49 33.18
CA GLY C 168 33.75 38.23 32.80
C GLY C 168 33.97 38.11 31.32
N LYS C 169 33.10 38.69 30.50
CA LYS C 169 33.21 38.60 29.05
C LYS C 169 34.36 39.49 28.59
N THR C 170 35.50 38.87 28.29
CA THR C 170 36.66 39.60 27.83
C THR C 170 36.45 40.11 26.40
N CYS C 171 37.10 41.23 26.09
CA CYS C 171 36.92 41.87 24.78
C CYS C 171 37.39 40.98 23.64
N LEU C 172 38.32 40.06 23.90
CA LEU C 172 38.79 39.16 22.85
C LEU C 172 37.69 38.21 22.41
N MET C 173 37.04 37.54 23.36
CA MET C 173 35.93 36.65 23.05
C MET C 173 34.62 37.39 22.84
N LYS C 174 34.56 38.67 23.20
CA LYS C 174 33.37 39.47 22.92
C LYS C 174 33.09 39.57 21.43
N ALA C 175 34.14 39.72 20.63
CA ALA C 175 33.99 39.86 19.19
C ALA C 175 33.73 38.53 18.48
N LEU C 176 33.87 37.40 19.17
CA LEU C 176 33.71 36.11 18.51
C LEU C 176 32.25 35.78 18.23
N LEU C 177 31.33 36.17 19.12
CA LEU C 177 29.92 35.85 18.90
C LEU C 177 29.34 36.68 17.76
N ASN C 178 29.76 37.93 17.62
CA ASN C 178 29.32 38.79 16.52
C ASN C 178 30.31 38.60 15.37
N ILE C 179 29.95 37.73 14.43
CA ILE C 179 30.83 37.39 13.31
C ILE C 179 30.64 38.41 12.21
N ASN C 180 31.74 39.05 11.82
CA ASN C 180 31.79 40.02 10.73
C ASN C 180 32.99 39.70 9.87
N PRO C 181 33.01 40.17 8.62
CA PRO C 181 34.17 39.89 7.74
C PRO C 181 35.48 40.46 8.26
N ASN C 182 35.45 41.41 9.19
CA ASN C 182 36.65 41.99 9.77
C ASN C 182 36.97 41.43 11.15
N THR C 183 36.36 40.30 11.53
CA THR C 183 36.61 39.73 12.85
C THR C 183 38.06 39.25 12.98
N LYS C 184 38.59 38.64 11.93
CA LYS C 184 39.96 38.10 12.00
C LYS C 184 40.98 39.22 12.20
N GLU C 185 40.78 40.35 11.53
CA GLU C 185 41.73 41.46 11.65
C GLU C 185 41.75 42.03 13.06
N ILE C 186 40.58 42.32 13.61
CA ILE C 186 40.52 42.91 14.96
C ILE C 186 40.96 41.90 16.01
N VAL C 187 40.77 40.60 15.76
CA VAL C 187 41.29 39.58 16.66
C VAL C 187 42.82 39.60 16.63
N ARG C 188 43.40 39.75 15.44
CA ARG C 188 44.86 39.81 15.33
C ARG C 188 45.42 41.05 16.00
N ILE C 189 44.73 42.19 15.87
CA ILE C 189 45.18 43.41 16.54
C ILE C 189 45.10 43.25 18.05
N LEU C 190 44.02 42.62 18.55
CA LEU C 190 43.90 42.41 19.98
C LEU C 190 45.00 41.50 20.51
N LEU C 191 45.32 40.43 19.77
CA LEU C 191 46.39 39.53 20.20
C LEU C 191 47.75 40.20 20.12
N ALA C 192 47.98 41.02 19.09
CA ALA C 192 49.25 41.74 18.98
C ALA C 192 49.41 42.76 20.11
N PHE C 193 48.32 43.45 20.46
CA PHE C 193 48.38 44.38 21.58
C PHE C 193 48.63 43.66 22.89
N ALA C 194 48.05 42.46 23.05
CA ALA C 194 48.32 41.67 24.25
C ALA C 194 49.77 41.17 24.27
N GLU C 195 50.35 40.92 23.11
CA GLU C 195 51.74 40.49 23.06
C GLU C 195 52.71 41.63 23.30
N GLU C 196 52.31 42.87 22.98
CA GLU C 196 53.20 44.01 23.09
C GLU C 196 53.23 44.64 24.47
N ASN C 197 52.31 44.27 25.37
CA ASN C 197 52.29 44.80 26.72
C ASN C 197 52.52 43.72 27.78
N ASP C 198 53.00 42.54 27.36
CA ASP C 198 53.47 41.48 28.25
C ASP C 198 52.35 40.96 29.16
N ILE C 199 51.16 40.79 28.62
CA ILE C 199 50.07 40.10 29.31
C ILE C 199 49.25 39.34 28.26
N LEU C 200 49.35 38.01 28.28
CA LEU C 200 48.62 37.18 27.32
C LEU C 200 47.95 36.01 28.03
N GLY C 201 48.48 35.61 29.18
CA GLY C 201 47.92 34.47 29.89
C GLY C 201 46.52 34.72 30.40
N ARG C 202 46.30 35.89 31.01
CA ARG C 202 44.98 36.25 31.50
C ARG C 202 44.04 36.73 30.40
N PHE C 203 44.56 36.99 29.20
CA PHE C 203 43.72 37.52 28.13
C PHE C 203 43.05 36.39 27.35
N ILE C 204 43.82 35.40 26.92
CA ILE C 204 43.28 34.33 26.09
C ILE C 204 42.75 33.16 26.93
N ASN C 205 43.27 32.96 28.14
CA ASN C 205 42.73 31.95 29.06
C ASN C 205 41.82 32.61 30.10
N ALA C 206 40.78 33.28 29.60
CA ALA C 206 39.82 33.98 30.43
C ALA C 206 38.49 33.27 30.37
N GLU C 207 38.00 32.80 31.52
CA GLU C 207 36.75 32.08 31.60
C GLU C 207 35.59 33.07 31.80
N TYR C 208 34.41 32.55 32.08
CA TYR C 208 33.25 33.38 32.35
C TYR C 208 33.12 33.59 33.87
N THR C 209 32.01 34.20 34.29
CA THR C 209 31.73 34.40 35.71
C THR C 209 30.29 34.05 36.10
N GLU C 210 29.37 34.00 35.15
CA GLU C 210 27.97 33.74 35.46
C GLU C 210 27.77 32.31 35.96
N GLU C 211 26.59 32.07 36.54
CA GLU C 211 26.26 30.72 37.00
C GLU C 211 25.98 29.79 35.84
N ALA C 212 25.32 30.31 34.79
CA ALA C 212 24.98 29.47 33.65
C ALA C 212 26.21 29.12 32.81
N TYR C 213 27.22 29.98 32.84
CA TYR C 213 28.46 29.72 32.13
C TYR C 213 29.62 29.77 33.09
N GLU C 214 30.17 28.62 33.42
CA GLU C 214 31.26 28.55 34.38
C GLU C 214 32.62 28.30 33.75
N GLY C 215 32.67 27.90 32.49
CA GLY C 215 33.94 27.60 31.85
C GLY C 215 34.02 27.96 30.38
N GLN C 216 33.04 28.72 29.88
CA GLN C 216 33.04 29.12 28.48
C GLN C 216 34.19 30.09 28.21
N THR C 217 34.96 29.83 27.16
CA THR C 217 36.12 30.65 26.84
C THR C 217 36.07 31.15 25.41
N ALA C 218 37.17 31.78 24.96
CA ALA C 218 37.24 32.25 23.57
C ALA C 218 37.33 31.07 22.61
N LEU C 219 38.06 30.01 22.98
CA LEU C 219 38.23 28.87 22.10
C LEU C 219 36.91 28.14 21.87
N ASN C 220 36.09 28.04 22.91
CA ASN C 220 34.81 27.35 22.79
C ASN C 220 33.91 28.03 21.77
N ILE C 221 33.71 29.35 21.92
CA ILE C 221 32.83 30.07 21.02
C ILE C 221 33.44 30.20 19.63
N ALA C 222 34.77 30.22 19.53
CA ALA C 222 35.41 30.30 18.22
C ALA C 222 35.26 28.99 17.45
N ILE C 223 35.34 27.85 18.14
CA ILE C 223 35.16 26.57 17.48
C ILE C 223 33.72 26.41 17.02
N GLU C 224 32.76 26.87 17.84
CA GLU C 224 31.34 26.75 17.48
C GLU C 224 30.99 27.59 16.27
N ARG C 225 31.61 28.76 16.14
CA ARG C 225 31.34 29.67 15.03
C ARG C 225 31.95 29.21 13.71
N ARG C 226 32.53 28.00 13.69
CA ARG C 226 33.08 27.39 12.48
C ARG C 226 34.24 28.23 11.92
N GLN C 227 34.98 28.87 12.83
CA GLN C 227 36.13 29.71 12.49
C GLN C 227 37.38 28.88 12.78
N GLY C 228 37.75 28.00 11.85
CA GLY C 228 38.92 27.18 12.04
C GLY C 228 40.21 27.98 12.07
N ASP C 229 40.28 29.04 11.26
CA ASP C 229 41.46 29.90 11.25
C ASP C 229 41.58 30.68 12.56
N ILE C 230 40.46 31.20 13.07
CA ILE C 230 40.49 31.93 14.34
C ILE C 230 40.82 30.99 15.49
N ALA C 231 40.26 29.78 15.47
CA ALA C 231 40.56 28.80 16.51
C ALA C 231 42.03 28.39 16.46
N ALA C 232 42.59 28.25 15.24
CA ALA C 232 44.00 27.94 15.11
C ALA C 232 44.87 29.08 15.63
N LEU C 233 44.46 30.32 15.37
CA LEU C 233 45.21 31.47 15.87
C LEU C 233 45.18 31.53 17.39
N LEU C 234 44.03 31.23 17.99
CA LEU C 234 43.93 31.23 19.46
C LEU C 234 44.74 30.08 20.06
N ILE C 235 44.69 28.90 19.45
CA ILE C 235 45.42 27.75 19.98
C ILE C 235 46.92 27.97 19.87
N ALA C 236 47.38 28.50 18.74
CA ALA C 236 48.80 28.79 18.57
C ALA C 236 49.30 29.89 19.49
N ALA C 237 48.39 30.72 20.02
CA ALA C 237 48.76 31.77 20.95
C ALA C 237 48.73 31.32 22.41
N GLY C 238 48.29 30.10 22.68
CA GLY C 238 48.28 29.59 24.04
C GLY C 238 46.91 29.50 24.68
N ALA C 239 45.91 29.09 23.90
CA ALA C 239 44.57 28.92 24.44
C ALA C 239 44.49 27.69 25.33
N ASP C 240 43.51 27.69 26.23
CA ASP C 240 43.31 26.58 27.16
C ASP C 240 42.55 25.47 26.42
N VAL C 241 43.28 24.46 25.97
CA VAL C 241 42.65 23.34 25.27
C VAL C 241 41.83 22.49 26.24
N ASN C 242 42.37 22.23 27.43
CA ASN C 242 41.71 21.40 28.42
C ASN C 242 40.74 22.18 29.31
N ALA C 243 40.28 23.35 28.85
CA ALA C 243 39.29 24.10 29.60
C ALA C 243 37.94 23.38 29.56
N HIS C 244 37.26 23.37 30.70
CA HIS C 244 35.97 22.68 30.84
C HIS C 244 34.87 23.71 30.96
N ALA C 245 33.91 23.67 30.03
CA ALA C 245 32.74 24.54 30.09
C ALA C 245 31.67 23.85 30.93
N LYS C 246 31.86 23.93 32.25
CA LYS C 246 31.02 23.24 33.23
C LYS C 246 29.79 24.04 33.62
N GLY C 247 29.33 24.97 32.78
CA GLY C 247 28.18 25.78 33.11
C GLY C 247 26.89 24.99 33.10
N ALA C 248 25.86 25.59 33.71
CA ALA C 248 24.56 24.92 33.79
C ALA C 248 23.86 24.85 32.44
N PHE C 249 24.08 25.85 31.58
CA PHE C 249 23.53 25.81 30.23
C PHE C 249 24.16 24.68 29.42
N PHE C 250 25.43 24.39 29.70
CA PHE C 250 26.18 23.37 28.98
C PHE C 250 25.81 21.96 29.41
N ASN C 251 25.18 21.78 30.56
CA ASN C 251 24.79 20.46 31.08
C ASN C 251 23.29 20.50 31.37
N PRO C 252 22.46 20.35 30.34
CA PRO C 252 21.01 20.52 30.52
C PRO C 252 20.37 19.29 31.17
N LYS C 253 19.15 19.51 31.64
CA LYS C 253 18.36 18.47 32.29
C LYS C 253 17.09 18.12 31.53
N TYR C 254 16.55 19.03 30.72
CA TYR C 254 15.34 18.79 29.96
C TYR C 254 15.59 18.68 28.46
N GLN C 255 16.83 18.89 28.02
CA GLN C 255 17.21 18.83 26.60
C GLN C 255 16.39 19.81 25.74
N HIS C 256 16.00 20.94 26.33
CA HIS C 256 15.24 21.95 25.59
C HIS C 256 15.86 23.33 25.79
N GLU C 257 16.55 23.53 26.91
CA GLU C 257 17.15 24.81 27.24
C GLU C 257 18.66 24.79 27.16
N GLY C 258 19.26 23.69 26.71
CA GLY C 258 20.71 23.58 26.66
C GLY C 258 21.16 22.63 25.57
N PHE C 259 22.48 22.58 25.39
CA PHE C 259 23.10 21.70 24.40
C PHE C 259 24.33 21.07 25.04
N TYR C 260 24.27 19.76 25.25
CA TYR C 260 25.38 19.02 25.83
C TYR C 260 26.27 18.46 24.73
N PHE C 261 27.57 18.79 24.81
CA PHE C 261 28.54 18.33 23.82
C PHE C 261 29.74 17.62 24.42
N GLY C 262 29.94 17.68 25.74
CA GLY C 262 31.07 17.04 26.36
C GLY C 262 31.87 17.97 27.26
N GLU C 263 31.48 19.25 27.25
CA GLU C 263 32.12 20.29 28.08
C GLU C 263 33.61 20.38 27.80
N THR C 264 33.98 20.24 26.52
CA THR C 264 35.37 20.31 26.09
C THR C 264 35.40 20.89 24.69
N PRO C 265 36.35 21.78 24.38
CA PRO C 265 36.47 22.28 22.99
C PRO C 265 36.69 21.18 21.98
N LEU C 266 37.47 20.15 22.33
CA LEU C 266 37.66 19.01 21.45
C LEU C 266 36.36 18.24 21.28
N ALA C 267 35.62 18.05 22.37
CA ALA C 267 34.32 17.37 22.28
C ALA C 267 33.31 18.19 21.49
N LEU C 268 33.36 19.51 21.64
CA LEU C 268 32.47 20.38 20.87
C LEU C 268 32.79 20.31 19.39
N ALA C 269 34.08 20.31 19.04
CA ALA C 269 34.46 20.20 17.64
C ALA C 269 34.07 18.84 17.06
N ALA C 270 34.14 17.79 17.87
CA ALA C 270 33.73 16.46 17.41
C ALA C 270 32.22 16.38 17.22
N CYS C 271 31.45 17.01 18.10
CA CYS C 271 30.00 16.90 18.05
C CYS C 271 29.37 17.81 17.01
N THR C 272 30.06 18.86 16.57
CA THR C 272 29.50 19.82 15.63
C THR C 272 29.95 19.57 14.19
N ASN C 273 30.50 18.39 13.90
CA ASN C 273 30.95 18.01 12.56
C ASN C 273 32.00 18.98 12.03
N GLN C 274 33.09 19.11 12.78
CA GLN C 274 34.22 19.96 12.42
C GLN C 274 35.50 19.12 12.46
N PRO C 275 35.70 18.25 11.47
CA PRO C 275 36.83 17.32 11.54
C PRO C 275 38.19 18.01 11.53
N GLU C 276 38.34 19.11 10.80
CA GLU C 276 39.63 19.79 10.73
C GLU C 276 40.03 20.36 12.09
N ILE C 277 39.06 20.85 12.86
CA ILE C 277 39.37 21.37 14.20
C ILE C 277 39.77 20.23 15.13
N VAL C 278 39.12 19.06 14.98
CA VAL C 278 39.47 17.92 15.82
C VAL C 278 40.90 17.47 15.55
N GLN C 279 41.24 17.27 14.28
CA GLN C 279 42.61 16.86 13.95
C GLN C 279 43.62 17.92 14.34
N LEU C 280 43.26 19.21 14.25
CA LEU C 280 44.15 20.25 14.72
C LEU C 280 44.32 20.22 16.23
N LEU C 281 43.35 19.65 16.96
CA LEU C 281 43.40 19.64 18.41
C LEU C 281 44.08 18.40 19.00
N MET C 282 44.01 17.25 18.31
CA MET C 282 44.57 16.03 18.89
C MET C 282 46.09 16.09 18.98
N GLU C 283 46.76 16.45 17.89
CA GLU C 283 48.22 16.57 17.91
C GLU C 283 48.60 17.93 18.51
N HIS C 284 48.76 17.94 19.83
CA HIS C 284 49.17 19.13 20.56
C HIS C 284 49.88 18.70 21.83
N GLU C 285 50.63 19.63 22.42
CA GLU C 285 51.52 19.30 23.53
C GLU C 285 50.80 19.21 24.87
N GLN C 286 49.54 19.66 24.96
CA GLN C 286 48.84 19.62 26.25
C GLN C 286 47.39 19.17 26.14
N THR C 287 46.93 18.75 24.97
CA THR C 287 45.56 18.27 24.83
C THR C 287 45.40 16.92 25.54
N ASP C 288 44.37 16.82 26.37
CA ASP C 288 44.08 15.60 27.12
C ASP C 288 42.83 14.97 26.50
N ILE C 289 43.05 13.90 25.72
CA ILE C 289 41.94 13.22 25.07
C ILE C 289 41.09 12.48 26.11
N THR C 290 41.73 11.96 27.15
CA THR C 290 41.04 11.19 28.19
C THR C 290 40.47 12.07 29.30
N SER C 291 40.20 13.34 29.01
CA SER C 291 39.60 14.22 30.00
C SER C 291 38.16 13.82 30.28
N ARG C 292 37.77 13.91 31.55
CA ARG C 292 36.42 13.58 31.99
C ARG C 292 35.77 14.83 32.57
N ASP C 293 34.55 15.13 32.11
CA ASP C 293 33.84 16.31 32.54
C ASP C 293 33.12 16.03 33.86
N SER C 294 32.21 16.93 34.25
CA SER C 294 31.54 16.80 35.55
C SER C 294 30.62 15.58 35.59
N ARG C 295 30.14 15.12 34.45
CA ARG C 295 29.31 13.92 34.37
C ARG C 295 30.13 12.64 34.31
N GLY C 296 31.46 12.73 34.33
CA GLY C 296 32.31 11.59 34.15
C GLY C 296 32.49 11.15 32.71
N ASN C 297 31.77 11.77 31.78
CA ASN C 297 31.84 11.41 30.38
C ASN C 297 33.18 11.84 29.77
N ASN C 298 33.56 11.15 28.69
CA ASN C 298 34.70 11.52 27.88
C ASN C 298 34.20 11.84 26.46
N ILE C 299 35.15 12.01 25.53
CA ILE C 299 34.79 12.39 24.16
C ILE C 299 33.99 11.28 23.49
N LEU C 300 34.32 10.01 23.78
CA LEU C 300 33.55 8.92 23.21
C LEU C 300 32.17 8.82 23.85
N HIS C 301 32.07 9.07 25.16
CA HIS C 301 30.77 9.14 25.82
C HIS C 301 29.92 10.26 25.24
N ALA C 302 30.53 11.43 25.03
CA ALA C 302 29.79 12.57 24.49
C ALA C 302 29.33 12.29 23.05
N LEU C 303 30.19 11.68 22.24
CA LEU C 303 29.80 11.31 20.89
C LEU C 303 28.67 10.28 20.90
N VAL C 304 28.65 9.39 21.89
CA VAL C 304 27.56 8.43 22.01
C VAL C 304 26.26 9.16 22.37
N THR C 305 26.32 10.09 23.31
CA THR C 305 25.11 10.79 23.75
C THR C 305 24.52 11.65 22.64
N VAL C 306 25.36 12.37 21.89
CA VAL C 306 24.87 13.24 20.83
C VAL C 306 24.54 12.49 19.55
N ALA C 307 24.79 11.18 19.51
CA ALA C 307 24.50 10.41 18.31
C ALA C 307 23.00 10.25 18.11
N GLU C 308 22.60 10.06 16.86
CA GLU C 308 21.19 9.91 16.50
C GLU C 308 21.10 9.09 15.22
N ASP C 309 19.87 8.86 14.77
CA ASP C 309 19.63 8.06 13.57
C ASP C 309 20.03 8.85 12.32
N PHE C 310 19.97 8.16 11.17
CA PHE C 310 20.35 8.77 9.91
C PHE C 310 19.34 9.82 9.45
N LYS C 311 18.10 9.75 9.92
CA LYS C 311 17.08 10.71 9.48
C LYS C 311 17.34 12.10 10.05
N THR C 312 17.60 12.20 11.35
CA THR C 312 17.79 13.50 11.97
C THR C 312 19.15 14.09 11.64
N GLN C 313 20.20 13.28 11.67
CA GLN C 313 21.56 13.74 11.41
C GLN C 313 22.30 12.72 10.58
N ASN C 314 23.46 13.12 10.08
CA ASN C 314 24.27 12.24 9.25
C ASN C 314 25.07 11.27 10.11
N ASP C 315 25.98 10.54 9.45
CA ASP C 315 26.79 9.52 10.10
C ASP C 315 28.15 10.06 10.58
N PHE C 316 28.29 11.39 10.65
CA PHE C 316 29.56 11.99 11.02
C PHE C 316 30.02 11.62 12.42
N VAL C 317 29.08 11.32 13.33
CA VAL C 317 29.45 10.95 14.69
C VAL C 317 30.21 9.62 14.70
N LYS C 318 29.73 8.64 13.93
CA LYS C 318 30.43 7.37 13.80
C LYS C 318 31.81 7.56 13.17
N ARG C 319 31.89 8.42 12.15
CA ARG C 319 33.17 8.73 11.55
C ARG C 319 34.10 9.45 12.53
N MET C 320 33.54 10.38 13.31
CA MET C 320 34.33 11.07 14.33
C MET C 320 34.77 10.10 15.42
N TYR C 321 33.88 9.19 15.82
CA TYR C 321 34.24 8.18 16.81
C TYR C 321 35.39 7.33 16.32
N ASP C 322 35.32 6.90 15.06
CA ASP C 322 36.38 6.07 14.48
C ASP C 322 37.69 6.85 14.39
N MET C 323 37.63 8.10 13.92
CA MET C 323 38.85 8.90 13.76
C MET C 323 39.53 9.18 15.09
N ILE C 324 38.74 9.55 16.10
CA ILE C 324 39.31 9.89 17.41
C ILE C 324 39.87 8.63 18.09
N LEU C 325 39.14 7.52 17.99
CA LEU C 325 39.63 6.27 18.59
C LEU C 325 40.91 5.79 17.92
N LEU C 326 40.99 5.90 16.60
CA LEU C 326 42.19 5.48 15.89
C LEU C 326 43.37 6.41 16.18
N ARG C 327 43.11 7.72 16.28
CA ARG C 327 44.18 8.66 16.57
C ARG C 327 44.71 8.47 17.99
N SER C 328 43.82 8.19 18.94
CA SER C 328 44.26 7.92 20.31
C SER C 328 45.09 6.64 20.38
N GLY C 329 44.64 5.58 19.72
CA GLY C 329 45.39 4.34 19.65
C GLY C 329 45.57 3.63 20.97
N ASN C 330 44.51 3.56 21.77
CA ASN C 330 44.57 2.90 23.07
C ASN C 330 43.19 2.46 23.49
N TRP C 331 43.14 1.52 24.44
CA TRP C 331 41.88 0.98 24.95
C TRP C 331 41.39 1.69 26.19
N GLU C 332 42.10 2.70 26.68
CA GLU C 332 41.67 3.41 27.88
C GLU C 332 40.47 4.31 27.63
N LEU C 333 40.21 4.66 26.37
CA LEU C 333 39.07 5.51 26.06
C LEU C 333 37.76 4.74 26.16
N GLU C 334 37.75 3.49 25.70
CA GLU C 334 36.54 2.67 25.71
C GLU C 334 36.37 1.84 26.96
N THR C 335 37.37 1.83 27.85
CA THR C 335 37.27 1.11 29.11
C THR C 335 37.10 2.04 30.30
N THR C 336 36.87 3.33 30.06
CA THR C 336 36.69 4.31 31.12
C THR C 336 35.21 4.44 31.44
N ARG C 337 34.85 4.23 32.70
CA ARG C 337 33.47 4.35 33.15
C ARG C 337 33.18 5.77 33.62
N ASN C 338 32.03 6.30 33.22
CA ASN C 338 31.59 7.62 33.64
C ASN C 338 31.02 7.55 35.05
N ASN C 339 30.31 8.60 35.46
CA ASN C 339 29.66 8.58 36.77
C ASN C 339 28.31 7.87 36.69
N ASP C 340 28.29 6.71 36.04
CA ASP C 340 27.10 5.85 36.01
C ASP C 340 27.45 4.38 35.95
N GLY C 341 28.73 4.02 36.03
CA GLY C 341 29.14 2.63 35.84
C GLY C 341 28.92 2.13 34.42
N LEU C 342 29.21 2.95 33.42
CA LEU C 342 28.94 2.61 32.03
C LEU C 342 30.14 2.96 31.16
N THR C 343 30.52 2.03 30.28
CA THR C 343 31.48 2.29 29.23
C THR C 343 30.75 2.93 28.04
N PRO C 344 31.50 3.55 27.12
CA PRO C 344 30.83 4.09 25.91
C PRO C 344 30.09 3.04 25.11
N LEU C 345 30.57 1.79 25.12
CA LEU C 345 29.82 0.71 24.50
C LEU C 345 28.53 0.43 25.27
N GLN C 346 28.61 0.37 26.61
CA GLN C 346 27.43 0.17 27.42
C GLN C 346 26.51 1.40 27.36
N LEU C 347 27.09 2.60 27.27
CA LEU C 347 26.27 3.79 27.13
C LEU C 347 25.54 3.81 25.81
N ALA C 348 26.19 3.34 24.74
CA ALA C 348 25.52 3.23 23.45
C ALA C 348 24.41 2.20 23.49
N ALA C 349 24.59 1.12 24.25
CA ALA C 349 23.53 0.13 24.40
C ALA C 349 22.37 0.67 25.21
N LYS C 350 22.65 1.46 26.25
CA LYS C 350 21.60 1.96 27.12
C LYS C 350 20.81 3.10 26.46
N MET C 351 21.51 4.02 25.80
CA MET C 351 20.86 5.18 25.21
C MET C 351 20.07 4.86 23.95
N GLY C 352 20.18 3.65 23.43
CA GLY C 352 19.45 3.26 22.23
C GLY C 352 20.13 3.56 20.92
N LYS C 353 21.41 3.96 20.95
CA LYS C 353 22.13 4.26 19.72
C LYS C 353 22.49 2.98 18.98
N ALA C 354 21.64 2.58 18.02
CA ALA C 354 21.86 1.31 17.33
C ALA C 354 22.99 1.41 16.31
N GLU C 355 23.17 2.57 15.68
CA GLU C 355 24.21 2.71 14.67
C GLU C 355 25.60 2.66 15.30
N ILE C 356 25.81 3.37 16.41
CA ILE C 356 27.10 3.37 17.07
C ILE C 356 27.40 1.99 17.66
N LEU C 357 26.38 1.33 18.22
CA LEU C 357 26.58 -0.02 18.74
C LEU C 357 26.90 -0.99 17.62
N LYS C 358 26.26 -0.83 16.46
CA LYS C 358 26.56 -1.69 15.31
C LYS C 358 27.99 -1.47 14.83
N TYR C 359 28.48 -0.24 14.88
CA TYR C 359 29.86 0.02 14.48
C TYR C 359 30.85 -0.59 15.48
N ILE C 360 30.60 -0.43 16.78
CA ILE C 360 31.56 -0.87 17.79
C ILE C 360 31.58 -2.40 17.86
N LEU C 361 30.41 -3.04 17.81
CA LEU C 361 30.35 -4.49 17.94
C LEU C 361 31.03 -5.19 16.78
N SER C 362 30.91 -4.65 15.57
CA SER C 362 31.50 -5.23 14.37
C SER C 362 32.65 -4.38 13.85
N ARG C 363 33.46 -3.84 14.75
CA ARG C 363 34.57 -2.96 14.37
C ARG C 363 35.76 -3.82 13.95
N GLU C 364 36.11 -3.75 12.67
CA GLU C 364 37.27 -4.46 12.13
C GLU C 364 38.25 -3.44 11.56
N ILE C 365 39.51 -3.55 11.96
CA ILE C 365 40.57 -2.63 11.53
C ILE C 365 41.55 -3.40 10.67
N LYS C 366 41.78 -2.93 9.45
CA LYS C 366 42.60 -3.68 8.50
C LYS C 366 44.08 -3.56 8.82
N GLU C 367 44.54 -2.38 9.24
CA GLU C 367 45.96 -2.16 9.47
C GLU C 367 46.44 -2.94 10.68
N LYS C 368 47.70 -3.36 10.62
CA LYS C 368 48.30 -4.18 11.67
C LYS C 368 48.96 -3.36 12.77
N ARG C 369 49.09 -2.04 12.60
CA ARG C 369 49.74 -1.22 13.62
C ARG C 369 48.89 -1.15 14.88
N LEU C 370 47.56 -1.08 14.73
CA LEU C 370 46.64 -1.16 15.86
C LEU C 370 45.48 -2.07 15.45
N ARG C 371 45.61 -3.36 15.75
CA ARG C 371 44.54 -4.32 15.50
C ARG C 371 43.91 -4.85 16.78
N SER C 372 44.51 -4.59 17.94
CA SER C 372 43.88 -4.96 19.21
C SER C 372 42.66 -4.11 19.51
N LEU C 373 42.53 -2.95 18.87
CA LEU C 373 41.35 -2.11 19.03
C LEU C 373 40.12 -2.67 18.31
N SER C 374 40.30 -3.69 17.48
CA SER C 374 39.18 -4.29 16.78
C SER C 374 38.39 -5.20 17.70
N ARG C 375 37.10 -5.34 17.40
CA ARG C 375 36.23 -6.26 18.12
C ARG C 375 35.81 -7.46 17.28
N LYS C 376 35.91 -7.37 15.96
CA LYS C 376 35.62 -8.48 15.06
C LYS C 376 36.88 -8.83 14.29
N PHE C 377 37.21 -10.11 14.25
CA PHE C 377 38.39 -10.60 13.55
C PHE C 377 37.98 -11.70 12.59
N THR C 378 38.39 -11.57 11.33
CA THR C 378 38.10 -12.56 10.31
C THR C 378 39.13 -13.69 10.43
N ASP C 379 38.70 -14.84 10.96
CA ASP C 379 39.61 -15.96 11.09
C ASP C 379 40.08 -16.46 9.73
N TRP C 380 39.14 -16.69 8.81
CA TRP C 380 39.48 -17.07 7.45
C TRP C 380 38.35 -16.66 6.53
N ALA C 381 38.64 -16.60 5.24
CA ALA C 381 37.64 -16.27 4.22
C ALA C 381 38.02 -17.02 2.95
N TYR C 382 37.29 -18.08 2.65
CA TYR C 382 37.52 -18.91 1.47
C TYR C 382 36.38 -18.69 0.49
N GLY C 383 36.67 -18.01 -0.62
CA GLY C 383 35.66 -17.65 -1.57
C GLY C 383 34.60 -16.76 -0.94
N PRO C 384 33.34 -16.94 -1.33
CA PRO C 384 32.26 -16.18 -0.69
C PRO C 384 31.80 -16.79 0.63
N VAL C 385 32.74 -17.27 1.43
CA VAL C 385 32.46 -17.83 2.75
C VAL C 385 33.55 -17.37 3.70
N SER C 386 33.16 -16.62 4.74
CA SER C 386 34.11 -16.05 5.69
C SER C 386 33.65 -16.33 7.11
N SER C 387 34.60 -16.72 7.96
CA SER C 387 34.34 -16.98 9.37
C SER C 387 34.98 -15.88 10.20
N SER C 388 34.16 -15.14 10.94
CA SER C 388 34.61 -14.01 11.73
C SER C 388 34.44 -14.30 13.22
N LEU C 389 35.39 -13.84 14.02
CA LEU C 389 35.35 -13.99 15.47
C LEU C 389 34.96 -12.67 16.10
N TYR C 390 33.91 -12.69 16.91
CA TYR C 390 33.39 -11.50 17.57
C TYR C 390 33.79 -11.50 19.04
N ASP C 391 34.36 -10.39 19.51
CA ASP C 391 34.75 -10.29 20.90
C ASP C 391 33.53 -10.19 21.80
N LEU C 392 33.60 -10.82 22.96
CA LEU C 392 32.50 -10.90 23.91
C LEU C 392 32.98 -10.56 25.31
N THR C 393 33.71 -9.44 25.43
CA THR C 393 34.21 -9.02 26.74
C THR C 393 33.08 -8.53 27.63
N ASN C 394 32.39 -7.46 27.22
CA ASN C 394 31.28 -6.91 27.97
C ASN C 394 29.95 -7.12 27.26
N VAL C 395 29.89 -8.04 26.30
CA VAL C 395 28.68 -8.30 25.54
C VAL C 395 27.90 -9.47 26.12
N ASP C 396 28.57 -10.60 26.36
CA ASP C 396 27.93 -11.75 26.96
C ASP C 396 27.56 -11.46 28.41
N THR C 397 26.43 -12.02 28.84
CA THR C 397 25.92 -11.80 30.20
C THR C 397 26.74 -12.61 31.20
N THR C 398 27.98 -12.14 31.39
CA THR C 398 28.88 -12.76 32.36
C THR C 398 29.77 -11.73 33.07
N THR C 399 29.51 -10.44 32.89
CA THR C 399 30.31 -9.37 33.46
C THR C 399 29.39 -8.33 34.10
N ASP C 400 28.44 -8.79 34.93
CA ASP C 400 27.47 -7.95 35.61
C ASP C 400 26.63 -7.17 34.60
N ASN C 401 26.93 -5.89 34.43
CA ASN C 401 26.21 -5.06 33.46
C ASN C 401 26.83 -5.28 32.08
N SER C 402 26.15 -6.08 31.25
CA SER C 402 26.63 -6.42 29.93
C SER C 402 25.75 -5.76 28.87
N VAL C 403 26.24 -5.79 27.63
CA VAL C 403 25.51 -5.16 26.53
C VAL C 403 24.22 -5.91 26.24
N LEU C 404 24.26 -7.24 26.32
CA LEU C 404 23.06 -8.03 26.06
C LEU C 404 21.98 -7.77 27.11
N GLU C 405 22.37 -7.78 28.39
CA GLU C 405 21.42 -7.54 29.47
C GLU C 405 20.88 -6.12 29.42
N ILE C 406 21.74 -5.15 29.12
CA ILE C 406 21.29 -3.76 29.02
C ILE C 406 20.32 -3.59 27.85
N THR C 407 20.64 -4.21 26.71
CA THR C 407 19.79 -4.10 25.53
C THR C 407 18.42 -4.73 25.77
N VAL C 408 18.38 -5.87 26.46
CA VAL C 408 17.13 -6.60 26.61
C VAL C 408 16.29 -6.04 27.77
N TYR C 409 16.90 -5.89 28.94
CA TYR C 409 16.14 -5.63 30.16
C TYR C 409 15.65 -4.19 30.27
N ASN C 410 16.40 -3.22 29.74
CA ASN C 410 15.96 -1.84 29.84
C ASN C 410 14.73 -1.59 28.96
N THR C 411 13.98 -0.55 29.30
CA THR C 411 12.69 -0.31 28.67
C THR C 411 12.48 1.09 28.13
N ASN C 412 13.32 2.07 28.50
CA ASN C 412 13.10 3.45 28.10
C ASN C 412 13.75 3.76 26.75
N ILE C 413 13.47 2.93 25.74
CA ILE C 413 13.90 3.16 24.37
C ILE C 413 12.82 2.67 23.43
N ASP C 414 12.84 3.20 22.21
CA ASP C 414 11.90 2.78 21.17
C ASP C 414 12.53 1.87 20.13
N ASN C 415 13.84 1.95 19.92
CA ASN C 415 14.55 1.13 18.96
C ASN C 415 15.15 -0.13 19.58
N ARG C 416 14.48 -0.69 20.59
CA ARG C 416 14.97 -1.89 21.25
C ARG C 416 14.98 -3.09 20.31
N HIS C 417 14.02 -3.15 19.37
CA HIS C 417 13.91 -4.31 18.49
C HIS C 417 15.08 -4.38 17.52
N GLU C 418 15.49 -3.25 16.96
CA GLU C 418 16.56 -3.25 15.97
C GLU C 418 17.94 -3.41 16.57
N MET C 419 18.10 -3.15 17.87
CA MET C 419 19.39 -3.31 18.52
C MET C 419 19.74 -4.77 18.77
N LEU C 420 18.74 -5.65 18.90
CA LEU C 420 18.99 -7.07 19.12
C LEU C 420 19.27 -7.82 17.84
N THR C 421 19.18 -7.17 16.69
CA THR C 421 19.44 -7.81 15.40
C THR C 421 20.90 -7.75 14.98
N LEU C 422 21.77 -7.23 15.84
CA LEU C 422 23.19 -7.13 15.52
C LEU C 422 23.82 -8.52 15.51
N GLU C 423 25.05 -8.58 14.99
CA GLU C 423 25.71 -9.87 14.77
C GLU C 423 25.97 -10.65 16.04
N PRO C 424 26.60 -10.11 17.11
CA PRO C 424 26.91 -10.97 18.27
C PRO C 424 25.70 -11.26 19.14
N LEU C 425 24.82 -10.27 19.31
CA LEU C 425 23.70 -10.41 20.24
C LEU C 425 22.69 -11.44 19.75
N HIS C 426 22.34 -11.36 18.47
CA HIS C 426 21.39 -12.33 17.92
C HIS C 426 21.94 -13.73 18.08
N THR C 427 23.15 -13.95 17.59
CA THR C 427 23.75 -15.28 17.63
C THR C 427 23.83 -15.79 19.07
N LEU C 428 24.22 -14.92 20.01
CA LEU C 428 24.31 -15.33 21.41
C LEU C 428 22.96 -15.75 21.95
N LEU C 429 21.91 -15.00 21.62
CA LEU C 429 20.57 -15.38 22.06
C LEU C 429 20.13 -16.70 21.44
N HIS C 430 20.49 -16.91 20.19
CA HIS C 430 20.14 -18.16 19.53
C HIS C 430 20.77 -19.33 20.25
N MET C 431 22.09 -19.27 20.44
CA MET C 431 22.80 -20.38 21.06
C MET C 431 22.35 -20.60 22.50
N LYS C 432 22.05 -19.53 23.24
CA LYS C 432 21.54 -19.70 24.59
C LYS C 432 20.19 -20.41 24.59
N TRP C 433 19.31 -20.03 23.66
CA TRP C 433 18.01 -20.69 23.56
C TRP C 433 18.16 -22.15 23.16
N LYS C 434 19.06 -22.44 22.23
CA LYS C 434 19.26 -23.81 21.78
C LYS C 434 20.09 -24.65 22.74
N LYS C 435 20.68 -24.04 23.77
CA LYS C 435 21.49 -24.77 24.74
C LYS C 435 20.72 -25.10 26.01
N PHE C 436 20.18 -24.09 26.70
CA PHE C 436 19.60 -24.35 28.00
C PHE C 436 18.22 -23.72 28.18
N ALA C 437 17.91 -22.68 27.41
CA ALA C 437 16.64 -21.99 27.61
C ALA C 437 15.46 -22.78 27.08
N LYS C 438 15.69 -23.60 26.05
CA LYS C 438 14.60 -24.41 25.49
C LYS C 438 14.13 -25.45 26.50
N HIS C 439 15.07 -26.17 27.11
CA HIS C 439 14.70 -27.19 28.09
C HIS C 439 14.09 -26.57 29.34
N MET C 440 14.61 -25.41 29.76
CA MET C 440 14.06 -24.73 30.93
C MET C 440 12.64 -24.25 30.68
N PHE C 441 12.38 -23.69 29.50
CA PHE C 441 11.03 -23.25 29.18
C PHE C 441 10.07 -24.43 29.05
N PHE C 442 10.52 -25.53 28.47
CA PHE C 442 9.67 -26.71 28.36
C PHE C 442 9.37 -27.30 29.74
N LEU C 443 10.37 -27.31 30.63
CA LEU C 443 10.15 -27.82 31.98
C LEU C 443 9.17 -26.92 32.75
N SER C 444 9.30 -25.61 32.61
CA SER C 444 8.37 -24.69 33.27
C SER C 444 6.96 -24.87 32.73
N PHE C 445 6.82 -25.05 31.42
CA PHE C 445 5.51 -25.28 30.82
C PHE C 445 4.90 -26.58 31.34
N CYS C 446 5.69 -27.65 31.38
CA CYS C 446 5.17 -28.94 31.85
C CYS C 446 4.77 -28.88 33.32
N PHE C 447 5.60 -28.23 34.15
CA PHE C 447 5.29 -28.16 35.58
C PHE C 447 4.05 -27.32 35.85
N TYR C 448 3.91 -26.19 35.14
CA TYR C 448 2.73 -25.36 35.34
C TYR C 448 1.48 -26.04 34.78
N PHE C 449 1.62 -26.77 33.67
CA PHE C 449 0.48 -27.50 33.11
C PHE C 449 0.01 -28.60 34.06
N PHE C 450 0.96 -29.35 34.63
CA PHE C 450 0.59 -30.40 35.58
C PHE C 450 0.03 -29.81 36.87
N TYR C 451 0.59 -28.68 37.31
CA TYR C 451 0.07 -28.02 38.51
C TYR C 451 -1.37 -27.53 38.30
N ASN C 452 -1.64 -26.95 37.13
CA ASN C 452 -3.00 -26.51 36.84
C ASN C 452 -3.94 -27.69 36.69
N ILE C 453 -3.47 -28.79 36.09
CA ILE C 453 -4.31 -29.97 35.89
C ILE C 453 -4.69 -30.57 37.24
N THR C 454 -3.71 -30.73 38.13
CA THR C 454 -4.01 -31.34 39.43
C THR C 454 -4.79 -30.41 40.34
N LEU C 455 -4.59 -29.10 40.21
CA LEU C 455 -5.42 -28.15 40.94
C LEU C 455 -6.88 -28.23 40.48
N THR C 456 -7.08 -28.30 39.17
CA THR C 456 -8.44 -28.45 38.63
C THR C 456 -9.06 -29.77 39.08
N LEU C 457 -8.28 -30.85 39.10
CA LEU C 457 -8.83 -32.15 39.47
C LEU C 457 -9.20 -32.20 40.95
N VAL C 458 -8.37 -31.65 41.83
CA VAL C 458 -8.69 -31.69 43.25
C VAL C 458 -9.74 -30.66 43.63
N SER C 459 -10.00 -29.66 42.78
CA SER C 459 -11.04 -28.69 43.09
C SER C 459 -12.39 -29.09 42.52
N TYR C 460 -12.41 -29.71 41.33
CA TYR C 460 -13.67 -30.14 40.73
C TYR C 460 -14.19 -31.41 41.39
N TYR C 461 -13.30 -32.29 41.84
CA TYR C 461 -13.67 -33.53 42.50
C TYR C 461 -13.64 -33.41 44.01
N ARG C 462 -14.04 -32.25 44.54
CA ARG C 462 -14.11 -32.05 45.97
C ARG C 462 -15.18 -32.94 46.58
N PRO C 463 -15.07 -33.26 47.88
CA PRO C 463 -16.10 -34.09 48.52
C PRO C 463 -17.49 -33.48 48.45
N ARG C 464 -17.60 -32.16 48.53
CA ARG C 464 -18.87 -31.43 48.35
C ARG C 464 -19.97 -31.91 49.29
N GLY C 480 -8.32 -40.25 51.27
CA GLY C 480 -7.54 -40.20 50.06
C GLY C 480 -6.06 -40.06 50.30
N TRP C 481 -5.43 -41.16 50.72
CA TRP C 481 -3.99 -41.13 50.98
C TRP C 481 -3.20 -41.00 49.68
N LEU C 482 -3.63 -41.71 48.62
CA LEU C 482 -2.92 -41.65 47.35
C LEU C 482 -3.19 -40.34 46.62
N GLN C 483 -4.33 -39.70 46.90
CA GLN C 483 -4.70 -38.44 46.28
C GLN C 483 -4.26 -37.23 47.08
N LEU C 484 -3.62 -37.43 48.24
CA LEU C 484 -3.13 -36.30 49.01
C LEU C 484 -1.90 -35.67 48.38
N LEU C 485 -1.17 -36.43 47.58
CA LEU C 485 0.02 -35.89 46.92
C LEU C 485 -0.33 -34.77 45.95
N GLY C 486 -1.50 -34.86 45.31
CA GLY C 486 -1.88 -33.82 44.36
C GLY C 486 -2.11 -32.48 45.04
N ARG C 487 -2.84 -32.47 46.14
CA ARG C 487 -3.10 -31.21 46.84
C ARG C 487 -1.86 -30.69 47.55
N MET C 488 -1.02 -31.59 48.07
CA MET C 488 0.24 -31.15 48.67
C MET C 488 1.15 -30.53 47.61
N PHE C 489 1.19 -31.11 46.41
CA PHE C 489 1.95 -30.52 45.32
C PHE C 489 1.36 -29.18 44.89
N VAL C 490 0.03 -29.06 44.94
CA VAL C 490 -0.61 -27.77 44.64
C VAL C 490 -0.14 -26.71 45.62
N LEU C 491 -0.15 -27.04 46.92
CA LEU C 491 0.29 -26.08 47.93
C LEU C 491 1.76 -25.72 47.78
N ILE C 492 2.61 -26.72 47.55
CA ILE C 492 4.05 -26.48 47.45
C ILE C 492 4.37 -25.62 46.23
N TRP C 493 3.76 -25.95 45.08
CA TRP C 493 4.06 -25.21 43.86
C TRP C 493 3.43 -23.82 43.88
N ALA C 494 2.29 -23.66 44.55
CA ALA C 494 1.71 -22.33 44.71
C ALA C 494 2.62 -21.45 45.59
N MET C 495 3.17 -22.02 46.65
CA MET C 495 4.11 -21.27 47.49
C MET C 495 5.37 -20.91 46.71
N CYS C 496 5.85 -21.84 45.88
CA CYS C 496 7.05 -21.56 45.08
C CYS C 496 6.81 -20.44 44.08
N ILE C 497 5.65 -20.45 43.41
CA ILE C 497 5.33 -19.38 42.48
C ILE C 497 5.16 -18.07 43.23
N SER C 498 4.54 -18.11 44.41
CA SER C 498 4.30 -16.90 45.19
C SER C 498 5.62 -16.24 45.60
N VAL C 499 6.57 -17.02 46.10
CA VAL C 499 7.83 -16.44 46.52
C VAL C 499 8.67 -16.00 45.32
N LYS C 500 8.58 -16.74 44.19
CA LYS C 500 9.32 -16.35 43.01
C LYS C 500 8.81 -15.04 42.44
N GLU C 501 7.49 -14.89 42.34
CA GLU C 501 6.92 -13.64 41.86
C GLU C 501 7.12 -12.51 42.88
N GLY C 502 7.16 -12.84 44.17
CA GLY C 502 7.40 -11.82 45.17
C GLY C 502 8.80 -11.22 45.07
N ILE C 503 9.80 -12.08 44.90
CA ILE C 503 11.17 -11.58 44.74
C ILE C 503 11.40 -10.99 43.35
N ALA C 504 10.56 -11.35 42.37
CA ALA C 504 10.66 -10.74 41.05
C ALA C 504 9.88 -9.44 40.94
N ILE C 505 9.03 -9.13 41.93
CA ILE C 505 8.26 -7.89 41.94
C ILE C 505 8.98 -6.90 42.85
N PHE C 506 9.63 -7.42 43.91
CA PHE C 506 10.31 -6.55 44.86
C PHE C 506 11.42 -5.75 44.20
N LEU C 507 12.20 -6.38 43.32
CA LEU C 507 13.25 -5.68 42.58
C LEU C 507 12.78 -5.14 41.25
N LEU C 508 11.48 -5.27 40.93
CA LEU C 508 10.98 -4.78 39.66
C LEU C 508 10.98 -3.26 39.64
N ARG C 509 11.50 -2.69 38.55
CA ARG C 509 11.58 -1.25 38.40
C ARG C 509 10.18 -0.68 38.14
N PRO C 510 9.98 0.62 38.40
CA PRO C 510 8.74 1.28 37.96
C PRO C 510 8.79 1.82 36.53
N SER C 511 9.87 1.56 35.79
CA SER C 511 9.99 2.00 34.40
C SER C 511 9.38 1.00 33.43
N ASP C 512 9.58 -0.31 33.68
CA ASP C 512 8.94 -1.32 32.86
C ASP C 512 7.46 -1.46 33.16
N LEU C 513 6.98 -0.90 34.27
CA LEU C 513 5.55 -0.83 34.54
C LEU C 513 4.85 0.20 33.68
N GLN C 514 5.60 1.01 32.93
CA GLN C 514 5.03 2.00 32.04
C GLN C 514 4.56 1.33 30.75
N SER C 515 4.27 2.13 29.73
CA SER C 515 3.60 1.69 28.49
C SER C 515 2.26 1.09 28.92
N ILE C 516 1.84 -0.04 28.36
CA ILE C 516 0.60 -0.70 28.77
C ILE C 516 0.93 -2.17 29.03
N LEU C 517 1.39 -2.47 30.25
CA LEU C 517 1.52 -3.81 30.82
C LEU C 517 2.04 -4.86 29.85
N SER C 518 3.01 -4.50 29.02
CA SER C 518 3.51 -5.39 27.97
C SER C 518 4.71 -6.21 28.41
N ASP C 519 5.21 -6.00 29.63
CA ASP C 519 6.36 -6.75 30.10
C ASP C 519 6.29 -7.15 31.58
N ALA C 520 5.18 -6.86 32.26
CA ALA C 520 5.06 -7.24 33.67
C ALA C 520 3.67 -7.73 34.06
N TRP C 521 2.73 -7.81 33.12
CA TRP C 521 1.36 -8.22 33.46
C TRP C 521 1.32 -9.67 33.91
N PHE C 522 2.10 -10.54 33.26
CA PHE C 522 2.08 -11.95 33.62
C PHE C 522 2.69 -12.20 34.99
N HIS C 523 3.62 -11.36 35.42
CA HIS C 523 4.13 -11.45 36.79
C HIS C 523 3.02 -11.21 37.80
N PHE C 524 2.19 -10.20 37.57
CA PHE C 524 1.11 -9.91 38.51
C PHE C 524 0.05 -11.01 38.53
N VAL C 525 -0.31 -11.54 37.36
CA VAL C 525 -1.36 -12.56 37.35
C VAL C 525 -0.86 -13.88 37.91
N PHE C 526 0.43 -14.21 37.72
CA PHE C 526 0.97 -15.41 38.34
C PHE C 526 1.02 -15.26 39.86
N PHE C 527 1.41 -14.07 40.34
CA PHE C 527 1.41 -13.83 41.79
C PHE C 527 -0.01 -13.88 42.35
N ILE C 528 -0.97 -13.32 41.62
CA ILE C 528 -2.37 -13.30 42.08
C ILE C 528 -2.92 -14.72 42.14
N GLN C 529 -2.62 -15.55 41.13
CA GLN C 529 -3.07 -16.94 41.15
C GLN C 529 -2.44 -17.70 42.31
N ALA C 530 -1.15 -17.45 42.58
CA ALA C 530 -0.47 -18.14 43.67
C ALA C 530 -1.08 -17.77 45.02
N VAL C 531 -1.28 -16.47 45.26
CA VAL C 531 -1.86 -16.06 46.53
C VAL C 531 -3.33 -16.42 46.63
N LEU C 532 -4.02 -16.60 45.49
CA LEU C 532 -5.39 -17.08 45.52
C LEU C 532 -5.45 -18.53 45.99
N VAL C 533 -4.54 -19.37 45.51
CA VAL C 533 -4.47 -20.75 45.99
C VAL C 533 -4.08 -20.78 47.47
N ILE C 534 -3.14 -19.91 47.86
CA ILE C 534 -2.70 -19.86 49.25
C ILE C 534 -3.86 -19.46 50.16
N LEU C 535 -4.61 -18.42 49.76
CA LEU C 535 -5.75 -17.99 50.55
C LEU C 535 -6.87 -19.01 50.54
N SER C 536 -7.02 -19.76 49.44
CA SER C 536 -8.05 -20.79 49.38
C SER C 536 -7.78 -21.89 50.39
N VAL C 537 -6.55 -22.39 50.46
CA VAL C 537 -6.24 -23.40 51.45
C VAL C 537 -6.20 -22.80 52.85
N PHE C 538 -5.91 -21.50 52.96
CA PHE C 538 -5.90 -20.84 54.26
C PHE C 538 -7.31 -20.80 54.85
N LEU C 539 -8.31 -20.49 54.03
CA LEU C 539 -9.69 -20.50 54.49
C LEU C 539 -10.27 -21.91 54.54
N TYR C 540 -9.69 -22.86 53.79
CA TYR C 540 -10.16 -24.24 53.86
C TYR C 540 -9.71 -24.92 55.15
N LEU C 541 -8.57 -24.51 55.71
CA LEU C 541 -8.10 -25.11 56.95
C LEU C 541 -9.06 -24.82 58.11
N PHE C 542 -9.60 -23.62 58.15
CA PHE C 542 -10.58 -23.25 59.18
C PHE C 542 -11.99 -23.39 58.61
N ALA C 543 -12.98 -22.99 59.41
CA ALA C 543 -14.39 -23.10 59.01
C ALA C 543 -14.85 -21.80 58.36
N TYR C 544 -14.33 -21.57 57.15
CA TYR C 544 -14.68 -20.41 56.34
C TYR C 544 -15.41 -20.88 55.10
N LYS C 545 -16.65 -20.43 54.92
CA LYS C 545 -17.44 -20.82 53.76
C LYS C 545 -17.02 -20.11 52.49
N GLU C 546 -16.34 -18.97 52.58
CA GLU C 546 -15.92 -18.22 51.41
C GLU C 546 -14.52 -18.64 50.95
N TYR C 547 -14.33 -19.95 50.77
CA TYR C 547 -13.05 -20.49 50.30
C TYR C 547 -13.13 -21.02 48.88
N LEU C 548 -14.31 -21.44 48.41
CA LEU C 548 -14.43 -21.97 47.06
C LEU C 548 -14.35 -20.87 46.01
N ALA C 549 -14.68 -19.63 46.37
CA ALA C 549 -14.59 -18.54 45.41
C ALA C 549 -13.14 -18.28 44.99
N CYS C 550 -12.23 -18.26 45.96
CA CYS C 550 -10.81 -18.07 45.64
C CYS C 550 -10.28 -19.25 44.84
N LEU C 551 -10.70 -20.47 45.17
CA LEU C 551 -10.24 -21.65 44.46
C LEU C 551 -10.72 -21.66 43.02
N VAL C 552 -11.99 -21.34 42.80
CA VAL C 552 -12.54 -21.31 41.44
C VAL C 552 -11.88 -20.20 40.63
N LEU C 553 -11.69 -19.03 41.25
CA LEU C 553 -10.98 -17.94 40.58
C LEU C 553 -9.55 -18.34 40.24
N ALA C 554 -8.92 -19.13 41.12
CA ALA C 554 -7.57 -19.62 40.85
C ALA C 554 -7.55 -20.58 39.67
N MET C 555 -8.57 -21.43 39.55
CA MET C 555 -8.65 -22.34 38.40
C MET C 555 -8.81 -21.56 37.11
N ALA C 556 -9.72 -20.58 37.10
CA ALA C 556 -9.96 -19.81 35.88
C ALA C 556 -8.73 -18.98 35.49
N LEU C 557 -8.09 -18.34 36.48
CA LEU C 557 -6.91 -17.55 36.18
C LEU C 557 -5.74 -18.44 35.78
N GLY C 558 -5.59 -19.60 36.42
CA GLY C 558 -4.50 -20.50 36.07
C GLY C 558 -4.63 -21.05 34.66
N TRP C 559 -5.84 -21.39 34.25
CA TRP C 559 -6.04 -21.83 32.86
C TRP C 559 -5.95 -20.66 31.89
N ALA C 560 -6.21 -19.44 32.36
CA ALA C 560 -5.96 -18.26 31.54
C ALA C 560 -4.48 -17.92 31.46
N ASN C 561 -3.74 -18.14 32.54
CA ASN C 561 -2.31 -17.84 32.56
C ASN C 561 -1.49 -18.82 31.74
N MET C 562 -2.06 -19.95 31.32
CA MET C 562 -1.31 -20.92 30.53
C MET C 562 -1.01 -20.41 29.12
N LEU C 563 -1.68 -19.36 28.68
CA LEU C 563 -1.40 -18.78 27.37
C LEU C 563 -0.08 -18.01 27.35
N TYR C 564 0.55 -17.80 28.50
CA TYR C 564 1.87 -17.17 28.53
C TYR C 564 2.91 -18.03 27.83
N TYR C 565 2.80 -19.35 27.98
CA TYR C 565 3.80 -20.27 27.44
C TYR C 565 3.69 -20.44 25.93
N THR C 566 2.72 -19.81 25.28
CA THR C 566 2.60 -19.86 23.83
C THR C 566 3.74 -19.12 23.13
N ARG C 567 4.53 -18.33 23.86
CA ARG C 567 5.66 -17.62 23.27
C ARG C 567 6.81 -18.53 22.91
N GLY C 568 6.80 -19.79 23.36
CA GLY C 568 7.85 -20.71 22.98
C GLY C 568 7.85 -21.03 21.50
N PHE C 569 6.66 -21.20 20.92
CA PHE C 569 6.52 -21.37 19.49
C PHE C 569 6.34 -20.00 18.83
N GLN C 570 6.71 -19.92 17.55
CA GLN C 570 6.69 -18.65 16.85
C GLN C 570 5.26 -18.15 16.62
N SER C 571 4.46 -18.95 15.90
CA SER C 571 3.14 -18.50 15.47
C SER C 571 2.23 -18.22 16.66
N MET C 572 2.25 -19.09 17.67
CA MET C 572 1.47 -18.83 18.89
C MET C 572 2.00 -17.61 19.63
N GLY C 573 3.29 -17.33 19.51
CA GLY C 573 3.83 -16.11 20.09
C GLY C 573 3.27 -14.86 19.44
N MET C 574 3.20 -14.85 18.10
CA MET C 574 2.56 -13.74 17.41
C MET C 574 1.10 -13.61 17.81
N TYR C 575 0.40 -14.74 17.94
CA TYR C 575 -1.00 -14.72 18.35
C TYR C 575 -1.16 -14.10 19.74
N SER C 576 -0.24 -14.43 20.66
CA SER C 576 -0.34 -13.93 22.03
C SER C 576 -0.08 -12.43 22.09
N VAL C 577 0.97 -11.95 21.43
CA VAL C 577 1.25 -10.51 21.49
C VAL C 577 0.19 -9.71 20.75
N MET C 578 -0.45 -10.29 19.72
CA MET C 578 -1.54 -9.59 19.06
C MET C 578 -2.79 -9.60 19.91
N ILE C 579 -3.01 -10.65 20.71
CA ILE C 579 -4.04 -10.61 21.73
C ILE C 579 -3.79 -9.44 22.68
N GLN C 580 -2.52 -9.25 23.05
CA GLN C 580 -2.16 -8.18 23.99
C GLN C 580 -2.51 -6.80 23.43
N LYS C 581 -2.01 -6.51 22.22
CA LYS C 581 -2.27 -5.20 21.61
C LYS C 581 -3.76 -4.98 21.36
N VAL C 582 -4.47 -6.00 20.89
CA VAL C 582 -5.88 -5.84 20.59
C VAL C 582 -6.68 -5.55 21.86
N ILE C 583 -6.46 -6.36 22.90
CA ILE C 583 -7.27 -6.27 24.11
C ILE C 583 -6.99 -4.98 24.88
N LEU C 584 -5.86 -4.33 24.63
CA LEU C 584 -5.61 -3.05 25.27
C LEU C 584 -5.92 -1.86 24.38
N HIS C 585 -5.82 -2.00 23.07
CA HIS C 585 -6.03 -0.86 22.19
C HIS C 585 -7.50 -0.56 21.98
N ASP C 586 -8.24 -1.49 21.38
CA ASP C 586 -9.60 -1.19 20.96
C ASP C 586 -10.68 -2.02 21.64
N VAL C 587 -10.32 -3.08 22.37
CA VAL C 587 -11.32 -3.78 23.18
C VAL C 587 -11.73 -2.92 24.36
N LEU C 588 -10.77 -2.21 24.96
CA LEU C 588 -11.08 -1.37 26.11
C LEU C 588 -11.94 -0.17 25.72
N LYS C 589 -11.64 0.47 24.58
CA LYS C 589 -12.47 1.58 24.13
C LYS C 589 -13.88 1.14 23.82
N PHE C 590 -14.03 -0.01 23.15
CA PHE C 590 -15.36 -0.53 22.86
C PHE C 590 -16.11 -0.88 24.13
N LEU C 591 -15.41 -1.48 25.10
CA LEU C 591 -16.05 -1.80 26.38
C LEU C 591 -16.51 -0.54 27.11
N PHE C 592 -15.69 0.51 27.07
CA PHE C 592 -16.04 1.77 27.75
C PHE C 592 -17.28 2.39 27.13
N VAL C 593 -17.29 2.51 25.80
CA VAL C 593 -18.44 3.11 25.12
C VAL C 593 -19.68 2.23 25.26
N TYR C 594 -19.51 0.91 25.15
CA TYR C 594 -20.66 0.01 25.27
C TYR C 594 -21.25 0.06 26.67
N ILE C 595 -20.41 0.12 27.71
CA ILE C 595 -20.92 0.18 29.07
C ILE C 595 -21.66 1.49 29.31
N VAL C 596 -21.16 2.58 28.74
CA VAL C 596 -21.86 3.86 28.87
C VAL C 596 -23.24 3.76 28.23
N PHE C 597 -23.32 3.24 27.01
CA PHE C 597 -24.60 3.09 26.34
C PHE C 597 -25.51 2.09 27.05
N LEU C 598 -24.92 0.99 27.54
CA LEU C 598 -25.71 -0.06 28.19
C LEU C 598 -26.34 0.45 29.49
N LEU C 599 -25.56 1.13 30.31
CA LEU C 599 -26.08 1.63 31.58
C LEU C 599 -27.07 2.77 31.36
N GLY C 600 -26.79 3.65 30.40
CA GLY C 600 -27.71 4.74 30.12
C GLY C 600 -29.04 4.24 29.60
N PHE C 601 -29.02 3.32 28.63
CA PHE C 601 -30.26 2.78 28.11
C PHE C 601 -30.96 1.87 29.10
N GLY C 602 -30.19 1.16 29.94
CA GLY C 602 -30.81 0.33 30.95
C GLY C 602 -31.54 1.13 32.00
N VAL C 603 -30.98 2.26 32.42
CA VAL C 603 -31.66 3.11 33.39
C VAL C 603 -32.75 3.94 32.74
N ALA C 604 -32.69 4.15 31.42
CA ALA C 604 -33.77 4.84 30.73
C ALA C 604 -34.97 3.92 30.50
N LEU C 605 -34.71 2.65 30.21
CA LEU C 605 -35.80 1.70 29.97
C LEU C 605 -36.47 1.29 31.27
N ALA C 606 -35.70 1.17 32.36
CA ALA C 606 -36.26 0.74 33.64
C ALA C 606 -37.19 1.79 34.24
N SER C 607 -37.11 3.04 33.81
CA SER C 607 -37.95 4.10 34.31
C SER C 607 -39.27 4.23 33.55
N LEU C 608 -39.43 3.52 32.44
CA LEU C 608 -40.64 3.60 31.63
C LEU C 608 -41.67 2.54 31.98
N ILE C 609 -41.40 1.71 32.99
CA ILE C 609 -42.29 0.61 33.37
C ILE C 609 -42.79 0.85 34.79
N GLU C 610 -44.10 0.82 34.96
CA GLU C 610 -44.72 1.02 36.26
C GLU C 610 -44.65 -0.27 37.08
N LYS C 611 -45.15 -0.21 38.31
CA LYS C 611 -45.14 -1.36 39.19
C LYS C 611 -46.13 -2.43 38.71
N CYS C 612 -45.83 -3.68 39.05
CA CYS C 612 -46.68 -4.78 38.65
C CYS C 612 -48.00 -4.76 39.44
N PRO C 613 -49.10 -5.19 38.81
CA PRO C 613 -50.39 -5.24 39.54
C PRO C 613 -50.42 -6.34 40.59
N LYS C 614 -51.56 -6.49 41.25
CA LYS C 614 -51.71 -7.50 42.29
C LYS C 614 -51.70 -8.89 41.69
N ASP C 615 -51.08 -9.84 42.41
CA ASP C 615 -50.98 -11.24 42.00
C ASP C 615 -50.29 -11.37 40.65
N ASN C 616 -49.25 -10.57 40.43
CA ASN C 616 -48.49 -10.61 39.18
C ASN C 616 -47.08 -10.12 39.45
N LYS C 617 -46.09 -10.88 38.97
CA LYS C 617 -44.69 -10.53 39.14
C LYS C 617 -43.86 -10.62 37.87
N ASP C 618 -44.33 -11.31 36.84
CA ASP C 618 -43.62 -11.45 35.57
C ASP C 618 -44.20 -10.56 34.49
N CYS C 619 -44.62 -9.34 34.85
CA CYS C 619 -45.23 -8.44 33.88
C CYS C 619 -44.23 -7.99 32.82
N SER C 620 -43.01 -7.66 33.24
CA SER C 620 -42.00 -7.16 32.34
C SER C 620 -40.63 -7.65 32.77
N SER C 621 -39.79 -8.00 31.80
CA SER C 621 -38.43 -8.42 32.09
C SER C 621 -37.52 -7.25 32.46
N TYR C 622 -37.89 -6.03 32.07
CA TYR C 622 -37.11 -4.83 32.41
C TYR C 622 -37.64 -4.20 33.71
N GLY C 623 -37.72 -5.01 34.75
CA GLY C 623 -38.27 -4.56 36.01
C GLY C 623 -37.42 -3.53 36.74
N SER C 624 -36.24 -3.94 37.17
CA SER C 624 -35.32 -3.06 37.88
C SER C 624 -34.21 -2.60 36.94
N PHE C 625 -33.28 -1.82 37.49
CA PHE C 625 -32.14 -1.37 36.69
C PHE C 625 -31.23 -2.54 36.32
N SER C 626 -30.99 -3.45 37.26
CA SER C 626 -30.17 -4.63 36.98
C SER C 626 -30.87 -5.54 35.97
N ASP C 627 -32.19 -5.68 36.08
CA ASP C 627 -32.94 -6.50 35.13
C ASP C 627 -32.89 -5.92 33.73
N ALA C 628 -33.04 -4.59 33.61
CA ALA C 628 -32.97 -3.96 32.30
C ALA C 628 -31.57 -4.06 31.70
N VAL C 629 -30.54 -3.90 32.54
CA VAL C 629 -29.16 -4.04 32.05
C VAL C 629 -28.90 -5.46 31.60
N LEU C 630 -29.38 -6.44 32.36
CA LEU C 630 -29.21 -7.84 31.98
C LEU C 630 -29.96 -8.16 30.69
N GLU C 631 -31.16 -7.58 30.52
CA GLU C 631 -31.91 -7.81 29.29
C GLU C 631 -31.21 -7.21 28.08
N LEU C 632 -30.63 -6.01 28.23
CA LEU C 632 -29.89 -5.41 27.13
C LEU C 632 -28.62 -6.20 26.82
N PHE C 633 -27.96 -6.72 27.85
CA PHE C 633 -26.78 -7.54 27.64
C PHE C 633 -27.13 -8.86 26.93
N LYS C 634 -28.27 -9.46 27.31
CA LYS C 634 -28.72 -10.67 26.64
C LYS C 634 -29.11 -10.38 25.20
N LEU C 635 -29.68 -9.21 24.94
CA LEU C 635 -30.03 -8.83 23.58
C LEU C 635 -28.78 -8.58 22.73
N THR C 636 -27.72 -8.04 23.35
CA THR C 636 -26.50 -7.76 22.59
C THR C 636 -25.82 -9.03 22.12
N ILE C 637 -25.78 -10.07 22.97
CA ILE C 637 -25.12 -11.32 22.61
C ILE C 637 -26.00 -12.25 21.80
N GLY C 638 -27.23 -11.84 21.48
CA GLY C 638 -28.09 -12.65 20.64
C GLY C 638 -28.85 -13.75 21.34
N LEU C 639 -28.93 -13.71 22.66
CA LEU C 639 -29.65 -14.72 23.43
C LEU C 639 -31.02 -14.22 23.84
N GLY C 640 -31.94 -15.16 24.05
CA GLY C 640 -33.28 -14.83 24.48
C GLY C 640 -34.20 -14.50 23.33
N ASP C 641 -35.40 -14.07 23.70
CA ASP C 641 -36.44 -13.69 22.75
C ASP C 641 -36.88 -12.25 23.02
N LEU C 642 -37.04 -11.50 21.93
CA LEU C 642 -37.44 -10.10 22.03
C LEU C 642 -38.93 -10.02 22.31
N ASN C 643 -39.29 -9.50 23.49
CA ASN C 643 -40.68 -9.29 23.88
C ASN C 643 -40.90 -7.79 24.04
N ILE C 644 -41.89 -7.26 23.31
CA ILE C 644 -42.21 -5.85 23.34
C ILE C 644 -43.48 -5.55 24.12
N GLN C 645 -44.17 -6.57 24.62
CA GLN C 645 -45.40 -6.38 25.38
C GLN C 645 -45.12 -6.28 26.88
N GLN C 646 -44.24 -5.36 27.25
CA GLN C 646 -43.92 -5.13 28.65
C GLN C 646 -44.96 -4.21 29.28
N ASN C 647 -44.82 -3.96 30.58
CA ASN C 647 -45.75 -3.11 31.31
C ASN C 647 -45.30 -1.65 31.28
N SER C 648 -45.06 -1.17 30.07
CA SER C 648 -44.61 0.20 29.85
C SER C 648 -45.81 1.07 29.49
N LYS C 649 -45.92 2.22 30.16
CA LYS C 649 -46.99 3.16 29.85
C LYS C 649 -46.80 3.84 28.50
N TYR C 650 -45.57 3.84 27.97
CA TYR C 650 -45.26 4.40 26.66
C TYR C 650 -44.55 3.32 25.86
N PRO C 651 -45.29 2.36 25.29
CA PRO C 651 -44.64 1.28 24.53
C PRO C 651 -43.93 1.76 23.28
N ILE C 652 -44.40 2.85 22.66
CA ILE C 652 -43.75 3.36 21.46
C ILE C 652 -42.37 3.89 21.80
N LEU C 653 -42.25 4.65 22.90
CA LEU C 653 -40.94 5.14 23.32
C LEU C 653 -40.03 3.99 23.77
N PHE C 654 -40.61 2.98 24.40
CA PHE C 654 -39.83 1.80 24.79
C PHE C 654 -39.24 1.10 23.58
N LEU C 655 -40.05 0.92 22.53
CA LEU C 655 -39.56 0.29 21.32
C LEU C 655 -38.54 1.17 20.60
N PHE C 656 -38.75 2.49 20.63
CA PHE C 656 -37.80 3.41 20.01
C PHE C 656 -36.45 3.35 20.69
N LEU C 657 -36.43 3.35 22.03
CA LEU C 657 -35.16 3.23 22.76
C LEU C 657 -34.52 1.87 22.52
N LEU C 658 -35.32 0.82 22.45
CA LEU C 658 -34.77 -0.52 22.20
C LEU C 658 -34.12 -0.60 20.83
N ILE C 659 -34.78 -0.06 19.80
CA ILE C 659 -34.22 -0.09 18.45
C ILE C 659 -32.99 0.79 18.36
N THR C 660 -32.99 1.93 19.06
CA THR C 660 -31.81 2.79 19.09
C THR C 660 -30.62 2.07 19.71
N TYR C 661 -30.86 1.33 20.79
CA TYR C 661 -29.80 0.54 21.40
C TYR C 661 -29.32 -0.56 20.45
N VAL C 662 -30.26 -1.18 19.73
CA VAL C 662 -29.90 -2.22 18.76
C VAL C 662 -28.98 -1.66 17.69
N ILE C 663 -29.33 -0.51 17.14
CA ILE C 663 -28.51 0.10 16.09
C ILE C 663 -27.14 0.48 16.63
N LEU C 664 -27.13 1.19 17.77
CA LEU C 664 -25.88 1.74 18.30
C LEU C 664 -24.89 0.64 18.67
N THR C 665 -25.38 -0.50 19.17
CA THR C 665 -24.49 -1.57 19.59
C THR C 665 -24.25 -2.60 18.49
N PHE C 666 -25.32 -3.22 18.00
CA PHE C 666 -25.16 -4.33 17.06
C PHE C 666 -24.71 -3.85 15.69
N VAL C 667 -25.20 -2.69 15.24
CA VAL C 667 -24.87 -2.21 13.91
C VAL C 667 -23.61 -1.35 13.92
N LEU C 668 -23.47 -0.47 14.89
CA LEU C 668 -22.38 0.50 14.90
C LEU C 668 -21.17 0.00 15.70
N LEU C 669 -21.35 -0.22 17.00
CA LEU C 669 -20.21 -0.40 17.89
C LEU C 669 -19.48 -1.72 17.61
N LEU C 670 -20.21 -2.83 17.56
CA LEU C 670 -19.57 -4.14 17.41
C LEU C 670 -18.92 -4.28 16.03
N ASN C 671 -19.63 -3.87 14.98
CA ASN C 671 -19.09 -3.98 13.64
C ASN C 671 -17.91 -3.04 13.42
N MET C 672 -17.95 -1.84 14.02
CA MET C 672 -16.79 -0.96 13.95
C MET C 672 -15.61 -1.55 14.72
N LEU C 673 -15.88 -2.25 15.83
CA LEU C 673 -14.81 -2.95 16.53
C LEU C 673 -14.15 -3.99 15.63
N ILE C 674 -14.96 -4.78 14.93
CA ILE C 674 -14.41 -5.76 13.99
C ILE C 674 -13.59 -5.07 12.91
N ALA C 675 -14.06 -3.90 12.45
CA ALA C 675 -13.33 -3.15 11.43
C ALA C 675 -12.05 -2.55 11.98
N LEU C 676 -12.04 -2.19 13.26
CA LEU C 676 -10.88 -1.52 13.84
C LEU C 676 -9.74 -2.48 14.12
N MET C 677 -10.04 -3.63 14.73
CA MET C 677 -8.99 -4.59 15.00
C MET C 677 -8.42 -5.22 13.74
N GLY C 678 -9.06 -5.05 12.59
CA GLY C 678 -8.41 -5.35 11.33
C GLY C 678 -7.25 -4.41 11.04
N GLU C 679 -7.45 -3.12 11.29
CA GLU C 679 -6.36 -2.15 11.18
C GLU C 679 -5.27 -2.46 12.20
N THR C 680 -5.66 -2.87 13.40
CA THR C 680 -4.68 -3.20 14.43
C THR C 680 -3.81 -4.38 14.01
N VAL C 681 -4.43 -5.49 13.61
CA VAL C 681 -3.65 -6.64 13.17
C VAL C 681 -2.93 -6.36 11.86
N GLU C 682 -3.32 -5.32 11.12
CA GLU C 682 -2.55 -4.92 9.95
C GLU C 682 -1.25 -4.23 10.36
N ASN C 683 -1.31 -3.35 11.35
CA ASN C 683 -0.10 -2.66 11.79
C ASN C 683 0.83 -3.60 12.55
N VAL C 684 0.29 -4.43 13.44
CA VAL C 684 1.10 -5.36 14.22
C VAL C 684 1.43 -6.62 13.42
N SER C 685 1.00 -6.71 12.16
CA SER C 685 1.39 -7.85 11.33
C SER C 685 2.90 -7.88 11.13
N LYS C 686 3.51 -6.73 10.84
CA LYS C 686 4.96 -6.65 10.70
C LYS C 686 5.65 -6.41 12.02
N GLU C 687 4.97 -5.81 12.99
CA GLU C 687 5.54 -5.57 14.32
C GLU C 687 5.15 -6.71 15.26
N SER C 688 5.44 -7.93 14.82
CA SER C 688 5.23 -9.11 15.65
C SER C 688 6.41 -10.08 15.65
N GLU C 689 7.27 -10.05 14.65
CA GLU C 689 8.49 -10.86 14.64
C GLU C 689 9.56 -10.29 15.55
N ARG C 690 9.34 -9.10 16.09
CA ARG C 690 10.32 -8.48 16.96
C ARG C 690 9.89 -8.52 18.41
N ILE C 691 8.69 -8.03 18.69
CA ILE C 691 8.24 -7.98 20.09
C ILE C 691 8.24 -9.38 20.69
N TRP C 692 7.84 -10.38 19.90
CA TRP C 692 7.90 -11.76 20.39
C TRP C 692 9.33 -12.18 20.67
N ARG C 693 10.27 -11.76 19.81
CA ARG C 693 11.68 -12.06 20.06
C ARG C 693 12.21 -11.30 21.26
N LEU C 694 11.67 -10.11 21.54
CA LEU C 694 12.01 -9.39 22.76
C LEU C 694 11.56 -10.16 23.99
N GLN C 695 10.34 -10.70 23.94
CA GLN C 695 9.85 -11.53 25.06
C GLN C 695 10.68 -12.80 25.18
N ARG C 696 11.07 -13.40 24.06
CA ARG C 696 11.90 -14.59 24.09
C ARG C 696 13.26 -14.29 24.69
N ALA C 697 13.86 -13.16 24.32
CA ALA C 697 15.15 -12.78 24.89
C ALA C 697 15.04 -12.51 26.39
N ARG C 698 13.93 -11.91 26.83
CA ARG C 698 13.72 -11.70 28.25
C ARG C 698 13.62 -13.02 28.99
N THR C 699 12.91 -14.00 28.41
CA THR C 699 12.80 -15.30 29.06
C THR C 699 14.14 -16.02 29.08
N ILE C 700 14.94 -15.89 28.02
CA ILE C 700 16.25 -16.53 27.98
C ILE C 700 17.16 -15.95 29.06
N LEU C 701 17.17 -14.62 29.20
CA LEU C 701 18.03 -14.00 30.21
C LEU C 701 17.54 -14.30 31.62
N GLU C 702 16.23 -14.34 31.82
CA GLU C 702 15.69 -14.70 33.13
C GLU C 702 16.02 -16.14 33.48
N PHE C 703 15.94 -17.05 32.51
CA PHE C 703 16.28 -18.45 32.76
C PHE C 703 17.77 -18.61 33.05
N GLU C 704 18.61 -17.83 32.38
CA GLU C 704 20.05 -17.90 32.64
C GLU C 704 20.37 -17.35 34.03
N LYS C 705 19.67 -16.29 34.45
CA LYS C 705 19.85 -15.79 35.80
C LYS C 705 19.34 -16.77 36.85
N MET C 706 18.37 -17.62 36.48
CA MET C 706 17.88 -18.64 37.40
C MET C 706 18.92 -19.72 37.67
N LEU C 707 19.91 -19.88 36.80
CA LEU C 707 20.93 -20.88 37.00
C LEU C 707 21.83 -20.52 38.18
N PRO C 708 22.35 -21.51 38.91
CA PRO C 708 23.20 -21.21 40.07
C PRO C 708 24.60 -20.76 39.66
N GLU C 709 25.51 -20.63 40.64
CA GLU C 709 26.88 -20.24 40.34
C GLU C 709 27.59 -21.30 39.50
N TRP C 710 27.26 -22.57 39.71
CA TRP C 710 27.72 -23.63 38.83
C TRP C 710 26.67 -23.85 37.74
N LEU C 711 26.99 -24.74 36.80
CA LEU C 711 26.12 -25.17 35.70
C LEU C 711 25.97 -24.04 34.67
N ARG C 712 26.52 -22.86 34.99
CA ARG C 712 26.56 -21.74 34.06
C ARG C 712 27.81 -21.77 33.18
N SER C 713 28.64 -22.81 33.30
CA SER C 713 29.84 -22.94 32.47
C SER C 713 29.48 -23.48 31.09
N ARG C 714 28.66 -22.70 30.38
CA ARG C 714 28.23 -23.00 29.01
C ARG C 714 28.44 -21.78 28.13
N PHE C 715 29.66 -21.24 28.19
CA PHE C 715 29.99 -20.01 27.48
C PHE C 715 29.88 -20.21 25.96
N ARG C 716 29.97 -19.10 25.23
CA ARG C 716 29.63 -19.07 23.82
C ARG C 716 30.51 -19.98 22.97
N MET C 717 31.80 -19.64 22.82
CA MET C 717 32.65 -20.35 21.88
C MET C 717 34.11 -20.08 22.19
N GLY C 718 34.87 -21.13 22.48
CA GLY C 718 36.32 -21.09 22.51
C GLY C 718 36.97 -20.07 23.43
N GLU C 719 38.28 -19.89 23.27
CA GLU C 719 39.04 -18.89 24.01
C GLU C 719 39.90 -18.01 23.11
N LEU C 720 40.50 -18.56 22.06
CA LEU C 720 41.37 -17.79 21.19
C LEU C 720 40.55 -16.83 20.35
N CYS C 721 40.88 -15.54 20.44
CA CYS C 721 40.13 -14.50 19.73
C CYS C 721 40.99 -13.70 18.76
N LYS C 722 42.16 -13.21 19.20
CA LYS C 722 42.98 -12.35 18.38
C LYS C 722 44.45 -12.73 18.59
N VAL C 723 45.35 -11.91 18.02
CA VAL C 723 46.78 -12.17 18.08
C VAL C 723 47.42 -11.72 19.38
N ALA C 724 46.65 -11.13 20.29
CA ALA C 724 47.20 -10.67 21.56
C ALA C 724 47.76 -11.84 22.36
N GLU C 725 48.96 -11.65 22.90
CA GLU C 725 49.68 -12.74 23.56
C GLU C 725 49.06 -13.11 24.90
N ASP C 726 48.32 -12.20 25.54
CA ASP C 726 47.75 -12.47 26.85
C ASP C 726 46.29 -12.00 26.87
N ASP C 727 45.47 -12.72 27.65
CA ASP C 727 44.07 -12.40 27.87
C ASP C 727 43.30 -12.40 26.54
N PHE C 728 43.19 -13.60 25.96
CA PHE C 728 42.45 -13.77 24.71
C PHE C 728 40.96 -13.53 24.88
N ARG C 729 40.45 -13.60 26.11
CA ARG C 729 39.03 -13.38 26.47
C ARG C 729 38.19 -14.41 25.70
N LEU C 730 37.04 -14.01 25.16
CA LEU C 730 36.10 -14.91 24.50
C LEU C 730 36.04 -14.60 23.00
N CYS C 731 35.24 -15.39 22.28
CA CYS C 731 35.04 -15.19 20.86
C CYS C 731 33.72 -15.83 20.47
N LEU C 732 33.29 -15.56 19.24
CA LEU C 732 32.02 -16.06 18.73
C LEU C 732 32.12 -16.19 17.21
N ARG C 733 32.23 -17.42 16.74
CA ARG C 733 32.41 -17.69 15.32
C ARG C 733 31.08 -17.53 14.58
N ILE C 734 31.07 -16.66 13.58
CA ILE C 734 29.90 -16.44 12.73
C ILE C 734 30.35 -16.51 11.28
N ASN C 735 29.63 -17.30 10.48
CA ASN C 735 29.93 -17.48 9.06
C ASN C 735 28.95 -16.68 8.22
N GLU C 736 29.47 -15.97 7.22
CA GLU C 736 28.67 -15.11 6.35
C GLU C 736 28.96 -15.45 4.90
N VAL C 737 27.93 -15.40 4.06
CA VAL C 737 28.04 -15.70 2.64
C VAL C 737 27.52 -14.51 1.84
N LYS C 738 28.34 -14.03 0.91
CA LYS C 738 27.95 -12.91 0.05
C LYS C 738 28.76 -13.00 -1.24
N TRP C 739 28.08 -12.84 -2.38
CA TRP C 739 28.67 -13.00 -3.70
C TRP C 739 28.82 -11.68 -4.44
N THR C 740 29.06 -10.58 -3.72
CA THR C 740 29.13 -9.26 -4.33
C THR C 740 30.46 -8.54 -4.14
N GLU C 741 31.24 -8.88 -3.11
CA GLU C 741 32.48 -8.15 -2.85
C GLU C 741 33.54 -8.49 -3.89
N TRP C 742 33.94 -9.76 -3.96
CA TRP C 742 34.97 -10.24 -4.88
C TRP C 742 36.27 -9.43 -4.73
N LYS C 743 36.85 -9.53 -3.53
CA LYS C 743 38.08 -8.83 -3.21
C LYS C 743 39.08 -9.82 -2.62
N THR C 744 40.36 -9.47 -2.72
CA THR C 744 41.41 -10.29 -2.14
C THR C 744 41.39 -10.16 -0.62
N HIS C 745 41.47 -11.29 0.07
CA HIS C 745 41.35 -11.33 1.52
C HIS C 745 42.73 -11.08 2.14
N VAL C 746 42.88 -9.94 2.80
CA VAL C 746 44.13 -9.59 3.46
C VAL C 746 43.99 -9.59 4.98
N SER C 747 42.84 -9.18 5.52
CA SER C 747 42.61 -9.15 6.96
C SER C 747 42.33 -10.53 7.55
N PHE C 748 42.56 -11.60 6.78
CA PHE C 748 42.39 -12.95 7.30
C PHE C 748 43.38 -13.24 8.41
N LEU C 749 43.00 -14.17 9.29
CA LEU C 749 43.80 -14.52 10.46
C LEU C 749 44.43 -15.91 10.37
N ASN C 750 43.70 -16.90 9.87
CA ASN C 750 44.18 -18.27 9.81
C ASN C 750 44.25 -18.71 8.35
N GLU C 751 45.39 -19.32 7.97
CA GLU C 751 45.57 -19.73 6.58
C GLU C 751 44.68 -20.91 6.20
N ASP C 752 44.41 -21.81 7.15
CA ASP C 752 43.61 -22.99 6.86
C ASP C 752 42.15 -22.71 7.19
N PRO C 753 41.27 -22.72 6.17
CA PRO C 753 39.89 -22.48 6.59
C PRO C 753 39.28 -23.67 7.32
N GLY C 754 38.11 -23.47 7.89
CA GLY C 754 37.39 -24.54 8.54
C GLY C 754 38.07 -25.02 9.80
N PRO C 755 37.49 -26.03 10.46
CA PRO C 755 38.05 -26.62 11.67
C PRO C 755 39.38 -27.33 11.44
N LEU D 119 -11.10 53.62 -44.52
CA LEU D 119 -9.72 53.96 -44.15
C LEU D 119 -9.38 53.41 -42.78
N LYS D 120 -10.32 53.53 -41.84
CA LYS D 120 -10.10 53.02 -40.50
C LYS D 120 -9.98 51.49 -40.49
N LYS D 121 -10.86 50.82 -41.24
CA LYS D 121 -10.82 49.36 -41.29
C LYS D 121 -9.55 48.85 -41.97
N ARG D 122 -9.05 49.59 -42.98
CA ARG D 122 -7.83 49.18 -43.66
C ARG D 122 -6.63 49.22 -42.72
N ILE D 123 -6.55 50.26 -41.87
CA ILE D 123 -5.44 50.36 -40.95
C ILE D 123 -5.64 49.52 -39.70
N PHE D 124 -6.88 49.09 -39.43
CA PHE D 124 -7.14 48.25 -38.26
C PHE D 124 -6.98 46.77 -38.57
N ALA D 125 -7.24 46.34 -39.80
CA ALA D 125 -7.07 44.95 -40.19
C ALA D 125 -5.65 44.63 -40.65
N ALA D 126 -4.81 45.64 -40.81
CA ALA D 126 -3.43 45.42 -41.26
C ALA D 126 -2.45 45.24 -40.11
N VAL D 127 -2.76 45.79 -38.93
CA VAL D 127 -1.85 45.67 -37.81
C VAL D 127 -1.85 44.26 -37.22
N SER D 128 -2.90 43.48 -37.47
CA SER D 128 -2.95 42.12 -36.95
C SER D 128 -1.96 41.21 -37.67
N GLU D 129 -1.82 41.39 -38.99
CA GLU D 129 -0.90 40.57 -39.76
C GLU D 129 0.55 41.03 -39.62
N GLY D 130 0.79 42.24 -39.12
CA GLY D 130 2.14 42.72 -38.92
C GLY D 130 2.87 43.07 -40.20
N CYS D 131 2.38 44.06 -40.93
CA CYS D 131 3.01 44.52 -42.16
C CYS D 131 3.85 45.76 -41.88
N VAL D 132 5.13 45.70 -42.23
CA VAL D 132 6.03 46.82 -41.95
C VAL D 132 6.08 47.83 -43.08
N GLU D 133 5.72 47.45 -44.31
CA GLU D 133 5.76 48.35 -45.45
C GLU D 133 4.39 48.92 -45.83
N GLU D 134 3.31 48.17 -45.58
CA GLU D 134 1.99 48.67 -45.90
C GLU D 134 1.50 49.69 -44.87
N LEU D 135 2.02 49.62 -43.64
CA LEU D 135 1.59 50.54 -42.60
C LEU D 135 2.00 51.98 -42.91
N VAL D 136 3.23 52.17 -43.39
CA VAL D 136 3.70 53.53 -43.70
C VAL D 136 2.91 54.11 -44.87
N GLU D 137 2.66 53.30 -45.89
CA GLU D 137 1.87 53.77 -47.03
C GLU D 137 0.44 54.10 -46.63
N LEU D 138 -0.14 53.29 -45.73
CA LEU D 138 -1.49 53.57 -45.25
C LEU D 138 -1.53 54.72 -44.26
N LEU D 139 -0.38 55.10 -43.70
CA LEU D 139 -0.33 56.17 -42.71
C LEU D 139 -0.06 57.55 -43.32
N VAL D 140 0.72 57.62 -44.40
CA VAL D 140 1.05 58.92 -44.98
C VAL D 140 -0.20 59.58 -45.56
N GLU D 141 -1.03 58.82 -46.29
CA GLU D 141 -2.26 59.37 -46.83
C GLU D 141 -3.27 59.66 -45.73
N LEU D 142 -3.28 58.86 -44.66
CA LEU D 142 -4.16 59.11 -43.52
C LEU D 142 -3.79 60.42 -42.84
N GLN D 143 -2.48 60.68 -42.69
CA GLN D 143 -2.06 61.94 -42.09
C GLN D 143 -2.33 63.13 -43.00
N GLU D 144 -2.14 62.94 -44.31
CA GLU D 144 -2.39 64.01 -45.26
C GLU D 144 -3.87 64.23 -45.56
N LEU D 145 -4.75 63.33 -45.11
CA LEU D 145 -6.18 63.52 -45.31
C LEU D 145 -6.70 64.73 -44.56
N CYS D 146 -6.24 64.92 -43.31
CA CYS D 146 -6.67 66.05 -42.51
C CYS D 146 -5.68 67.22 -42.62
N MET D 159 -7.28 63.66 -32.65
CA MET D 159 -7.95 64.04 -33.89
C MET D 159 -9.07 63.08 -34.24
N HIS D 160 -9.20 62.02 -33.43
CA HIS D 160 -10.24 60.99 -33.59
C HIS D 160 -10.14 60.36 -34.99
N LYS D 161 -9.00 59.70 -35.21
CA LYS D 161 -8.78 58.96 -36.45
C LYS D 161 -8.53 57.48 -36.21
N LEU D 162 -7.57 57.14 -35.34
CA LEU D 162 -7.24 55.75 -35.05
C LEU D 162 -7.84 55.33 -33.71
N THR D 163 -9.18 55.29 -33.67
CA THR D 163 -9.88 54.93 -32.45
C THR D 163 -11.22 54.30 -32.83
N ALA D 164 -11.45 53.07 -32.36
CA ALA D 164 -12.73 52.42 -32.59
C ALA D 164 -13.84 53.12 -31.82
N SER D 165 -15.02 53.20 -32.42
CA SER D 165 -16.14 53.93 -31.86
C SER D 165 -17.06 53.07 -31.01
N ASP D 166 -16.81 51.76 -30.92
CA ASP D 166 -17.65 50.86 -30.13
C ASP D 166 -17.05 50.56 -28.77
N THR D 167 -15.83 50.03 -28.74
CA THR D 167 -15.16 49.67 -27.50
C THR D 167 -13.94 50.55 -27.20
N GLY D 168 -13.66 51.55 -28.03
CA GLY D 168 -12.52 52.39 -27.80
C GLY D 168 -11.18 51.73 -28.04
N LYS D 169 -11.15 50.66 -28.84
CA LYS D 169 -9.93 49.92 -29.09
C LYS D 169 -9.03 50.75 -30.01
N THR D 170 -8.01 51.37 -29.43
CA THR D 170 -7.09 52.19 -30.20
C THR D 170 -6.18 51.31 -31.05
N CYS D 171 -5.73 51.85 -32.18
CA CYS D 171 -4.91 51.08 -33.11
C CYS D 171 -3.58 50.66 -32.50
N LEU D 172 -3.09 51.40 -31.51
CA LEU D 172 -1.82 51.03 -30.86
C LEU D 172 -1.97 49.72 -30.09
N MET D 173 -2.99 49.63 -29.24
CA MET D 173 -3.24 48.39 -28.50
C MET D 173 -3.98 47.34 -29.32
N LYS D 174 -4.51 47.72 -30.49
CA LYS D 174 -5.13 46.74 -31.39
C LYS D 174 -4.13 45.70 -31.85
N ALA D 175 -2.89 46.11 -32.14
CA ALA D 175 -1.87 45.21 -32.62
C ALA D 175 -1.23 44.37 -31.51
N LEU D 176 -1.51 44.67 -30.24
CA LEU D 176 -0.87 43.95 -29.16
C LEU D 176 -1.45 42.56 -28.96
N LEU D 177 -2.76 42.38 -29.18
CA LEU D 177 -3.37 41.07 -28.98
C LEU D 177 -2.93 40.09 -30.08
N ASN D 178 -2.80 40.58 -31.31
CA ASN D 178 -2.33 39.76 -32.42
C ASN D 178 -0.80 39.87 -32.47
N ILE D 179 -0.12 38.91 -31.86
CA ILE D 179 1.32 38.92 -31.75
C ILE D 179 1.93 38.33 -33.01
N ASN D 180 2.78 39.09 -33.69
CA ASN D 180 3.50 38.69 -34.88
C ASN D 180 4.95 39.13 -34.72
N PRO D 181 5.87 38.51 -35.47
CA PRO D 181 7.29 38.91 -35.36
C PRO D 181 7.55 40.36 -35.74
N ASN D 182 6.64 41.02 -36.44
CA ASN D 182 6.79 42.43 -36.81
C ASN D 182 5.98 43.36 -35.92
N THR D 183 5.51 42.89 -34.76
CA THR D 183 4.71 43.74 -33.89
C THR D 183 5.53 44.90 -33.33
N LYS D 184 6.79 44.63 -32.95
CA LYS D 184 7.63 45.67 -32.36
C LYS D 184 7.88 46.80 -33.35
N GLU D 185 8.11 46.47 -34.62
CA GLU D 185 8.39 47.49 -35.62
C GLU D 185 7.18 48.40 -35.84
N ILE D 186 6.00 47.82 -36.05
CA ILE D 186 4.81 48.63 -36.30
C ILE D 186 4.41 49.40 -35.05
N VAL D 187 4.70 48.88 -33.86
CA VAL D 187 4.48 49.64 -32.64
C VAL D 187 5.40 50.86 -32.60
N ARG D 188 6.65 50.68 -32.99
CA ARG D 188 7.59 51.81 -33.01
C ARG D 188 7.18 52.85 -34.03
N ILE D 189 6.68 52.43 -35.20
CA ILE D 189 6.21 53.39 -36.20
C ILE D 189 4.99 54.14 -35.70
N LEU D 190 4.08 53.45 -35.02
CA LEU D 190 2.89 54.11 -34.46
C LEU D 190 3.29 55.14 -33.41
N LEU D 191 4.24 54.79 -32.54
CA LEU D 191 4.68 55.73 -31.51
C LEU D 191 5.43 56.91 -32.12
N ALA D 192 6.24 56.66 -33.15
CA ALA D 192 6.96 57.74 -33.82
C ALA D 192 5.99 58.68 -34.54
N PHE D 193 4.95 58.13 -35.17
CA PHE D 193 3.94 58.97 -35.81
C PHE D 193 3.18 59.79 -34.78
N ALA D 194 2.90 59.20 -33.61
CA ALA D 194 2.25 59.95 -32.54
C ALA D 194 3.16 61.05 -32.00
N GLU D 195 4.47 60.82 -32.00
CA GLU D 195 5.40 61.83 -31.53
C GLU D 195 5.58 62.96 -32.55
N GLU D 196 5.40 62.66 -33.83
CA GLU D 196 5.65 63.65 -34.88
C GLU D 196 4.46 64.56 -35.16
N ASN D 197 3.27 64.26 -34.63
CA ASN D 197 2.10 65.10 -34.83
C ASN D 197 1.59 65.69 -33.51
N ASP D 198 2.40 65.63 -32.45
CA ASP D 198 2.14 66.33 -31.19
C ASP D 198 0.85 65.85 -30.51
N ILE D 199 0.61 64.54 -30.53
CA ILE D 199 -0.46 63.93 -29.74
C ILE D 199 0.01 62.56 -29.30
N LEU D 200 0.28 62.42 -28.00
CA LEU D 200 0.75 61.15 -27.44
C LEU D 200 -0.01 60.79 -26.17
N GLY D 201 -0.55 61.80 -25.49
CA GLY D 201 -1.25 61.56 -24.23
C GLY D 201 -2.52 60.75 -24.43
N ARG D 202 -3.32 61.11 -25.42
CA ARG D 202 -4.55 60.39 -25.71
C ARG D 202 -4.31 59.10 -26.48
N PHE D 203 -3.10 58.89 -27.00
CA PHE D 203 -2.82 57.70 -27.80
C PHE D 203 -2.42 56.52 -26.91
N ILE D 204 -1.46 56.73 -26.02
CA ILE D 204 -0.95 55.65 -25.20
C ILE D 204 -1.73 55.48 -23.90
N ASN D 205 -2.34 56.54 -23.39
CA ASN D 205 -3.22 56.45 -22.22
C ASN D 205 -4.69 56.41 -22.65
N ALA D 206 -5.02 55.41 -23.47
CA ALA D 206 -6.36 55.23 -23.99
C ALA D 206 -6.97 53.99 -23.36
N GLU D 207 -8.10 54.17 -22.67
CA GLU D 207 -8.77 53.08 -22.00
C GLU D 207 -9.76 52.42 -22.97
N TYR D 208 -10.60 51.54 -22.45
CA TYR D 208 -11.65 50.90 -23.24
C TYR D 208 -12.95 51.68 -23.08
N THR D 209 -14.03 51.13 -23.62
CA THR D 209 -15.35 51.73 -23.49
C THR D 209 -16.45 50.74 -23.13
N GLU D 210 -16.24 49.44 -23.34
CA GLU D 210 -17.26 48.45 -23.07
C GLU D 210 -17.53 48.32 -21.58
N GLU D 211 -18.65 47.65 -21.26
CA GLU D 211 -18.99 47.41 -19.87
C GLU D 211 -18.06 46.36 -19.25
N ALA D 212 -17.72 45.33 -20.02
CA ALA D 212 -16.87 44.26 -19.50
C ALA D 212 -15.43 44.73 -19.30
N TYR D 213 -15.00 45.71 -20.08
CA TYR D 213 -13.66 46.26 -19.95
C TYR D 213 -13.76 47.76 -19.72
N GLU D 214 -13.50 48.19 -18.50
CA GLU D 214 -13.61 49.60 -18.16
C GLU D 214 -12.27 50.30 -18.00
N GLY D 215 -11.17 49.54 -17.91
CA GLY D 215 -9.87 50.16 -17.72
C GLY D 215 -8.72 49.46 -18.41
N GLN D 216 -9.02 48.52 -19.31
CA GLN D 216 -7.99 47.81 -20.03
C GLN D 216 -7.26 48.76 -20.99
N THR D 217 -5.93 48.73 -20.95
CA THR D 217 -5.13 49.64 -21.76
C THR D 217 -4.10 48.88 -22.60
N ALA D 218 -3.22 49.61 -23.27
CA ALA D 218 -2.15 48.98 -24.04
C ALA D 218 -1.14 48.30 -23.13
N LEU D 219 -0.84 48.92 -21.99
CA LEU D 219 0.16 48.37 -21.08
C LEU D 219 -0.32 47.04 -20.48
N ASN D 220 -1.61 46.95 -20.17
CA ASN D 220 -2.15 45.72 -19.59
C ASN D 220 -1.98 44.53 -20.53
N ILE D 221 -2.43 44.69 -21.78
CA ILE D 221 -2.36 43.59 -22.74
C ILE D 221 -0.93 43.33 -23.17
N ALA D 222 -0.07 44.35 -23.15
CA ALA D 222 1.33 44.14 -23.51
C ALA D 222 2.08 43.36 -22.43
N ILE D 223 1.75 43.62 -21.16
CA ILE D 223 2.39 42.87 -20.08
C ILE D 223 1.93 41.42 -20.10
N GLU D 224 0.65 41.19 -20.39
CA GLU D 224 0.12 39.83 -20.41
C GLU D 224 0.73 39.01 -21.55
N ARG D 225 1.00 39.64 -22.69
CA ARG D 225 1.57 38.94 -23.84
C ARG D 225 3.05 38.63 -23.67
N ARG D 226 3.61 38.87 -22.48
CA ARG D 226 4.99 38.53 -22.15
C ARG D 226 5.98 39.29 -23.05
N GLN D 227 5.59 40.51 -23.41
CA GLN D 227 6.39 41.40 -24.26
C GLN D 227 7.03 42.44 -23.34
N GLY D 228 8.13 42.04 -22.69
CA GLY D 228 8.81 42.97 -21.80
C GLY D 228 9.40 44.16 -22.51
N ASP D 229 9.91 43.94 -23.74
CA ASP D 229 10.46 45.04 -24.52
C ASP D 229 9.37 46.01 -24.95
N ILE D 230 8.23 45.48 -25.39
CA ILE D 230 7.12 46.35 -25.79
C ILE D 230 6.56 47.10 -24.60
N ALA D 231 6.44 46.42 -23.45
CA ALA D 231 5.97 47.09 -22.23
C ALA D 231 6.94 48.17 -21.79
N ALA D 232 8.24 47.91 -21.92
CA ALA D 232 9.24 48.92 -21.58
C ALA D 232 9.15 50.12 -22.52
N LEU D 233 8.91 49.85 -23.81
CA LEU D 233 8.76 50.94 -24.78
C LEU D 233 7.52 51.79 -24.47
N LEU D 234 6.42 51.15 -24.08
CA LEU D 234 5.21 51.89 -23.73
C LEU D 234 5.40 52.69 -22.46
N ILE D 235 6.04 52.09 -21.45
CA ILE D 235 6.24 52.78 -20.17
C ILE D 235 7.18 53.97 -20.35
N ALA D 236 8.26 53.79 -21.12
CA ALA D 236 9.19 54.89 -21.37
C ALA D 236 8.56 56.00 -22.20
N ALA D 237 7.47 55.71 -22.91
CA ALA D 237 6.78 56.73 -23.71
C ALA D 237 5.67 57.44 -22.93
N GLY D 238 5.40 57.03 -21.70
CA GLY D 238 4.41 57.70 -20.88
C GLY D 238 3.12 56.93 -20.69
N ALA D 239 3.21 55.62 -20.52
CA ALA D 239 2.02 54.81 -20.29
C ALA D 239 1.48 55.03 -18.89
N ASP D 240 0.19 54.75 -18.72
CA ASP D 240 -0.47 54.91 -17.43
C ASP D 240 -0.16 53.69 -16.57
N VAL D 241 0.80 53.85 -15.65
CA VAL D 241 1.17 52.75 -14.77
C VAL D 241 0.07 52.48 -13.75
N ASN D 242 -0.52 53.55 -13.19
CA ASN D 242 -1.55 53.43 -12.17
C ASN D 242 -2.95 53.27 -12.76
N ALA D 243 -3.06 52.86 -14.02
CA ALA D 243 -4.36 52.61 -14.62
C ALA D 243 -5.00 51.38 -13.99
N HIS D 244 -6.30 51.45 -13.74
CA HIS D 244 -7.05 50.38 -13.09
C HIS D 244 -7.97 49.73 -14.11
N ALA D 245 -7.80 48.43 -14.33
CA ALA D 245 -8.67 47.66 -15.22
C ALA D 245 -9.86 47.17 -14.39
N LYS D 246 -10.80 48.07 -14.16
CA LYS D 246 -11.95 47.81 -13.29
C LYS D 246 -13.12 47.19 -14.03
N GLY D 247 -12.87 46.51 -15.15
CA GLY D 247 -13.95 45.91 -15.90
C GLY D 247 -14.56 44.72 -15.20
N ALA D 248 -15.75 44.33 -15.68
CA ALA D 248 -16.48 43.21 -15.06
C ALA D 248 -15.80 41.88 -15.35
N PHE D 249 -15.15 41.75 -16.51
CA PHE D 249 -14.41 40.54 -16.82
C PHE D 249 -13.21 40.40 -15.89
N PHE D 250 -12.64 41.52 -15.48
CA PHE D 250 -11.45 41.54 -14.63
C PHE D 250 -11.77 41.24 -13.17
N ASN D 251 -13.03 41.35 -12.76
CA ASN D 251 -13.45 41.10 -11.38
C ASN D 251 -14.56 40.05 -11.41
N PRO D 252 -14.21 38.78 -11.54
CA PRO D 252 -15.23 37.74 -11.72
C PRO D 252 -15.92 37.37 -10.41
N LYS D 253 -17.05 36.69 -10.56
CA LYS D 253 -17.85 36.23 -9.43
C LYS D 253 -17.93 34.72 -9.33
N TYR D 254 -17.77 33.99 -10.43
CA TYR D 254 -17.84 32.54 -10.43
C TYR D 254 -16.48 31.88 -10.67
N GLN D 255 -15.43 32.66 -10.93
CA GLN D 255 -14.09 32.16 -11.19
C GLN D 255 -14.05 31.19 -12.37
N HIS D 256 -14.93 31.40 -13.35
CA HIS D 256 -14.96 30.56 -14.54
C HIS D 256 -14.99 31.40 -15.81
N GLU D 257 -15.51 32.62 -15.70
CA GLU D 257 -15.63 33.51 -16.85
C GLU D 257 -14.67 34.70 -16.77
N GLY D 258 -13.77 34.73 -15.78
CA GLY D 258 -12.87 35.85 -15.64
C GLY D 258 -11.58 35.44 -14.95
N PHE D 259 -10.66 36.39 -14.87
CA PHE D 259 -9.36 36.19 -14.24
C PHE D 259 -9.03 37.42 -13.42
N TYR D 260 -9.02 37.27 -12.09
CA TYR D 260 -8.71 38.37 -11.20
C TYR D 260 -7.22 38.38 -10.88
N PHE D 261 -6.57 39.51 -11.12
CA PHE D 261 -5.14 39.66 -10.87
C PHE D 261 -4.79 40.85 -9.98
N GLY D 262 -5.72 41.76 -9.72
CA GLY D 262 -5.43 42.92 -8.90
C GLY D 262 -5.84 44.22 -9.56
N GLU D 263 -6.29 44.13 -10.82
CA GLU D 263 -6.73 45.29 -11.59
C GLU D 263 -5.64 46.36 -11.70
N THR D 264 -4.40 45.92 -11.85
CA THR D 264 -3.25 46.81 -11.96
C THR D 264 -2.21 46.14 -12.85
N PRO D 265 -1.57 46.89 -13.75
CA PRO D 265 -0.48 46.30 -14.55
C PRO D 265 0.63 45.71 -13.70
N LEU D 266 0.99 46.37 -12.60
CA LEU D 266 1.99 45.81 -11.69
C LEU D 266 1.49 44.53 -11.03
N ALA D 267 0.21 44.51 -10.63
CA ALA D 267 -0.36 43.30 -10.04
C ALA D 267 -0.47 42.19 -11.07
N LEU D 268 -0.78 42.54 -12.33
CA LEU D 268 -0.84 41.53 -13.39
C LEU D 268 0.54 40.94 -13.65
N ALA D 269 1.57 41.78 -13.68
CA ALA D 269 2.93 41.30 -13.89
C ALA D 269 3.38 40.42 -12.73
N ALA D 270 2.95 40.74 -11.50
CA ALA D 270 3.30 39.93 -10.35
C ALA D 270 2.59 38.58 -10.39
N CYS D 271 1.31 38.57 -10.81
CA CYS D 271 0.52 37.35 -10.79
C CYS D 271 0.82 36.40 -11.95
N THR D 272 1.41 36.90 -13.03
CA THR D 272 1.66 36.09 -14.21
C THR D 272 3.11 35.60 -14.30
N ASN D 273 3.86 35.67 -13.20
CA ASN D 273 5.25 35.22 -13.12
C ASN D 273 6.12 35.93 -14.16
N GLN D 274 6.15 37.26 -14.04
CA GLN D 274 6.96 38.11 -14.91
C GLN D 274 7.81 39.02 -14.04
N PRO D 275 8.86 38.47 -13.41
CA PRO D 275 9.64 39.27 -12.44
C PRO D 275 10.31 40.49 -13.05
N GLU D 276 10.79 40.39 -14.29
CA GLU D 276 11.50 41.50 -14.90
C GLU D 276 10.57 42.69 -15.12
N ILE D 277 9.30 42.43 -15.46
CA ILE D 277 8.34 43.52 -15.62
C ILE D 277 8.03 44.16 -14.28
N VAL D 278 7.95 43.36 -13.22
CA VAL D 278 7.69 43.90 -11.89
C VAL D 278 8.81 44.84 -11.46
N GLN D 279 10.06 44.36 -11.54
CA GLN D 279 11.19 45.21 -11.17
C GLN D 279 11.31 46.43 -12.06
N LEU D 280 10.94 46.32 -13.34
CA LEU D 280 10.93 47.48 -14.21
C LEU D 280 9.83 48.46 -13.81
N LEU D 281 8.77 47.99 -13.14
CA LEU D 281 7.66 48.85 -12.77
C LEU D 281 7.80 49.50 -11.40
N MET D 282 8.49 48.87 -10.45
CA MET D 282 8.57 49.44 -9.10
C MET D 282 9.38 50.73 -9.07
N GLU D 283 10.58 50.71 -9.65
CA GLU D 283 11.40 51.93 -9.70
C GLU D 283 10.92 52.80 -10.85
N HIS D 284 9.97 53.68 -10.54
CA HIS D 284 9.44 54.63 -11.51
C HIS D 284 8.92 55.85 -10.76
N GLU D 285 8.75 56.94 -11.49
CA GLU D 285 8.44 58.23 -10.87
C GLU D 285 6.97 58.39 -10.49
N GLN D 286 6.09 57.50 -10.96
CA GLN D 286 4.66 57.65 -10.65
C GLN D 286 3.97 56.34 -10.31
N THR D 287 4.70 55.23 -10.20
CA THR D 287 4.08 53.97 -9.81
C THR D 287 3.66 54.02 -8.35
N ASP D 288 2.41 53.63 -8.10
CA ASP D 288 1.84 53.60 -6.75
C ASP D 288 1.71 52.14 -6.34
N ILE D 289 2.63 51.68 -5.49
CA ILE D 289 2.60 50.29 -5.02
C ILE D 289 1.40 50.07 -4.10
N THR D 290 1.04 51.08 -3.31
CA THR D 290 -0.04 50.98 -2.35
C THR D 290 -1.41 51.29 -2.97
N SER D 291 -1.55 51.13 -4.29
CA SER D 291 -2.84 51.36 -4.93
C SER D 291 -3.84 50.29 -4.53
N ARG D 292 -5.09 50.70 -4.34
CA ARG D 292 -6.17 49.80 -3.98
C ARG D 292 -7.23 49.82 -5.07
N ASP D 293 -7.62 48.64 -5.53
CA ASP D 293 -8.60 48.50 -6.61
C ASP D 293 -10.01 48.62 -6.05
N SER D 294 -11.00 48.26 -6.86
CA SER D 294 -12.40 48.42 -6.47
C SER D 294 -12.78 47.49 -5.32
N ARG D 295 -12.06 46.39 -5.15
CA ARG D 295 -12.30 45.46 -4.05
C ARG D 295 -11.56 45.86 -2.78
N GLY D 296 -10.81 46.96 -2.81
CA GLY D 296 -9.97 47.35 -1.70
C GLY D 296 -8.66 46.62 -1.61
N ASN D 297 -8.44 45.62 -2.47
CA ASN D 297 -7.23 44.82 -2.44
C ASN D 297 -6.03 45.62 -2.95
N ASN D 298 -4.84 45.21 -2.52
CA ASN D 298 -3.59 45.73 -3.03
C ASN D 298 -2.82 44.60 -3.69
N ILE D 299 -1.55 44.87 -4.03
CA ILE D 299 -0.75 43.88 -4.74
C ILE D 299 -0.49 42.65 -3.86
N LEU D 300 -0.33 42.86 -2.55
CA LEU D 300 -0.14 41.72 -1.65
C LEU D 300 -1.44 40.95 -1.47
N HIS D 301 -2.57 41.66 -1.41
CA HIS D 301 -3.86 40.99 -1.37
C HIS D 301 -4.10 40.17 -2.65
N ALA D 302 -3.78 40.75 -3.80
CA ALA D 302 -3.97 40.04 -5.06
C ALA D 302 -3.06 38.82 -5.15
N LEU D 303 -1.81 38.95 -4.71
CA LEU D 303 -0.90 37.81 -4.69
C LEU D 303 -1.39 36.73 -3.74
N VAL D 304 -2.05 37.11 -2.65
CA VAL D 304 -2.63 36.12 -1.75
C VAL D 304 -3.80 35.40 -2.40
N THR D 305 -4.67 36.15 -3.09
CA THR D 305 -5.84 35.54 -3.72
C THR D 305 -5.45 34.59 -4.84
N VAL D 306 -4.49 34.98 -5.68
CA VAL D 306 -4.07 34.13 -6.80
C VAL D 306 -3.13 33.01 -6.38
N ALA D 307 -2.73 32.96 -5.12
CA ALA D 307 -1.83 31.92 -4.66
C ALA D 307 -2.53 30.56 -4.62
N GLU D 308 -1.74 29.51 -4.75
CA GLU D 308 -2.26 28.14 -4.75
C GLU D 308 -1.17 27.20 -4.27
N ASP D 309 -1.48 25.91 -4.21
CA ASP D 309 -0.55 24.92 -3.73
C ASP D 309 0.54 24.66 -4.77
N PHE D 310 1.53 23.85 -4.38
CA PHE D 310 2.65 23.55 -5.26
C PHE D 310 2.25 22.65 -6.42
N LYS D 311 1.15 21.91 -6.31
CA LYS D 311 0.74 21.00 -7.37
C LYS D 311 0.22 21.78 -8.58
N THR D 312 -0.68 22.74 -8.35
CA THR D 312 -1.27 23.47 -9.46
C THR D 312 -0.31 24.48 -10.06
N GLN D 313 0.42 25.20 -9.21
CA GLN D 313 1.34 26.23 -9.67
C GLN D 313 2.61 26.18 -8.84
N ASN D 314 3.62 26.91 -9.29
CA ASN D 314 4.91 26.94 -8.62
C ASN D 314 4.86 27.91 -7.43
N ASP D 315 6.03 28.14 -6.83
CA ASP D 315 6.17 28.98 -5.65
C ASP D 315 6.49 30.44 -6.00
N PHE D 316 6.30 30.84 -7.26
CA PHE D 316 6.65 32.18 -7.71
C PHE D 316 5.87 33.27 -7.00
N VAL D 317 4.66 32.97 -6.53
CA VAL D 317 3.86 33.98 -5.83
C VAL D 317 4.52 34.36 -4.51
N LYS D 318 5.01 33.36 -3.76
CA LYS D 318 5.73 33.65 -2.53
C LYS D 318 7.01 34.42 -2.80
N ARG D 319 7.72 34.07 -3.87
CA ARG D 319 8.91 34.83 -4.26
C ARG D 319 8.55 36.24 -4.69
N MET D 320 7.44 36.40 -5.43
CA MET D 320 6.99 37.73 -5.82
C MET D 320 6.54 38.53 -4.61
N TYR D 321 5.85 37.88 -3.67
CA TYR D 321 5.45 38.55 -2.43
C TYR D 321 6.67 39.06 -1.67
N ASP D 322 7.70 38.22 -1.55
CA ASP D 322 8.91 38.60 -0.84
C ASP D 322 9.62 39.74 -1.56
N MET D 323 9.75 39.65 -2.89
CA MET D 323 10.46 40.68 -3.64
C MET D 323 9.76 42.02 -3.58
N ILE D 324 8.43 42.03 -3.73
CA ILE D 324 7.69 43.29 -3.72
C ILE D 324 7.68 43.89 -2.32
N LEU D 325 7.53 43.06 -1.29
CA LEU D 325 7.53 43.57 0.07
C LEU D 325 8.90 44.15 0.45
N LEU D 326 9.98 43.48 0.02
CA LEU D 326 11.32 43.99 0.32
C LEU D 326 11.61 45.26 -0.46
N ARG D 327 11.17 45.34 -1.71
CA ARG D 327 11.42 46.53 -2.51
C ARG D 327 10.63 47.72 -1.98
N SER D 328 9.40 47.49 -1.51
CA SER D 328 8.63 48.57 -0.91
C SER D 328 9.27 49.05 0.39
N GLY D 329 9.70 48.13 1.24
CA GLY D 329 10.41 48.49 2.46
C GLY D 329 9.58 49.25 3.47
N ASN D 330 8.34 48.84 3.68
CA ASN D 330 7.47 49.51 4.63
C ASN D 330 6.39 48.54 5.09
N TRP D 331 5.77 48.87 6.24
CA TRP D 331 4.72 48.05 6.83
C TRP D 331 3.32 48.47 6.41
N GLU D 332 3.19 49.50 5.58
CA GLU D 332 1.86 49.95 5.16
C GLU D 332 1.21 48.99 4.17
N LEU D 333 1.99 48.15 3.51
CA LEU D 333 1.41 47.19 2.56
C LEU D 333 0.71 46.05 3.28
N GLU D 334 1.28 45.58 4.39
CA GLU D 334 0.70 44.46 5.12
C GLU D 334 -0.26 44.89 6.22
N THR D 335 -0.38 46.19 6.49
CA THR D 335 -1.32 46.70 7.49
C THR D 335 -2.52 47.39 6.85
N THR D 336 -2.67 47.29 5.53
CA THR D 336 -3.79 47.92 4.83
C THR D 336 -4.92 46.92 4.71
N ARG D 337 -6.10 47.31 5.20
CA ARG D 337 -7.28 46.46 5.13
C ARG D 337 -8.06 46.75 3.85
N ASN D 338 -8.52 45.68 3.20
CA ASN D 338 -9.32 45.79 1.99
C ASN D 338 -10.77 46.11 2.37
N ASN D 339 -11.68 45.95 1.41
CA ASN D 339 -13.10 46.16 1.72
C ASN D 339 -13.71 44.90 2.33
N ASP D 340 -13.02 44.32 3.30
CA ASP D 340 -13.54 43.21 4.07
C ASP D 340 -13.05 43.18 5.51
N GLY D 341 -12.29 44.20 5.93
CA GLY D 341 -11.67 44.18 7.24
C GLY D 341 -10.60 43.12 7.39
N LEU D 342 -9.77 42.93 6.37
CA LEU D 342 -8.78 41.87 6.36
C LEU D 342 -7.44 42.41 5.87
N THR D 343 -6.37 42.06 6.57
CA THR D 343 -5.02 42.29 6.12
C THR D 343 -4.60 41.15 5.18
N PRO D 344 -3.53 41.33 4.39
CA PRO D 344 -3.07 40.22 3.55
C PRO D 344 -2.69 38.97 4.34
N LEU D 345 -2.21 39.15 5.57
CA LEU D 345 -1.98 38.01 6.46
C LEU D 345 -3.30 37.35 6.84
N GLN D 346 -4.29 38.16 7.23
CA GLN D 346 -5.61 37.63 7.57
C GLN D 346 -6.30 37.07 6.33
N LEU D 347 -6.09 37.70 5.16
CA LEU D 347 -6.66 37.17 3.93
C LEU D 347 -6.05 35.83 3.57
N ALA D 348 -4.74 35.67 3.81
CA ALA D 348 -4.09 34.38 3.57
C ALA D 348 -4.61 33.33 4.53
N ALA D 349 -4.93 33.72 5.76
CA ALA D 349 -5.50 32.77 6.72
C ALA D 349 -6.92 32.39 6.33
N LYS D 350 -7.70 33.34 5.83
CA LYS D 350 -9.10 33.07 5.50
C LYS D 350 -9.23 32.26 4.21
N MET D 351 -8.45 32.60 3.19
CA MET D 351 -8.56 31.94 1.89
C MET D 351 -7.97 30.54 1.86
N GLY D 352 -7.28 30.13 2.92
CA GLY D 352 -6.72 28.80 2.98
C GLY D 352 -5.31 28.67 2.41
N LYS D 353 -4.65 29.78 2.08
CA LYS D 353 -3.30 29.73 1.53
C LYS D 353 -2.30 29.37 2.62
N ALA D 354 -1.98 28.08 2.74
CA ALA D 354 -1.08 27.64 3.81
C ALA D 354 0.37 28.00 3.53
N GLU D 355 0.77 28.00 2.25
CA GLU D 355 2.16 28.29 1.92
C GLU D 355 2.50 29.76 2.19
N ILE D 356 1.62 30.67 1.77
CA ILE D 356 1.85 32.09 1.99
C ILE D 356 1.80 32.42 3.48
N LEU D 357 0.87 31.80 4.21
CA LEU D 357 0.80 32.03 5.64
C LEU D 357 2.04 31.48 6.34
N LYS D 358 2.55 30.34 5.87
CA LYS D 358 3.78 29.79 6.45
C LYS D 358 4.96 30.70 6.20
N TYR D 359 5.01 31.35 5.02
CA TYR D 359 6.08 32.28 4.74
C TYR D 359 5.98 33.53 5.61
N ILE D 360 4.78 34.09 5.74
CA ILE D 360 4.62 35.35 6.46
C ILE D 360 4.82 35.15 7.96
N LEU D 361 4.29 34.05 8.52
CA LEU D 361 4.39 33.84 9.95
C LEU D 361 5.83 33.61 10.39
N SER D 362 6.62 32.92 9.59
CA SER D 362 8.02 32.62 9.89
C SER D 362 8.97 33.41 8.98
N ARG D 363 8.64 34.66 8.71
CA ARG D 363 9.44 35.50 7.82
C ARG D 363 10.62 36.07 8.60
N GLU D 364 11.83 35.66 8.25
CA GLU D 364 13.06 36.17 8.85
C GLU D 364 13.91 36.81 7.76
N ILE D 365 14.36 38.04 8.02
CA ILE D 365 15.17 38.80 7.07
C ILE D 365 16.55 38.98 7.68
N LYS D 366 17.58 38.56 6.93
CA LYS D 366 18.93 38.56 7.47
C LYS D 366 19.53 39.96 7.49
N GLU D 367 19.27 40.76 6.47
CA GLU D 367 19.89 42.08 6.36
C GLU D 367 19.34 43.02 7.43
N LYS D 368 20.21 43.93 7.89
CA LYS D 368 19.86 44.86 8.95
C LYS D 368 19.24 46.16 8.45
N ARG D 369 19.23 46.39 7.13
CA ARG D 369 18.67 47.63 6.62
C ARG D 369 17.16 47.67 6.80
N LEU D 370 16.49 46.53 6.65
CA LEU D 370 15.06 46.41 6.95
C LEU D 370 14.85 45.08 7.67
N ARG D 371 14.91 45.13 9.01
CA ARG D 371 14.65 43.96 9.84
C ARG D 371 13.34 44.07 10.62
N SER D 372 12.74 45.26 10.68
CA SER D 372 11.43 45.40 11.31
C SER D 372 10.33 44.73 10.50
N LEU D 373 10.57 44.46 9.21
CA LEU D 373 9.61 43.74 8.39
C LEU D 373 9.55 42.26 8.71
N SER D 374 10.47 41.75 9.50
CA SER D 374 10.48 40.35 9.88
C SER D 374 9.43 40.07 10.94
N ARG D 375 8.94 38.84 10.95
CA ARG D 375 8.01 38.38 11.98
C ARG D 375 8.62 37.36 12.92
N LYS D 376 9.71 36.71 12.53
CA LYS D 376 10.44 35.77 13.37
C LYS D 376 11.85 36.30 13.59
N PHE D 377 12.29 36.32 14.85
CA PHE D 377 13.63 36.79 15.20
C PHE D 377 14.33 35.72 16.03
N THR D 378 15.54 35.37 15.62
CA THR D 378 16.34 34.39 16.33
C THR D 378 17.05 35.09 17.48
N ASP D 379 16.56 34.85 18.70
CA ASP D 379 17.17 35.45 19.88
C ASP D 379 18.61 34.98 20.05
N TRP D 380 18.83 33.67 20.01
CA TRP D 380 20.17 33.11 20.07
C TRP D 380 20.15 31.74 19.40
N ALA D 381 21.35 31.28 19.05
CA ALA D 381 21.51 29.95 18.45
C ALA D 381 22.86 29.41 18.89
N TYR D 382 22.85 28.45 19.82
CA TYR D 382 24.06 27.84 20.36
C TYR D 382 24.12 26.41 19.86
N GLY D 383 25.06 26.12 18.96
CA GLY D 383 25.15 24.83 18.32
C GLY D 383 23.88 24.50 17.56
N PRO D 384 23.48 23.23 17.59
CA PRO D 384 22.22 22.85 16.95
C PRO D 384 21.01 23.11 17.85
N VAL D 385 21.01 24.25 18.54
CA VAL D 385 19.89 24.66 19.39
C VAL D 385 19.70 26.16 19.21
N SER D 386 18.53 26.56 18.72
CA SER D 386 18.24 27.95 18.43
C SER D 386 16.89 28.34 19.02
N SER D 387 16.83 29.51 19.63
CA SER D 387 15.61 30.06 20.22
C SER D 387 15.14 31.23 19.37
N SER D 388 13.95 31.11 18.80
CA SER D 388 13.39 32.12 17.91
C SER D 388 12.17 32.77 18.55
N LEU D 389 12.03 34.07 18.33
CA LEU D 389 10.88 34.82 18.82
C LEU D 389 9.92 35.10 17.67
N TYR D 390 8.66 34.70 17.83
CA TYR D 390 7.65 34.87 16.80
C TYR D 390 6.72 36.01 17.18
N ASP D 391 6.50 36.93 16.24
CA ASP D 391 5.62 38.05 16.48
C ASP D 391 4.17 37.58 16.55
N LEU D 392 3.39 38.18 17.45
CA LEU D 392 2.01 37.81 17.70
C LEU D 392 1.12 39.05 17.71
N THR D 393 1.27 39.91 16.69
CA THR D 393 0.47 41.12 16.61
C THR D 393 -0.99 40.80 16.30
N ASN D 394 -1.24 40.19 15.14
CA ASN D 394 -2.59 39.82 14.74
C ASN D 394 -2.78 38.30 14.71
N VAL D 395 -1.89 37.56 15.37
CA VAL D 395 -1.96 36.11 15.39
C VAL D 395 -2.68 35.60 16.63
N ASP D 396 -2.29 36.09 17.81
CA ASP D 396 -2.95 35.70 19.04
C ASP D 396 -4.36 36.26 19.09
N THR D 397 -5.27 35.50 19.69
CA THR D 397 -6.68 35.88 19.77
C THR D 397 -6.86 36.98 20.82
N THR D 398 -6.37 38.17 20.48
CA THR D 398 -6.50 39.33 21.34
C THR D 398 -6.72 40.62 20.56
N THR D 399 -6.94 40.53 19.25
CA THR D 399 -7.11 41.70 18.38
C THR D 399 -8.32 41.50 17.48
N ASP D 400 -9.44 41.12 18.08
CA ASP D 400 -10.70 40.86 17.40
C ASP D 400 -10.54 39.75 16.36
N ASN D 401 -10.44 40.11 15.09
CA ASN D 401 -10.22 39.14 14.02
C ASN D 401 -8.74 38.82 13.94
N SER D 402 -8.35 37.67 14.48
CA SER D 402 -6.96 37.24 14.53
C SER D 402 -6.75 36.05 13.60
N VAL D 403 -5.47 35.75 13.34
CA VAL D 403 -5.13 34.66 12.44
C VAL D 403 -5.54 33.31 13.05
N LEU D 404 -5.36 33.15 14.36
CA LEU D 404 -5.73 31.89 15.00
C LEU D 404 -7.23 31.67 14.96
N GLU D 405 -8.01 32.71 15.29
CA GLU D 405 -9.47 32.58 15.27
C GLU D 405 -9.99 32.37 13.86
N ILE D 406 -9.41 33.06 12.87
CA ILE D 406 -9.82 32.89 11.49
C ILE D 406 -9.50 31.48 11.00
N THR D 407 -8.30 30.98 11.36
CA THR D 407 -7.90 29.64 10.91
C THR D 407 -8.78 28.56 11.54
N VAL D 408 -9.16 28.73 12.81
CA VAL D 408 -9.89 27.67 13.49
C VAL D 408 -11.38 27.75 13.18
N TYR D 409 -11.98 28.93 13.34
CA TYR D 409 -13.44 29.04 13.35
C TYR D 409 -14.05 28.95 11.95
N ASN D 410 -13.36 29.43 10.92
CA ASN D 410 -13.92 29.38 9.58
C ASN D 410 -13.99 27.93 9.09
N THR D 411 -14.89 27.70 8.12
CA THR D 411 -15.18 26.34 7.68
C THR D 411 -15.11 26.12 6.17
N ASN D 412 -15.07 27.17 5.36
CA ASN D 412 -15.11 27.01 3.91
C ASN D 412 -13.71 26.83 3.32
N ILE D 413 -12.94 25.90 3.88
CA ILE D 413 -11.65 25.51 3.34
C ILE D 413 -11.46 24.01 3.54
N ASP D 414 -10.56 23.44 2.75
CA ASP D 414 -10.23 22.02 2.87
C ASP D 414 -8.87 21.78 3.53
N ASN D 415 -7.96 22.74 3.46
CA ASN D 415 -6.63 22.62 4.05
C ASN D 415 -6.57 23.25 5.45
N ARG D 416 -7.68 23.16 6.20
CA ARG D 416 -7.70 23.73 7.55
C ARG D 416 -6.76 23.00 8.49
N HIS D 417 -6.56 21.69 8.29
CA HIS D 417 -5.74 20.91 9.19
C HIS D 417 -4.27 21.29 9.09
N GLU D 418 -3.77 21.50 7.88
CA GLU D 418 -2.36 21.80 7.69
C GLU D 418 -2.00 23.23 8.05
N MET D 419 -2.98 24.13 8.12
CA MET D 419 -2.71 25.52 8.48
C MET D 419 -2.45 25.69 9.97
N LEU D 420 -2.99 24.80 10.81
CA LEU D 420 -2.79 24.88 12.24
C LEU D 420 -1.48 24.24 12.69
N THR D 421 -0.73 23.64 11.78
CA THR D 421 0.55 23.02 12.10
C THR D 421 1.72 23.97 12.01
N LEU D 422 1.47 25.25 11.75
CA LEU D 422 2.55 26.23 11.63
C LEU D 422 3.16 26.49 13.01
N GLU D 423 4.30 27.18 12.99
CA GLU D 423 5.07 27.36 14.22
C GLU D 423 4.35 28.16 15.31
N PRO D 424 3.79 29.36 15.06
CA PRO D 424 3.20 30.12 16.17
C PRO D 424 1.84 29.57 16.61
N LEU D 425 1.02 29.14 15.65
CA LEU D 425 -0.35 28.72 15.97
C LEU D 425 -0.38 27.45 16.80
N HIS D 426 0.41 26.46 16.41
CA HIS D 426 0.46 25.22 17.17
C HIS D 426 0.89 25.51 18.59
N THR D 427 2.03 26.17 18.73
CA THR D 427 2.56 26.45 20.07
C THR D 427 1.56 27.24 20.91
N LEU D 428 0.90 28.23 20.31
CA LEU D 428 -0.08 29.02 21.03
C LEU D 428 -1.25 28.17 21.51
N LEU D 429 -1.73 27.25 20.67
CA LEU D 429 -2.81 26.36 21.07
C LEU D 429 -2.34 25.43 22.20
N HIS D 430 -1.11 24.96 22.11
CA HIS D 430 -0.59 24.10 23.16
C HIS D 430 -0.58 24.82 24.48
N MET D 431 0.03 26.00 24.53
CA MET D 431 0.15 26.73 25.79
C MET D 431 -1.23 27.13 26.33
N LYS D 432 -2.16 27.50 25.45
CA LYS D 432 -3.51 27.81 25.90
C LYS D 432 -4.18 26.60 26.55
N TRP D 433 -4.03 25.43 25.92
CA TRP D 433 -4.60 24.21 26.48
C TRP D 433 -3.96 23.85 27.81
N LYS D 434 -2.63 24.00 27.91
CA LYS D 434 -1.93 23.67 29.14
C LYS D 434 -2.06 24.74 30.21
N LYS D 435 -2.64 25.90 29.89
CA LYS D 435 -2.80 26.97 30.87
C LYS D 435 -4.20 27.01 31.46
N PHE D 436 -5.23 27.13 30.62
CA PHE D 436 -6.57 27.35 31.16
C PHE D 436 -7.63 26.45 30.53
N ALA D 437 -7.37 25.95 29.32
CA ALA D 437 -8.40 25.17 28.63
C ALA D 437 -8.53 23.77 29.23
N LYS D 438 -7.45 23.23 29.79
CA LYS D 438 -7.51 21.89 30.39
C LYS D 438 -8.41 21.90 31.62
N HIS D 439 -8.23 22.87 32.51
CA HIS D 439 -9.04 22.95 33.72
C HIS D 439 -10.49 23.28 33.38
N MET D 440 -10.71 24.14 32.38
CA MET D 440 -12.07 24.47 31.98
C MET D 440 -12.79 23.26 31.39
N PHE D 441 -12.10 22.48 30.55
CA PHE D 441 -12.73 21.29 29.99
C PHE D 441 -13.00 20.23 31.06
N PHE D 442 -12.08 20.08 32.01
CA PHE D 442 -12.30 19.12 33.10
C PHE D 442 -13.46 19.56 33.98
N LEU D 443 -13.58 20.86 34.25
CA LEU D 443 -14.70 21.36 35.05
C LEU D 443 -16.02 21.16 34.32
N SER D 444 -16.05 21.42 33.01
CA SER D 444 -17.28 21.20 32.25
C SER D 444 -17.65 19.72 32.22
N PHE D 445 -16.66 18.84 32.08
CA PHE D 445 -16.93 17.40 32.11
C PHE D 445 -17.48 16.98 33.46
N CYS D 446 -16.87 17.45 34.56
CA CYS D 446 -17.32 17.07 35.88
C CYS D 446 -18.73 17.59 36.16
N PHE D 447 -19.02 18.83 35.77
CA PHE D 447 -20.34 19.40 36.03
C PHE D 447 -21.42 18.70 35.21
N TYR D 448 -21.14 18.38 33.94
CA TYR D 448 -22.12 17.68 33.14
C TYR D 448 -22.31 16.24 33.61
N PHE D 449 -21.22 15.61 34.06
CA PHE D 449 -21.33 14.24 34.59
C PHE D 449 -22.16 14.21 35.86
N PHE D 450 -21.94 15.17 36.76
CA PHE D 450 -22.72 15.23 38.00
C PHE D 450 -24.17 15.59 37.69
N TYR D 451 -24.39 16.49 36.73
CA TYR D 451 -25.75 16.86 36.35
C TYR D 451 -26.51 15.68 35.77
N ASN D 452 -25.85 14.89 34.91
CA ASN D 452 -26.49 13.70 34.36
C ASN D 452 -26.73 12.65 35.43
N ILE D 453 -25.79 12.52 36.37
CA ILE D 453 -25.93 11.52 37.44
C ILE D 453 -27.12 11.86 38.33
N THR D 454 -27.23 13.13 38.74
CA THR D 454 -28.32 13.52 39.62
C THR D 454 -29.66 13.55 38.90
N LEU D 455 -29.66 13.87 37.60
CA LEU D 455 -30.89 13.77 36.82
C LEU D 455 -31.37 12.33 36.73
N THR D 456 -30.44 11.40 36.47
CA THR D 456 -30.78 9.99 36.42
C THR D 456 -31.28 9.51 37.78
N LEU D 457 -30.66 9.95 38.87
CA LEU D 457 -31.05 9.50 40.20
C LEU D 457 -32.43 10.02 40.58
N VAL D 458 -32.73 11.28 40.29
CA VAL D 458 -34.04 11.82 40.66
C VAL D 458 -35.14 11.36 39.70
N SER D 459 -34.78 10.85 38.52
CA SER D 459 -35.80 10.36 37.60
C SER D 459 -36.08 8.86 37.79
N TYR D 460 -35.03 8.08 38.11
CA TYR D 460 -35.23 6.65 38.34
C TYR D 460 -35.85 6.37 39.70
N TYR D 461 -35.53 7.20 40.70
CA TYR D 461 -36.06 7.05 42.05
C TYR D 461 -37.26 7.96 42.29
N ARG D 462 -38.10 8.12 41.28
CA ARG D 462 -39.32 8.91 41.42
C ARG D 462 -40.29 8.23 42.38
N PRO D 463 -41.19 9.00 43.00
CA PRO D 463 -42.17 8.38 43.91
C PRO D 463 -43.02 7.31 43.25
N ARG D 464 -43.39 7.51 41.98
CA ARG D 464 -44.10 6.52 41.17
C ARG D 464 -45.42 6.07 41.81
N GLY D 480 -38.75 15.14 50.89
CA GLY D 480 -37.33 15.09 50.58
C GLY D 480 -36.67 16.46 50.57
N TRP D 481 -36.45 17.02 51.76
CA TRP D 481 -35.81 18.32 51.85
C TRP D 481 -34.34 18.25 51.46
N LEU D 482 -33.65 17.19 51.89
CA LEU D 482 -32.23 17.05 51.55
C LEU D 482 -32.04 16.64 50.09
N GLN D 483 -33.04 16.00 49.50
CA GLN D 483 -32.96 15.57 48.10
C GLN D 483 -33.54 16.59 47.14
N LEU D 484 -34.05 17.72 47.63
CA LEU D 484 -34.57 18.75 46.75
C LEU D 484 -33.45 19.49 46.03
N LEU D 485 -32.25 19.50 46.62
CA LEU D 485 -31.13 20.19 46.00
C LEU D 485 -30.75 19.55 44.66
N GLY D 486 -30.91 18.23 44.54
CA GLY D 486 -30.57 17.56 43.29
C GLY D 486 -31.45 18.00 42.14
N ARG D 487 -32.76 18.03 42.35
CA ARG D 487 -33.68 18.43 41.29
C ARG D 487 -33.61 19.93 41.01
N MET D 488 -33.36 20.75 42.04
CA MET D 488 -33.16 22.18 41.80
C MET D 488 -31.90 22.43 41.00
N PHE D 489 -30.83 21.68 41.28
CA PHE D 489 -29.61 21.79 40.48
C PHE D 489 -29.84 21.29 39.06
N VAL D 490 -30.68 20.27 38.88
CA VAL D 490 -31.05 19.81 37.55
C VAL D 490 -31.72 20.93 36.76
N LEU D 491 -32.70 21.60 37.39
CA LEU D 491 -33.41 22.68 36.72
C LEU D 491 -32.48 23.85 36.40
N ILE D 492 -31.63 24.24 37.35
CA ILE D 492 -30.74 25.38 37.16
C ILE D 492 -29.74 25.10 36.05
N TRP D 493 -29.12 23.91 36.07
CA TRP D 493 -28.11 23.59 35.07
C TRP D 493 -28.73 23.35 33.70
N ALA D 494 -29.96 22.82 33.66
CA ALA D 494 -30.64 22.69 32.38
C ALA D 494 -30.96 24.05 31.77
N MET D 495 -31.38 25.00 32.60
CA MET D 495 -31.61 26.36 32.11
C MET D 495 -30.32 27.00 31.64
N CYS D 496 -29.21 26.76 32.35
CA CYS D 496 -27.93 27.33 31.96
C CYS D 496 -27.47 26.77 30.63
N ILE D 497 -27.61 25.45 30.43
CA ILE D 497 -27.24 24.86 29.14
C ILE D 497 -28.17 25.36 28.04
N SER D 498 -29.46 25.53 28.35
CA SER D 498 -30.41 25.98 27.34
C SER D 498 -30.08 27.39 26.86
N VAL D 499 -29.78 28.30 27.77
CA VAL D 499 -29.46 29.67 27.36
C VAL D 499 -28.10 29.73 26.69
N LYS D 500 -27.14 28.90 27.13
CA LYS D 500 -25.82 28.90 26.50
C LYS D 500 -25.90 28.40 25.07
N GLU D 501 -26.62 27.30 24.85
CA GLU D 501 -26.79 26.79 23.49
C GLU D 501 -27.65 27.72 22.65
N GLY D 502 -28.61 28.42 23.28
CA GLY D 502 -29.42 29.36 22.54
C GLY D 502 -28.62 30.53 22.00
N ILE D 503 -27.75 31.10 22.83
CA ILE D 503 -26.92 32.20 22.37
C ILE D 503 -25.77 31.70 21.48
N ALA D 504 -25.42 30.43 21.56
CA ALA D 504 -24.42 29.86 20.65
C ALA D 504 -25.02 29.39 19.33
N ILE D 505 -26.35 29.32 19.23
CA ILE D 505 -27.02 28.92 18.00
C ILE D 505 -27.49 30.18 17.28
N PHE D 506 -27.84 31.22 18.06
CA PHE D 506 -28.35 32.46 17.48
C PHE D 506 -27.30 33.12 16.59
N LEU D 507 -26.04 33.15 17.02
CA LEU D 507 -24.96 33.70 16.22
C LEU D 507 -24.27 32.66 15.36
N LEU D 508 -24.76 31.42 15.34
CA LEU D 508 -24.13 30.37 14.56
C LEU D 508 -24.37 30.63 13.06
N ARG D 509 -23.30 30.54 12.29
CA ARG D 509 -23.38 30.76 10.86
C ARG D 509 -24.08 29.58 10.18
N PRO D 510 -24.63 29.80 8.98
CA PRO D 510 -25.11 28.66 8.17
C PRO D 510 -24.04 28.00 7.31
N SER D 511 -22.79 28.40 7.43
CA SER D 511 -21.70 27.79 6.68
C SER D 511 -21.11 26.58 7.40
N ASP D 512 -20.96 26.66 8.73
CA ASP D 512 -20.52 25.50 9.49
C ASP D 512 -21.62 24.44 9.64
N LEU D 513 -22.87 24.79 9.33
CA LEU D 513 -23.93 23.79 9.27
C LEU D 513 -23.84 22.92 8.03
N GLN D 514 -22.94 23.24 7.10
CA GLN D 514 -22.74 22.46 5.90
C GLN D 514 -21.88 21.23 6.23
N SER D 515 -21.37 20.57 5.20
CA SER D 515 -20.71 19.25 5.30
C SER D 515 -21.74 18.30 5.92
N ILE D 516 -21.36 17.46 6.87
CA ILE D 516 -22.30 16.57 7.55
C ILE D 516 -22.07 16.72 9.06
N LEU D 517 -22.72 17.73 9.66
CA LEU D 517 -22.86 17.92 11.10
C LEU D 517 -21.61 17.62 11.91
N SER D 518 -20.45 17.99 11.40
CA SER D 518 -19.17 17.65 12.03
C SER D 518 -18.67 18.72 12.99
N ASP D 519 -19.39 19.85 13.11
CA ASP D 519 -18.96 20.91 14.00
C ASP D 519 -20.09 21.62 14.72
N ALA D 520 -21.34 21.16 14.56
CA ALA D 520 -22.46 21.78 15.26
C ALA D 520 -23.50 20.81 15.76
N TRP D 521 -23.31 19.50 15.58
CA TRP D 521 -24.31 18.52 16.00
C TRP D 521 -24.45 18.48 17.51
N PHE D 522 -23.34 18.59 18.23
CA PHE D 522 -23.38 18.53 19.69
C PHE D 522 -24.08 19.75 20.29
N HIS D 523 -24.01 20.90 19.60
CA HIS D 523 -24.78 22.06 20.05
C HIS D 523 -26.27 21.78 20.01
N PHE D 524 -26.75 21.15 18.93
CA PHE D 524 -28.17 20.86 18.82
C PHE D 524 -28.61 19.83 19.85
N VAL D 525 -27.82 18.79 20.08
CA VAL D 525 -28.25 17.75 21.01
C VAL D 525 -28.19 18.24 22.45
N PHE D 526 -27.22 19.12 22.78
CA PHE D 526 -27.20 19.70 24.12
C PHE D 526 -28.40 20.61 24.33
N PHE D 527 -28.75 21.42 23.32
CA PHE D 527 -29.93 22.26 23.42
C PHE D 527 -31.20 21.43 23.54
N ILE D 528 -31.29 20.33 22.78
CA ILE D 528 -32.47 19.48 22.82
C ILE D 528 -32.61 18.81 24.18
N GLN D 529 -31.49 18.34 24.76
CA GLN D 529 -31.55 17.75 26.09
C GLN D 529 -31.97 18.78 27.13
N ALA D 530 -31.46 20.01 27.02
CA ALA D 530 -31.81 21.06 27.97
C ALA D 530 -33.29 21.39 27.90
N VAL D 531 -33.82 21.59 26.70
CA VAL D 531 -35.24 21.91 26.58
C VAL D 531 -36.11 20.71 26.88
N LEU D 532 -35.58 19.49 26.75
CA LEU D 532 -36.34 18.31 27.17
C LEU D 532 -36.51 18.27 28.68
N VAL D 533 -35.44 18.60 29.43
CA VAL D 533 -35.56 18.68 30.88
C VAL D 533 -36.49 19.82 31.27
N ILE D 534 -36.39 20.95 30.57
CA ILE D 534 -37.25 22.09 30.87
C ILE D 534 -38.72 21.74 30.64
N LEU D 535 -39.01 21.10 29.51
CA LEU D 535 -40.39 20.69 29.22
C LEU D 535 -40.87 19.60 30.16
N SER D 536 -39.96 18.73 30.63
CA SER D 536 -40.33 17.68 31.56
C SER D 536 -40.81 18.28 32.88
N VAL D 537 -40.05 19.23 33.43
CA VAL D 537 -40.48 19.87 34.68
C VAL D 537 -41.66 20.79 34.43
N PHE D 538 -41.79 21.31 33.20
CA PHE D 538 -42.93 22.16 32.86
C PHE D 538 -44.23 21.37 32.91
N LEU D 539 -44.22 20.16 32.37
CA LEU D 539 -45.39 19.30 32.43
C LEU D 539 -45.54 18.60 33.78
N TYR D 540 -44.45 18.49 34.56
CA TYR D 540 -44.55 17.90 35.88
C TYR D 540 -45.19 18.87 36.87
N LEU D 541 -45.03 20.18 36.65
CA LEU D 541 -45.64 21.16 37.56
C LEU D 541 -47.16 21.10 37.50
N PHE D 542 -47.73 20.88 36.33
CA PHE D 542 -49.17 20.73 36.17
C PHE D 542 -49.53 19.25 36.10
N ALA D 543 -50.81 18.97 35.87
CA ALA D 543 -51.30 17.59 35.83
C ALA D 543 -51.28 17.08 34.39
N TYR D 544 -50.05 16.85 33.90
CA TYR D 544 -49.82 16.32 32.56
C TYR D 544 -49.18 14.95 32.70
N LYS D 545 -49.84 13.92 32.15
CA LYS D 545 -49.33 12.57 32.23
C LYS D 545 -48.19 12.31 31.25
N GLU D 546 -48.06 13.12 30.21
CA GLU D 546 -47.00 12.92 29.21
C GLU D 546 -45.75 13.72 29.57
N TYR D 547 -45.28 13.55 30.81
CA TYR D 547 -44.06 14.21 31.27
C TYR D 547 -42.89 13.26 31.44
N LEU D 548 -43.15 11.98 31.70
CA LEU D 548 -42.06 11.02 31.88
C LEU D 548 -41.36 10.69 30.57
N ALA D 549 -42.04 10.84 29.43
CA ALA D 549 -41.42 10.56 28.14
C ALA D 549 -40.28 11.53 27.86
N CYS D 550 -40.51 12.83 28.11
CA CYS D 550 -39.46 13.81 27.92
C CYS D 550 -38.31 13.61 28.89
N LEU D 551 -38.63 13.23 30.14
CA LEU D 551 -37.59 13.01 31.14
C LEU D 551 -36.73 11.79 30.78
N VAL D 552 -37.36 10.70 30.37
CA VAL D 552 -36.61 9.50 29.99
C VAL D 552 -35.77 9.76 28.75
N LEU D 553 -36.34 10.47 27.77
CA LEU D 553 -35.57 10.85 26.58
C LEU D 553 -34.41 11.76 26.96
N ALA D 554 -34.60 12.62 27.95
CA ALA D 554 -33.51 13.47 28.43
C ALA D 554 -32.40 12.65 29.08
N MET D 555 -32.76 11.61 29.84
CA MET D 555 -31.75 10.75 30.44
C MET D 555 -30.95 10.03 29.36
N ALA D 556 -31.63 9.45 28.37
CA ALA D 556 -30.94 8.71 27.32
C ALA D 556 -30.06 9.63 26.48
N LEU D 557 -30.57 10.81 26.12
CA LEU D 557 -29.76 11.75 25.34
C LEU D 557 -28.61 12.31 26.16
N GLY D 558 -28.83 12.58 27.44
CA GLY D 558 -27.77 13.11 28.28
C GLY D 558 -26.63 12.12 28.47
N TRP D 559 -26.97 10.84 28.65
CA TRP D 559 -25.91 9.84 28.74
C TRP D 559 -25.29 9.56 27.37
N ALA D 560 -26.01 9.83 26.29
CA ALA D 560 -25.41 9.77 24.96
C ALA D 560 -24.54 10.98 24.68
N ASN D 561 -24.92 12.15 25.19
CA ASN D 561 -24.15 13.36 24.96
C ASN D 561 -22.84 13.39 25.75
N MET D 562 -22.66 12.50 26.72
CA MET D 562 -21.43 12.49 27.51
C MET D 562 -20.23 12.04 26.70
N LEU D 563 -20.45 11.42 25.54
CA LEU D 563 -19.34 11.02 24.67
C LEU D 563 -18.68 12.20 23.98
N TYR D 564 -19.26 13.40 24.09
CA TYR D 564 -18.62 14.59 23.54
C TYR D 564 -17.31 14.88 24.25
N TYR D 565 -17.26 14.65 25.56
CA TYR D 565 -16.09 14.99 26.37
C TYR D 565 -14.94 14.02 26.17
N THR D 566 -15.10 12.99 25.35
CA THR D 566 -14.01 12.07 25.05
C THR D 566 -12.91 12.71 24.22
N ARG D 567 -13.15 13.90 23.66
CA ARG D 567 -12.15 14.61 22.88
C ARG D 567 -11.03 15.18 23.73
N GLY D 568 -11.18 15.20 25.06
CA GLY D 568 -10.11 15.68 25.91
C GLY D 568 -8.88 14.79 25.86
N PHE D 569 -9.10 13.47 25.85
CA PHE D 569 -8.02 12.51 25.66
C PHE D 569 -7.83 12.25 24.17
N GLN D 570 -6.62 11.82 23.81
CA GLN D 570 -6.28 11.64 22.40
C GLN D 570 -7.03 10.45 21.81
N SER D 571 -6.79 9.25 22.37
CA SER D 571 -7.32 8.02 21.78
C SER D 571 -8.84 8.01 21.75
N MET D 572 -9.48 8.44 22.84
CA MET D 572 -10.93 8.54 22.84
C MET D 572 -11.42 9.60 21.86
N GLY D 573 -10.61 10.63 21.61
CA GLY D 573 -10.96 11.60 20.59
C GLY D 573 -10.98 11.00 19.19
N MET D 574 -9.97 10.19 18.87
CA MET D 574 -9.97 9.47 17.59
C MET D 574 -11.18 8.55 17.50
N TYR D 575 -11.50 7.86 18.60
CA TYR D 575 -12.65 6.96 18.61
C TYR D 575 -13.95 7.73 18.34
N SER D 576 -14.09 8.92 18.92
CA SER D 576 -15.31 9.70 18.75
C SER D 576 -15.46 10.21 17.32
N VAL D 577 -14.39 10.77 16.74
CA VAL D 577 -14.52 11.28 15.37
C VAL D 577 -14.69 10.15 14.37
N MET D 578 -14.15 8.96 14.66
CA MET D 578 -14.38 7.82 13.78
C MET D 578 -15.80 7.28 13.93
N ILE D 579 -16.38 7.37 15.13
CA ILE D 579 -17.81 7.13 15.30
C ILE D 579 -18.60 8.07 14.40
N GLN D 580 -18.19 9.33 14.35
CA GLN D 580 -18.89 10.34 13.55
C GLN D 580 -18.88 9.98 12.07
N LYS D 581 -17.68 9.76 11.52
CA LYS D 581 -17.57 9.43 10.10
C LYS D 581 -18.29 8.13 9.76
N VAL D 582 -18.16 7.11 10.61
CA VAL D 582 -18.78 5.83 10.31
C VAL D 582 -20.31 5.95 10.30
N ILE D 583 -20.86 6.57 11.34
CA ILE D 583 -22.31 6.62 11.50
C ILE D 583 -22.97 7.51 10.46
N LEU D 584 -22.22 8.39 9.81
CA LEU D 584 -22.80 9.17 8.73
C LEU D 584 -22.47 8.63 7.34
N HIS D 585 -21.35 7.94 7.18
CA HIS D 585 -20.96 7.49 5.85
C HIS D 585 -21.72 6.22 5.45
N ASP D 586 -21.52 5.13 6.18
CA ASP D 586 -22.03 3.84 5.73
C ASP D 586 -23.08 3.22 6.65
N VAL D 587 -23.26 3.73 7.87
CA VAL D 587 -24.37 3.25 8.69
C VAL D 587 -25.69 3.74 8.12
N LEU D 588 -25.72 4.98 7.61
CA LEU D 588 -26.95 5.52 7.05
C LEU D 588 -27.35 4.81 5.77
N LYS D 589 -26.38 4.52 4.89
CA LYS D 589 -26.70 3.80 3.67
C LYS D 589 -27.21 2.40 3.96
N PHE D 590 -26.57 1.70 4.91
CA PHE D 590 -27.03 0.38 5.28
C PHE D 590 -28.43 0.43 5.90
N LEU D 591 -28.69 1.43 6.74
CA LEU D 591 -30.02 1.58 7.32
C LEU D 591 -31.07 1.84 6.25
N PHE D 592 -30.74 2.66 5.26
CA PHE D 592 -31.69 2.98 4.20
C PHE D 592 -32.03 1.74 3.38
N VAL D 593 -31.01 1.00 2.94
CA VAL D 593 -31.25 -0.21 2.15
C VAL D 593 -31.94 -1.28 2.98
N TYR D 594 -31.54 -1.43 4.25
CA TYR D 594 -32.15 -2.45 5.10
C TYR D 594 -33.62 -2.13 5.37
N ILE D 595 -33.95 -0.86 5.58
CA ILE D 595 -35.34 -0.49 5.83
C ILE D 595 -36.18 -0.72 4.59
N VAL D 596 -35.62 -0.45 3.40
CA VAL D 596 -36.35 -0.73 2.17
C VAL D 596 -36.64 -2.22 2.05
N PHE D 597 -35.63 -3.06 2.27
CA PHE D 597 -35.83 -4.50 2.19
C PHE D 597 -36.76 -4.99 3.30
N LEU D 598 -36.62 -4.45 4.51
CA LEU D 598 -37.42 -4.89 5.65
C LEU D 598 -38.90 -4.59 5.43
N LEU D 599 -39.20 -3.37 4.99
CA LEU D 599 -40.61 -3.00 4.79
C LEU D 599 -41.20 -3.71 3.58
N GLY D 600 -40.42 -3.88 2.52
CA GLY D 600 -40.92 -4.59 1.35
C GLY D 600 -41.21 -6.05 1.65
N PHE D 601 -40.28 -6.73 2.33
CA PHE D 601 -40.50 -8.13 2.67
C PHE D 601 -41.54 -8.29 3.77
N GLY D 602 -41.64 -7.32 4.67
CA GLY D 602 -42.67 -7.38 5.70
C GLY D 602 -44.06 -7.26 5.14
N VAL D 603 -44.25 -6.36 4.17
CA VAL D 603 -45.56 -6.22 3.55
C VAL D 603 -45.83 -7.33 2.53
N ALA D 604 -44.78 -7.98 2.02
CA ALA D 604 -44.99 -9.13 1.14
C ALA D 604 -45.36 -10.38 1.92
N LEU D 605 -44.76 -10.56 3.11
CA LEU D 605 -45.06 -11.74 3.91
C LEU D 605 -46.41 -11.62 4.59
N ALA D 606 -46.80 -10.41 5.01
CA ALA D 606 -48.07 -10.22 5.69
C ALA D 606 -49.27 -10.45 4.79
N SER D 607 -49.08 -10.40 3.48
CA SER D 607 -50.17 -10.62 2.52
C SER D 607 -50.35 -12.09 2.16
N LEU D 608 -49.44 -12.97 2.58
CA LEU D 608 -49.52 -14.39 2.26
C LEU D 608 -50.24 -15.20 3.33
N ILE D 609 -50.74 -14.56 4.38
CA ILE D 609 -51.37 -15.26 5.49
C ILE D 609 -52.83 -14.82 5.59
N GLU D 610 -53.73 -15.79 5.59
CA GLU D 610 -55.16 -15.52 5.69
C GLU D 610 -55.55 -15.23 7.13
N LYS D 611 -56.84 -14.93 7.34
CA LYS D 611 -57.33 -14.62 8.67
C LYS D 611 -57.35 -15.87 9.55
N CYS D 612 -57.24 -15.66 10.85
CA CYS D 612 -57.24 -16.77 11.79
C CYS D 612 -58.64 -17.39 11.89
N PRO D 613 -58.72 -18.70 12.12
CA PRO D 613 -60.04 -19.34 12.29
C PRO D 613 -60.71 -18.97 13.59
N LYS D 614 -61.88 -19.55 13.84
CA LYS D 614 -62.62 -19.25 15.07
C LYS D 614 -61.90 -19.83 16.28
N ASP D 615 -61.96 -19.08 17.40
CA ASP D 615 -61.34 -19.47 18.66
C ASP D 615 -59.84 -19.71 18.50
N ASN D 616 -59.19 -18.85 17.71
CA ASN D 616 -57.75 -18.94 17.49
C ASN D 616 -57.21 -17.57 17.14
N LYS D 617 -56.13 -17.17 17.81
CA LYS D 617 -55.50 -15.88 17.57
C LYS D 617 -53.99 -15.94 17.39
N ASP D 618 -53.33 -17.04 17.80
CA ASP D 618 -51.88 -17.19 17.67
C ASP D 618 -51.52 -18.12 16.52
N CYS D 619 -52.25 -18.04 15.41
CA CYS D 619 -52.00 -18.92 14.28
C CYS D 619 -50.65 -18.62 13.63
N SER D 620 -50.33 -17.34 13.46
CA SER D 620 -49.09 -16.96 12.80
C SER D 620 -48.55 -15.69 13.45
N SER D 621 -47.23 -15.62 13.59
CA SER D 621 -46.58 -14.43 14.13
C SER D 621 -46.55 -13.28 13.12
N TYR D 622 -46.64 -13.59 11.82
CA TYR D 622 -46.67 -12.57 10.77
C TYR D 622 -48.10 -12.14 10.46
N GLY D 623 -48.85 -11.76 11.48
CA GLY D 623 -50.25 -11.42 11.31
C GLY D 623 -50.48 -10.16 10.52
N SER D 624 -50.07 -9.02 11.08
CA SER D 624 -50.23 -7.73 10.43
C SER D 624 -48.91 -7.29 9.81
N PHE D 625 -48.93 -6.07 9.23
CA PHE D 625 -47.71 -5.52 8.66
C PHE D 625 -46.69 -5.21 9.74
N SER D 626 -47.14 -4.63 10.86
CA SER D 626 -46.23 -4.35 11.97
C SER D 626 -45.69 -5.64 12.58
N ASP D 627 -46.54 -6.67 12.68
CA ASP D 627 -46.08 -7.94 13.23
C ASP D 627 -45.05 -8.60 12.33
N ALA D 628 -45.26 -8.56 11.01
CA ALA D 628 -44.29 -9.13 10.08
C ALA D 628 -42.98 -8.35 10.10
N VAL D 629 -43.06 -7.02 10.18
CA VAL D 629 -41.85 -6.21 10.27
C VAL D 629 -41.09 -6.50 11.55
N LEU D 630 -41.81 -6.63 12.66
CA LEU D 630 -41.18 -6.95 13.94
C LEU D 630 -40.54 -8.34 13.91
N GLU D 631 -41.20 -9.30 13.26
CA GLU D 631 -40.63 -10.64 13.15
C GLU D 631 -39.37 -10.65 12.31
N LEU D 632 -39.34 -9.88 11.21
CA LEU D 632 -38.14 -9.80 10.40
C LEU D 632 -37.02 -9.09 11.14
N PHE D 633 -37.36 -8.07 11.93
CA PHE D 633 -36.35 -7.37 12.74
C PHE D 633 -35.79 -8.28 13.82
N LYS D 634 -36.66 -9.09 14.45
CA LYS D 634 -36.19 -10.06 15.44
C LYS D 634 -35.32 -11.13 14.80
N LEU D 635 -35.66 -11.53 13.58
CA LEU D 635 -34.85 -12.51 12.86
C LEU D 635 -33.48 -11.93 12.48
N THR D 636 -33.43 -10.64 12.16
CA THR D 636 -32.17 -10.03 11.75
C THR D 636 -31.18 -9.97 12.90
N ILE D 637 -31.66 -9.64 14.11
CA ILE D 637 -30.78 -9.52 15.27
C ILE D 637 -30.49 -10.86 15.94
N GLY D 638 -31.03 -11.96 15.41
CA GLY D 638 -30.73 -13.27 15.96
C GLY D 638 -31.54 -13.67 17.16
N LEU D 639 -32.65 -12.99 17.44
CA LEU D 639 -33.50 -13.31 18.57
C LEU D 639 -34.73 -14.11 18.11
N GLY D 640 -35.28 -14.89 19.05
CA GLY D 640 -36.47 -15.67 18.77
C GLY D 640 -36.15 -17.01 18.13
N ASP D 641 -37.22 -17.69 17.75
CA ASP D 641 -37.15 -19.00 17.11
C ASP D 641 -37.85 -18.96 15.77
N LEU D 642 -37.22 -19.57 14.75
CA LEU D 642 -37.77 -19.58 13.41
C LEU D 642 -38.88 -20.62 13.33
N ASN D 643 -40.11 -20.16 13.09
CA ASN D 643 -41.26 -21.01 12.92
C ASN D 643 -41.78 -20.86 11.50
N ILE D 644 -41.87 -21.96 10.77
CA ILE D 644 -42.32 -21.96 9.38
C ILE D 644 -43.73 -22.50 9.22
N GLN D 645 -44.36 -22.96 10.31
CA GLN D 645 -45.72 -23.49 10.25
C GLN D 645 -46.75 -22.40 10.51
N GLN D 646 -46.68 -21.31 9.76
CA GLN D 646 -47.64 -20.23 9.88
C GLN D 646 -48.91 -20.55 9.07
N ASN D 647 -49.89 -19.66 9.15
CA ASN D 647 -51.17 -19.86 8.47
C ASN D 647 -51.12 -19.26 7.06
N SER D 648 -50.10 -19.66 6.31
CA SER D 648 -49.89 -19.19 4.95
C SER D 648 -50.46 -20.21 3.97
N LYS D 649 -51.24 -19.72 3.01
CA LYS D 649 -51.79 -20.59 1.97
C LYS D 649 -50.71 -21.08 1.01
N TYR D 650 -49.58 -20.38 0.93
CA TYR D 650 -48.44 -20.78 0.10
C TYR D 650 -47.21 -20.84 0.98
N PRO D 651 -47.04 -21.92 1.74
CA PRO D 651 -45.88 -22.01 2.65
C PRO D 651 -44.55 -22.06 1.91
N ILE D 652 -44.52 -22.59 0.69
CA ILE D 652 -43.27 -22.65 -0.07
C ILE D 652 -42.82 -21.26 -0.44
N LEU D 653 -43.74 -20.41 -0.91
CA LEU D 653 -43.39 -19.03 -1.23
C LEU D 653 -43.02 -18.25 0.03
N PHE D 654 -43.69 -18.54 1.15
CA PHE D 654 -43.35 -17.89 2.41
C PHE D 654 -41.92 -18.22 2.83
N LEU D 655 -41.54 -19.49 2.72
CA LEU D 655 -40.18 -19.89 3.07
C LEU D 655 -39.17 -19.32 2.08
N PHE D 656 -39.54 -19.24 0.80
CA PHE D 656 -38.64 -18.67 -0.19
C PHE D 656 -38.36 -17.20 0.09
N LEU D 657 -39.41 -16.43 0.41
CA LEU D 657 -39.22 -15.02 0.74
C LEU D 657 -38.44 -14.86 2.04
N LEU D 658 -38.68 -15.74 3.02
CA LEU D 658 -37.94 -15.67 4.27
C LEU D 658 -36.45 -15.93 4.05
N ILE D 659 -36.11 -16.95 3.25
CA ILE D 659 -34.71 -17.27 3.00
C ILE D 659 -34.06 -16.17 2.16
N THR D 660 -34.81 -15.58 1.23
CA THR D 660 -34.28 -14.46 0.45
C THR D 660 -33.96 -13.26 1.34
N TYR D 661 -34.83 -12.98 2.31
CA TYR D 661 -34.55 -11.91 3.27
C TYR D 661 -33.33 -12.26 4.13
N VAL D 662 -33.21 -13.54 4.52
CA VAL D 662 -32.07 -13.97 5.31
C VAL D 662 -30.76 -13.73 4.56
N ILE D 663 -30.73 -14.13 3.29
CA ILE D 663 -29.52 -13.95 2.49
C ILE D 663 -29.21 -12.46 2.30
N LEU D 664 -30.21 -11.69 1.90
CA LEU D 664 -29.99 -10.29 1.54
C LEU D 664 -29.52 -9.47 2.73
N THR D 665 -30.01 -9.79 3.94
CA THR D 665 -29.64 -9.02 5.11
C THR D 665 -28.46 -9.62 5.87
N PHE D 666 -28.60 -10.88 6.31
CA PHE D 666 -27.57 -11.46 7.17
C PHE D 666 -26.31 -11.80 6.39
N VAL D 667 -26.43 -12.23 5.14
CA VAL D 667 -25.27 -12.63 4.37
C VAL D 667 -24.68 -11.47 3.59
N LEU D 668 -25.51 -10.65 2.98
CA LEU D 668 -25.04 -9.59 2.09
C LEU D 668 -24.87 -8.25 2.81
N LEU D 669 -25.98 -7.71 3.33
CA LEU D 669 -25.98 -6.31 3.77
C LEU D 669 -25.10 -6.11 5.01
N LEU D 670 -25.32 -6.92 6.05
CA LEU D 670 -24.60 -6.73 7.31
C LEU D 670 -23.11 -7.00 7.14
N ASN D 671 -22.76 -8.09 6.47
CA ASN D 671 -21.35 -8.43 6.28
C ASN D 671 -20.64 -7.44 5.37
N MET D 672 -21.34 -6.93 4.35
CA MET D 672 -20.75 -5.87 3.52
C MET D 672 -20.58 -4.59 4.33
N LEU D 673 -21.48 -4.30 5.26
CA LEU D 673 -21.29 -3.16 6.15
C LEU D 673 -20.03 -3.32 6.98
N ILE D 674 -19.82 -4.50 7.54
CA ILE D 674 -18.59 -4.75 8.30
C ILE D 674 -17.37 -4.59 7.40
N ALA D 675 -17.48 -5.03 6.14
CA ALA D 675 -16.36 -4.89 5.21
C ALA D 675 -16.14 -3.42 4.81
N LEU D 676 -17.22 -2.64 4.76
CA LEU D 676 -17.10 -1.25 4.29
C LEU D 676 -16.49 -0.35 5.34
N MET D 677 -16.96 -0.45 6.59
CA MET D 677 -16.39 0.39 7.64
C MET D 677 -14.95 0.03 7.97
N GLY D 678 -14.45 -1.11 7.51
CA GLY D 678 -13.02 -1.34 7.53
C GLY D 678 -12.27 -0.40 6.60
N GLU D 679 -12.79 -0.20 5.39
CA GLU D 679 -12.23 0.79 4.48
C GLU D 679 -12.33 2.19 5.07
N THR D 680 -13.46 2.48 5.74
CA THR D 680 -13.64 3.79 6.35
C THR D 680 -12.60 4.05 7.43
N VAL D 681 -12.46 3.13 8.38
CA VAL D 681 -11.46 3.30 9.43
C VAL D 681 -10.05 3.20 8.88
N GLU D 682 -9.87 2.66 7.67
CA GLU D 682 -8.55 2.69 7.04
C GLU D 682 -8.23 4.09 6.53
N ASN D 683 -9.20 4.75 5.90
CA ASN D 683 -8.95 6.10 5.39
C ASN D 683 -8.84 7.12 6.52
N VAL D 684 -9.74 7.04 7.52
CA VAL D 684 -9.71 7.96 8.64
C VAL D 684 -8.68 7.56 9.69
N SER D 685 -7.92 6.49 9.47
CA SER D 685 -6.84 6.14 10.38
C SER D 685 -5.78 7.23 10.43
N LYS D 686 -5.39 7.76 9.27
CA LYS D 686 -4.45 8.87 9.23
C LYS D 686 -5.12 10.23 9.35
N GLU D 687 -6.39 10.32 8.96
CA GLU D 687 -7.15 11.57 9.06
C GLU D 687 -7.93 11.58 10.38
N SER D 688 -7.21 11.36 11.47
CA SER D 688 -7.79 11.45 12.80
C SER D 688 -6.94 12.24 13.79
N GLU D 689 -5.63 12.37 13.57
CA GLU D 689 -4.78 13.22 14.39
C GLU D 689 -4.97 14.69 14.11
N ARG D 690 -5.73 15.02 13.08
CA ARG D 690 -5.94 16.42 12.72
C ARG D 690 -7.33 16.88 13.09
N ILE D 691 -8.34 16.15 12.63
CA ILE D 691 -9.71 16.58 12.89
C ILE D 691 -9.97 16.67 14.39
N TRP D 692 -9.41 15.74 15.16
CA TRP D 692 -9.53 15.82 16.61
C TRP D 692 -8.83 17.05 17.16
N ARG D 693 -7.68 17.40 16.58
CA ARG D 693 -6.99 18.63 16.99
C ARG D 693 -7.76 19.87 16.56
N LEU D 694 -8.50 19.79 15.45
CA LEU D 694 -9.37 20.89 15.06
C LEU D 694 -10.50 21.08 16.08
N GLN D 695 -11.09 19.97 16.53
CA GLN D 695 -12.11 20.06 17.58
C GLN D 695 -11.52 20.58 18.88
N ARG D 696 -10.30 20.15 19.21
CA ARG D 696 -9.64 20.63 20.42
C ARG D 696 -9.36 22.13 20.33
N ALA D 697 -8.91 22.60 19.17
CA ALA D 697 -8.65 24.03 18.99
C ALA D 697 -9.95 24.83 19.09
N ARG D 698 -11.04 24.29 18.55
CA ARG D 698 -12.34 24.96 18.68
C ARG D 698 -12.76 25.06 20.13
N THR D 699 -12.56 24.00 20.91
CA THR D 699 -12.91 24.04 22.33
C THR D 699 -12.02 25.01 23.09
N ILE D 700 -10.74 25.08 22.74
CA ILE D 700 -9.82 26.01 23.40
C ILE D 700 -10.25 27.44 23.15
N LEU D 701 -10.57 27.77 21.89
CA LEU D 701 -10.96 29.14 21.56
C LEU D 701 -12.32 29.49 22.16
N GLU D 702 -13.25 28.52 22.20
CA GLU D 702 -14.54 28.77 22.83
C GLU D 702 -14.39 29.00 24.34
N PHE D 703 -13.50 28.22 24.98
CA PHE D 703 -13.28 28.39 26.40
C PHE D 703 -12.60 29.72 26.71
N GLU D 704 -11.69 30.16 25.82
CA GLU D 704 -11.06 31.46 26.01
C GLU D 704 -12.05 32.59 25.82
N LYS D 705 -12.98 32.44 24.87
CA LYS D 705 -14.03 33.44 24.71
C LYS D 705 -14.99 33.45 25.89
N MET D 706 -15.12 32.32 26.58
CA MET D 706 -15.97 32.26 27.76
C MET D 706 -15.39 33.06 28.93
N LEU D 707 -14.09 33.34 28.91
CA LEU D 707 -13.48 34.11 29.98
C LEU D 707 -13.95 35.57 29.94
N PRO D 708 -14.06 36.22 31.10
CA PRO D 708 -14.52 37.62 31.12
C PRO D 708 -13.46 38.59 30.66
N GLU D 709 -13.72 39.89 30.81
CA GLU D 709 -12.74 40.89 30.40
C GLU D 709 -11.49 40.82 31.28
N TRP D 710 -11.63 40.45 32.55
CA TRP D 710 -10.49 40.14 33.39
C TRP D 710 -10.20 38.64 33.29
N LEU D 711 -9.11 38.22 33.95
CA LEU D 711 -8.69 36.83 34.06
C LEU D 711 -8.15 36.32 32.71
N ARG D 712 -8.28 37.14 31.68
CA ARG D 712 -7.70 36.85 30.37
C ARG D 712 -6.27 37.35 30.24
N SER D 713 -5.70 37.92 31.30
CA SER D 713 -4.32 38.40 31.29
C SER D 713 -3.34 37.23 31.47
N ARG D 714 -3.39 36.30 30.52
CA ARG D 714 -2.53 35.13 30.46
C ARG D 714 -1.90 35.02 29.08
N PHE D 715 -1.32 36.12 28.61
CA PHE D 715 -0.77 36.21 27.27
C PHE D 715 0.40 35.23 27.10
N ARG D 716 0.85 35.09 25.85
CA ARG D 716 1.76 34.02 25.48
C ARG D 716 3.11 34.10 26.19
N MET D 717 3.92 35.11 25.89
CA MET D 717 5.28 35.15 26.39
C MET D 717 5.85 36.56 26.26
N GLY D 718 6.25 37.14 27.39
CA GLY D 718 7.07 38.34 27.41
C GLY D 718 6.56 39.56 26.68
N GLU D 719 7.42 40.56 26.52
CA GLU D 719 7.11 41.76 25.76
C GLU D 719 8.18 42.11 24.73
N LEU D 720 9.46 41.90 25.04
CA LEU D 720 10.54 42.25 24.13
C LEU D 720 10.55 41.28 22.95
N CYS D 721 10.46 41.82 21.73
CA CYS D 721 10.40 41.01 20.53
C CYS D 721 11.54 41.29 19.57
N LYS D 722 11.79 42.56 19.25
CA LYS D 722 12.79 42.91 18.25
C LYS D 722 13.55 44.16 18.72
N VAL D 723 14.38 44.70 17.84
CA VAL D 723 15.23 45.84 18.16
C VAL D 723 14.50 47.18 18.07
N ALA D 724 13.22 47.17 17.68
CA ALA D 724 12.46 48.40 17.56
C ALA D 724 12.36 49.11 18.90
N GLU D 725 12.61 50.42 18.91
CA GLU D 725 12.69 51.17 20.16
C GLU D 725 11.32 51.37 20.81
N ASP D 726 10.24 51.28 20.05
CA ASP D 726 8.90 51.50 20.58
C ASP D 726 7.96 50.43 20.07
N ASP D 727 6.97 50.09 20.91
CA ASP D 727 5.92 49.12 20.61
C ASP D 727 6.52 47.76 20.24
N PHE D 728 7.11 47.14 21.27
CA PHE D 728 7.71 45.81 21.11
C PHE D 728 6.65 44.74 20.85
N ARG D 729 5.40 45.01 21.19
CA ARG D 729 4.24 44.10 21.00
C ARG D 729 4.52 42.81 21.77
N LEU D 730 4.21 41.64 21.21
CA LEU D 730 4.33 40.37 21.88
C LEU D 730 5.42 39.53 21.22
N CYS D 731 5.65 38.34 21.78
CA CYS D 731 6.63 37.40 21.24
C CYS D 731 6.28 36.00 21.72
N LEU D 732 6.96 35.02 21.14
CA LEU D 732 6.68 33.62 21.44
C LEU D 732 7.97 32.82 21.22
N ARG D 733 8.61 32.42 22.32
CA ARG D 733 9.89 31.73 22.23
C ARG D 733 9.65 30.27 21.85
N ILE D 734 10.31 29.84 20.76
CA ILE D 734 10.25 28.46 20.29
C ILE D 734 11.68 27.99 20.04
N ASN D 735 12.02 26.82 20.58
CA ASN D 735 13.35 26.24 20.44
C ASN D 735 13.30 25.12 19.41
N GLU D 736 14.29 25.08 18.51
CA GLU D 736 14.35 24.11 17.44
C GLU D 736 15.74 23.46 17.44
N VAL D 737 15.78 22.16 17.15
CA VAL D 737 17.02 21.40 17.11
C VAL D 737 17.14 20.74 15.73
N LYS D 738 18.29 20.96 15.08
CA LYS D 738 18.56 20.36 13.78
C LYS D 738 20.06 20.27 13.59
N TRP D 739 20.53 19.10 13.14
CA TRP D 739 21.96 18.81 13.01
C TRP D 739 22.41 18.75 11.55
N THR D 740 21.79 19.54 10.67
CA THR D 740 22.11 19.48 9.25
C THR D 740 22.61 20.78 8.65
N GLU D 741 22.30 21.92 9.26
CA GLU D 741 22.71 23.21 8.68
C GLU D 741 24.21 23.43 8.79
N TRP D 742 24.72 23.48 10.03
CA TRP D 742 26.14 23.71 10.31
C TRP D 742 26.64 24.98 9.64
N LYS D 743 26.05 26.10 10.03
CA LYS D 743 26.41 27.41 9.48
C LYS D 743 26.69 28.38 10.63
N THR D 744 27.46 29.42 10.32
CA THR D 744 27.75 30.44 11.30
C THR D 744 26.52 31.31 11.54
N HIS D 745 26.20 31.56 12.80
CA HIS D 745 24.99 32.29 13.18
C HIS D 745 25.28 33.78 13.15
N VAL D 746 24.66 34.49 12.20
CA VAL D 746 24.80 35.92 12.08
C VAL D 746 23.52 36.67 12.42
N SER D 747 22.35 36.12 12.11
CA SER D 747 21.08 36.74 12.41
C SER D 747 20.67 36.61 13.88
N PHE D 748 21.59 36.18 14.74
CA PHE D 748 21.32 36.08 16.17
C PHE D 748 21.07 37.47 16.76
N LEU D 749 20.29 37.50 17.85
CA LEU D 749 19.90 38.74 18.51
C LEU D 749 20.57 38.96 19.86
N ASN D 750 20.70 37.92 20.67
CA ASN D 750 21.27 38.02 22.01
C ASN D 750 22.54 37.19 22.10
N GLU D 751 23.60 37.77 22.65
CA GLU D 751 24.88 37.08 22.72
C GLU D 751 24.86 35.94 23.73
N ASP D 752 24.10 36.09 24.82
CA ASP D 752 24.05 35.07 25.87
C ASP D 752 22.89 34.13 25.60
N PRO D 753 23.18 32.85 25.33
CA PRO D 753 21.99 32.01 25.15
C PRO D 753 21.26 31.73 26.44
N GLY D 754 20.09 31.13 26.33
CA GLY D 754 19.32 30.73 27.48
C GLY D 754 18.81 31.91 28.29
N PRO D 755 18.12 31.63 29.40
CA PRO D 755 17.57 32.66 30.29
C PRO D 755 18.67 33.48 30.97
N POV E . -19.49 -37.40 36.91
P POV E . -18.47 -34.86 33.83
C1 POV E . -16.24 -35.37 32.51
C2 POV E . -14.75 -35.64 32.76
C3 POV E . -14.22 -34.98 34.00
C210 POV E . -7.97 -31.04 24.00
C310 POV E . -7.41 -27.19 29.53
C11 POV E . -20.17 -36.74 34.49
O11 POV E . -16.87 -35.14 33.75
C211 POV E . -7.48 -32.04 23.01
C311 POV E . -7.11 -27.28 28.04
C12 POV E . -20.00 -37.82 35.56
O12 POV E . -18.96 -36.45 33.84
C212 POV E . -8.06 -31.79 21.62
C312 POV E . -6.55 -28.65 27.65
C13 POV E . -20.25 -36.25 37.45
O13 POV E . -18.88 -34.24 32.53
C313 POV E . -5.79 -28.66 26.33
C14 POV E . -19.69 -38.57 37.82
O14 POV E . -18.84 -34.24 35.15
C314 POV E . -6.53 -27.95 25.21
C15 POV E . -18.03 -37.08 36.90
C315 POV E . -5.76 -27.98 23.88
C316 POV E . -6.48 -27.22 22.77
C21 POV E . -13.78 -35.97 30.62
O21 POV E . -13.95 -35.18 31.67
C22 POV E . -13.11 -35.24 29.49
O22 POV E . -14.10 -37.13 30.60
C23 POV E . -11.89 -34.43 29.90
C24 POV E . -10.95 -34.21 28.71
C25 POV E . -10.07 -32.98 28.84
C26 POV E . -9.47 -32.57 27.51
C27 POV E . -10.51 -32.47 26.40
C28 POV E . -9.89 -32.37 25.00
C29 POV E . -9.00 -31.18 24.85
C31 POV E . -12.69 -33.18 34.15
O31 POV E . -12.95 -34.41 33.71
C32 POV E . -11.33 -32.73 33.68
O32 POV E . -13.44 -32.54 34.82
C33 POV E . -10.95 -31.33 34.11
C34 POV E . -9.59 -30.94 33.56
C35 POV E . -9.47 -31.01 32.05
C36 POV E . -10.39 -30.04 31.33
C37 POV E . -10.26 -28.59 31.78
C38 POV E . -8.91 -27.96 31.43
C39 POV E . -8.48 -28.17 29.98
N POV F . -11.82 -21.61 -20.58
P POV F . -12.49 -24.43 -17.50
C1 POV F . -13.97 -26.58 -17.09
C2 POV F . -13.84 -28.00 -16.53
C3 POV F . -13.66 -29.07 -17.59
C210 POV F . -18.34 -29.74 -6.21
C11 POV F . -10.83 -23.69 -19.39
O11 POV F . -12.68 -26.01 -17.15
C211 POV F . -19.60 -29.36 -5.49
C12 POV F . -11.14 -22.95 -20.67
O12 POV F . -11.85 -24.59 -19.01
C212 POV F . -20.52 -30.57 -5.27
C13 POV F . -11.26 -20.78 -19.48
O13 POV F . -13.86 -23.85 -17.62
C213 POV F . -21.88 -30.42 -5.95
C14 POV F . -13.27 -21.88 -20.28
O14 POV F . -11.46 -23.81 -16.60
C214 POV F . -21.77 -30.24 -7.47
C15 POV F . -11.74 -20.85 -21.85
C215 POV F . -23.12 -30.02 -8.14
C216 POV F . -23.00 -29.54 -9.58
C217 POV F . -22.36 -28.17 -9.71
C218 POV F . -22.22 -27.71 -11.16
C21 POV F . -14.82 -29.05 -14.64
O21 POV F . -14.99 -28.39 -15.78
C22 POV F . -16.13 -29.40 -14.01
O22 POV F . -13.74 -29.30 -14.18
C23 POV F . -16.01 -29.96 -12.61
C24 POV F . -15.73 -28.85 -11.60
C25 POV F . -16.98 -28.42 -10.84
C26 POV F . -16.66 -27.58 -9.60
C27 POV F . -17.90 -27.24 -8.78
C28 POV F . -18.70 -28.48 -8.39
C29 POV F . -17.96 -29.36 -7.43
C31 POV F . -15.41 -29.24 -19.15
O31 POV F . -14.93 -29.59 -17.97
C32 POV F . -15.83 -30.45 -19.93
O32 POV F . -15.51 -28.10 -19.53
C33 POV F . -15.45 -30.41 -21.41
C34 POV F . -16.05 -31.59 -22.15
C35 POV F . -15.65 -32.95 -21.60
C36 POV F . -16.16 -34.10 -22.47
C37 POV F . -15.79 -35.47 -21.94
C38 POV F . -16.29 -36.60 -22.85
N POV G . -7.25 -37.77 -5.64
P POV G . -8.50 -38.78 -9.76
C1 POV G . -9.01 -41.29 -10.41
C2 POV G . -9.71 -42.05 -11.55
C3 POV G . -10.23 -41.17 -12.65
C210 POV G . -3.37 -47.28 -14.72
C310 POV G . -10.15 -39.09 -23.59
C11 POV G . -9.10 -37.72 -7.45
O11 POV G . -9.40 -39.94 -10.48
C211 POV G . -2.79 -46.17 -13.89
C311 POV G . -9.81 -37.67 -24.05
C12 POV G . -8.68 -38.03 -6.02
O12 POV G . -9.19 -38.87 -8.26
C212 POV G . -2.63 -46.58 -12.43
C312 POV G . -10.27 -37.39 -25.48
C13 POV G . -7.02 -38.09 -4.20
O13 POV G . -7.10 -39.33 -9.68
C213 POV G . -2.53 -45.40 -11.49
C14 POV G . -6.40 -38.66 -6.46
O14 POV G . -8.77 -37.44 -10.35
C214 POV G . -1.28 -44.56 -11.71
C15 POV G . -6.83 -36.37 -5.91
C215 POV G . -1.19 -43.35 -10.80
C216 POV G . 0.24 -42.83 -10.62
C217 POV G . 0.36 -41.75 -9.56
C218 POV G . 1.79 -41.51 -9.13
C21 POV G . -10.64 -43.83 -10.25
O21 POV G . -10.84 -42.81 -11.07
C22 POV G . -9.77 -44.89 -10.87
O22 POV G . -11.12 -43.89 -9.14
C23 POV G . -10.46 -45.71 -11.94
C24 POV G . -9.93 -45.37 -13.33
C25 POV G . -8.57 -46.01 -13.63
C26 POV G . -7.94 -45.49 -14.91
C27 POV G . -6.83 -46.37 -15.45
C28 POV G . -5.83 -46.80 -14.37
C29 POV G . -4.66 -47.53 -14.92
C31 POV G . -10.42 -41.50 -14.99
O31 POV G . -9.71 -41.65 -13.88
C32 POV G . -10.26 -42.69 -15.89
O32 POV G . -11.10 -40.53 -15.21
C33 POV G . -9.67 -42.38 -17.25
C34 POV G . -9.23 -43.67 -17.94
C35 POV G . -8.45 -43.45 -19.23
C36 POV G . -9.31 -42.88 -20.34
C37 POV G . -8.95 -41.45 -20.73
C38 POV G . -9.75 -40.95 -21.93
C39 POV G . -9.48 -39.50 -22.29
N POV H . -3.96 -32.77 -3.63
P POV H . -5.35 -28.72 -0.89
C1 POV H . -7.09 -29.49 0.92
C2 POV H . -8.34 -28.91 1.60
C3 POV H . -9.11 -27.93 0.74
C310 POV H . -15.23 -33.38 7.53
C11 POV H . -4.14 -30.54 -2.33
O11 POV H . -6.86 -28.82 -0.30
C311 POV H . -16.68 -33.70 7.87
C12 POV H . -4.04 -32.05 -2.31
O12 POV H . -5.38 -30.06 -1.87
C312 POV H . -16.82 -34.86 8.86
C13 POV H . -5.24 -32.69 -4.39
O13 POV H . -5.32 -27.51 -1.77
C313 POV H . -16.05 -36.11 8.45
C14 POV H . -2.89 -32.13 -4.43
O14 POV H . -4.32 -28.93 0.18
C314 POV H . -14.94 -36.47 9.43
C15 POV H . -3.60 -34.21 -3.46
C315 POV H . -14.12 -37.67 8.99
C316 POV H . -12.95 -37.96 9.93
C21 POV H . -7.86 -28.89 3.94
O21 POV H . -8.02 -28.22 2.81
C22 POV H . -9.13 -28.89 4.76
O22 POV H . -6.83 -29.44 4.25
C23 POV H . -9.09 -29.77 5.99
C24 POV H . -8.32 -29.11 7.13
C25 POV H . -8.21 -29.98 8.38
C31 POV H . -11.46 -27.61 0.80
O31 POV H . -10.29 -27.59 1.45
C32 POV H . -12.52 -28.21 1.68
O32 POV H . -11.61 -27.20 -0.31
C33 POV H . -12.15 -29.57 2.27
C34 POV H . -13.38 -30.30 2.79
C35 POV H . -13.86 -29.83 4.16
C36 POV H . -12.74 -29.89 5.21
C37 POV H . -13.23 -30.18 6.61
C38 POV H . -13.53 -31.66 6.85
C39 POV H . -15.01 -31.99 6.96
N POV I . 4.11 -22.99 7.73
P POV I . 2.50 -19.92 10.24
C1 POV I . 0.67 -21.80 10.33
C2 POV I . 0.01 -22.78 11.31
C3 POV I . 0.18 -22.41 12.76
C210 POV I . -7.08 -31.92 14.55
C310 POV I . -8.03 -27.95 18.43
C11 POV I . 4.66 -20.80 9.00
O11 POV I . 1.53 -20.94 11.04
C311 POV I . -7.36 -28.84 19.45
C12 POV I . 5.11 -22.12 8.43
O12 POV I . 3.82 -20.93 10.13
C13 POV I . 3.18 -22.18 6.89
O13 POV I . 1.93 -19.75 8.87
C14 POV I . 4.87 -23.91 6.84
O14 POV I . 2.88 -18.74 11.09
C15 POV I . 3.30 -23.83 8.67
C21 POV I . -0.25 -25.09 10.78
O21 POV I . 0.54 -24.11 11.19
C22 POV I . -0.02 -26.33 11.59
O22 POV I . -1.03 -24.99 9.88
C23 POV I . -0.88 -27.51 11.18
C24 POV I . -0.90 -28.60 12.25
C25 POV I . -1.92 -29.69 11.96
C26 POV I . -2.58 -30.23 13.21
C27 POV I . -4.02 -30.64 13.01
C28 POV I . -4.79 -30.84 14.32
C29 POV I . -6.26 -30.96 14.09
C31 POV I . -0.35 -23.38 14.85
O31 POV I . -0.54 -23.36 13.54
C32 POV I . -1.05 -24.56 15.47
O32 POV I . 0.29 -22.56 15.46
C33 POV I . -1.07 -24.58 16.98
C34 POV I . -1.76 -25.83 17.50
C35 POV I . -3.22 -25.95 17.08
C36 POV I . -3.49 -27.25 16.33
C37 POV I . -4.98 -27.49 16.05
C38 POV I . -5.83 -27.43 17.32
C39 POV I . -7.28 -27.84 17.11
N POV J . -21.23 -10.95 51.48
P POV J . -22.27 -14.04 47.50
C1 POV J . -20.30 -13.58 45.82
C2 POV J . -18.97 -12.81 45.76
C3 POV J . -18.11 -13.16 44.57
C11 POV J . -21.45 -12.29 49.27
O11 POV J . -20.71 -13.73 47.16
C12 POV J . -21.77 -12.14 50.74
O12 POV J . -22.53 -12.75 48.52
C13 POV J . -21.35 -9.70 50.68
O13 POV J . -22.30 -15.30 48.32
C14 POV J . -22.03 -10.80 52.73
O14 POV J . -23.14 -13.90 46.30
C15 POV J . -19.80 -11.13 51.87
C21 POV J . -17.49 -14.04 47.27
O21 POV J . -18.18 -12.95 46.96
C22 POV J . -16.29 -13.69 48.10
O22 POV J . -17.79 -15.17 46.95
C23 POV J . -15.25 -12.84 47.39
C24 POV J . -14.50 -13.64 46.33
C25 POV J . -13.24 -12.95 45.84
C26 POV J . -12.08 -13.10 46.80
C27 POV J . -10.88 -12.21 46.46
C28 POV J . -10.40 -12.39 45.02
C31 POV J . -16.91 -11.26 43.83
O31 POV J . -16.95 -12.35 44.58
C32 POV J . -15.81 -11.34 42.82
O32 POV J . -17.67 -10.32 43.97
C33 POV J . -15.73 -10.17 41.85
C34 POV J . -14.64 -10.38 40.82
C35 POV J . -13.25 -10.58 41.42
C36 POV J . -12.15 -10.18 40.45
C37 POV J . -12.23 -8.73 39.98
C38 POV J . -11.14 -8.36 38.99
N POV K . -26.98 -11.31 47.44
P POV K . -27.67 -10.62 42.50
C1 POV K . -26.84 -8.18 42.01
C2 POV K . -26.31 -8.40 40.58
C3 POV K . -25.20 -7.45 40.20
C210 POV K . -22.12 -5.84 31.58
C310 POV K . -14.96 -7.95 33.22
C11 POV K . -27.31 -10.27 45.09
O11 POV K . -26.68 -9.37 42.74
C211 POV K . -20.76 -5.90 30.96
C311 POV K . -13.67 -8.75 33.34
C12 POV K . -26.49 -11.13 46.03
O12 POV K . -27.94 -11.03 44.09
C212 POV K . -20.82 -6.17 29.47
C312 POV K . -12.48 -8.06 32.67
C13 POV K . -26.99 -10.02 48.19
O13 POV K . -28.95 -10.07 41.94
C213 POV K . -19.46 -6.11 28.78
C313 POV K . -12.58 -8.00 31.15
C14 POV K . -26.05 -12.25 48.12
O14 POV K . -26.96 -11.76 41.83
C214 POV K . -19.52 -6.51 27.31
C314 POV K . -12.51 -9.36 30.49
C15 POV K . -28.35 -11.90 47.48
C215 POV K . -20.01 -7.92 27.09
C315 POV K . -11.37 -9.49 29.49
C216 POV K . -20.21 -8.28 25.62
C316 POV K . -10.02 -9.14 30.09
C217 POV K . -21.26 -7.41 24.92
C218 POV K . -20.78 -6.90 23.57
C21 POV K . -27.71 -9.29 38.89
O21 POV K . -27.34 -8.24 39.60
C22 POV K . -28.45 -8.87 37.65
O22 POV K . -27.49 -10.43 39.21
C23 POV K . -27.65 -7.97 36.71
C24 POV K . -26.27 -8.55 36.44
C25 POV K . -25.47 -7.78 35.40
C26 POV K . -25.90 -8.08 33.97
C27 POV K . -24.76 -7.97 32.97
C28 POV K . -24.00 -6.64 33.08
C29 POV K . -22.65 -6.70 32.45
C31 POV K . -23.15 -7.80 39.05
O31 POV K . -24.44 -8.08 39.16
C32 POV K . -22.50 -8.76 38.09
O32 POV K . -22.60 -6.90 39.64
C33 POV K . -21.00 -8.95 38.29
C34 POV K . -20.20 -7.85 37.60
C35 POV K . -20.63 -7.58 36.16
C36 POV K . -19.48 -7.08 35.30
C37 POV K . -18.42 -8.12 35.02
C38 POV K . -17.30 -7.60 34.12
C39 POV K . -16.14 -8.57 33.96
N POV L . -19.05 -48.32 22.87
P POV L . -22.34 -44.83 21.01
C1 POV L . -20.88 -43.44 19.30
C2 POV L . -19.48 -43.48 18.68
C3 POV L . -19.31 -42.52 17.51
C11 POV L . -20.36 -46.38 21.75
O11 POV L . -21.20 -44.69 19.86
C12 POV L . -20.37 -47.72 22.45
O12 POV L . -21.42 -45.54 22.18
C13 POV L . -18.15 -47.30 23.48
O13 POV L . -23.33 -45.84 20.51
C14 POV L . -19.35 -49.37 23.88
O14 POV L . -22.78 -43.48 21.49
C15 POV L . -18.35 -48.97 21.72
C21 POV L . -19.54 -45.40 17.16
O21 POV L . -19.08 -44.79 18.26
C22 POV L . -18.51 -46.35 16.62
O22 POV L . -20.65 -45.24 16.69
C23 POV L . -17.25 -45.69 16.09
C24 POV L . -17.50 -44.91 14.81
C25 POV L . -16.22 -44.52 14.07
C26 POV L . -15.62 -45.70 13.30
C27 POV L . -14.21 -45.40 12.78
C28 POV L . -14.14 -44.12 11.95
C31 POV L . -17.10 -41.67 17.46
O31 POV L . -17.97 -42.58 17.05
C32 POV L . -16.57 -40.88 16.30
O32 POV L . -16.78 -41.52 18.62
C33 POV L . -15.62 -39.76 16.67
C34 POV L . -15.19 -38.98 15.43
C35 POV L . -14.51 -39.82 14.37
C36 POV L . -13.58 -38.99 13.49
C37 POV L . -12.48 -38.28 14.27
C38 POV L . -11.58 -37.44 13.37
N POV M . -22.91 -43.50 26.26
P POV M . -22.98 -38.48 26.02
C1 POV M . -20.53 -37.70 26.62
C2 POV M . -20.46 -36.45 25.74
C3 POV M . -19.06 -36.09 25.30
C210 POV M . -16.32 -27.98 21.71
C310 POV M . -13.76 -31.12 15.25
C11 POV M . -22.36 -40.98 26.53
O11 POV M . -21.37 -38.66 26.00
C211 POV M . -15.60 -27.61 20.46
C311 POV M . -13.64 -31.60 13.81
C12 POV M . -22.52 -42.19 25.63
O12 POV M . -23.40 -40.04 26.38
C212 POV M . -15.93 -26.19 20.00
C312 POV M . -12.41 -31.03 13.10
C13 POV M . -21.84 -44.00 27.17
O13 POV M . -23.30 -37.62 27.21
C213 POV M . -15.11 -25.75 18.80
C313 POV M . -12.48 -29.52 12.87
C14 POV M . -23.09 -44.48 25.15
O14 POV M . -23.50 -38.14 24.66
C214 POV M . -15.51 -24.37 18.27
C314 POV M . -13.57 -29.14 11.87
C15 POV M . -24.19 -43.42 27.01
C215 POV M . -16.97 -24.32 17.81
C315 POV M . -13.05 -28.38 10.66
C216 POV M . -17.44 -22.93 17.43
C316 POV M . -11.95 -29.12 9.93
C217 POV M . -17.38 -21.93 18.56
C218 POV M . -16.75 -20.60 18.15
C21 POV M . -22.09 -34.72 25.94
O21 POV M . -20.97 -35.30 26.40
C22 POV M . -22.23 -33.32 26.47
O22 POV M . -22.86 -35.28 25.20
C23 POV M . -21.08 -32.40 26.11
C24 POV M . -20.75 -32.47 24.62
C25 POV M . -19.70 -31.46 24.18
C26 POV M . -20.26 -30.05 24.02
C27 POV M . -19.54 -29.25 22.94
C28 POV M . -18.02 -29.25 23.12
C29 POV M . -17.29 -28.88 21.87
C31 POV M . -18.19 -35.39 23.21
O31 POV M . -19.17 -35.33 24.11
C32 POV M . -18.62 -34.74 21.92
O32 POV M . -17.12 -35.90 23.42
C33 POV M . -17.88 -35.20 20.68
C34 POV M . -16.56 -34.48 20.51
C35 POV M . -16.66 -32.97 20.66
C36 POV M . -15.61 -32.23 19.82
C37 POV M . -15.85 -32.32 18.32
C38 POV M . -14.81 -31.55 17.51
C39 POV M . -14.92 -31.75 16.01
N POV N . -40.06 -39.08 3.13
P POV N . -37.53 -35.82 3.02
C1 POV N . -36.69 -35.00 0.66
C2 POV N . -36.03 -35.54 -0.62
C3 POV N . -35.12 -36.72 -0.37
C210 POV N . -28.70 -27.37 -5.47
C310 POV N . -25.03 -32.15 -2.44
C11 POV N . -40.03 -36.51 3.45
O11 POV N . -36.82 -36.06 1.57
C211 POV N . -29.27 -26.67 -6.67
C311 POV N . -24.99 -30.78 -3.09
C12 POV N . -40.75 -37.75 2.97
O12 POV N . -39.10 -36.02 2.52
C212 POV N . -29.47 -25.18 -6.40
C312 POV N . -25.78 -30.74 -4.39
C13 POV N . -39.54 -39.27 4.51
O13 POV N . -37.33 -34.39 3.38
C313 POV N . -25.40 -29.58 -5.31
C14 POV N . -41.07 -40.14 2.84
O14 POV N . -37.20 -36.92 3.97
C314 POV N . -25.31 -28.24 -4.59
C15 POV N . -38.93 -39.26 2.16
C315 POV N . -24.94 -27.08 -5.53
C316 POV N . -24.80 -25.76 -4.80
C21 POV N . -35.81 -33.69 -2.09
O21 POV N . -35.23 -34.53 -1.26
C22 POV N . -34.88 -32.57 -2.47
O22 POV N . -36.94 -33.80 -2.49
C23 POV N . -33.49 -33.04 -2.88
C24 POV N . -32.82 -32.00 -3.79
C25 POV N . -31.30 -32.05 -3.76
C26 POV N . -30.67 -30.79 -4.32
C27 POV N . -31.25 -29.52 -3.71
C28 POV N . -30.87 -28.25 -4.46
C29 POV N . -29.39 -28.04 -4.54
C31 POV N . -32.77 -36.80 -0.54
O31 POV N . -33.93 -36.55 -1.13
C32 POV N . -31.63 -36.49 -1.47
O32 POV N . -32.66 -37.22 0.59
C33 POV N . -30.25 -36.73 -0.88
C34 POV N . -29.16 -36.36 -1.87
C35 POV N . -29.21 -34.92 -2.37
C36 POV N . -29.00 -33.90 -1.25
C37 POV N . -27.73 -34.11 -0.44
C38 POV N . -26.45 -33.89 -1.24
C39 POV N . -26.43 -32.59 -2.04
N POV O . -25.31 18.17 -7.70
P POV O . -27.84 14.80 -8.04
C1 POV O . -30.43 14.29 -7.98
C2 POV O . -31.48 13.46 -8.75
C3 POV O . -32.27 14.28 -9.75
C210 POV O . -35.07 3.91 -3.71
C11 POV O . -26.35 16.49 -9.39
O11 POV O . -29.21 14.24 -8.69
C211 POV O . -35.48 3.48 -2.33
C12 POV O . -25.99 17.91 -9.03
O12 POV O . -27.66 16.13 -9.00
C212 POV O . -36.98 3.22 -2.23
C13 POV O . -24.26 17.16 -7.43
O13 POV O . -28.18 15.26 -6.65
C213 POV O . -37.70 4.14 -1.24
C14 POV O . -26.35 18.08 -6.65
O14 POV O . -26.70 13.87 -8.28
C214 POV O . -37.55 5.61 -1.58
C15 POV O . -24.70 19.53 -7.63
C215 POV O . -38.19 6.53 -0.55
C216 POV O . -37.80 7.99 -0.71
C217 POV O . -36.32 8.25 -0.47
C218 POV O . -35.94 9.71 -0.68
C21 POV O . -32.81 11.62 -8.11
O21 POV O . -32.44 12.87 -7.87
C22 POV O . -33.85 11.16 -7.12
O22 POV O . -32.36 10.94 -9.01
C23 POV O . -34.15 9.68 -7.21
C24 POV O . -33.06 8.85 -6.55
C25 POV O . -33.41 8.40 -5.14
C26 POV O . -32.49 7.30 -4.63
C27 POV O . -32.90 6.76 -3.27
C28 POV O . -34.36 6.30 -3.23
C29 POV O . -34.60 5.10 -4.09
C31 POV O . -33.52 16.06 -8.82
O31 POV O . -33.45 14.77 -9.13
C32 POV O . -34.77 16.68 -9.36
O32 POV O . -32.67 16.64 -8.19
C33 POV O . -34.58 18.04 -9.99
C34 POV O . -35.92 18.68 -10.36
C35 POV O . -36.76 17.83 -11.30
C36 POV O . -38.02 18.56 -11.76
C37 POV O . -38.91 17.75 -12.69
C38 POV O . -40.13 18.52 -13.15
N POV P . -35.02 0.10 -16.88
P POV P . -36.75 4.14 -17.44
C1 POV P . -39.11 4.41 -18.60
C2 POV P . -40.18 5.49 -18.75
C3 POV P . -39.81 6.81 -18.10
C210 POV P . -40.80 6.61 -27.46
C310 POV P . -38.57 17.78 -19.59
C11 POV P . -36.15 2.18 -15.81
O11 POV P . -38.24 4.77 -17.54
C211 POV P . -39.54 5.91 -27.10
C311 POV P . -37.25 18.41 -19.17
C12 POV P . -36.07 0.67 -15.98
O12 POV P . -37.15 2.78 -16.59
C212 POV P . -39.72 4.39 -27.11
C312 POV P . -37.36 19.92 -18.98
C13 POV P . -35.07 -1.39 -16.90
O13 POV P . -36.36 3.72 -18.83
C213 POV P . -38.65 3.65 -26.30
C14 POV P . -35.27 0.61 -18.26
O14 POV P . -35.85 4.98 -16.60
C214 POV P . -37.25 3.82 -26.87
C15 POV P . -33.65 0.54 -16.48
C215 POV P . -36.18 3.12 -26.04
C216 POV P . -34.93 2.80 -26.83
C217 POV P . -33.93 1.93 -26.07
C218 POV P . -32.87 1.31 -26.97
C21 POV P . -42.11 4.08 -18.70
O21 POV P . -41.43 5.09 -18.17
C22 POV P . -42.48 4.35 -20.14
O22 POV P . -42.39 3.07 -18.09
C23 POV P . -43.60 5.38 -20.31
C24 POV P . -43.07 6.69 -20.86
C25 POV P . -42.80 6.64 -22.36
C26 POV P . -42.06 7.88 -22.88
C27 POV P . -42.15 8.05 -24.39
C28 POV P . -41.85 6.75 -25.15
C29 POV P . -41.79 6.97 -26.63
C31 POV P . -40.30 9.05 -18.68
O31 POV P . -39.96 7.82 -19.07
C32 POV P . -41.21 9.69 -19.69
O32 POV P . -39.93 9.55 -17.65
C33 POV P . -40.68 10.97 -20.31
C34 POV P . -41.48 11.34 -21.56
C35 POV P . -40.90 12.50 -22.36
C36 POV P . -41.00 13.82 -21.62
C37 POV P . -39.65 14.39 -21.19
C38 POV P . -39.78 15.77 -20.56
C39 POV P . -38.45 16.33 -20.03
N POV Q . -28.96 -1.53 -16.19
P POV Q . -26.38 -3.25 -12.15
C1 POV Q . -27.95 -4.85 -10.78
C2 POV Q . -28.18 -5.20 -9.30
C3 POV Q . -27.88 -4.07 -8.34
C310 POV Q . -35.59 -10.58 -4.95
C11 POV Q . -27.20 -2.37 -14.47
O11 POV Q . -27.32 -3.59 -10.87
C311 POV Q . -36.69 -10.72 -3.91
C12 POV Q . -28.36 -2.67 -15.40
O12 POV Q . -27.53 -2.54 -13.12
C312 POV Q . -37.65 -11.86 -4.22
C13 POV Q . -29.68 -0.57 -15.30
O13 POV Q . -25.41 -2.18 -11.71
C313 POV Q . -38.23 -11.81 -5.63
C14 POV Q . -27.84 -0.82 -16.87
O14 POV Q . -25.90 -4.49 -12.82
C314 POV Q . -37.83 -13.01 -6.47
C15 POV Q . -29.90 -2.01 -17.24
C315 POV Q . -38.33 -12.93 -7.92
C316 POV Q . -37.84 -14.08 -8.79
C21 POV Q . -27.78 -7.55 -9.12
O21 POV Q . -27.38 -6.31 -8.88
C22 POV Q . -28.50 -8.12 -7.92
O22 POV Q . -27.60 -8.12 -10.17
C23 POV Q . -29.12 -9.49 -8.15
C24 POV Q . -28.09 -10.61 -8.12
C25 POV Q . -28.68 -11.98 -8.40
C31 POV Q . -29.01 -3.69 -6.29
O31 POV Q . -28.28 -4.49 -7.05
C32 POV Q . -30.08 -4.45 -5.58
O32 POV Q . -28.80 -2.49 -6.20
C33 POV Q . -30.92 -5.32 -6.50
C34 POV Q . -32.21 -5.76 -5.81
C35 POV Q . -32.05 -6.92 -4.85
C36 POV Q . -31.41 -8.13 -5.52
C37 POV Q . -31.86 -9.47 -4.96
C38 POV Q . -33.22 -9.90 -5.50
C39 POV Q . -34.36 -9.81 -4.49
N POV R . -15.82 -12.19 -14.36
P POV R . -14.17 -13.83 -10.78
C1 POV R . -16.76 -13.95 -10.35
C2 POV R . -17.90 -14.95 -10.16
C3 POV R . -17.43 -16.32 -9.73
C210 POV R . -29.30 -18.50 -8.91
C310 POV R . -26.49 -21.41 -5.01
C11 POV R . -13.66 -13.15 -13.26
O11 POV R . -15.53 -14.62 -10.38
C311 POV R . -26.78 -22.68 -5.81
C12 POV R . -14.49 -12.90 -14.51
O12 POV R . -14.22 -14.12 -12.42
C13 POV R . -15.74 -11.08 -13.39
O13 POV R . -14.43 -12.38 -10.54
C14 POV R . -16.15 -11.62 -15.70
O14 POV R . -12.96 -14.50 -10.20
C15 POV R . -16.93 -13.12 -13.99
C21 POV R . -19.94 -14.80 -11.38
O21 POV R . -18.65 -15.14 -11.35
C22 POV R . -20.77 -15.85 -12.07
O22 POV R . -20.36 -13.77 -10.92
C23 POV R . -22.25 -15.50 -12.15
C24 POV R . -23.09 -16.73 -12.49
C25 POV R . -24.59 -16.47 -12.37
C26 POV R . -25.35 -17.67 -11.85
C27 POV R . -26.54 -17.29 -10.98
C28 POV R . -27.10 -18.47 -10.18
C29 POV R . -28.08 -18.03 -9.14
C31 POV R . -18.43 -18.44 -9.36
O31 POV R . -18.59 -17.13 -9.51
C32 POV R . -19.78 -19.11 -9.33
O32 POV R . -17.36 -18.98 -9.27
C33 POV R . -19.73 -20.59 -8.97
C34 POV R . -21.13 -21.18 -9.01
C35 POV R . -22.11 -20.57 -8.02
C36 POV R . -23.35 -20.02 -8.70
C37 POV R . -24.43 -19.54 -7.74
C38 POV R . -24.81 -20.61 -6.72
C39 POV R . -26.01 -20.25 -5.86
N POV S . -34.43 -1.49 44.21
P POV S . -31.82 -1.95 41.05
C1 POV S . -29.38 -0.99 41.33
C2 POV S . -28.65 0.31 41.72
C3 POV S . -29.43 1.56 41.39
C210 POV S . -18.50 1.65 35.47
C310 POV S . -23.19 5.88 33.08
C11 POV S . -33.02 -3.28 42.97
O11 POV S . -30.76 -0.76 41.37
C211 POV S . -17.25 1.33 36.23
C311 POV S . -21.81 5.29 32.83
C12 POV S . -33.58 -2.74 44.26
O12 POV S . -31.83 -2.62 42.57
C212 POV S . -16.53 0.12 35.63
C312 POV S . -20.95 5.29 34.08
C13 POV S . -35.50 -1.60 43.18
O13 POV S . -31.13 -2.90 40.12
C313 POV S . -19.45 5.15 33.81
C14 POV S . -35.07 -1.35 45.54
O14 POV S . -33.17 -1.41 40.75
C314 POV S . -19.11 4.04 32.82
C15 POV S . -33.62 -0.26 43.95
C315 POV S . -17.61 3.91 32.57
C316 POV S . -17.28 2.84 31.55
C21 POV S . -26.32 -0.16 41.58
O21 POV S . -27.39 0.43 41.05
C22 POV S . -25.16 -0.13 40.62
O22 POV S . -26.30 -0.65 42.68
C23 POV S . -24.91 1.23 39.99
C24 POV S . -23.45 1.35 39.55
C25 POV S . -23.24 2.34 38.41
C26 POV S . -21.89 2.15 37.72
C27 POV S . -21.64 0.71 37.31
C28 POV S . -20.20 0.44 36.91
C29 POV S . -19.74 1.28 35.76
C31 POV S . -28.94 3.19 39.75
O31 POV S . -28.55 2.51 40.83
C32 POV S . -27.85 4.09 39.27
O32 POV S . -30.04 3.07 39.25
C33 POV S . -28.20 4.89 38.02
C34 POV S . -27.04 5.76 37.58
C35 POV S . -25.74 4.99 37.29
C36 POV S . -25.89 4.00 36.13
C37 POV S . -26.41 4.62 34.84
C38 POV S . -25.44 5.62 34.21
C39 POV S . -24.01 5.12 34.09
N POV T . 12.94 -24.91 15.56
P POV T . 10.58 -24.20 19.00
C1 POV T . 9.75 -25.55 21.11
C2 POV T . 9.62 -25.37 22.63
C3 POV T . 10.75 -26.00 23.42
C210 POV T . -0.90 -23.50 26.57
C11 POV T . 12.93 -23.80 17.91
O11 POV T . 10.46 -24.44 20.60
C211 POV T . -2.27 -24.05 26.32
C12 POV T . 13.64 -24.64 16.87
O12 POV T . 12.19 -24.56 18.82
C212 POV T . -2.79 -24.88 27.50
C13 POV T . 12.27 -23.69 15.04
O13 POV T . 9.78 -25.28 18.33
C213 POV T . -3.07 -26.34 27.14
C14 POV T . 11.90 -25.95 15.82
O14 POV T . 10.37 -22.76 18.65
C214 POV T . -1.84 -27.07 26.61
C15 POV T . 13.87 -25.43 14.51
C215 POV T . -2.14 -28.50 26.18
C216 POV T . -1.01 -29.13 25.37
C217 POV T . -0.76 -28.44 24.03
C218 POV T . 0.40 -29.07 23.26
C21 POV T . 7.72 -25.29 24.05
O21 POV T . 8.42 -25.96 23.14
C22 POV T . 6.52 -26.05 24.49
O22 POV T . 8.05 -24.19 24.46
C23 POV T . 5.57 -25.25 25.37
C24 POV T . 4.74 -24.27 24.55
C25 POV T . 3.34 -24.78 24.24
C26 POV T . 2.41 -23.68 23.74
C27 POV T . 0.97 -24.15 23.56
C28 POV T . 0.40 -24.80 24.81
C29 POV T . 0.23 -23.82 25.93
C31 POV T . 10.98 -28.34 23.14
O31 POV T . 10.39 -27.34 23.78
C32 POV T . 11.55 -29.33 24.11
O32 POV T . 11.03 -28.43 21.94
C33 POV T . 12.94 -29.84 23.74
C34 POV T . 13.37 -30.96 24.68
C35 POV T . 13.40 -30.56 26.15
C36 POV T . 13.98 -31.66 27.04
C37 POV T . 14.01 -31.31 28.51
C38 POV T . 14.61 -32.42 29.36
N POV U . 6.51 -15.63 34.98
P POV U . 9.21 -19.14 34.94
C1 POV U . 9.84 -20.36 37.19
C2 POV U . 10.46 -21.68 37.64
C3 POV U . 10.87 -22.57 36.49
C210 POV U . 17.57 -19.27 42.22
C310 POV U . 19.24 -28.31 31.87
C11 POV U . 6.85 -18.14 34.43
O11 POV U . 9.43 -20.46 35.84
C211 POV U . 17.07 -18.14 41.37
C311 POV U . 19.56 -28.04 30.41
C12 POV U . 6.01 -17.04 35.08
O12 POV U . 7.63 -18.86 35.34
C212 POV U . 16.07 -17.26 42.12
C312 POV U . 20.37 -29.17 29.77
C13 POV U . 5.56 -14.69 35.64
O13 POV U . 10.05 -18.05 35.54
C213 POV U . 15.19 -16.44 41.21
C14 POV U . 7.82 -15.56 35.70
O14 POV U . 9.28 -19.45 33.48
C214 POV U . 15.97 -15.41 40.39
C15 POV U . 6.73 -15.20 33.58
C215 POV U . 15.09 -14.61 39.44
C216 POV U . 15.70 -13.27 39.04
C217 POV U . 14.74 -12.38 38.25
C218 POV U . 15.21 -10.93 38.18
C21 POV U . 9.18 -22.02 39.62
O21 POV U . 9.54 -22.46 38.43
C22 POV U . 10.36 -21.84 40.55
O22 POV U . 8.03 -21.79 39.92
C23 POV U . 10.94 -23.16 41.06
C24 POV U . 12.30 -23.45 40.41
C25 POV U . 13.43 -22.63 41.02
C26 POV U . 14.74 -22.76 40.24
C27 POV U . 15.97 -22.31 41.03
C28 POV U . 15.76 -20.97 41.73
C29 POV U . 17.02 -20.47 42.37
C31 POV U . 12.66 -24.10 36.24
O31 POV U . 12.23 -22.92 36.69
C32 POV U . 13.67 -24.69 37.19
O32 POV U . 12.28 -24.61 35.22
C33 POV U . 15.04 -24.93 36.60
C34 POV U . 16.07 -25.17 37.70
C35 POV U . 17.51 -25.24 37.22
C36 POV U . 17.79 -26.46 36.36
C37 POV U . 18.08 -26.14 34.89
C38 POV U . 18.47 -27.38 34.09
C39 POV U . 18.66 -27.11 32.61
N POV V . 6.02 -10.96 30.76
P POV V . 2.36 -9.84 27.41
C1 POV V . 0.02 -10.36 28.52
C2 POV V . -1.34 -10.88 28.07
C3 POV V . -1.28 -11.81 26.87
C310 POV V . -9.34 -13.89 33.50
C11 POV V . 4.51 -9.99 28.89
O11 POV V . 1.02 -10.74 27.59
C311 POV V . -10.40 -14.93 33.83
C12 POV V . 4.81 -10.16 30.36
O12 POV V . 3.33 -10.64 28.49
C312 POV V . -11.08 -14.68 35.18
C13 POV V . 5.85 -12.41 30.44
O13 POV V . 2.87 -10.10 26.03
C313 POV V . -10.09 -14.51 36.33
C14 POV V . 7.18 -10.43 30.00
O14 POV V . 2.15 -8.44 27.91
C314 POV V . -10.15 -13.13 36.97
C15 POV V . 6.33 -10.82 32.21
C315 POV V . -9.12 -12.91 38.08
C316 POV V . -9.12 -11.50 38.63
C21 POV V . -2.92 -9.18 28.62
O21 POV V . -2.23 -9.82 27.69
C22 POV V . -4.30 -9.74 28.76
O22 POV V . -2.46 -8.26 29.27
C23 POV V . -5.11 -9.16 29.91
C24 POV V . -5.67 -7.78 29.57
C25 POV V . -6.46 -7.16 30.72
C31 POV V . -2.76 -13.62 26.48
O31 POV V . -2.59 -12.31 26.65
C32 POV V . -3.98 -14.10 27.22
O32 POV V . -2.04 -14.30 25.80
C33 POV V . -4.00 -13.70 28.69
C34 POV V . -5.02 -14.52 29.47
C35 POV V . -6.46 -14.05 29.32
C36 POV V . -6.61 -12.58 29.68
C37 POV V . -7.97 -12.23 30.27
C38 POV V . -8.08 -12.60 31.75
C39 POV V . -8.98 -13.80 32.03
N POV W . 0.14 3.65 24.32
P POV W . -3.30 4.31 21.88
C1 POV W . -4.15 2.56 23.64
C2 POV W . -5.14 2.40 24.79
C3 POV W . -6.26 3.42 24.78
C210 POV W . -10.35 -3.10 34.11
C310 POV W . -14.64 -0.99 31.14
C11 POV W . -0.92 5.20 22.53
O11 POV W . -4.35 3.80 23.01
C311 POV W . -14.90 -0.02 32.29
C12 POV W . 0.02 5.02 23.70
O12 POV W . -2.28 5.13 22.90
C13 POV W . 0.13 2.57 23.30
O13 POV W . -2.59 3.11 21.35
C14 POV W . 1.44 3.61 25.05
O14 POV W . -3.95 5.29 20.94
C15 POV W . -0.93 3.39 25.33
C21 POV W . -4.48 1.49 26.90
O21 POV W . -4.51 2.53 26.06
C22 POV W . -4.79 1.93 28.30
O22 POV W . -4.25 0.36 26.56
C23 POV W . -4.77 0.79 29.31
C24 POV W . -5.45 1.19 30.62
C25 POV W . -5.63 0.01 31.57
C26 POV W . -6.93 0.09 32.36
C27 POV W . -7.55 -1.28 32.64
C28 POV W . -8.99 -1.19 33.12
C29 POV W . -9.67 -2.53 33.12
C31 POV W . -8.07 4.00 26.20
O31 POV W . -7.14 3.12 25.86
C32 POV W . -8.75 3.57 27.46
O32 POV W . -8.30 5.00 25.56
C33 POV W . -9.96 4.41 27.83
C34 POV W . -10.57 3.93 29.15
C35 POV W . -11.07 2.49 29.10
C36 POV W . -10.44 1.61 30.17
C37 POV W . -11.04 0.22 30.27
C38 POV W . -12.55 0.26 30.46
C39 POV W . -13.18 -1.10 30.76
N POV X . -51.39 9.95 21.93
P POV X . -48.35 6.32 23.95
C1 POV X . -45.93 7.05 23.19
C2 POV X . -45.24 8.22 22.48
C3 POV X . -43.72 8.18 22.58
C11 POV X . -49.55 8.29 22.71
O11 POV X . -47.21 7.43 23.64
C12 POV X . -50.93 8.88 22.90
O12 POV X . -49.51 6.90 22.93
C13 POV X . -51.05 9.61 20.53
O13 POV X . -48.80 6.55 25.36
C14 POV X . -52.88 10.02 22.05
O14 POV X . -47.92 4.97 23.48
C15 POV X . -50.84 11.29 22.28
C21 POV X . -45.34 10.05 24.11
O21 POV X . -45.69 9.51 22.93
C22 POV X . -45.37 11.55 24.01
O22 POV X . -45.08 9.44 25.11
C23 POV X . -44.33 12.13 23.07
C24 POV X . -42.91 12.00 23.61
C25 POV X . -41.89 12.87 22.89
C26 POV X . -41.96 14.33 23.32
C27 POV X . -41.14 15.25 22.42
C28 POV X . -39.68 14.81 22.28
C31 POV X . -42.76 9.07 20.61
O31 POV X . -43.18 9.28 21.85
C32 POV X . -41.29 9.37 20.49
O32 POV X . -43.46 8.70 19.70
C33 POV X . -40.68 9.09 19.14
C34 POV X . -39.18 9.37 19.14
C35 POV X . -38.80 10.78 19.54
C36 POV X . -37.46 11.20 18.97
C37 POV X . -37.38 11.11 17.44
C38 POV X . -36.01 11.51 16.90
N POV Y . -51.52 2.96 21.07
P POV Y . -48.14 -0.26 19.21
C1 POV Y . -47.67 0.56 16.75
C2 POV Y . -46.19 0.14 16.65
C3 POV Y . -45.39 0.99 15.68
C210 POV Y . -37.03 -1.09 12.22
C310 POV Y . -33.76 5.24 14.97
C11 POV Y . -50.02 1.55 19.50
O11 POV Y . -47.95 0.89 18.08
C211 POV Y . -35.73 -0.35 12.19
C311 POV Y . -32.96 6.21 15.82
C12 POV Y . -50.14 2.60 20.58
O12 POV Y . -49.48 0.34 19.96
C212 POV Y . -34.53 -1.30 12.09
C312 POV Y . -31.86 6.91 15.05
C13 POV Y . -52.33 3.59 20.00
O13 POV Y . -48.53 -1.52 18.48
C213 POV Y . -33.20 -0.58 11.93
C313 POV Y . -30.72 5.99 14.62
C14 POV Y . -51.35 3.93 22.19
O14 POV Y . -47.00 -0.26 20.18
C214 POV Y . -32.01 -1.51 11.96
C314 POV Y . -29.92 5.44 15.79
C15 POV Y . -52.26 1.77 21.61
C215 POV Y . -31.88 -2.28 13.26
C315 POV Y . -28.44 5.77 15.72
C216 POV Y . -30.78 -3.34 13.24
C316 POV Y . -28.18 7.26 15.59
C217 POV Y . -30.98 -4.42 12.19
C218 POV Y . -29.72 -4.71 11.40
C21 POV Y . -45.51 -2.11 17.06
O21 POV Y . -46.04 -1.20 16.22
C22 POV Y . -45.05 -3.33 16.32
O22 POV Y . -45.45 -1.93 18.25
C23 POV Y . -43.98 -3.04 15.26
C24 POV Y . -42.86 -2.17 15.82
C25 POV Y . -41.69 -1.99 14.86
C26 POV Y . -40.77 -3.19 14.79
C27 POV Y . -39.32 -2.81 14.50
C28 POV Y . -39.19 -1.91 13.26
C29 POV Y . -37.89 -1.18 13.23
C31 POV Y . -43.22 1.94 15.85
O31 POV Y . -44.02 0.91 16.08
C32 POV Y . -41.92 1.77 16.58
O32 POV Y . -43.51 2.87 15.14
C33 POV Y . -41.16 3.04 16.88
C34 POV Y . -40.33 3.49 15.67
C35 POV Y . -39.49 2.38 15.05
C36 POV Y . -38.21 2.91 14.41
C37 POV Y . -37.18 3.43 15.41
C38 POV Y . -35.91 3.92 14.74
C39 POV Y . -34.93 4.60 15.70
N POV Z . -49.23 -27.43 -6.71
P POV Z . -48.43 -24.46 -2.58
C1 POV Z . -46.52 -22.82 -3.35
C2 POV Z . -45.76 -22.45 -4.63
C3 POV Z . -44.93 -21.18 -4.51
C11 POV Z . -48.47 -25.79 -4.84
O11 POV Z . -47.70 -23.53 -3.69
C12 POV Z . -49.53 -26.70 -5.42
O12 POV Z . -48.40 -25.88 -3.44
C13 POV Z . -47.85 -28.00 -6.69
O13 POV Z . -49.84 -24.00 -2.48
C14 POV Z . -50.20 -28.54 -6.82
O14 POV Z . -47.58 -24.62 -1.36
C15 POV Z . -49.39 -26.55 -7.90
C21 POV Z . -47.41 -21.31 -6.03
O21 POV Z . -46.59 -22.34 -5.79
C22 POV Z . -47.59 -21.11 -7.51
O22 POV Z . -47.94 -20.63 -5.18
C23 POV Z . -46.33 -20.70 -8.26
C24 POV Z . -45.92 -19.27 -7.93
C25 POV Z . -44.89 -18.71 -8.91
C26 POV Z . -45.50 -18.26 -10.22
C27 POV Z . -44.46 -17.94 -11.29
C28 POV Z . -43.42 -16.92 -10.83
C31 POV Z . -42.95 -21.35 -5.79
O31 POV Z . -44.21 -20.97 -5.72
C32 POV Z . -42.05 -20.18 -6.05
O32 POV Z . -42.58 -22.50 -5.68
C33 POV Z . -40.57 -20.50 -6.08
C34 POV Z . -39.74 -19.24 -6.27
C35 POV Z . -40.07 -18.46 -7.54
C36 POV Z . -38.88 -17.62 -8.01
C37 POV Z . -37.63 -18.43 -8.29
C38 POV Z . -36.46 -17.57 -8.75
N POV AA . -47.46 -29.23 -0.14
P POV AA . -43.45 -28.12 2.69
C1 POV AA . -41.35 -28.97 1.34
C2 POV AA . -40.34 -27.91 1.77
C3 POV AA . -39.25 -27.65 0.76
C210 POV AA . -31.24 -23.22 2.32
C310 POV AA . -32.56 -17.93 -3.02
C11 POV AA . -45.08 -29.16 0.91
O11 POV AA . -42.65 -28.40 1.31
C211 POV AA . -30.57 -22.06 1.66
C311 POV AA . -32.93 -16.63 -3.73
C12 POV AA . -46.19 -28.46 0.16
O12 POV AA . -44.94 -28.67 2.23
C212 POV AA . -29.64 -21.32 2.60
C312 POV AA . -31.78 -16.05 -4.54
C13 POV AA . -47.18 -30.38 -1.06
O13 POV AA . -42.90 -29.06 3.72
C213 POV AA . -28.85 -20.20 1.92
C313 POV AA . -30.63 -15.54 -3.70
C14 POV AA . -48.40 -28.30 -0.81
O14 POV AA . -43.55 -26.64 2.97
C214 POV AA . -28.01 -19.38 2.89
C314 POV AA . -30.99 -14.33 -2.85
C15 POV AA . -48.11 -29.75 1.11
C215 POV AA . -28.85 -18.69 3.96
C315 POV AA . -30.12 -13.11 -3.12
C216 POV AA . -28.01 -17.99 5.02
C316 POV AA . -30.11 -12.72 -4.59
C217 POV AA . -27.11 -18.94 5.81
C218 POV AA . -25.69 -18.41 5.96
C21 POV AA . -39.90 -27.54 4.08
O21 POV AA . -39.68 -28.27 2.99
C22 POV AA . -38.83 -27.77 5.11
O22 POV AA . -40.83 -26.78 4.21
C23 POV AA . -37.42 -27.47 4.64
C24 POV AA . -37.34 -26.10 3.98
C25 POV AA . -35.93 -25.67 3.61
C26 POV AA . -35.13 -25.17 4.82
C27 POV AA . -34.11 -24.10 4.44
C28 POV AA . -33.21 -24.52 3.28
C29 POV AA . -32.54 -23.37 2.62
C31 POV AA . -38.26 -25.65 -0.02
O31 POV AA . -38.75 -26.35 0.99
C32 POV AA . -38.04 -24.22 0.38
O32 POV AA . -38.03 -26.13 -1.11
C33 POV AA . -38.05 -23.21 -0.77
C34 POV AA . -36.69 -23.14 -1.45
C35 POV AA . -35.51 -23.00 -0.48
C36 POV AA . -34.35 -22.24 -1.09
C37 POV AA . -34.62 -20.77 -1.31
C38 POV AA . -33.42 -20.03 -1.89
C39 POV AA . -33.71 -18.58 -2.28
N POV BA . -54.99 -3.16 10.46
P POV BA . -50.88 -2.91 10.27
C1 POV BA . -49.81 -0.61 9.50
C2 POV BA . -49.91 0.41 8.37
C3 POV BA . -50.32 -0.18 7.05
C210 POV BA . -39.23 5.33 6.03
C310 POV BA . -40.80 0.93 1.14
C11 POV BA . -52.87 -3.05 11.96
O11 POV BA . -50.70 -1.67 9.22
C211 POV BA . -39.04 6.70 6.57
C311 POV BA . -39.69 1.80 1.72
C12 POV BA . -54.31 -2.67 11.72
O12 POV BA . -51.97 -2.20 11.27
C212 POV BA . -37.94 6.73 7.64
C312 POV BA . -40.18 3.20 2.06
C13 POV BA . -54.78 -4.63 10.27
O13 POV BA . -49.57 -3.04 11.00
C313 POV BA . -39.06 4.23 2.19
C14 POV BA . -56.44 -2.90 10.60
O14 POV BA . -51.52 -4.09 9.60
C314 POV BA . -37.89 3.75 3.05
C15 POV BA . -54.51 -2.44 9.24
C315 POV BA . -36.79 4.80 3.19
C316 POV BA . -35.61 4.31 4.00
C21 POV BA . -48.36 2.13 8.89
O21 POV BA . -48.66 1.07 8.15
C22 POV BA . -46.92 2.54 8.69
O22 POV BA . -49.14 2.68 9.63
C23 POV BA . -46.49 2.62 7.24
C24 POV BA . -45.31 3.56 7.07
C25 POV BA . -44.46 3.27 5.84
C26 POV BA . -43.09 3.94 5.92
C27 POV BA . -42.38 3.66 7.24
C28 POV BA . -41.16 4.56 7.48
C29 POV BA . -40.13 4.42 6.40
C31 POV BA . -49.02 -0.43 5.10
O31 POV BA . -49.52 0.37 6.03
C32 POV BA . -48.14 0.34 4.15
O32 POV BA . -49.24 -1.61 5.05
C33 POV BA . -47.49 -0.51 3.06
C34 POV BA . -46.60 0.33 2.17
C35 POV BA . -45.50 1.08 2.91
C36 POV BA . -44.49 0.14 3.57
C37 POV BA . -43.87 -0.90 2.65
C38 POV BA . -42.98 -0.30 1.57
C39 POV BA . -41.95 0.70 2.10
N POV CA . -0.55 14.87 28.45
P POV CA . -4.77 15.03 28.47
C1 POV CA . -6.70 15.32 30.24
C2 POV CA . -8.02 16.09 30.43
C3 POV CA . -7.87 17.34 31.28
C210 POV CA . -17.63 10.14 29.09
C11 POV CA . -2.59 16.38 27.93
O11 POV CA . -6.06 15.80 29.09
C211 POV CA . -18.15 8.79 29.50
C12 POV CA . -1.21 16.22 28.52
O12 POV CA . -3.63 16.17 28.86
C212 POV CA . -19.24 8.90 30.56
C13 POV CA . -0.73 14.25 27.11
O13 POV CA . -4.54 13.82 29.33
C213 POV CA . -18.88 8.22 31.88
C14 POV CA . -1.18 14.00 29.48
O14 POV CA . -4.86 14.91 26.99
C214 POV CA . -17.62 8.78 32.52
C15 POV CA . 0.91 14.94 28.75
C215 POV CA . -17.21 8.05 33.79
C216 POV CA . -15.81 8.40 34.27
C217 POV CA . -14.71 7.96 33.29
C218 POV CA . -13.32 8.35 33.76
C21 POV CA . -10.27 15.38 30.59
O21 POV CA . -9.03 15.30 31.07
C22 POV CA . -11.20 14.51 31.40
O22 POV CA . -10.59 16.06 29.66
C23 POV CA . -12.58 14.39 30.78
C24 POV CA . -12.58 13.42 29.61
C25 POV CA . -13.09 12.03 29.96
C26 POV CA . -13.41 11.19 28.73
C27 POV CA . -14.03 9.84 29.08
C28 POV CA . -15.26 9.97 29.99
C29 POV CA . -16.41 10.63 29.30
C31 POV CA . -7.12 16.96 33.49
O31 POV CA . -8.14 17.02 32.64
C32 POV CA . -7.39 17.80 34.70
O32 POV CA . -6.13 16.31 33.29
C33 POV CA . -6.19 18.62 35.17
C34 POV CA . -6.50 19.31 36.49
C35 POV CA . -7.70 20.22 36.46
C36 POV CA . -7.88 21.00 37.77
C37 POV CA . -9.10 21.92 37.78
C38 POV CA . -9.23 22.70 39.08
N POV DA . -21.25 22.24 23.78
P POV DA . -19.04 23.78 27.29
C1 POV DA . -20.25 25.35 29.03
C2 POV DA . -20.02 25.87 30.46
C3 POV DA . -18.71 25.40 31.06
C210 POV DA . -19.86 34.61 29.51
C310 POV DA . -9.18 28.56 35.91
C11 POV DA . -20.19 21.76 26.09
O11 POV DA . -19.40 24.24 28.80
C211 POV DA . -19.67 33.93 28.20
C311 POV DA . -7.88 28.04 35.31
C12 POV DA . -21.37 21.65 25.15
O12 POV DA . -20.33 22.78 27.04
C212 POV DA . -21.00 33.71 27.48
C312 POV DA . -6.71 28.14 36.28
C13 POV DA . -22.48 22.01 22.97
O13 POV DA . -19.20 24.99 26.41
C213 POV DA . -20.93 32.61 26.41
C14 POV DA . -21.05 23.71 23.94
O14 POV DA . -17.78 22.96 27.24
C214 POV DA . -20.01 32.97 25.26
C15 POV DA . -20.08 21.70 23.03
C215 POV DA . -19.91 31.85 24.21
C216 POV DA . -19.45 32.36 22.86
C217 POV DA . -19.53 31.30 21.76
C218 POV DA . -19.45 31.88 20.36
C21 POV DA . -22.29 25.89 31.20
O21 POV DA . -21.05 25.44 31.35
C22 POV DA . -22.35 27.40 31.30
O22 POV DA . -23.24 25.18 31.00
C23 POV DA . -22.19 27.93 32.71
C24 POV DA . -20.85 28.62 32.91
C25 POV DA . -20.79 30.01 32.31
C26 POV DA . -19.38 30.60 32.30
C27 POV DA . -19.36 32.11 32.12
C28 POV DA . -20.26 32.58 30.97
C29 POV DA . -20.11 34.04 30.69
C31 POV DA . -17.21 26.44 32.57
O31 POV DA . -18.01 26.55 31.52
C32 POV DA . -17.26 27.68 33.40
O32 POV DA . -16.54 25.46 32.80
C33 POV DA . -15.95 28.43 33.56
C34 POV DA . -16.19 29.83 34.10
C35 POV DA . -14.94 30.71 34.10
C36 POV DA . -13.90 30.23 35.11
C37 POV DA . -12.62 29.70 34.47
C38 POV DA . -11.55 29.35 35.49
C39 POV DA . -10.30 28.71 34.88
N POV EA . -18.97 20.27 18.22
P POV EA . -18.67 15.63 16.18
C1 POV EA . -20.82 14.27 16.84
C2 POV EA . -21.19 12.82 17.18
C3 POV EA . -20.05 12.04 17.81
C310 POV EA . -29.69 8.91 21.05
C11 POV EA . -18.54 18.17 16.77
O11 POV EA . -19.45 14.49 17.03
C311 POV EA . -30.40 8.05 22.08
C12 POV EA . -19.51 19.21 17.30
O12 POV EA . -18.81 16.88 17.25
C312 POV EA . -31.90 8.31 22.14
C13 POV EA . -18.58 19.70 19.54
O13 POV EA . -17.22 15.22 16.12
C313 POV EA . -32.27 9.78 22.28
C14 POV EA . -17.77 20.88 17.57
O14 POV EA . -19.42 15.98 14.93
C314 POV EA . -33.03 10.33 21.09
C15 POV EA . -19.96 21.37 18.45
C315 POV EA . -33.34 11.82 21.19
C316 POV EA . -34.02 12.38 19.95
C21 POV EA . -22.83 12.17 15.59
O21 POV EA . -21.58 12.09 16.03
C22 POV EA . -23.66 11.02 16.11
O22 POV EA . -23.24 13.06 14.87
C23 POV EA . -25.15 11.12 15.78
C24 POV EA . -25.44 10.71 14.34
C25 POV EA . -26.91 10.84 13.97
C31 POV EA . -20.31 10.31 19.40
O31 POV EA . -20.56 10.78 18.19
C32 POV EA . -21.53 9.66 19.98
O32 POV EA . -19.22 10.39 19.93
C33 POV EA . -22.76 10.54 19.94
C34 POV EA . -23.85 10.01 20.88
C35 POV EA . -24.65 8.86 20.33
C36 POV EA . -25.28 9.18 18.98
C37 POV EA . -26.60 8.48 18.73
C38 POV EA . -27.78 9.16 19.43
C39 POV EA . -28.33 8.38 20.62
N POV FA . -19.78 14.45 2.26
P POV FA . -19.98 10.41 0.88
C1 POV FA . -21.58 10.41 2.97
C2 POV FA . -23.05 10.23 3.35
C3 POV FA . -23.86 9.50 2.31
C210 POV FA . -32.56 10.32 10.67
C310 POV FA . -33.10 5.54 7.73
C11 POV FA . -19.24 12.85 0.28
O11 POV FA . -21.40 10.11 1.60
C311 POV FA . -34.32 6.15 7.05
C12 POV FA . -19.59 14.24 0.78
O12 POV FA . -20.32 11.95 0.38
C13 POV FA . -18.80 13.68 3.06
O13 POV FA . -18.94 10.47 1.95
C14 POV FA . -19.57 15.91 2.52
O14 POV FA . -19.79 9.54 -0.32
C15 POV FA . -21.16 14.10 2.69
C21 POV FA . -24.18 11.79 4.76
O21 POV FA . -23.70 11.48 3.55
C22 POV FA . -25.54 12.41 4.66
O22 POV FA . -23.58 11.59 5.78
C23 POV FA . -26.14 12.80 6.00
C24 POV FA . -27.64 13.05 5.89
C25 POV FA . -28.30 13.23 7.26
C26 POV FA . -29.70 12.65 7.31
C27 POV FA . -30.06 12.07 8.67
C28 POV FA . -31.30 11.18 8.64
C29 POV FA . -31.48 10.41 9.91
C31 POV FA . -26.15 8.94 2.00
O31 POV FA . -25.19 9.34 2.82
C32 POV FA . -27.48 9.02 2.69
O32 POV FA . -25.96 8.57 0.86
C33 POV FA . -28.63 8.40 1.91
C34 POV FA . -29.94 8.56 2.67
C35 POV FA . -29.96 7.88 4.02
C36 POV FA . -30.29 8.84 5.16
C37 POV FA . -30.49 8.17 6.50
C38 POV FA . -31.54 7.06 6.45
C39 POV FA . -31.91 6.49 7.81
#